data_3UNC
#
_entry.id   3UNC
#
_cell.length_a   167.573
_cell.length_b   124.370
_cell.length_c   148.177
_cell.angle_alpha   90.00
_cell.angle_beta   91.02
_cell.angle_gamma   90.00
#
_symmetry.space_group_name_H-M   'C 1 2 1'
#
loop_
_entity.id
_entity.type
_entity.pdbx_description
1 polymer 'Xanthine dehydrogenase/oxidase'
2 non-polymer 'FE2/S2 (INORGANIC) CLUSTER'
3 non-polymer 'PHOSPHONIC ACIDMONO-(2-AMINO-5,6-DIMERCAPTO-4-OXO-3,7,8A,9,10,10A-HEXAHYDRO-4H-8-OXA-1,3,9,10-TETRAAZA-ANTHRACEN-7-YLMETHYL)ESTER'
4 non-polymer 'DIOXOTHIOMOLYBDENUM(VI) ION'
5 non-polymer 'FLAVIN-ADENINE DINUCLEOTIDE'
6 non-polymer '2-HYDROXYBENZOIC ACID'
7 non-polymer GLYCEROL
8 non-polymer 'CARBONATE ION'
9 non-polymer 'CALCIUM ION'
10 water water
#
_entity_poly.entity_id   1
_entity_poly.type   'polypeptide(L)'
_entity_poly.pdbx_seq_one_letter_code
;MTADELVFFVNGKKVVEKNADPETTLLAYLRRKLGLRGTKLGCGEGGCGACTVMLSKYDRLQDKIIHFSANACLAPICTL
HHVAVTTVEGIGSTKTRLHPVQERIAKSHGSQCGFCTPGIVMSMYTLLRNQPEPTVEEIEDAFQGNLCRCTGYRPILQGF
RTFAKNGGCCGGNGNNPNCCMNQKKDHTVTLSPSLFNPEEFMPLDPTQEPIFPPELLRLKDVPPKQLRFEGERVTWIQAS
TLKELLDLKAQHPEAKLVVGNTEIGIEMKFKNQLFPMIICPAWIPELNAVEHGPEGISFGAACALSSVEKTLLEAVAKLP
TQKTEVFRGVLEQLRWFAGKQVKSVASLGGNIITASPISDLNPVFMASGTKLTIVSRGTRRTVPMDHTFFPSYRKTLLGP
EEILLSIEIPYSREDEFFSAFKQASRREDDIAKVTCGMRVLFQPGSMQVKELALCYGGMADRTISALKTTQKQLSKFWNE
KLLQDVCAGLAEELSLSPDAPGGMIEFRRTLTLSFFFKFYLTVLKKLGKDSKDKCGKLDPTYTSATLLFQKDPPANIQLF
QEVPNGQSKEDTVGRPLPHLAAAMQASGEAVYCDDIPRYENELFLRLVTSTRAHAKIKSIDVSEAQKVPGFVCFLSADDI
PGSNETGLFNDETVFAKDTVTCVGHIIGAVVADTPEHAERAAHVVKVTYEDLPAIITIEDAIKNNSFYGSELKIEKGDLK
KGFSEADNVVSGELYIGGQDHFYLETHCTIAIPKGEEGEMELFVSTQNAMKTQSFVAKMLGVPVNRILVRVKRMGGGFGG
KETRSTLVSVAVALAAYKTGHPVRCMLDRNEDMLITGGRHPFLARYKVGFMKTGTIVALEVDHYSNAGNSRDLSHSIMER
ALFHMDNCYKIPNIRGTGRLCKTNLSSNTAFRGFGGPQALFIAENWMSEVAVTCGLPAEEVRWKNMYKEGDLTHFNQRLE
GFSVPRCWDECLKSSQYYARKSEVDKFNKENCWKKRGLCIIPTKFGISFTVPFLNQAGALIHVYTDGSVLVSHGGTEMGQ
GLHTKMVQVASKALKIPISKIYISETSTNTVPNSSPTAASVSTDIYGQAVYEACQTILKRLEPFKKKNPDGSWEDWVMAA
YQDRVSLSTTGFYRTPNLGYSFETNSGNAFHYFTYGVACSEVEIDCLTGDHKNLRTDIVMDVGSSLNPAIDIGQVEGAFV
QGLGLFTLEELHYSPEGSLHTRGPSTYKIPAFGSIPTEFRVSLLRDCPNKKAIYASKAVGEPPLFLGASVFFAIKDAIRA
ARAQHTNNNTKELFRLDSPATPEKIRNACVDKFTTLCVTGAPGNCKPWSLRV
;
_entity_poly.pdbx_strand_id   A,B
#
loop_
_chem_comp.id
_chem_comp.type
_chem_comp.name
_chem_comp.formula
CA non-polymer 'CALCIUM ION' 'Ca 2'
CO3 non-polymer 'CARBONATE ION' 'C O3 -2'
FAD non-polymer 'FLAVIN-ADENINE DINUCLEOTIDE' 'C27 H33 N9 O15 P2'
FES non-polymer 'FE2/S2 (INORGANIC) CLUSTER' 'Fe2 S2'
GOL non-polymer GLYCEROL 'C3 H8 O3'
MOS non-polymer 'DIOXOTHIOMOLYBDENUM(VI) ION' 'H Mo O2 S'
MTE non-polymer 'PHOSPHONIC ACIDMONO-(2-AMINO-5,6-DIMERCAPTO-4-OXO-3,7,8A,9,10,10A-HEXAHYDRO-4H-8-OXA-1,3,9,10-TETRAAZA-ANTHRACEN-7-YLMETHYL)ESTER' 'C10 H14 N5 O6 P S2'
SAL non-polymer '2-HYDROXYBENZOIC ACID' 'C7 H6 O3'
#
# COMPACT_ATOMS: atom_id res chain seq x y z
N ALA A 3 -31.15 -12.57 -16.66
CA ALA A 3 -30.61 -13.61 -15.72
C ALA A 3 -31.23 -13.57 -14.33
N ASP A 4 -31.32 -14.75 -13.72
CA ASP A 4 -31.85 -14.90 -12.38
C ASP A 4 -30.72 -14.60 -11.39
N GLU A 5 -31.09 -14.22 -10.18
CA GLU A 5 -30.07 -13.95 -9.16
C GLU A 5 -29.60 -15.28 -8.63
N LEU A 6 -28.31 -15.33 -8.29
CA LEU A 6 -27.70 -16.52 -7.71
C LEU A 6 -27.66 -16.22 -6.21
N VAL A 7 -28.24 -17.10 -5.41
CA VAL A 7 -28.30 -16.85 -3.95
C VAL A 7 -27.67 -17.98 -3.17
N PHE A 8 -26.62 -17.67 -2.42
CA PHE A 8 -25.98 -18.70 -1.62
C PHE A 8 -25.44 -18.07 -0.33
N PHE A 9 -24.83 -18.87 0.52
CA PHE A 9 -24.33 -18.32 1.77
C PHE A 9 -22.85 -18.62 1.96
N VAL A 10 -22.17 -17.69 2.59
CA VAL A 10 -20.74 -17.88 2.86
C VAL A 10 -20.52 -17.53 4.32
N ASN A 11 -20.06 -18.51 5.10
CA ASN A 11 -19.83 -18.33 6.53
C ASN A 11 -21.04 -17.74 7.24
N GLY A 12 -22.21 -18.22 6.82
CA GLY A 12 -23.46 -17.81 7.41
C GLY A 12 -24.08 -16.53 6.88
N LYS A 13 -23.37 -15.84 6.00
CA LYS A 13 -23.88 -14.60 5.46
C LYS A 13 -24.46 -14.81 4.07
N LYS A 14 -25.62 -14.20 3.80
CA LYS A 14 -26.25 -14.35 2.51
C LYS A 14 -25.54 -13.56 1.43
N VAL A 15 -25.37 -14.19 0.28
CA VAL A 15 -24.74 -13.56 -0.86
C VAL A 15 -25.77 -13.58 -1.99
N VAL A 16 -26.06 -12.41 -2.54
CA VAL A 16 -27.00 -12.32 -3.66
C VAL A 16 -26.20 -11.74 -4.81
N GLU A 17 -25.90 -12.58 -5.80
CA GLU A 17 -25.14 -12.16 -6.95
C GLU A 17 -26.13 -11.99 -8.08
N LYS A 18 -26.38 -10.75 -8.45
CA LYS A 18 -27.33 -10.44 -9.51
C LYS A 18 -26.81 -10.65 -10.92
N ASN A 19 -25.50 -10.77 -11.08
CA ASN A 19 -24.94 -10.99 -12.41
C ASN A 19 -23.87 -12.07 -12.45
N ALA A 20 -24.24 -13.26 -11.98
CA ALA A 20 -23.31 -14.38 -11.95
C ALA A 20 -22.82 -14.77 -13.33
N ASP A 21 -21.50 -14.88 -13.46
CA ASP A 21 -20.91 -15.29 -14.74
C ASP A 21 -20.63 -16.78 -14.58
N PRO A 22 -21.15 -17.63 -15.47
CA PRO A 22 -20.93 -19.08 -15.41
C PRO A 22 -19.46 -19.49 -15.30
N GLU A 23 -18.54 -18.64 -15.76
CA GLU A 23 -17.13 -19.00 -15.71
C GLU A 23 -16.44 -18.70 -14.40
N THR A 24 -17.13 -18.00 -13.51
CA THR A 24 -16.54 -17.63 -12.22
C THR A 24 -16.46 -18.81 -11.25
N THR A 25 -15.26 -19.12 -10.78
CA THR A 25 -15.08 -20.21 -9.80
C THR A 25 -15.33 -19.66 -8.39
N LEU A 26 -15.65 -20.55 -7.45
CA LEU A 26 -15.85 -20.10 -6.08
C LEU A 26 -14.56 -19.50 -5.51
N LEU A 27 -13.40 -20.05 -5.88
CA LEU A 27 -12.15 -19.53 -5.37
C LEU A 27 -11.97 -18.05 -5.76
N ALA A 28 -12.22 -17.76 -7.03
CA ALA A 28 -12.09 -16.38 -7.53
C ALA A 28 -13.09 -15.46 -6.85
N TYR A 29 -14.30 -15.95 -6.68
CA TYR A 29 -15.33 -15.15 -6.03
C TYR A 29 -14.97 -14.86 -4.57
N LEU A 30 -14.52 -15.88 -3.85
CA LEU A 30 -14.17 -15.65 -2.46
C LEU A 30 -13.05 -14.62 -2.33
N ARG A 31 -12.00 -14.79 -3.13
CA ARG A 31 -10.83 -13.93 -3.03
C ARG A 31 -11.00 -12.53 -3.62
N ARG A 32 -11.72 -12.45 -4.74
N ARG A 32 -11.73 -12.45 -4.74
CA ARG A 32 -11.85 -11.15 -5.41
CA ARG A 32 -11.85 -11.17 -5.42
C ARG A 32 -13.10 -10.36 -5.18
C ARG A 32 -13.11 -10.36 -5.18
N LYS A 33 -14.19 -11.02 -4.81
CA LYS A 33 -15.43 -10.32 -4.58
C LYS A 33 -15.79 -10.22 -3.09
N LEU A 34 -15.54 -11.29 -2.34
CA LEU A 34 -15.88 -11.30 -0.92
C LEU A 34 -14.75 -10.92 0.03
N GLY A 35 -13.54 -10.79 -0.52
CA GLY A 35 -12.39 -10.42 0.28
C GLY A 35 -11.99 -11.45 1.34
N LEU A 36 -12.27 -12.72 1.08
CA LEU A 36 -11.93 -13.79 2.03
C LEU A 36 -10.72 -14.52 1.41
N ARG A 37 -9.52 -14.04 1.77
CA ARG A 37 -8.30 -14.59 1.17
C ARG A 37 -7.63 -15.77 1.85
N GLY A 38 -8.30 -16.36 2.82
CA GLY A 38 -7.73 -17.52 3.50
C GLY A 38 -7.68 -18.74 2.60
N THR A 39 -8.64 -18.88 1.69
CA THR A 39 -8.68 -19.99 0.74
C THR A 39 -7.65 -19.60 -0.34
N LYS A 40 -6.75 -20.54 -0.68
CA LYS A 40 -5.65 -20.24 -1.61
C LYS A 40 -5.68 -20.92 -2.94
N LEU A 41 -4.94 -20.35 -3.90
CA LEU A 41 -4.76 -20.99 -5.21
C LEU A 41 -3.38 -21.66 -5.16
N GLY A 42 -3.35 -22.98 -5.36
CA GLY A 42 -2.10 -23.73 -5.37
C GLY A 42 -1.82 -24.41 -6.70
N CYS A 43 -2.85 -24.63 -7.52
CA CYS A 43 -2.66 -25.34 -8.80
C CYS A 43 -3.79 -25.15 -9.83
N GLY A 44 -5.01 -24.87 -9.36
CA GLY A 44 -6.12 -24.67 -10.26
C GLY A 44 -6.58 -25.93 -10.99
N GLU A 45 -6.06 -27.10 -10.59
CA GLU A 45 -6.44 -28.35 -11.25
C GLU A 45 -6.93 -29.50 -10.32
N GLY A 46 -7.29 -29.14 -9.10
CA GLY A 46 -7.87 -30.11 -8.17
C GLY A 46 -6.95 -31.04 -7.41
N GLY A 47 -5.64 -30.94 -7.64
CA GLY A 47 -4.74 -31.86 -6.98
C GLY A 47 -3.98 -31.43 -5.74
N CYS A 48 -4.10 -30.19 -5.29
CA CYS A 48 -3.33 -29.79 -4.11
C CYS A 48 -4.16 -29.53 -2.84
N GLY A 49 -5.46 -29.29 -3.02
CA GLY A 49 -6.30 -29.03 -1.87
C GLY A 49 -6.16 -27.69 -1.17
N ALA A 50 -5.30 -26.79 -1.65
CA ALA A 50 -5.14 -25.51 -0.95
C ALA A 50 -6.39 -24.65 -0.97
N CYS A 51 -7.27 -24.94 -1.92
CA CYS A 51 -8.52 -24.18 -2.10
C CYS A 51 -9.70 -24.90 -1.47
N THR A 52 -9.44 -25.89 -0.60
CA THR A 52 -10.54 -26.65 -0.02
C THR A 52 -11.49 -25.85 0.87
N VAL A 53 -12.79 -26.03 0.66
CA VAL A 53 -13.80 -25.39 1.49
C VAL A 53 -14.84 -26.48 1.85
N MET A 54 -15.75 -26.14 2.75
CA MET A 54 -16.82 -27.07 3.07
C MET A 54 -18.09 -26.49 2.46
N LEU A 55 -18.94 -27.39 1.95
CA LEU A 55 -20.23 -27.03 1.37
C LEU A 55 -21.30 -27.80 2.18
N SER A 56 -22.41 -27.12 2.47
CA SER A 56 -23.51 -27.72 3.23
C SER A 56 -24.81 -27.43 2.48
N LYS A 57 -25.68 -28.43 2.36
CA LYS A 57 -26.95 -28.22 1.69
C LYS A 57 -28.00 -29.13 2.29
N TYR A 58 -29.26 -28.81 2.04
CA TYR A 58 -30.35 -29.63 2.50
C TYR A 58 -30.59 -30.65 1.39
N ASP A 59 -30.42 -31.93 1.69
CA ASP A 59 -30.65 -32.95 0.68
C ASP A 59 -32.13 -33.34 0.71
N ARG A 60 -32.88 -32.92 -0.30
CA ARG A 60 -34.31 -33.22 -0.38
C ARG A 60 -34.55 -34.71 -0.36
N LEU A 61 -33.73 -35.47 -1.08
CA LEU A 61 -33.88 -36.92 -1.16
C LEU A 61 -33.69 -37.62 0.19
N GLN A 62 -32.73 -37.15 0.98
CA GLN A 62 -32.44 -37.76 2.28
C GLN A 62 -33.12 -37.04 3.45
N ASP A 63 -33.71 -35.89 3.17
CA ASP A 63 -34.38 -35.09 4.20
C ASP A 63 -33.39 -34.83 5.33
N LYS A 64 -32.23 -34.25 5.00
CA LYS A 64 -31.21 -33.99 6.00
C LYS A 64 -30.14 -33.02 5.48
N ILE A 65 -29.48 -32.30 6.39
CA ILE A 65 -28.40 -31.37 6.00
C ILE A 65 -27.13 -32.20 5.80
N ILE A 66 -26.46 -32.02 4.67
CA ILE A 66 -25.24 -32.78 4.43
C ILE A 66 -24.06 -31.82 4.30
N HIS A 67 -22.87 -32.28 4.69
CA HIS A 67 -21.65 -31.45 4.65
C HIS A 67 -20.58 -32.21 3.88
N PHE A 68 -19.87 -31.54 2.96
CA PHE A 68 -18.83 -32.24 2.20
C PHE A 68 -17.80 -31.23 1.75
N SER A 69 -16.60 -31.71 1.41
CA SER A 69 -15.54 -30.78 1.03
C SER A 69 -15.54 -30.64 -0.48
N ALA A 70 -14.92 -29.57 -0.97
CA ALA A 70 -14.86 -29.34 -2.40
C ALA A 70 -13.70 -28.42 -2.70
N ASN A 71 -13.15 -28.55 -3.90
CA ASN A 71 -12.07 -27.65 -4.34
C ASN A 71 -12.70 -26.38 -4.87
N ALA A 72 -12.47 -25.26 -4.18
CA ALA A 72 -13.06 -24.01 -4.66
C ALA A 72 -12.51 -23.62 -6.04
N CYS A 73 -11.34 -24.12 -6.43
CA CYS A 73 -10.79 -23.75 -7.75
C CYS A 73 -11.55 -24.36 -8.93
N LEU A 74 -12.36 -25.39 -8.68
CA LEU A 74 -13.09 -26.03 -9.76
C LEU A 74 -14.60 -25.92 -9.58
N ALA A 75 -15.05 -25.37 -8.46
CA ALA A 75 -16.48 -25.26 -8.22
C ALA A 75 -17.06 -24.00 -8.85
N PRO A 76 -17.92 -24.15 -9.87
CA PRO A 76 -18.49 -22.93 -10.46
C PRO A 76 -19.45 -22.33 -9.44
N ILE A 77 -19.47 -21.01 -9.26
CA ILE A 77 -20.43 -20.49 -8.29
C ILE A 77 -21.86 -20.79 -8.79
N CYS A 78 -22.02 -21.00 -10.10
CA CYS A 78 -23.35 -21.27 -10.63
C CYS A 78 -23.92 -22.63 -10.23
N THR A 79 -23.12 -23.47 -9.57
CA THR A 79 -23.62 -24.76 -9.08
C THR A 79 -24.03 -24.62 -7.61
N LEU A 80 -23.77 -23.46 -7.02
CA LEU A 80 -24.01 -23.26 -5.60
C LEU A 80 -25.27 -22.56 -5.14
N HIS A 81 -26.28 -22.46 -6.01
CA HIS A 81 -27.49 -21.79 -5.58
C HIS A 81 -28.08 -22.58 -4.39
N HIS A 82 -28.38 -21.84 -3.32
CA HIS A 82 -28.92 -22.40 -2.08
C HIS A 82 -28.00 -23.41 -1.40
N VAL A 83 -26.70 -23.13 -1.50
CA VAL A 83 -25.70 -23.95 -0.84
C VAL A 83 -25.01 -23.03 0.19
N ALA A 84 -24.58 -23.59 1.31
CA ALA A 84 -23.89 -22.80 2.33
C ALA A 84 -22.40 -23.16 2.30
N VAL A 85 -21.55 -22.16 2.07
CA VAL A 85 -20.11 -22.38 2.01
C VAL A 85 -19.49 -21.99 3.36
N THR A 86 -18.50 -22.78 3.81
CA THR A 86 -17.75 -22.46 5.00
C THR A 86 -16.27 -22.47 4.58
N THR A 87 -15.57 -21.38 4.84
CA THR A 87 -14.15 -21.29 4.52
C THR A 87 -13.40 -21.32 5.86
N VAL A 88 -12.06 -21.24 5.81
CA VAL A 88 -11.28 -21.25 7.03
C VAL A 88 -11.69 -20.11 7.97
N GLU A 89 -12.06 -18.96 7.40
CA GLU A 89 -12.47 -17.82 8.21
C GLU A 89 -13.77 -18.08 8.95
N GLY A 90 -14.55 -19.02 8.46
CA GLY A 90 -15.84 -19.29 9.09
C GLY A 90 -15.83 -20.20 10.30
N ILE A 91 -14.69 -20.78 10.63
CA ILE A 91 -14.66 -21.70 11.78
C ILE A 91 -13.91 -21.15 12.98
N GLY A 92 -13.12 -20.08 12.80
CA GLY A 92 -12.38 -19.51 13.90
C GLY A 92 -11.29 -18.56 13.43
N SER A 93 -10.73 -17.80 14.35
CA SER A 93 -9.67 -16.86 14.00
C SER A 93 -8.94 -16.43 15.27
N THR A 94 -7.73 -15.89 15.09
CA THR A 94 -6.97 -15.44 16.26
C THR A 94 -7.62 -14.19 16.87
N LYS A 95 -8.49 -13.52 16.12
CA LYS A 95 -9.15 -12.32 16.65
C LYS A 95 -10.37 -12.65 17.49
N THR A 96 -10.90 -13.86 17.34
CA THR A 96 -12.04 -14.29 18.13
C THR A 96 -11.48 -15.46 18.92
N ARG A 97 -11.63 -16.67 18.38
CA ARG A 97 -11.07 -17.83 19.03
C ARG A 97 -10.82 -18.87 17.95
N LEU A 98 -9.71 -19.60 18.07
CA LEU A 98 -9.43 -20.63 17.09
C LEU A 98 -10.32 -21.86 17.30
N HIS A 99 -10.67 -22.52 16.20
CA HIS A 99 -11.43 -23.76 16.27
C HIS A 99 -10.41 -24.82 16.70
N PRO A 100 -10.85 -25.90 17.39
CA PRO A 100 -9.90 -26.95 17.79
C PRO A 100 -9.01 -27.44 16.64
N VAL A 101 -9.58 -27.58 15.43
CA VAL A 101 -8.76 -28.04 14.31
C VAL A 101 -7.60 -27.06 14.07
N GLN A 102 -7.87 -25.76 14.13
CA GLN A 102 -6.85 -24.74 13.95
C GLN A 102 -5.84 -24.73 15.08
N GLU A 103 -6.33 -24.82 16.31
CA GLU A 103 -5.42 -24.82 17.45
C GLU A 103 -4.46 -26.00 17.39
N ARG A 104 -4.98 -27.19 17.08
CA ARG A 104 -4.15 -28.38 17.10
C ARG A 104 -3.12 -28.44 15.99
N ILE A 105 -3.49 -28.04 14.77
CA ILE A 105 -2.49 -28.08 13.71
C ILE A 105 -1.36 -27.08 14.03
N ALA A 106 -1.70 -25.95 14.63
CA ALA A 106 -0.68 -24.96 14.97
C ALA A 106 0.22 -25.43 16.11
N LYS A 107 -0.37 -25.88 17.22
CA LYS A 107 0.43 -26.31 18.38
C LYS A 107 1.21 -27.59 18.17
N SER A 108 0.78 -28.41 17.21
N SER A 108 0.78 -28.42 17.23
CA SER A 108 1.45 -29.68 16.92
CA SER A 108 1.48 -29.67 16.99
C SER A 108 2.59 -29.52 15.91
C SER A 108 2.60 -29.53 15.93
N HIS A 109 2.84 -28.28 15.47
CA HIS A 109 3.91 -28.00 14.50
C HIS A 109 3.57 -28.54 13.12
N GLY A 110 2.27 -28.54 12.82
CA GLY A 110 1.77 -29.01 11.53
C GLY A 110 1.73 -27.92 10.47
N SER A 111 2.19 -26.73 10.82
CA SER A 111 2.22 -25.63 9.84
C SER A 111 3.61 -25.00 9.80
N GLN A 112 4.24 -24.99 8.63
CA GLN A 112 5.53 -24.36 8.46
C GLN A 112 5.33 -23.11 7.60
N CYS A 113 5.37 -23.21 6.26
CA CYS A 113 5.14 -21.98 5.49
C CYS A 113 3.68 -21.54 5.63
N GLY A 114 2.80 -22.49 5.93
CA GLY A 114 1.40 -22.18 6.15
C GLY A 114 0.47 -22.08 4.95
N PHE A 115 0.98 -22.20 3.72
CA PHE A 115 0.09 -22.02 2.59
C PHE A 115 -0.95 -23.12 2.37
N CYS A 116 -0.62 -24.36 2.78
CA CYS A 116 -1.53 -25.48 2.63
C CYS A 116 -2.42 -25.61 3.87
N THR A 117 -2.14 -24.85 4.91
CA THR A 117 -2.84 -25.05 6.19
C THR A 117 -4.34 -24.83 6.14
N PRO A 118 -4.81 -23.74 5.52
CA PRO A 118 -6.27 -23.57 5.49
C PRO A 118 -6.99 -24.76 4.81
N GLY A 119 -6.43 -25.26 3.70
CA GLY A 119 -7.06 -26.36 2.99
C GLY A 119 -7.10 -27.65 3.80
N ILE A 120 -6.03 -27.89 4.54
CA ILE A 120 -5.95 -29.10 5.37
C ILE A 120 -6.89 -28.92 6.57
N VAL A 121 -6.93 -27.70 7.12
CA VAL A 121 -7.85 -27.39 8.21
C VAL A 121 -9.28 -27.69 7.72
N MET A 122 -9.63 -27.27 6.50
CA MET A 122 -10.99 -27.52 6.04
C MET A 122 -11.28 -28.99 5.75
N SER A 123 -10.28 -29.74 5.29
CA SER A 123 -10.51 -31.16 5.06
C SER A 123 -10.77 -31.84 6.41
N MET A 124 -10.02 -31.44 7.41
CA MET A 124 -10.20 -32.02 8.74
C MET A 124 -11.53 -31.58 9.36
N TYR A 125 -11.85 -30.30 9.20
CA TYR A 125 -13.09 -29.76 9.76
C TYR A 125 -14.28 -30.49 9.16
N THR A 126 -14.26 -30.67 7.84
CA THR A 126 -15.36 -31.36 7.17
C THR A 126 -15.50 -32.76 7.73
N LEU A 127 -14.38 -33.46 7.91
CA LEU A 127 -14.46 -34.80 8.47
C LEU A 127 -15.20 -34.77 9.81
N LEU A 128 -14.79 -33.88 10.71
CA LEU A 128 -15.42 -33.80 12.04
C LEU A 128 -16.88 -33.41 12.03
N ARG A 129 -17.32 -32.67 11.01
CA ARG A 129 -18.73 -32.29 10.92
C ARG A 129 -19.56 -33.50 10.48
N ASN A 130 -18.90 -34.50 9.91
CA ASN A 130 -19.55 -35.74 9.49
C ASN A 130 -19.36 -36.83 10.53
N GLN A 131 -18.23 -36.79 11.23
CA GLN A 131 -17.92 -37.81 12.23
C GLN A 131 -17.06 -37.15 13.31
N PRO A 132 -17.70 -36.72 14.41
CA PRO A 132 -17.07 -36.05 15.56
C PRO A 132 -15.97 -36.88 16.23
N GLU A 133 -16.04 -38.20 16.08
CA GLU A 133 -15.05 -39.09 16.66
C GLU A 133 -14.56 -40.06 15.60
N PRO A 134 -13.77 -39.56 14.65
CA PRO A 134 -13.24 -40.39 13.56
C PRO A 134 -12.15 -41.36 14.00
N THR A 135 -11.93 -42.37 13.17
CA THR A 135 -10.88 -43.33 13.41
C THR A 135 -9.62 -42.79 12.75
N VAL A 136 -8.47 -43.35 13.12
CA VAL A 136 -7.21 -42.92 12.53
C VAL A 136 -7.24 -43.09 11.02
N GLU A 137 -7.88 -44.16 10.54
CA GLU A 137 -7.91 -44.36 9.10
C GLU A 137 -8.73 -43.29 8.41
N GLU A 138 -9.86 -42.90 9.01
CA GLU A 138 -10.70 -41.86 8.43
C GLU A 138 -9.94 -40.54 8.38
N ILE A 139 -9.16 -40.27 9.42
CA ILE A 139 -8.36 -39.06 9.47
C ILE A 139 -7.35 -39.06 8.30
N GLU A 140 -6.60 -40.13 8.11
CA GLU A 140 -5.65 -40.14 7.00
C GLU A 140 -6.35 -39.99 5.65
N ASP A 141 -7.48 -40.66 5.47
CA ASP A 141 -8.19 -40.58 4.19
C ASP A 141 -8.75 -39.19 3.90
N ALA A 142 -8.94 -38.38 4.92
CA ALA A 142 -9.48 -37.05 4.72
C ALA A 142 -8.55 -36.19 3.88
N PHE A 143 -7.29 -36.61 3.81
CA PHE A 143 -6.29 -35.79 3.10
C PHE A 143 -5.72 -36.36 1.81
N GLN A 144 -6.44 -37.30 1.20
CA GLN A 144 -6.01 -37.87 -0.07
C GLN A 144 -5.83 -36.76 -1.10
N GLY A 145 -6.57 -35.66 -0.93
CA GLY A 145 -6.48 -34.57 -1.89
C GLY A 145 -5.80 -33.30 -1.39
N ASN A 146 -4.94 -33.40 -0.37
CA ASN A 146 -4.24 -32.23 0.16
C ASN A 146 -2.74 -32.49 0.14
N LEU A 147 -1.98 -31.52 -0.37
CA LEU A 147 -0.52 -31.64 -0.42
C LEU A 147 0.17 -30.60 0.46
N CYS A 148 1.28 -30.99 1.08
CA CYS A 148 2.07 -30.08 1.88
C CYS A 148 3.50 -30.38 1.48
N ARG A 149 4.26 -29.33 1.18
CA ARG A 149 5.65 -29.46 0.75
C ARG A 149 6.67 -29.25 1.88
N CYS A 150 6.22 -28.67 2.99
CA CYS A 150 7.14 -28.34 4.08
C CYS A 150 7.31 -29.30 5.24
N THR A 151 6.18 -29.84 5.70
CA THR A 151 6.19 -30.60 6.94
C THR A 151 6.54 -32.06 6.96
N GLY A 152 6.43 -32.74 5.82
CA GLY A 152 6.67 -34.17 5.85
C GLY A 152 5.45 -34.87 6.44
N TYR A 153 4.36 -34.12 6.63
CA TYR A 153 3.05 -34.66 7.08
C TYR A 153 2.87 -35.23 8.48
N ARG A 154 3.90 -35.88 8.99
CA ARG A 154 3.86 -36.51 10.31
C ARG A 154 3.19 -35.67 11.41
N PRO A 155 3.60 -34.41 11.60
CA PRO A 155 2.96 -33.60 12.66
C PRO A 155 1.48 -33.31 12.46
N ILE A 156 1.06 -33.15 11.20
CA ILE A 156 -0.33 -32.87 10.91
C ILE A 156 -1.16 -34.08 11.34
N LEU A 157 -0.72 -35.28 10.97
CA LEU A 157 -1.44 -36.48 11.34
C LEU A 157 -1.37 -36.74 12.85
N GLN A 158 -0.18 -36.55 13.44
CA GLN A 158 -0.06 -36.81 14.88
C GLN A 158 -0.91 -35.86 15.72
N GLY A 159 -0.98 -34.59 15.31
CA GLY A 159 -1.79 -33.64 16.04
C GLY A 159 -3.28 -33.95 15.86
N PHE A 160 -3.68 -34.35 14.66
CA PHE A 160 -5.08 -34.65 14.43
C PHE A 160 -5.51 -35.99 15.01
N ARG A 161 -4.55 -36.86 15.26
CA ARG A 161 -4.81 -38.17 15.83
C ARG A 161 -5.48 -37.99 17.19
N THR A 162 -5.27 -36.84 17.83
CA THR A 162 -5.88 -36.54 19.13
C THR A 162 -7.40 -36.46 19.07
N PHE A 163 -7.95 -36.36 17.86
CA PHE A 163 -9.41 -36.31 17.68
C PHE A 163 -9.99 -37.72 17.63
N ALA A 164 -9.15 -38.73 17.46
CA ALA A 164 -9.62 -40.11 17.38
C ALA A 164 -10.07 -40.63 18.75
N PRO A 193 11.21 -35.38 26.70
CA PRO A 193 10.24 -34.24 26.56
C PRO A 193 9.37 -34.44 25.32
N SER A 194 8.25 -33.71 25.26
CA SER A 194 7.34 -33.84 24.13
C SER A 194 7.27 -32.55 23.33
N LEU A 195 6.99 -32.70 22.05
CA LEU A 195 6.90 -31.53 21.18
C LEU A 195 5.64 -30.71 21.41
N PHE A 196 4.58 -31.37 21.88
CA PHE A 196 3.36 -30.67 22.19
C PHE A 196 2.62 -31.44 23.28
N ASN A 197 1.65 -30.78 23.92
CA ASN A 197 0.88 -31.41 25.00
C ASN A 197 -0.61 -31.41 24.72
N PRO A 198 -1.17 -32.55 24.30
CA PRO A 198 -2.59 -32.75 23.96
C PRO A 198 -3.52 -32.43 25.10
N GLU A 199 -3.00 -32.51 26.32
CA GLU A 199 -3.81 -32.21 27.50
C GLU A 199 -4.22 -30.75 27.52
N GLU A 200 -3.49 -29.89 26.82
CA GLU A 200 -3.80 -28.46 26.78
C GLU A 200 -4.89 -28.14 25.75
N PHE A 201 -5.17 -29.07 24.84
CA PHE A 201 -6.14 -28.82 23.77
C PHE A 201 -7.59 -28.65 24.17
N MET A 202 -8.23 -27.62 23.62
CA MET A 202 -9.63 -27.42 23.91
C MET A 202 -10.44 -28.55 23.25
N PRO A 203 -11.32 -29.22 24.00
CA PRO A 203 -12.12 -30.30 23.44
C PRO A 203 -13.07 -29.83 22.34
N LEU A 204 -13.36 -30.71 21.41
CA LEU A 204 -14.29 -30.40 20.33
C LEU A 204 -15.71 -30.44 20.92
N ASP A 205 -16.53 -29.41 20.66
CA ASP A 205 -17.91 -29.40 21.15
C ASP A 205 -18.82 -29.07 19.98
N PRO A 206 -19.41 -30.10 19.36
CA PRO A 206 -20.30 -29.95 18.21
C PRO A 206 -21.47 -29.00 18.43
N THR A 207 -21.92 -28.84 19.67
CA THR A 207 -23.05 -27.95 19.93
C THR A 207 -22.71 -26.49 19.68
N GLN A 208 -21.42 -26.18 19.56
CA GLN A 208 -21.00 -24.80 19.36
C GLN A 208 -20.66 -24.48 17.90
N GLU A 209 -20.90 -25.41 16.99
CA GLU A 209 -20.63 -25.17 15.56
C GLU A 209 -21.71 -24.22 15.00
N PRO A 210 -21.35 -23.43 13.96
CA PRO A 210 -22.27 -22.48 13.32
C PRO A 210 -23.48 -23.28 12.82
N ILE A 211 -24.69 -22.76 12.99
CA ILE A 211 -25.89 -23.46 12.54
C ILE A 211 -26.06 -23.29 11.03
N PHE A 212 -26.77 -24.21 10.40
CA PHE A 212 -27.05 -24.13 8.96
C PHE A 212 -27.92 -22.88 8.82
N PRO A 213 -27.67 -22.03 7.80
CA PRO A 213 -28.48 -20.81 7.64
C PRO A 213 -30.00 -21.02 7.70
N PRO A 214 -30.67 -20.45 8.72
CA PRO A 214 -32.14 -20.57 8.86
C PRO A 214 -32.89 -20.27 7.55
N GLU A 215 -32.48 -19.20 6.87
CA GLU A 215 -33.12 -18.82 5.60
C GLU A 215 -33.05 -19.94 4.56
N LEU A 216 -31.93 -20.66 4.49
CA LEU A 216 -31.82 -21.76 3.54
C LEU A 216 -32.76 -22.88 3.92
N LEU A 217 -32.94 -23.09 5.22
CA LEU A 217 -33.81 -24.14 5.67
C LEU A 217 -35.25 -23.81 5.29
N ARG A 218 -35.59 -22.53 5.19
CA ARG A 218 -36.94 -22.13 4.80
C ARG A 218 -37.08 -22.33 3.29
N LEU A 219 -36.10 -21.85 2.54
CA LEU A 219 -36.11 -21.97 1.10
C LEU A 219 -36.27 -23.40 0.59
N LYS A 220 -36.00 -24.38 1.45
CA LYS A 220 -36.12 -25.78 1.06
C LYS A 220 -37.57 -26.15 0.83
N ASP A 221 -38.46 -25.30 1.33
CA ASP A 221 -39.90 -25.54 1.20
C ASP A 221 -40.51 -24.82 -0.01
N VAL A 222 -39.68 -24.56 -1.01
CA VAL A 222 -40.12 -23.92 -2.24
C VAL A 222 -39.53 -24.76 -3.36
N PRO A 223 -40.39 -25.40 -4.17
CA PRO A 223 -39.94 -26.24 -5.29
C PRO A 223 -38.98 -25.53 -6.23
N PRO A 224 -37.95 -26.23 -6.70
CA PRO A 224 -36.93 -25.69 -7.60
C PRO A 224 -37.53 -25.19 -8.91
N LYS A 225 -36.95 -24.12 -9.43
CA LYS A 225 -37.37 -23.54 -10.68
C LYS A 225 -36.11 -23.41 -11.53
N GLN A 226 -36.25 -23.53 -12.85
CA GLN A 226 -35.11 -23.41 -13.76
C GLN A 226 -34.48 -22.02 -13.65
N LEU A 227 -33.15 -21.95 -13.58
CA LEU A 227 -32.47 -20.67 -13.50
C LEU A 227 -31.57 -20.44 -14.71
N ARG A 228 -31.36 -19.18 -15.07
CA ARG A 228 -30.51 -18.84 -16.19
C ARG A 228 -29.49 -17.78 -15.76
N PHE A 229 -28.21 -18.03 -16.04
CA PHE A 229 -27.14 -17.10 -15.70
C PHE A 229 -26.42 -16.74 -16.99
N GLU A 230 -26.10 -15.46 -17.15
CA GLU A 230 -25.45 -14.99 -18.36
C GLU A 230 -24.12 -14.32 -18.06
N GLY A 231 -23.04 -14.84 -18.64
CA GLY A 231 -21.74 -14.27 -18.42
C GLY A 231 -21.19 -13.56 -19.65
N GLU A 232 -19.90 -13.22 -19.60
CA GLU A 232 -19.28 -12.54 -20.71
C GLU A 232 -19.28 -13.41 -21.96
N ARG A 233 -19.07 -14.71 -21.80
CA ARG A 233 -18.98 -15.64 -22.92
C ARG A 233 -19.89 -16.86 -22.83
N VAL A 234 -20.38 -17.16 -21.64
CA VAL A 234 -21.17 -18.36 -21.43
C VAL A 234 -22.55 -18.16 -20.83
N THR A 235 -23.49 -19.00 -21.27
CA THR A 235 -24.86 -18.99 -20.72
C THR A 235 -25.03 -20.32 -19.97
N TRP A 236 -25.53 -20.24 -18.74
CA TRP A 236 -25.71 -21.43 -17.91
C TRP A 236 -27.17 -21.63 -17.56
N ILE A 237 -27.71 -22.82 -17.81
CA ILE A 237 -29.09 -23.12 -17.45
C ILE A 237 -29.11 -24.20 -16.36
N GLN A 238 -29.67 -23.88 -15.20
CA GLN A 238 -29.77 -24.86 -14.11
C GLN A 238 -31.14 -25.50 -14.31
N ALA A 239 -31.17 -26.73 -14.81
CA ALA A 239 -32.45 -27.41 -15.07
C ALA A 239 -33.04 -27.97 -13.79
N SER A 240 -34.34 -27.78 -13.55
CA SER A 240 -34.95 -28.29 -12.32
C SER A 240 -35.64 -29.63 -12.46
N THR A 241 -36.05 -29.96 -13.68
CA THR A 241 -36.72 -31.25 -13.91
C THR A 241 -36.13 -31.99 -15.11
N LEU A 242 -36.41 -33.29 -15.15
CA LEU A 242 -35.92 -34.13 -16.24
C LEU A 242 -36.52 -33.64 -17.57
N LYS A 243 -37.81 -33.27 -17.55
CA LYS A 243 -38.45 -32.78 -18.77
C LYS A 243 -37.72 -31.54 -19.30
N GLU A 244 -37.36 -30.61 -18.41
CA GLU A 244 -36.63 -29.41 -18.83
C GLU A 244 -35.29 -29.80 -19.44
N LEU A 245 -34.58 -30.72 -18.79
CA LEU A 245 -33.30 -31.15 -19.32
C LEU A 245 -33.45 -31.74 -20.72
N LEU A 246 -34.45 -32.58 -20.90
CA LEU A 246 -34.61 -33.18 -22.23
C LEU A 246 -35.07 -32.19 -23.30
N ASP A 247 -35.88 -31.20 -22.93
CA ASP A 247 -36.31 -30.19 -23.90
C ASP A 247 -35.09 -29.36 -24.28
N LEU A 248 -34.29 -28.97 -23.30
CA LEU A 248 -33.09 -28.17 -23.56
C LEU A 248 -32.11 -28.89 -24.47
N LYS A 249 -31.89 -30.18 -24.23
CA LYS A 249 -30.98 -30.96 -25.06
C LYS A 249 -31.52 -31.17 -26.47
N ALA A 250 -32.84 -31.23 -26.61
CA ALA A 250 -33.44 -31.37 -27.95
C ALA A 250 -33.24 -30.06 -28.72
N GLN A 251 -33.37 -28.94 -28.03
CA GLN A 251 -33.21 -27.63 -28.68
C GLN A 251 -31.75 -27.25 -28.86
N HIS A 252 -30.90 -27.68 -27.93
CA HIS A 252 -29.47 -27.36 -27.94
C HIS A 252 -28.60 -28.59 -27.68
N PRO A 253 -28.55 -29.51 -28.65
CA PRO A 253 -27.78 -30.76 -28.57
C PRO A 253 -26.31 -30.55 -28.20
N GLU A 254 -25.77 -29.40 -28.60
CA GLU A 254 -24.38 -29.07 -28.33
C GLU A 254 -24.14 -28.61 -26.91
N ALA A 255 -25.20 -28.14 -26.24
CA ALA A 255 -25.05 -27.67 -24.86
C ALA A 255 -24.25 -28.69 -24.07
N LYS A 256 -23.35 -28.19 -23.23
CA LYS A 256 -22.49 -29.04 -22.44
C LYS A 256 -23.07 -29.25 -21.05
N LEU A 257 -23.22 -30.49 -20.64
CA LEU A 257 -23.73 -30.75 -19.30
C LEU A 257 -22.54 -30.54 -18.37
N VAL A 258 -22.84 -30.08 -17.16
CA VAL A 258 -21.79 -29.91 -16.17
C VAL A 258 -22.43 -30.31 -14.85
N VAL A 259 -21.77 -31.18 -14.11
CA VAL A 259 -22.28 -31.57 -12.79
C VAL A 259 -21.18 -31.14 -11.80
N GLY A 260 -20.11 -31.92 -11.72
CA GLY A 260 -19.03 -31.57 -10.79
C GLY A 260 -18.00 -30.60 -11.34
N ASN A 261 -17.99 -30.47 -12.67
CA ASN A 261 -17.07 -29.57 -13.37
C ASN A 261 -15.60 -30.02 -13.24
N THR A 262 -15.35 -31.23 -12.77
CA THR A 262 -13.97 -31.66 -12.61
C THR A 262 -13.27 -32.09 -13.90
N GLU A 263 -14.03 -32.19 -14.99
CA GLU A 263 -13.46 -32.45 -16.32
C GLU A 263 -13.61 -31.13 -17.12
N ILE A 264 -14.83 -30.61 -17.19
CA ILE A 264 -15.06 -29.37 -17.96
C ILE A 264 -14.21 -28.19 -17.45
N GLY A 265 -14.04 -28.08 -16.13
CA GLY A 265 -13.23 -27.00 -15.58
C GLY A 265 -11.79 -27.08 -16.09
N ILE A 266 -11.29 -28.32 -16.23
CA ILE A 266 -9.94 -28.54 -16.71
C ILE A 266 -9.90 -28.20 -18.21
N GLU A 267 -10.91 -28.64 -18.95
CA GLU A 267 -10.96 -28.34 -20.38
C GLU A 267 -10.98 -26.83 -20.65
N MET A 268 -11.76 -26.10 -19.85
N MET A 268 -11.74 -26.10 -19.85
CA MET A 268 -11.87 -24.66 -20.00
CA MET A 268 -11.84 -24.65 -20.01
C MET A 268 -10.58 -23.92 -19.64
C MET A 268 -10.56 -23.92 -19.66
N LYS A 269 -10.00 -24.27 -18.51
CA LYS A 269 -8.79 -23.61 -18.00
C LYS A 269 -7.50 -24.01 -18.67
N PHE A 270 -7.35 -25.29 -19.00
CA PHE A 270 -6.09 -25.76 -19.58
C PHE A 270 -6.07 -26.16 -21.04
N LYS A 271 -7.24 -26.43 -21.61
CA LYS A 271 -7.25 -26.87 -23.01
C LYS A 271 -7.85 -25.83 -23.96
N ASN A 272 -8.05 -24.62 -23.49
CA ASN A 272 -8.59 -23.57 -24.34
C ASN A 272 -9.94 -23.93 -24.94
N GLN A 273 -10.82 -24.55 -24.17
CA GLN A 273 -12.13 -24.87 -24.71
C GLN A 273 -13.10 -23.81 -24.24
N LEU A 274 -14.13 -23.56 -25.05
CA LEU A 274 -15.15 -22.60 -24.68
C LEU A 274 -16.48 -23.19 -25.09
N PHE A 275 -17.34 -23.44 -24.11
CA PHE A 275 -18.67 -24.00 -24.36
C PHE A 275 -19.62 -22.85 -24.04
N PRO A 276 -20.18 -22.21 -25.08
CA PRO A 276 -21.09 -21.07 -24.91
C PRO A 276 -22.36 -21.34 -24.12
N MET A 277 -22.81 -22.59 -24.12
CA MET A 277 -24.00 -22.94 -23.36
C MET A 277 -23.76 -24.20 -22.53
N ILE A 278 -24.06 -24.08 -21.24
CA ILE A 278 -23.90 -25.16 -20.28
C ILE A 278 -25.26 -25.44 -19.64
N ILE A 279 -25.58 -26.70 -19.42
CA ILE A 279 -26.80 -27.04 -18.73
C ILE A 279 -26.32 -27.83 -17.51
N CYS A 280 -26.77 -27.45 -16.33
CA CYS A 280 -26.37 -28.19 -15.13
C CYS A 280 -27.65 -28.92 -14.69
N PRO A 281 -27.62 -30.27 -14.72
CA PRO A 281 -28.77 -31.10 -14.34
C PRO A 281 -28.70 -31.69 -12.94
N ALA A 282 -27.78 -31.20 -12.11
CA ALA A 282 -27.58 -31.75 -10.77
C ALA A 282 -28.80 -31.79 -9.84
N TRP A 283 -29.74 -30.86 -10.00
CA TRP A 283 -30.92 -30.84 -9.14
C TRP A 283 -31.98 -31.90 -9.46
N ILE A 284 -31.90 -32.49 -10.66
CA ILE A 284 -32.93 -33.43 -11.10
C ILE A 284 -33.03 -34.73 -10.28
N PRO A 285 -34.21 -34.97 -9.69
CA PRO A 285 -34.39 -36.18 -8.88
C PRO A 285 -34.00 -37.48 -9.57
N GLU A 286 -34.44 -37.68 -10.80
CA GLU A 286 -34.11 -38.91 -11.49
C GLU A 286 -32.61 -39.14 -11.64
N LEU A 287 -31.84 -38.06 -11.77
N LEU A 287 -31.84 -38.06 -11.77
CA LEU A 287 -30.40 -38.16 -11.92
CA LEU A 287 -30.40 -38.16 -11.92
C LEU A 287 -29.68 -38.38 -10.58
C LEU A 287 -29.68 -38.39 -10.58
N ASN A 288 -30.44 -38.41 -9.49
CA ASN A 288 -29.84 -38.59 -8.16
C ASN A 288 -30.41 -39.79 -7.40
N ALA A 289 -31.32 -40.52 -8.04
CA ALA A 289 -31.96 -41.65 -7.40
C ALA A 289 -31.10 -42.90 -7.28
N VAL A 290 -31.27 -43.60 -6.16
CA VAL A 290 -30.56 -44.85 -5.91
C VAL A 290 -31.61 -45.95 -5.71
N GLU A 291 -31.56 -46.98 -6.53
CA GLU A 291 -32.54 -48.06 -6.44
C GLU A 291 -31.88 -49.43 -6.33
N HIS A 292 -32.30 -50.22 -5.35
CA HIS A 292 -31.75 -51.55 -5.18
C HIS A 292 -32.68 -52.54 -5.88
N GLY A 293 -32.25 -53.01 -7.05
CA GLY A 293 -33.06 -53.94 -7.82
C GLY A 293 -32.64 -55.37 -7.70
N PRO A 294 -33.34 -56.29 -8.38
CA PRO A 294 -32.96 -57.70 -8.29
C PRO A 294 -31.64 -58.03 -8.98
N GLU A 295 -31.28 -57.26 -10.01
CA GLU A 295 -30.05 -57.50 -10.75
C GLU A 295 -28.84 -56.70 -10.24
N GLY A 296 -29.10 -55.61 -9.52
CA GLY A 296 -28.01 -54.79 -9.00
C GLY A 296 -28.48 -53.50 -8.40
N ILE A 297 -27.56 -52.55 -8.20
CA ILE A 297 -27.91 -51.26 -7.61
C ILE A 297 -27.75 -50.18 -8.67
N SER A 298 -28.81 -49.41 -8.86
CA SER A 298 -28.87 -48.34 -9.86
C SER A 298 -28.60 -47.00 -9.22
N PHE A 299 -27.80 -46.19 -9.91
CA PHE A 299 -27.45 -44.86 -9.46
C PHE A 299 -27.77 -43.86 -10.56
N GLY A 300 -28.42 -42.76 -10.19
CA GLY A 300 -28.67 -41.72 -11.18
C GLY A 300 -27.30 -41.21 -11.61
N ALA A 301 -27.19 -40.77 -12.86
CA ALA A 301 -25.92 -40.30 -13.40
C ALA A 301 -25.30 -39.09 -12.69
N ALA A 302 -26.08 -38.32 -11.95
CA ALA A 302 -25.51 -37.16 -11.26
C ALA A 302 -25.00 -37.50 -9.85
N CYS A 303 -25.23 -38.74 -9.41
CA CYS A 303 -24.77 -39.16 -8.08
C CYS A 303 -23.25 -38.96 -7.96
N ALA A 304 -22.83 -38.35 -6.87
CA ALA A 304 -21.40 -38.13 -6.64
C ALA A 304 -20.69 -39.45 -6.38
N LEU A 305 -19.41 -39.54 -6.73
CA LEU A 305 -18.70 -40.79 -6.50
C LEU A 305 -18.65 -41.12 -5.00
N SER A 306 -18.63 -40.11 -4.14
CA SER A 306 -18.60 -40.36 -2.70
C SER A 306 -19.91 -41.05 -2.27
N SER A 307 -21.02 -40.74 -2.95
CA SER A 307 -22.33 -41.36 -2.63
C SER A 307 -22.34 -42.81 -3.11
N VAL A 308 -21.79 -43.03 -4.29
CA VAL A 308 -21.69 -44.36 -4.84
C VAL A 308 -20.85 -45.22 -3.89
N GLU A 309 -19.75 -44.63 -3.43
CA GLU A 309 -18.83 -45.32 -2.54
C GLU A 309 -19.54 -45.71 -1.24
N LYS A 310 -20.27 -44.77 -0.64
CA LYS A 310 -20.97 -45.06 0.61
C LYS A 310 -22.01 -46.17 0.44
N THR A 311 -22.80 -46.08 -0.63
CA THR A 311 -23.82 -47.08 -0.90
C THR A 311 -23.20 -48.46 -1.14
N LEU A 312 -22.13 -48.51 -1.94
CA LEU A 312 -21.51 -49.80 -2.20
C LEU A 312 -20.83 -50.40 -0.95
N LEU A 313 -20.26 -49.55 -0.12
CA LEU A 313 -19.62 -50.04 1.10
C LEU A 313 -20.70 -50.68 1.97
N GLU A 314 -21.86 -50.04 2.02
CA GLU A 314 -22.97 -50.56 2.82
C GLU A 314 -23.40 -51.91 2.25
N ALA A 315 -23.55 -52.01 0.93
CA ALA A 315 -23.95 -53.25 0.29
C ALA A 315 -22.93 -54.37 0.54
N VAL A 316 -21.64 -54.04 0.50
CA VAL A 316 -20.60 -55.04 0.71
C VAL A 316 -20.64 -55.55 2.15
N ALA A 317 -21.06 -54.70 3.07
CA ALA A 317 -21.14 -55.09 4.47
C ALA A 317 -22.37 -55.95 4.74
N LYS A 318 -23.44 -55.71 4.00
CA LYS A 318 -24.69 -56.44 4.23
C LYS A 318 -24.92 -57.70 3.39
N LEU A 319 -24.48 -57.69 2.13
CA LEU A 319 -24.70 -58.84 1.24
C LEU A 319 -23.61 -59.89 1.26
N PRO A 320 -23.93 -61.10 0.79
CA PRO A 320 -22.97 -62.21 0.73
C PRO A 320 -21.82 -61.84 -0.19
N THR A 321 -20.62 -62.27 0.18
CA THR A 321 -19.43 -61.99 -0.60
C THR A 321 -19.61 -62.36 -2.07
N GLN A 322 -20.26 -63.49 -2.34
CA GLN A 322 -20.42 -63.90 -3.73
C GLN A 322 -21.26 -62.98 -4.62
N LYS A 323 -22.05 -62.09 -4.02
CA LYS A 323 -22.88 -61.16 -4.80
C LYS A 323 -22.23 -59.79 -4.99
N THR A 324 -21.14 -59.53 -4.29
CA THR A 324 -20.53 -58.20 -4.36
C THR A 324 -19.14 -58.13 -5.00
N GLU A 325 -18.81 -59.05 -5.89
CA GLU A 325 -17.50 -59.07 -6.56
C GLU A 325 -17.30 -57.80 -7.37
N VAL A 326 -18.31 -57.42 -8.15
CA VAL A 326 -18.17 -56.22 -8.95
C VAL A 326 -18.13 -54.96 -8.07
N PHE A 327 -18.99 -54.93 -7.05
CA PHE A 327 -19.00 -53.79 -6.13
C PHE A 327 -17.62 -53.58 -5.52
N ARG A 328 -16.97 -54.66 -5.07
CA ARG A 328 -15.67 -54.51 -4.46
C ARG A 328 -14.64 -54.02 -5.47
N GLY A 329 -14.85 -54.34 -6.74
CA GLY A 329 -13.94 -53.87 -7.78
C GLY A 329 -14.10 -52.36 -7.92
N VAL A 330 -15.33 -51.91 -7.93
CA VAL A 330 -15.61 -50.47 -8.04
C VAL A 330 -14.98 -49.77 -6.81
N LEU A 331 -15.17 -50.36 -5.62
CA LEU A 331 -14.63 -49.73 -4.41
C LEU A 331 -13.11 -49.66 -4.39
N GLU A 332 -12.46 -50.70 -4.91
CA GLU A 332 -10.99 -50.71 -4.95
C GLU A 332 -10.52 -49.56 -5.84
N GLN A 333 -11.21 -49.31 -6.96
CA GLN A 333 -10.79 -48.18 -7.79
C GLN A 333 -11.09 -46.85 -7.08
N LEU A 334 -12.25 -46.74 -6.42
CA LEU A 334 -12.58 -45.49 -5.73
C LEU A 334 -11.61 -45.13 -4.59
N ARG A 335 -10.95 -46.13 -4.01
CA ARG A 335 -9.98 -45.86 -2.94
C ARG A 335 -8.88 -44.96 -3.46
N TRP A 336 -8.53 -45.17 -4.73
CA TRP A 336 -7.44 -44.45 -5.38
C TRP A 336 -7.87 -43.46 -6.43
N PHE A 337 -9.12 -43.02 -6.35
CA PHE A 337 -9.68 -42.09 -7.31
C PHE A 337 -9.66 -40.68 -6.70
N ALA A 338 -8.72 -39.84 -7.15
CA ALA A 338 -8.63 -38.47 -6.63
C ALA A 338 -8.58 -38.44 -5.11
N GLY A 339 -9.30 -37.49 -4.49
CA GLY A 339 -9.35 -37.36 -3.05
C GLY A 339 -10.79 -37.07 -2.61
N LYS A 340 -11.02 -36.70 -1.35
CA LYS A 340 -12.40 -36.46 -0.88
C LYS A 340 -13.08 -35.28 -1.60
N GLN A 341 -12.33 -34.21 -1.83
CA GLN A 341 -12.88 -33.01 -2.49
C GLN A 341 -13.43 -33.33 -3.88
N VAL A 342 -12.65 -34.05 -4.68
CA VAL A 342 -13.10 -34.39 -6.03
C VAL A 342 -14.21 -35.46 -6.01
N LYS A 343 -14.06 -36.48 -5.18
CA LYS A 343 -15.10 -37.50 -5.14
C LYS A 343 -16.45 -36.99 -4.64
N SER A 344 -16.44 -35.91 -3.86
CA SER A 344 -17.70 -35.38 -3.32
C SER A 344 -18.50 -34.58 -4.34
N VAL A 345 -17.85 -34.15 -5.42
CA VAL A 345 -18.54 -33.38 -6.48
C VAL A 345 -18.58 -34.11 -7.84
N ALA A 346 -17.62 -35.00 -8.07
CA ALA A 346 -17.54 -35.74 -9.34
C ALA A 346 -18.71 -36.70 -9.47
N SER A 347 -19.37 -36.68 -10.63
CA SER A 347 -20.52 -37.56 -10.85
C SER A 347 -20.14 -38.81 -11.60
N LEU A 348 -20.99 -39.82 -11.46
CA LEU A 348 -20.79 -41.08 -12.13
C LEU A 348 -20.88 -40.86 -13.64
N GLY A 349 -21.91 -40.12 -14.06
CA GLY A 349 -22.11 -39.84 -15.46
C GLY A 349 -20.96 -39.10 -16.10
N GLY A 350 -20.38 -38.16 -15.35
CA GLY A 350 -19.26 -37.40 -15.86
C GLY A 350 -18.08 -38.27 -16.19
N ASN A 351 -17.77 -39.24 -15.34
CA ASN A 351 -16.63 -40.10 -15.63
C ASN A 351 -16.88 -40.99 -16.86
N ILE A 352 -18.07 -41.56 -16.93
CA ILE A 352 -18.42 -42.44 -18.04
C ILE A 352 -18.43 -41.70 -19.39
N ILE A 353 -19.11 -40.55 -19.44
CA ILE A 353 -19.22 -39.80 -20.70
C ILE A 353 -17.96 -39.06 -21.12
N THR A 354 -17.13 -38.65 -20.16
CA THR A 354 -15.88 -37.99 -20.50
C THR A 354 -15.08 -38.96 -21.35
N ALA A 355 -15.21 -40.24 -21.04
CA ALA A 355 -14.54 -41.27 -21.82
C ALA A 355 -13.04 -41.11 -21.97
N SER A 356 -12.36 -40.73 -20.89
CA SER A 356 -10.92 -40.60 -20.96
C SER A 356 -10.28 -41.99 -21.08
N PRO A 357 -9.20 -42.12 -21.86
CA PRO A 357 -8.50 -43.39 -22.04
C PRO A 357 -8.04 -43.97 -20.70
N ILE A 358 -7.84 -43.09 -19.71
CA ILE A 358 -7.37 -43.54 -18.40
C ILE A 358 -8.45 -43.53 -17.31
N SER A 359 -9.72 -43.55 -17.70
CA SER A 359 -10.79 -43.61 -16.71
C SER A 359 -10.55 -44.88 -15.91
N ASP A 360 -10.68 -44.80 -14.59
CA ASP A 360 -10.51 -45.97 -13.76
C ASP A 360 -11.82 -46.72 -13.57
N LEU A 361 -12.94 -46.10 -13.94
CA LEU A 361 -14.22 -46.76 -13.75
C LEU A 361 -14.74 -47.42 -15.01
N ASN A 362 -14.49 -46.82 -16.18
CA ASN A 362 -15.01 -47.42 -17.40
C ASN A 362 -14.52 -48.86 -17.65
N PRO A 363 -13.27 -49.21 -17.31
CA PRO A 363 -12.83 -50.60 -17.54
C PRO A 363 -13.65 -51.56 -16.66
N VAL A 364 -14.02 -51.08 -15.47
CA VAL A 364 -14.78 -51.90 -14.53
C VAL A 364 -16.23 -52.04 -15.02
N PHE A 365 -16.80 -50.92 -15.47
CA PHE A 365 -18.16 -50.97 -15.97
C PHE A 365 -18.22 -51.80 -17.24
N MET A 366 -17.16 -51.76 -18.05
CA MET A 366 -17.15 -52.53 -19.29
C MET A 366 -16.97 -54.04 -19.02
N ALA A 367 -16.06 -54.37 -18.12
CA ALA A 367 -15.82 -55.78 -17.80
C ALA A 367 -17.02 -56.42 -17.14
N SER A 368 -17.79 -55.64 -16.38
CA SER A 368 -18.96 -56.18 -15.69
C SER A 368 -20.27 -56.02 -16.47
N GLY A 369 -20.20 -55.40 -17.65
CA GLY A 369 -21.41 -55.21 -18.42
C GLY A 369 -22.45 -54.35 -17.70
N THR A 370 -21.98 -53.36 -16.94
CA THR A 370 -22.84 -52.45 -16.21
C THR A 370 -23.87 -51.84 -17.16
N LYS A 371 -25.13 -51.81 -16.75
CA LYS A 371 -26.19 -51.30 -17.61
C LYS A 371 -26.36 -49.80 -17.56
N LEU A 372 -26.49 -49.21 -18.75
CA LEU A 372 -26.64 -47.77 -18.91
C LEU A 372 -28.02 -47.43 -19.44
N THR A 373 -28.77 -46.61 -18.70
CA THR A 373 -30.09 -46.20 -19.18
C THR A 373 -29.88 -44.81 -19.77
N ILE A 374 -30.17 -44.72 -21.06
CA ILE A 374 -29.97 -43.51 -21.84
C ILE A 374 -31.30 -42.96 -22.35
N VAL A 375 -31.48 -41.64 -22.25
CA VAL A 375 -32.72 -41.01 -22.70
C VAL A 375 -32.57 -39.70 -23.45
N SER A 376 -33.62 -39.35 -24.18
CA SER A 376 -33.69 -38.10 -24.93
C SER A 376 -35.19 -37.80 -24.94
N ARG A 377 -35.60 -36.61 -25.39
CA ARG A 377 -37.02 -36.33 -25.38
C ARG A 377 -37.72 -37.37 -26.24
N GLY A 378 -38.62 -38.14 -25.62
CA GLY A 378 -39.34 -39.16 -26.35
C GLY A 378 -38.68 -40.52 -26.52
N THR A 379 -37.46 -40.71 -26.04
CA THR A 379 -36.81 -42.01 -26.18
C THR A 379 -36.16 -42.48 -24.88
N ARG A 380 -36.00 -43.80 -24.78
CA ARG A 380 -35.40 -44.41 -23.61
C ARG A 380 -34.92 -45.80 -23.97
N ARG A 381 -33.66 -46.09 -23.66
CA ARG A 381 -33.06 -47.39 -23.95
C ARG A 381 -32.04 -47.76 -22.88
N THR A 382 -31.81 -49.05 -22.70
CA THR A 382 -30.85 -49.52 -21.71
C THR A 382 -29.94 -50.52 -22.39
N VAL A 383 -28.63 -50.32 -22.26
CA VAL A 383 -27.68 -51.21 -22.88
C VAL A 383 -26.55 -51.52 -21.91
N PRO A 384 -26.02 -52.76 -21.98
CA PRO A 384 -24.92 -53.10 -21.07
C PRO A 384 -23.68 -52.46 -21.70
N MET A 385 -22.80 -51.91 -20.89
CA MET A 385 -21.59 -51.32 -21.48
C MET A 385 -20.73 -52.45 -22.02
N ASP A 386 -20.23 -52.30 -23.24
CA ASP A 386 -19.34 -53.28 -23.82
C ASP A 386 -18.28 -52.54 -24.64
N HIS A 387 -17.40 -53.27 -25.32
CA HIS A 387 -16.34 -52.60 -26.06
C HIS A 387 -16.80 -51.59 -27.10
N THR A 388 -17.99 -51.80 -27.66
CA THR A 388 -18.50 -50.88 -28.70
C THR A 388 -18.97 -49.53 -28.17
N PHE A 389 -19.18 -49.43 -26.86
CA PHE A 389 -19.68 -48.19 -26.29
C PHE A 389 -18.73 -47.04 -26.49
N PHE A 390 -17.44 -47.32 -26.59
CA PHE A 390 -16.41 -46.29 -26.78
C PHE A 390 -15.76 -46.52 -28.13
N PRO A 391 -16.36 -45.98 -29.20
CA PRO A 391 -15.86 -46.13 -30.57
C PRO A 391 -14.54 -45.48 -30.96
N SER A 392 -14.25 -44.32 -30.39
CA SER A 392 -13.03 -43.60 -30.71
C SER A 392 -12.69 -42.63 -29.59
N TYR A 393 -11.56 -41.95 -29.73
CA TYR A 393 -11.08 -41.01 -28.72
C TYR A 393 -12.15 -40.08 -28.16
N ARG A 394 -12.36 -40.17 -26.85
CA ARG A 394 -13.31 -39.37 -26.10
C ARG A 394 -14.76 -39.33 -26.57
N LYS A 395 -15.18 -40.34 -27.33
CA LYS A 395 -16.54 -40.43 -27.80
C LYS A 395 -17.23 -41.67 -27.22
N THR A 396 -18.55 -41.62 -27.15
CA THR A 396 -19.36 -42.74 -26.67
C THR A 396 -20.50 -42.91 -27.67
N LEU A 397 -21.28 -43.98 -27.52
CA LEU A 397 -22.39 -44.22 -28.44
C LEU A 397 -23.66 -43.41 -28.17
N LEU A 398 -23.57 -42.33 -27.42
CA LEU A 398 -24.76 -41.51 -27.17
C LEU A 398 -25.00 -40.57 -28.34
N GLY A 399 -26.26 -40.34 -28.67
CA GLY A 399 -26.58 -39.41 -29.74
C GLY A 399 -26.45 -38.00 -29.16
N PRO A 400 -26.43 -36.96 -30.00
CA PRO A 400 -26.30 -35.58 -29.52
C PRO A 400 -27.43 -35.09 -28.61
N GLU A 401 -28.63 -35.65 -28.75
CA GLU A 401 -29.76 -35.24 -27.92
C GLU A 401 -29.92 -36.10 -26.66
N GLU A 402 -29.11 -37.13 -26.54
CA GLU A 402 -29.23 -38.04 -25.39
C GLU A 402 -28.38 -37.69 -24.19
N ILE A 403 -28.87 -38.11 -23.03
CA ILE A 403 -28.15 -37.92 -21.78
C ILE A 403 -28.19 -39.27 -21.06
N LEU A 404 -27.19 -39.50 -20.21
CA LEU A 404 -27.12 -40.74 -19.44
C LEU A 404 -27.96 -40.48 -18.20
N LEU A 405 -28.99 -41.30 -18.00
CA LEU A 405 -29.91 -41.13 -16.89
C LEU A 405 -29.48 -41.88 -15.64
N SER A 406 -29.13 -43.15 -15.83
CA SER A 406 -28.72 -43.96 -14.70
C SER A 406 -27.85 -45.13 -15.11
N ILE A 407 -27.20 -45.70 -14.11
N ILE A 407 -27.17 -45.72 -14.14
CA ILE A 407 -26.26 -46.78 -14.29
CA ILE A 407 -26.35 -46.87 -14.42
C ILE A 407 -26.59 -47.86 -13.27
C ILE A 407 -26.61 -47.90 -13.33
N GLU A 408 -26.70 -49.11 -13.71
CA GLU A 408 -26.97 -50.19 -12.76
C GLU A 408 -25.74 -51.10 -12.68
N ILE A 409 -25.08 -51.06 -11.53
CA ILE A 409 -23.89 -51.88 -11.28
C ILE A 409 -24.44 -53.21 -10.79
N PRO A 410 -24.10 -54.30 -11.51
CA PRO A 410 -24.57 -55.66 -11.19
C PRO A 410 -24.04 -56.41 -10.00
N TYR A 411 -24.92 -57.25 -9.44
CA TYR A 411 -24.53 -58.15 -8.37
C TYR A 411 -23.76 -59.22 -9.13
N SER A 412 -22.77 -59.86 -8.50
CA SER A 412 -22.06 -60.92 -9.19
C SER A 412 -22.87 -62.20 -8.95
N ARG A 413 -22.71 -63.18 -9.83
CA ARG A 413 -23.44 -64.45 -9.71
C ARG A 413 -22.54 -65.53 -9.14
N GLU A 414 -23.11 -66.72 -8.97
CA GLU A 414 -22.32 -67.83 -8.49
C GLU A 414 -21.31 -68.15 -9.61
N ASP A 415 -20.14 -68.64 -9.23
CA ASP A 415 -19.10 -68.99 -10.20
C ASP A 415 -18.60 -67.78 -11.01
N GLU A 416 -18.82 -66.58 -10.50
CA GLU A 416 -18.38 -65.36 -11.20
C GLU A 416 -17.47 -64.54 -10.30
N PHE A 417 -16.27 -64.21 -10.77
CA PHE A 417 -15.34 -63.46 -9.93
C PHE A 417 -14.84 -62.21 -10.65
N PHE A 418 -14.41 -61.23 -9.85
CA PHE A 418 -14.00 -59.96 -10.43
C PHE A 418 -12.80 -59.33 -9.71
N SER A 419 -11.97 -58.62 -10.46
CA SER A 419 -10.84 -57.89 -9.86
C SER A 419 -10.68 -56.58 -10.60
N ALA A 420 -10.19 -55.56 -9.90
CA ALA A 420 -9.90 -54.27 -10.53
C ALA A 420 -8.55 -53.84 -9.95
N PHE A 421 -7.67 -53.34 -10.80
CA PHE A 421 -6.35 -52.91 -10.36
C PHE A 421 -6.02 -51.57 -11.02
N LYS A 422 -5.17 -50.79 -10.37
CA LYS A 422 -4.73 -49.52 -10.92
C LYS A 422 -3.28 -49.35 -10.49
N GLN A 423 -2.42 -48.92 -11.40
CA GLN A 423 -1.05 -48.65 -11.01
C GLN A 423 -0.75 -47.31 -11.66
N ALA A 424 -0.23 -46.38 -10.86
CA ALA A 424 0.09 -45.04 -11.35
C ALA A 424 1.53 -44.69 -10.96
N SER A 425 1.84 -43.42 -10.73
CA SER A 425 3.19 -43.02 -10.33
C SER A 425 3.27 -42.90 -8.81
N ARG A 426 2.12 -42.59 -8.19
CA ARG A 426 1.99 -42.46 -6.75
C ARG A 426 0.64 -43.13 -6.43
N ARG A 427 0.53 -43.80 -5.29
CA ARG A 427 -0.73 -44.45 -4.95
C ARG A 427 -1.93 -43.52 -4.86
N GLU A 428 -1.76 -42.44 -4.08
CA GLU A 428 -2.84 -41.49 -3.85
C GLU A 428 -3.01 -40.40 -4.92
N ASP A 429 -4.27 -40.14 -5.26
CA ASP A 429 -4.64 -39.07 -6.21
C ASP A 429 -3.70 -38.96 -7.42
N ASP A 430 -3.73 -39.98 -8.28
CA ASP A 430 -2.88 -39.97 -9.47
C ASP A 430 -3.65 -40.51 -10.69
N ILE A 431 -3.12 -40.22 -11.88
CA ILE A 431 -3.68 -40.66 -13.14
C ILE A 431 -3.17 -42.09 -13.39
N ALA A 432 -4.06 -43.00 -13.76
CA ALA A 432 -3.62 -44.36 -14.03
C ALA A 432 -2.58 -44.47 -15.16
N LYS A 433 -1.60 -45.35 -15.01
CA LYS A 433 -0.66 -45.65 -16.10
C LYS A 433 -1.40 -46.78 -16.83
N VAL A 434 -1.86 -47.76 -16.06
CA VAL A 434 -2.65 -48.86 -16.58
C VAL A 434 -3.68 -49.13 -15.49
N THR A 435 -4.92 -49.38 -15.89
CA THR A 435 -5.97 -49.62 -14.92
C THR A 435 -6.86 -50.66 -15.58
N CYS A 436 -7.54 -51.50 -14.81
CA CYS A 436 -8.33 -52.53 -15.46
C CYS A 436 -9.50 -53.07 -14.64
N GLY A 437 -10.36 -53.78 -15.35
CA GLY A 437 -11.49 -54.45 -14.74
C GLY A 437 -11.39 -55.84 -15.34
N MET A 438 -11.53 -56.90 -14.54
CA MET A 438 -11.41 -58.25 -15.09
C MET A 438 -12.51 -59.12 -14.51
N ARG A 439 -13.20 -59.85 -15.37
CA ARG A 439 -14.29 -60.70 -14.91
C ARG A 439 -14.22 -62.10 -15.54
N VAL A 440 -14.55 -63.12 -14.76
CA VAL A 440 -14.58 -64.47 -15.32
C VAL A 440 -15.84 -65.13 -14.77
N LEU A 441 -16.50 -65.88 -15.64
CA LEU A 441 -17.72 -66.63 -15.28
C LEU A 441 -17.39 -68.04 -15.67
N PHE A 442 -17.53 -68.97 -14.73
CA PHE A 442 -17.24 -70.37 -15.00
C PHE A 442 -18.56 -71.15 -15.18
N GLN A 443 -18.49 -72.32 -15.80
CA GLN A 443 -19.67 -73.17 -15.92
C GLN A 443 -19.97 -73.52 -14.46
N PRO A 444 -21.23 -73.83 -14.13
CA PRO A 444 -21.56 -74.15 -12.72
C PRO A 444 -20.62 -75.11 -11.99
N GLY A 445 -20.10 -74.64 -10.86
CA GLY A 445 -19.20 -75.43 -10.02
C GLY A 445 -17.90 -75.92 -10.64
N SER A 446 -17.52 -75.37 -11.78
CA SER A 446 -16.31 -75.82 -12.45
C SER A 446 -15.23 -74.77 -12.53
N MET A 447 -14.13 -75.15 -13.16
CA MET A 447 -13.00 -74.26 -13.41
C MET A 447 -12.97 -74.03 -14.92
N GLN A 448 -14.07 -74.35 -15.60
CA GLN A 448 -14.16 -74.17 -17.05
C GLN A 448 -14.79 -72.81 -17.41
N VAL A 449 -14.01 -72.01 -18.13
CA VAL A 449 -14.43 -70.66 -18.52
C VAL A 449 -15.66 -70.60 -19.42
N LYS A 450 -16.66 -69.83 -19.00
CA LYS A 450 -17.88 -69.62 -19.78
C LYS A 450 -17.78 -68.23 -20.43
N GLU A 451 -17.38 -67.25 -19.62
CA GLU A 451 -17.18 -65.85 -20.09
C GLU A 451 -15.91 -65.31 -19.47
N LEU A 452 -15.19 -64.46 -20.20
CA LEU A 452 -13.97 -63.87 -19.68
C LEU A 452 -13.85 -62.47 -20.27
N ALA A 453 -13.63 -61.47 -19.42
CA ALA A 453 -13.50 -60.10 -19.91
C ALA A 453 -12.32 -59.41 -19.24
N LEU A 454 -11.38 -58.93 -20.04
CA LEU A 454 -10.22 -58.22 -19.51
C LEU A 454 -10.23 -56.85 -20.19
N CYS A 455 -10.61 -55.81 -19.45
CA CYS A 455 -10.72 -54.46 -20.01
C CYS A 455 -9.70 -53.53 -19.40
N TYR A 456 -9.02 -52.76 -20.25
CA TYR A 456 -7.96 -51.89 -19.78
C TYR A 456 -8.07 -50.42 -20.17
N GLY A 457 -7.55 -49.59 -19.27
CA GLY A 457 -7.45 -48.15 -19.53
C GLY A 457 -5.96 -47.91 -19.60
N GLY A 458 -5.52 -46.88 -20.34
CA GLY A 458 -4.11 -46.58 -20.40
C GLY A 458 -3.29 -47.33 -21.42
N MET A 459 -3.95 -48.11 -22.27
CA MET A 459 -3.25 -48.90 -23.27
C MET A 459 -3.63 -48.52 -24.70
N ALA A 460 -4.46 -47.48 -24.82
CA ALA A 460 -4.94 -47.03 -26.14
C ALA A 460 -5.64 -45.69 -25.95
N ASP A 461 -6.18 -45.14 -27.03
CA ASP A 461 -6.86 -43.85 -26.90
C ASP A 461 -8.30 -43.99 -26.42
N ARG A 462 -8.63 -45.13 -25.84
CA ARG A 462 -9.97 -45.35 -25.30
C ARG A 462 -9.89 -46.62 -24.44
N THR A 463 -10.93 -46.84 -23.67
CA THR A 463 -10.98 -48.05 -22.84
C THR A 463 -11.17 -49.21 -23.83
N ILE A 464 -10.37 -50.27 -23.67
CA ILE A 464 -10.48 -51.41 -24.58
C ILE A 464 -10.62 -52.76 -23.89
N SER A 465 -11.08 -53.74 -24.64
CA SER A 465 -11.23 -55.10 -24.14
C SER A 465 -10.30 -55.99 -24.98
N ALA A 466 -9.58 -56.89 -24.32
CA ALA A 466 -8.66 -57.81 -25.00
C ALA A 466 -9.49 -58.99 -25.52
N LEU A 467 -10.43 -58.68 -26.41
CA LEU A 467 -11.34 -59.68 -26.98
C LEU A 467 -10.72 -60.84 -27.75
N LYS A 468 -9.71 -60.55 -28.56
CA LYS A 468 -9.09 -61.62 -29.33
C LYS A 468 -8.50 -62.64 -28.38
N THR A 469 -7.84 -62.13 -27.33
CA THR A 469 -7.21 -62.96 -26.33
C THR A 469 -8.22 -63.74 -25.49
N THR A 470 -9.25 -63.07 -24.99
CA THR A 470 -10.21 -63.76 -24.13
C THR A 470 -11.12 -64.73 -24.87
N GLN A 471 -11.42 -64.44 -26.13
CA GLN A 471 -12.27 -65.36 -26.90
C GLN A 471 -11.62 -66.73 -27.04
N LYS A 472 -10.29 -66.77 -27.11
CA LYS A 472 -9.59 -68.04 -27.26
C LYS A 472 -9.67 -68.92 -26.01
N GLN A 473 -10.03 -68.35 -24.87
CA GLN A 473 -10.10 -69.14 -23.64
C GLN A 473 -11.48 -69.65 -23.28
N LEU A 474 -12.50 -69.31 -24.06
CA LEU A 474 -13.83 -69.77 -23.74
C LEU A 474 -13.81 -71.29 -23.88
N SER A 475 -14.34 -71.96 -22.87
N SER A 475 -14.38 -71.94 -22.86
CA SER A 475 -14.37 -73.42 -22.76
CA SER A 475 -14.44 -73.40 -22.72
C SER A 475 -13.08 -74.04 -22.25
C SER A 475 -13.14 -74.04 -22.24
N LYS A 476 -12.04 -73.24 -22.03
CA LYS A 476 -10.78 -73.74 -21.50
C LYS A 476 -10.87 -73.74 -19.97
N PHE A 477 -9.96 -74.44 -19.32
CA PHE A 477 -9.98 -74.48 -17.87
C PHE A 477 -8.94 -73.54 -17.28
N TRP A 478 -9.21 -73.10 -16.04
CA TRP A 478 -8.32 -72.18 -15.33
C TRP A 478 -7.09 -72.93 -14.88
N ASN A 479 -6.01 -72.83 -15.65
CA ASN A 479 -4.78 -73.52 -15.34
C ASN A 479 -3.56 -72.80 -15.87
N GLU A 480 -2.38 -73.37 -15.62
CA GLU A 480 -1.12 -72.74 -16.03
C GLU A 480 -1.03 -72.47 -17.53
N LYS A 481 -1.58 -73.38 -18.33
CA LYS A 481 -1.53 -73.18 -19.77
C LYS A 481 -2.40 -72.00 -20.17
N LEU A 482 -3.53 -71.81 -19.49
CA LEU A 482 -4.39 -70.67 -19.79
C LEU A 482 -3.64 -69.39 -19.41
N LEU A 483 -2.95 -69.41 -18.27
CA LEU A 483 -2.19 -68.23 -17.84
C LEU A 483 -1.17 -67.87 -18.92
N GLN A 484 -0.43 -68.88 -19.41
CA GLN A 484 0.59 -68.65 -20.43
C GLN A 484 -0.01 -68.14 -21.74
N ASP A 485 -1.12 -68.74 -22.14
CA ASP A 485 -1.78 -68.36 -23.38
C ASP A 485 -2.33 -66.95 -23.31
N VAL A 486 -2.93 -66.60 -22.18
CA VAL A 486 -3.48 -65.26 -22.03
C VAL A 486 -2.36 -64.22 -22.01
N CYS A 487 -1.25 -64.53 -21.33
CA CYS A 487 -0.13 -63.57 -21.28
C CYS A 487 0.48 -63.36 -22.66
N ALA A 488 0.60 -64.44 -23.42
CA ALA A 488 1.16 -64.34 -24.76
C ALA A 488 0.18 -63.55 -25.62
N GLY A 489 -1.12 -63.78 -25.42
CA GLY A 489 -2.13 -63.07 -26.18
C GLY A 489 -2.14 -61.57 -25.89
N LEU A 490 -2.07 -61.21 -24.61
CA LEU A 490 -2.07 -59.81 -24.21
C LEU A 490 -0.85 -59.11 -24.76
N ALA A 491 0.29 -59.78 -24.76
CA ALA A 491 1.55 -59.20 -25.25
C ALA A 491 1.46 -58.89 -26.74
N GLU A 492 0.69 -59.69 -27.46
CA GLU A 492 0.50 -59.46 -28.90
C GLU A 492 -0.64 -58.47 -29.19
N GLU A 493 -1.78 -58.65 -28.53
CA GLU A 493 -2.96 -57.82 -28.78
C GLU A 493 -2.86 -56.40 -28.23
N LEU A 494 -2.30 -56.23 -27.04
CA LEU A 494 -2.16 -54.90 -26.42
C LEU A 494 -0.79 -54.32 -26.72
N SER A 495 -0.47 -54.25 -28.00
CA SER A 495 0.82 -53.74 -28.45
C SER A 495 0.90 -52.23 -28.29
N LEU A 496 2.12 -51.72 -28.16
CA LEU A 496 2.33 -50.28 -28.05
C LEU A 496 3.48 -49.92 -28.97
N SER A 497 3.26 -48.95 -29.85
CA SER A 497 4.31 -48.51 -30.75
C SER A 497 5.27 -47.66 -29.94
N PRO A 498 6.54 -47.56 -30.37
CA PRO A 498 7.53 -46.77 -29.62
C PRO A 498 7.15 -45.31 -29.38
N ASP A 499 6.28 -44.76 -30.23
CA ASP A 499 5.87 -43.37 -30.08
C ASP A 499 4.53 -43.22 -29.37
N ALA A 500 4.12 -44.27 -28.65
CA ALA A 500 2.86 -44.19 -27.94
C ALA A 500 2.87 -43.04 -26.93
N PRO A 501 1.81 -42.23 -26.90
CA PRO A 501 1.73 -41.11 -25.97
C PRO A 501 1.84 -41.61 -24.53
N GLY A 502 2.67 -40.94 -23.74
CA GLY A 502 2.86 -41.33 -22.35
C GLY A 502 4.11 -42.15 -22.12
N GLY A 503 4.68 -42.74 -23.18
CA GLY A 503 5.88 -43.53 -23.03
C GLY A 503 5.74 -44.73 -22.11
N MET A 504 6.82 -45.07 -21.41
CA MET A 504 6.82 -46.20 -20.46
C MET A 504 6.19 -47.42 -21.12
N ILE A 505 6.63 -47.69 -22.33
CA ILE A 505 6.13 -48.78 -23.16
C ILE A 505 6.27 -50.15 -22.52
N GLU A 506 7.47 -50.48 -22.09
CA GLU A 506 7.75 -51.77 -21.48
C GLU A 506 6.99 -51.96 -20.16
N PHE A 507 7.01 -50.92 -19.32
CA PHE A 507 6.33 -50.98 -18.04
C PHE A 507 4.83 -51.17 -18.22
N ARG A 508 4.21 -50.42 -19.13
CA ARG A 508 2.78 -50.58 -19.32
C ARG A 508 2.43 -51.96 -19.83
N ARG A 509 3.20 -52.51 -20.76
CA ARG A 509 2.88 -53.84 -21.23
C ARG A 509 3.06 -54.86 -20.12
N THR A 510 4.09 -54.70 -19.32
CA THR A 510 4.36 -55.60 -18.21
C THR A 510 3.21 -55.54 -17.21
N LEU A 511 2.68 -54.34 -16.97
CA LEU A 511 1.54 -54.21 -16.05
C LEU A 511 0.32 -54.95 -16.60
N THR A 512 0.09 -54.90 -17.91
CA THR A 512 -1.09 -55.58 -18.41
C THR A 512 -1.02 -57.09 -18.10
N LEU A 513 0.16 -57.68 -18.24
CA LEU A 513 0.33 -59.12 -17.96
C LEU A 513 0.33 -59.37 -16.46
N SER A 514 1.00 -58.49 -15.72
CA SER A 514 1.09 -58.63 -14.27
C SER A 514 -0.27 -58.56 -13.58
N PHE A 515 -1.13 -57.65 -14.06
CA PHE A 515 -2.48 -57.54 -13.52
C PHE A 515 -3.22 -58.85 -13.84
N PHE A 516 -3.05 -59.38 -15.05
CA PHE A 516 -3.75 -60.62 -15.33
C PHE A 516 -3.24 -61.74 -14.42
N PHE A 517 -1.93 -61.77 -14.17
CA PHE A 517 -1.37 -62.81 -13.29
C PHE A 517 -1.99 -62.68 -11.90
N LYS A 518 -2.12 -61.46 -11.38
CA LYS A 518 -2.74 -61.25 -10.07
C LYS A 518 -4.17 -61.76 -10.10
N PHE A 519 -4.89 -61.46 -11.18
CA PHE A 519 -6.27 -61.91 -11.34
C PHE A 519 -6.30 -63.45 -11.35
N TYR A 520 -5.43 -64.04 -12.15
CA TYR A 520 -5.33 -65.50 -12.26
C TYR A 520 -5.14 -66.16 -10.88
N LEU A 521 -4.19 -65.67 -10.10
CA LEU A 521 -3.95 -66.25 -8.77
C LEU A 521 -5.11 -66.02 -7.82
N THR A 522 -5.71 -64.83 -7.92
CA THR A 522 -6.82 -64.48 -7.07
C THR A 522 -8.02 -65.38 -7.38
N VAL A 523 -8.22 -65.67 -8.66
CA VAL A 523 -9.35 -66.53 -9.03
C VAL A 523 -9.08 -67.95 -8.52
N LEU A 524 -7.83 -68.41 -8.60
CA LEU A 524 -7.53 -69.75 -8.08
C LEU A 524 -7.89 -69.83 -6.61
N LYS A 525 -7.53 -68.79 -5.86
CA LYS A 525 -7.83 -68.70 -4.44
C LYS A 525 -9.33 -68.74 -4.22
N LYS A 526 -10.07 -67.97 -5.03
CA LYS A 526 -11.52 -67.92 -4.90
C LYS A 526 -12.19 -69.22 -5.36
N LEU A 527 -11.58 -69.93 -6.30
CA LEU A 527 -12.17 -71.20 -6.75
C LEU A 527 -12.02 -72.23 -5.63
N GLY A 528 -10.99 -72.06 -4.81
CA GLY A 528 -10.72 -72.96 -3.70
C GLY A 528 -11.55 -72.70 -2.46
N LYS A 537 -4.59 -75.41 -2.70
CA LYS A 537 -4.14 -74.14 -2.06
C LYS A 537 -2.95 -73.55 -2.81
N LEU A 538 -2.90 -72.22 -2.88
CA LEU A 538 -1.80 -71.54 -3.56
C LEU A 538 -0.50 -71.77 -2.80
N ASP A 539 0.61 -71.78 -3.52
CA ASP A 539 1.91 -71.94 -2.88
C ASP A 539 1.92 -70.77 -1.89
N PRO A 540 2.26 -71.03 -0.61
CA PRO A 540 2.27 -69.95 0.39
C PRO A 540 3.10 -68.72 -0.03
N THR A 541 4.16 -68.94 -0.81
CA THR A 541 5.02 -67.83 -1.23
C THR A 541 4.36 -66.99 -2.33
N TYR A 542 3.21 -67.46 -2.84
CA TYR A 542 2.48 -66.75 -3.88
C TYR A 542 1.28 -65.97 -3.34
N THR A 543 0.83 -66.33 -2.14
CA THR A 543 -0.34 -65.68 -1.53
C THR A 543 -0.41 -64.16 -1.51
N SER A 544 0.66 -63.50 -1.08
CA SER A 544 0.62 -62.05 -1.00
C SER A 544 0.38 -61.38 -2.36
N ALA A 545 0.55 -62.12 -3.44
CA ALA A 545 0.32 -61.55 -4.77
C ALA A 545 -1.15 -61.26 -4.98
N THR A 546 -2.02 -61.90 -4.19
CA THR A 546 -3.46 -61.72 -4.32
C THR A 546 -4.04 -60.69 -3.35
N LEU A 547 -3.23 -60.20 -2.42
CA LEU A 547 -3.71 -59.25 -1.42
C LEU A 547 -3.81 -57.81 -1.91
N LEU A 548 -4.93 -57.16 -1.58
CA LEU A 548 -5.13 -55.77 -1.95
C LEU A 548 -4.36 -54.93 -0.95
N PHE A 549 -3.98 -53.73 -1.37
CA PHE A 549 -3.20 -52.85 -0.52
C PHE A 549 -3.79 -52.67 0.87
N GLN A 550 -2.94 -52.76 1.90
CA GLN A 550 -3.42 -52.57 3.27
C GLN A 550 -2.47 -51.70 4.10
N LYS A 551 -3.05 -50.72 4.79
CA LYS A 551 -2.28 -49.81 5.64
C LYS A 551 -1.95 -50.46 6.99
N ASP A 552 -0.78 -50.13 7.52
CA ASP A 552 -0.41 -50.63 8.84
C ASP A 552 -0.55 -49.38 9.70
N PRO A 553 -0.95 -49.52 10.97
CA PRO A 553 -1.10 -48.34 11.82
C PRO A 553 0.19 -47.53 12.01
N PRO A 554 0.09 -46.20 12.04
CA PRO A 554 1.27 -45.35 12.21
C PRO A 554 1.83 -45.40 13.62
N ALA A 555 3.13 -45.14 13.74
CA ALA A 555 3.85 -45.11 15.01
C ALA A 555 4.96 -44.08 14.83
N ASN A 556 4.89 -42.98 15.58
CA ASN A 556 5.88 -41.91 15.45
C ASN A 556 6.48 -41.52 16.78
N ILE A 557 7.80 -41.37 16.81
CA ILE A 557 8.45 -40.99 18.04
C ILE A 557 9.48 -39.92 17.75
N GLN A 558 9.50 -38.89 18.59
CA GLN A 558 10.48 -37.83 18.47
C GLN A 558 11.25 -37.72 19.78
N LEU A 559 12.56 -37.78 19.69
CA LEU A 559 13.41 -37.67 20.86
C LEU A 559 14.31 -36.45 20.75
N PHE A 560 14.30 -35.64 21.80
CA PHE A 560 15.18 -34.49 21.82
C PHE A 560 15.60 -34.22 23.26
N GLN A 561 16.38 -33.18 23.46
CA GLN A 561 16.90 -32.88 24.78
C GLN A 561 16.15 -31.81 25.55
N GLU A 562 15.90 -32.08 26.83
CA GLU A 562 15.23 -31.13 27.68
C GLU A 562 16.24 -30.02 27.98
N VAL A 563 15.76 -28.82 28.32
CA VAL A 563 16.66 -27.72 28.64
C VAL A 563 17.13 -27.88 30.08
N PRO A 564 18.27 -27.27 30.43
CA PRO A 564 18.82 -27.34 31.79
C PRO A 564 17.75 -27.04 32.84
N ASN A 565 17.81 -27.73 33.97
CA ASN A 565 16.84 -27.56 35.04
C ASN A 565 16.67 -26.10 35.49
N GLY A 566 17.76 -25.37 35.63
CA GLY A 566 17.65 -23.99 36.08
C GLY A 566 17.37 -22.92 35.04
N GLN A 567 17.01 -23.31 33.82
CA GLN A 567 16.76 -22.31 32.79
C GLN A 567 15.45 -21.56 33.02
N SER A 568 15.52 -20.24 32.93
CA SER A 568 14.34 -19.38 33.10
C SER A 568 13.23 -19.77 32.14
N LYS A 569 11.98 -19.66 32.59
CA LYS A 569 10.84 -19.98 31.75
C LYS A 569 10.76 -19.01 30.54
N GLU A 570 11.28 -17.80 30.74
CA GLU A 570 11.27 -16.78 29.67
C GLU A 570 12.39 -17.00 28.67
N ASP A 571 13.37 -17.84 29.00
CA ASP A 571 14.43 -18.13 28.05
C ASP A 571 13.86 -19.32 27.26
N THR A 572 13.47 -19.07 26.01
CA THR A 572 12.87 -20.11 25.19
C THR A 572 13.85 -20.83 24.25
N VAL A 573 15.12 -20.44 24.29
CA VAL A 573 16.10 -21.09 23.43
C VAL A 573 16.27 -22.53 23.92
N GLY A 574 16.07 -23.49 23.02
CA GLY A 574 16.15 -24.89 23.37
C GLY A 574 14.78 -25.51 23.60
N ARG A 575 13.72 -24.69 23.64
CA ARG A 575 12.37 -25.19 23.87
C ARG A 575 11.60 -25.34 22.55
N PRO A 576 10.62 -26.26 22.50
CA PRO A 576 9.80 -26.50 21.29
C PRO A 576 8.67 -25.49 21.06
N LEU A 577 9.04 -24.22 20.95
CA LEU A 577 8.07 -23.14 20.74
C LEU A 577 7.48 -23.23 19.31
N PRO A 578 6.15 -23.24 19.19
CA PRO A 578 5.61 -23.32 17.82
C PRO A 578 5.97 -22.06 16.99
N HIS A 579 5.99 -22.24 15.68
CA HIS A 579 6.22 -21.16 14.71
C HIS A 579 5.28 -20.00 15.12
N LEU A 580 5.82 -18.81 15.24
CA LEU A 580 5.02 -17.66 15.70
C LEU A 580 3.80 -17.31 14.87
N ALA A 581 3.80 -17.68 13.58
CA ALA A 581 2.65 -17.34 12.74
C ALA A 581 1.75 -18.54 12.49
N ALA A 582 2.05 -19.67 13.12
CA ALA A 582 1.25 -20.88 12.86
C ALA A 582 -0.25 -20.69 13.13
N ALA A 583 -0.61 -19.97 14.19
CA ALA A 583 -2.03 -19.78 14.48
C ALA A 583 -2.71 -18.99 13.37
N MET A 584 -2.04 -17.94 12.91
N MET A 584 -2.05 -17.92 12.91
CA MET A 584 -2.58 -17.10 11.83
CA MET A 584 -2.59 -17.10 11.83
C MET A 584 -2.58 -17.85 10.51
C MET A 584 -2.59 -17.85 10.51
N GLN A 585 -1.69 -18.82 10.37
CA GLN A 585 -1.66 -19.61 9.14
C GLN A 585 -2.84 -20.58 9.15
N ALA A 586 -3.15 -21.14 10.31
CA ALA A 586 -4.27 -22.06 10.43
C ALA A 586 -5.63 -21.34 10.32
N SER A 587 -5.64 -20.04 10.57
CA SER A 587 -6.88 -19.27 10.51
C SER A 587 -7.07 -18.55 9.17
N GLY A 588 -6.04 -18.59 8.32
CA GLY A 588 -6.16 -17.91 7.03
C GLY A 588 -5.94 -16.42 7.16
N GLU A 589 -5.43 -15.97 8.31
CA GLU A 589 -5.17 -14.53 8.52
C GLU A 589 -3.76 -14.12 8.06
N ALA A 590 -2.85 -15.09 7.95
CA ALA A 590 -1.46 -14.78 7.52
C ALA A 590 -1.57 -14.29 6.08
N VAL A 591 -0.92 -13.17 5.80
CA VAL A 591 -1.01 -12.59 4.47
C VAL A 591 0.19 -13.01 3.59
N TYR A 592 -0.11 -13.61 2.44
CA TYR A 592 0.92 -13.95 1.45
C TYR A 592 0.74 -12.88 0.38
N CYS A 593 1.70 -12.77 -0.54
CA CYS A 593 1.69 -11.70 -1.52
C CYS A 593 0.36 -11.43 -2.23
N ASP A 594 -0.23 -12.43 -2.85
CA ASP A 594 -1.47 -12.16 -3.55
C ASP A 594 -2.63 -11.83 -2.63
N ASP A 595 -2.48 -12.10 -1.32
CA ASP A 595 -3.55 -11.79 -0.36
C ASP A 595 -3.61 -10.30 -0.05
N ILE A 596 -2.56 -9.56 -0.38
CA ILE A 596 -2.54 -8.12 -0.16
C ILE A 596 -3.67 -7.57 -1.06
N PRO A 597 -4.52 -6.71 -0.51
CA PRO A 597 -5.62 -6.16 -1.32
C PRO A 597 -5.13 -5.41 -2.55
N ARG A 598 -5.90 -5.43 -3.64
CA ARG A 598 -5.47 -4.70 -4.83
C ARG A 598 -5.91 -3.26 -4.77
N TYR A 599 -5.10 -2.38 -5.35
CA TYR A 599 -5.50 -0.98 -5.43
C TYR A 599 -6.65 -0.90 -6.44
N GLU A 600 -7.47 0.14 -6.33
CA GLU A 600 -8.61 0.26 -7.23
C GLU A 600 -8.15 0.37 -8.68
N ASN A 601 -6.94 0.88 -8.90
CA ASN A 601 -6.41 1.03 -10.26
C ASN A 601 -5.32 0.01 -10.58
N GLU A 602 -5.25 -1.08 -9.81
CA GLU A 602 -4.23 -2.10 -10.01
C GLU A 602 -4.55 -3.00 -11.21
N LEU A 603 -3.55 -3.22 -12.06
CA LEU A 603 -3.69 -4.02 -13.27
C LEU A 603 -3.00 -5.39 -13.10
N PHE A 604 -3.29 -6.30 -14.03
CA PHE A 604 -2.73 -7.65 -14.00
C PHE A 604 -1.87 -7.93 -15.20
N LEU A 605 -0.77 -8.66 -14.94
CA LEU A 605 0.19 -9.02 -15.99
C LEU A 605 0.22 -10.52 -16.21
N ARG A 606 0.32 -10.91 -17.49
CA ARG A 606 0.41 -12.31 -17.87
C ARG A 606 1.62 -12.43 -18.80
N LEU A 607 2.55 -13.30 -18.46
CA LEU A 607 3.75 -13.45 -19.30
C LEU A 607 3.43 -14.15 -20.63
N VAL A 608 4.11 -13.72 -21.70
CA VAL A 608 3.96 -14.35 -23.02
C VAL A 608 5.30 -15.06 -23.19
N THR A 609 5.26 -16.39 -23.34
CA THR A 609 6.50 -17.15 -23.41
C THR A 609 6.69 -17.97 -24.69
N SER A 610 7.94 -18.30 -24.97
CA SER A 610 8.30 -19.09 -26.14
C SER A 610 7.73 -20.50 -26.15
N THR A 611 7.29 -20.95 -27.32
CA THR A 611 6.79 -22.32 -27.47
C THR A 611 7.83 -23.14 -28.23
N ARG A 612 9.01 -22.56 -28.49
CA ARG A 612 10.09 -23.24 -29.21
C ARG A 612 11.35 -23.30 -28.34
N ALA A 613 12.11 -24.39 -28.43
CA ALA A 613 13.33 -24.53 -27.65
C ALA A 613 14.44 -23.58 -28.13
N HIS A 614 14.51 -23.35 -29.43
CA HIS A 614 15.56 -22.49 -29.95
C HIS A 614 15.14 -21.96 -31.31
N ALA A 615 14.97 -20.65 -31.41
CA ALA A 615 14.50 -20.11 -32.67
C ALA A 615 14.63 -18.61 -32.77
N LYS A 616 14.61 -18.13 -34.00
CA LYS A 616 14.64 -16.71 -34.23
C LYS A 616 13.21 -16.25 -34.08
N ILE A 617 12.99 -15.08 -33.49
CA ILE A 617 11.65 -14.52 -33.41
C ILE A 617 11.54 -13.68 -34.69
N LYS A 618 10.66 -14.07 -35.59
CA LYS A 618 10.51 -13.33 -36.85
C LYS A 618 9.54 -12.16 -36.73
N SER A 619 8.46 -12.36 -35.98
CA SER A 619 7.51 -11.29 -35.78
C SER A 619 6.58 -11.61 -34.63
N ILE A 620 5.92 -10.59 -34.12
CA ILE A 620 4.97 -10.73 -33.04
C ILE A 620 3.73 -9.95 -33.47
N ASP A 621 2.58 -10.60 -33.44
CA ASP A 621 1.31 -10.00 -33.85
C ASP A 621 0.36 -9.94 -32.65
N VAL A 622 0.02 -8.72 -32.22
CA VAL A 622 -0.88 -8.55 -31.07
C VAL A 622 -2.29 -8.10 -31.48
N SER A 623 -2.57 -8.08 -32.78
CA SER A 623 -3.87 -7.66 -33.28
C SER A 623 -5.05 -8.38 -32.63
N GLU A 624 -4.94 -9.68 -32.41
CA GLU A 624 -6.04 -10.41 -31.78
C GLU A 624 -6.12 -10.12 -30.28
N ALA A 625 -4.96 -10.03 -29.62
CA ALA A 625 -4.92 -9.74 -28.18
C ALA A 625 -5.55 -8.38 -27.89
N GLN A 626 -5.30 -7.40 -28.76
CA GLN A 626 -5.85 -6.06 -28.59
C GLN A 626 -7.37 -6.02 -28.61
N LYS A 627 -7.99 -7.10 -29.09
CA LYS A 627 -9.46 -7.18 -29.17
C LYS A 627 -10.12 -7.73 -27.91
N VAL A 628 -9.33 -8.34 -27.04
CA VAL A 628 -9.85 -8.89 -25.80
C VAL A 628 -10.29 -7.76 -24.88
N PRO A 629 -11.48 -7.87 -24.26
CA PRO A 629 -11.94 -6.81 -23.36
C PRO A 629 -10.95 -6.57 -22.23
N GLY A 630 -10.73 -5.31 -21.88
CA GLY A 630 -9.83 -4.99 -20.79
C GLY A 630 -8.35 -4.95 -21.10
N PHE A 631 -7.99 -5.26 -22.36
CA PHE A 631 -6.58 -5.22 -22.75
C PHE A 631 -6.01 -3.82 -22.53
N VAL A 632 -4.82 -3.74 -21.95
CA VAL A 632 -4.21 -2.44 -21.73
C VAL A 632 -3.00 -2.32 -22.65
N CYS A 633 -2.09 -3.29 -22.60
CA CYS A 633 -0.93 -3.20 -23.48
C CYS A 633 -0.12 -4.47 -23.55
N PHE A 634 0.74 -4.55 -24.55
CA PHE A 634 1.67 -5.67 -24.68
C PHE A 634 3.05 -5.02 -24.50
N LEU A 635 3.88 -5.61 -23.65
CA LEU A 635 5.20 -5.12 -23.36
C LEU A 635 6.23 -6.08 -23.91
N SER A 636 7.33 -5.53 -24.40
CA SER A 636 8.41 -6.35 -24.92
C SER A 636 9.72 -5.61 -24.70
N ALA A 637 10.82 -6.17 -25.19
CA ALA A 637 12.15 -5.61 -24.98
C ALA A 637 12.28 -4.12 -25.30
N ASP A 638 11.61 -3.65 -26.34
CA ASP A 638 11.70 -2.25 -26.74
C ASP A 638 11.15 -1.26 -25.72
N ASP A 639 10.30 -1.74 -24.83
CA ASP A 639 9.69 -0.90 -23.81
C ASP A 639 10.60 -0.66 -22.59
N ILE A 640 11.68 -1.42 -22.46
CA ILE A 640 12.58 -1.28 -21.31
C ILE A 640 13.33 0.04 -21.36
N PRO A 641 13.21 0.85 -20.29
CA PRO A 641 13.90 2.15 -20.25
C PRO A 641 15.37 2.08 -19.90
N GLY A 642 15.76 1.05 -19.15
CA GLY A 642 17.15 0.91 -18.74
C GLY A 642 17.84 -0.17 -19.55
N SER A 643 18.13 -1.30 -18.92
CA SER A 643 18.84 -2.38 -19.57
C SER A 643 18.03 -3.66 -19.71
N ASN A 644 18.21 -4.36 -20.82
CA ASN A 644 17.54 -5.65 -21.06
C ASN A 644 18.49 -6.79 -20.68
N GLU A 645 19.62 -6.45 -20.04
CA GLU A 645 20.60 -7.43 -19.60
C GLU A 645 20.41 -7.70 -18.13
N THR A 646 20.13 -8.95 -17.79
CA THR A 646 19.85 -9.33 -16.43
C THR A 646 20.44 -10.71 -16.09
N GLY A 647 20.09 -11.23 -14.91
CA GLY A 647 20.61 -12.52 -14.50
C GLY A 647 21.82 -12.35 -13.61
N LEU A 648 22.07 -13.35 -12.76
CA LEU A 648 23.18 -13.32 -11.83
C LEU A 648 24.49 -13.05 -12.55
N PHE A 649 24.64 -13.62 -13.73
CA PHE A 649 25.86 -13.43 -14.49
C PHE A 649 25.69 -12.58 -15.75
N ASN A 650 24.62 -11.79 -15.77
CA ASN A 650 24.36 -10.88 -16.89
C ASN A 650 24.32 -11.51 -18.24
N ASP A 651 23.81 -12.74 -18.27
CA ASP A 651 23.73 -13.50 -19.50
C ASP A 651 22.29 -13.82 -19.89
N GLU A 652 21.35 -13.02 -19.40
CA GLU A 652 19.93 -13.24 -19.69
C GLU A 652 19.29 -11.96 -20.16
N THR A 653 18.16 -12.12 -20.83
CA THR A 653 17.37 -10.98 -21.27
C THR A 653 16.20 -10.88 -20.28
N VAL A 654 15.65 -9.69 -20.11
CA VAL A 654 14.45 -9.49 -19.28
C VAL A 654 13.31 -9.97 -20.19
N PHE A 655 13.35 -9.54 -21.46
CA PHE A 655 12.38 -9.97 -22.49
C PHE A 655 13.22 -10.40 -23.71
N ALA A 656 12.91 -11.55 -24.28
CA ALA A 656 13.67 -12.06 -25.44
C ALA A 656 13.83 -11.04 -26.55
N LYS A 657 15.02 -11.03 -27.14
CA LYS A 657 15.36 -10.12 -28.22
C LYS A 657 15.98 -10.96 -29.34
N ASP A 658 15.31 -10.96 -30.49
CA ASP A 658 15.79 -11.69 -31.67
C ASP A 658 15.70 -13.21 -31.65
N THR A 659 16.06 -13.83 -30.52
N THR A 659 16.04 -13.84 -30.52
CA THR A 659 16.03 -15.29 -30.42
CA THR A 659 15.97 -15.28 -30.44
C THR A 659 15.44 -15.77 -29.10
C THR A 659 15.42 -15.77 -29.11
N VAL A 660 14.83 -16.95 -29.12
CA VAL A 660 14.33 -17.56 -27.89
C VAL A 660 15.23 -18.77 -27.71
N THR A 661 15.60 -19.06 -26.46
CA THR A 661 16.51 -20.16 -26.21
C THR A 661 15.98 -21.30 -25.32
N CYS A 662 14.69 -21.30 -25.07
CA CYS A 662 14.06 -22.41 -24.36
C CYS A 662 12.56 -22.26 -24.44
N VAL A 663 11.85 -23.37 -24.28
CA VAL A 663 10.40 -23.31 -24.23
C VAL A 663 10.16 -22.65 -22.86
N GLY A 664 9.38 -21.59 -22.83
CA GLY A 664 9.13 -20.86 -21.58
C GLY A 664 9.94 -19.58 -21.51
N HIS A 665 10.83 -19.34 -22.48
CA HIS A 665 11.63 -18.12 -22.50
C HIS A 665 10.68 -16.91 -22.58
N ILE A 666 10.79 -15.96 -21.65
CA ILE A 666 9.87 -14.84 -21.64
C ILE A 666 10.13 -13.86 -22.79
N ILE A 667 9.14 -13.71 -23.65
CA ILE A 667 9.20 -12.79 -24.79
C ILE A 667 8.59 -11.42 -24.50
N GLY A 668 7.58 -11.39 -23.67
CA GLY A 668 6.92 -10.13 -23.37
C GLY A 668 5.83 -10.38 -22.36
N ALA A 669 4.87 -9.47 -22.30
CA ALA A 669 3.82 -9.63 -21.33
C ALA A 669 2.63 -8.79 -21.68
N VAL A 670 1.45 -9.30 -21.35
CA VAL A 670 0.23 -8.55 -21.57
C VAL A 670 -0.23 -7.99 -20.23
N VAL A 671 -0.70 -6.75 -20.25
CA VAL A 671 -1.27 -6.12 -19.06
C VAL A 671 -2.76 -5.92 -19.40
N ALA A 672 -3.64 -6.28 -18.46
CA ALA A 672 -5.09 -6.12 -18.68
C ALA A 672 -5.80 -5.77 -17.36
N ASP A 673 -7.10 -5.51 -17.43
CA ASP A 673 -7.85 -5.12 -16.23
C ASP A 673 -8.18 -6.24 -15.25
N THR A 674 -8.17 -7.48 -15.72
CA THR A 674 -8.41 -8.61 -14.85
C THR A 674 -7.43 -9.71 -15.25
N PRO A 675 -7.17 -10.67 -14.36
CA PRO A 675 -6.25 -11.77 -14.67
C PRO A 675 -6.75 -12.62 -15.85
N GLU A 676 -8.06 -12.87 -15.89
CA GLU A 676 -8.61 -13.68 -16.98
C GLU A 676 -8.43 -12.98 -18.33
N HIS A 677 -8.65 -11.68 -18.36
CA HIS A 677 -8.46 -10.95 -19.60
C HIS A 677 -7.00 -10.91 -20.03
N ALA A 678 -6.10 -10.79 -19.06
CA ALA A 678 -4.67 -10.78 -19.42
C ALA A 678 -4.28 -12.14 -19.98
N GLU A 679 -4.79 -13.21 -19.38
CA GLU A 679 -4.48 -14.57 -19.81
C GLU A 679 -5.01 -14.85 -21.22
N ARG A 680 -6.26 -14.47 -21.47
CA ARG A 680 -6.86 -14.70 -22.79
C ARG A 680 -6.15 -13.90 -23.88
N ALA A 681 -5.77 -12.67 -23.56
CA ALA A 681 -5.08 -11.86 -24.54
C ALA A 681 -3.69 -12.43 -24.81
N ALA A 682 -2.99 -12.87 -23.78
CA ALA A 682 -1.64 -13.41 -23.99
C ALA A 682 -1.67 -14.67 -24.84
N HIS A 683 -2.73 -15.46 -24.66
CA HIS A 683 -2.88 -16.70 -25.38
C HIS A 683 -2.98 -16.49 -26.89
N VAL A 684 -3.57 -15.36 -27.30
CA VAL A 684 -3.73 -15.07 -28.72
C VAL A 684 -2.66 -14.16 -29.33
N VAL A 685 -1.62 -13.83 -28.55
CA VAL A 685 -0.52 -13.08 -29.12
C VAL A 685 0.15 -14.13 -30.02
N LYS A 686 0.35 -13.78 -31.29
CA LYS A 686 0.93 -14.72 -32.25
C LYS A 686 2.39 -14.44 -32.57
N VAL A 687 3.26 -15.40 -32.26
CA VAL A 687 4.67 -15.23 -32.51
C VAL A 687 5.04 -16.15 -33.66
N THR A 688 5.77 -15.59 -34.64
CA THR A 688 6.25 -16.38 -35.77
C THR A 688 7.72 -16.66 -35.54
N TYR A 689 8.08 -17.94 -35.66
CA TYR A 689 9.44 -18.38 -35.41
C TYR A 689 10.14 -19.05 -36.59
N GLU A 690 11.46 -19.15 -36.47
CA GLU A 690 12.29 -19.84 -37.46
C GLU A 690 13.24 -20.66 -36.58
N ASP A 691 12.99 -21.98 -36.49
CA ASP A 691 13.82 -22.85 -35.65
C ASP A 691 15.31 -22.82 -35.93
N LEU A 692 16.08 -23.01 -34.86
CA LEU A 692 17.54 -23.07 -34.92
C LEU A 692 17.90 -24.38 -34.26
N PRO A 693 19.07 -24.95 -34.58
CA PRO A 693 19.48 -26.22 -33.98
C PRO A 693 19.45 -26.11 -32.45
N ALA A 694 18.83 -27.07 -31.79
CA ALA A 694 18.75 -27.02 -30.32
C ALA A 694 19.53 -28.14 -29.62
N ILE A 695 20.03 -27.84 -28.42
CA ILE A 695 20.78 -28.80 -27.60
C ILE A 695 19.96 -28.93 -26.32
N ILE A 696 19.34 -30.08 -26.14
CA ILE A 696 18.47 -30.33 -24.99
C ILE A 696 19.07 -31.10 -23.84
N THR A 697 19.66 -32.26 -24.14
CA THR A 697 20.20 -33.16 -23.13
C THR A 697 21.66 -32.99 -22.77
N ILE A 698 22.04 -33.61 -21.67
CA ILE A 698 23.43 -33.58 -21.21
C ILE A 698 24.27 -34.24 -22.31
N GLU A 699 23.77 -35.34 -22.85
CA GLU A 699 24.50 -36.05 -23.90
C GLU A 699 24.63 -35.17 -25.14
N ASP A 700 23.58 -34.41 -25.47
CA ASP A 700 23.62 -33.47 -26.62
C ASP A 700 24.72 -32.43 -26.35
N ALA A 701 24.73 -31.89 -25.13
CA ALA A 701 25.72 -30.87 -24.79
C ALA A 701 27.17 -31.37 -24.86
N ILE A 702 27.40 -32.56 -24.34
CA ILE A 702 28.74 -33.15 -24.35
C ILE A 702 29.19 -33.35 -25.80
N LYS A 703 28.31 -33.91 -26.62
CA LYS A 703 28.62 -34.17 -28.03
C LYS A 703 28.95 -32.87 -28.76
N ASN A 704 28.28 -31.79 -28.38
CA ASN A 704 28.49 -30.51 -29.03
C ASN A 704 29.43 -29.56 -28.29
N ASN A 705 30.06 -30.04 -27.22
CA ASN A 705 30.97 -29.21 -26.46
C ASN A 705 30.24 -27.91 -26.04
N SER A 706 29.00 -28.06 -25.58
CA SER A 706 28.17 -26.93 -25.16
C SER A 706 28.19 -26.80 -23.63
N PHE A 707 29.11 -26.01 -23.10
CA PHE A 707 29.26 -25.86 -21.66
C PHE A 707 29.39 -24.41 -21.23
N TYR A 708 29.18 -24.17 -19.92
CA TYR A 708 29.38 -22.85 -19.35
C TYR A 708 30.73 -22.95 -18.64
N GLY A 709 31.68 -22.15 -19.07
CA GLY A 709 33.00 -22.15 -18.44
C GLY A 709 33.81 -23.42 -18.60
N SER A 710 34.92 -23.47 -17.90
CA SER A 710 35.79 -24.63 -17.97
C SER A 710 35.51 -25.63 -16.85
N GLU A 711 36.16 -26.78 -16.96
CA GLU A 711 36.00 -27.86 -16.00
C GLU A 711 36.35 -27.49 -14.56
N LEU A 712 35.54 -27.96 -13.60
CA LEU A 712 35.82 -27.74 -12.19
C LEU A 712 36.47 -29.04 -11.74
N LYS A 713 37.45 -28.95 -10.84
CA LYS A 713 38.12 -30.17 -10.40
C LYS A 713 38.75 -30.12 -9.02
N ILE A 714 38.66 -31.24 -8.31
CA ILE A 714 39.31 -31.40 -7.02
C ILE A 714 40.08 -32.72 -7.16
N GLU A 715 41.37 -32.71 -6.85
CA GLU A 715 42.15 -33.95 -6.97
C GLU A 715 43.11 -34.05 -5.81
N LYS A 716 43.12 -35.19 -5.14
CA LYS A 716 44.00 -35.41 -4.02
C LYS A 716 44.63 -36.79 -4.11
N GLY A 717 45.90 -36.90 -3.74
CA GLY A 717 46.55 -38.20 -3.79
C GLY A 717 47.09 -38.58 -5.16
N ASP A 718 47.27 -39.88 -5.37
CA ASP A 718 47.83 -40.41 -6.61
C ASP A 718 46.85 -41.44 -7.17
N LEU A 719 46.05 -41.07 -8.15
CA LEU A 719 45.06 -42.01 -8.68
C LEU A 719 45.65 -43.25 -9.32
N LYS A 720 46.66 -43.08 -10.16
CA LYS A 720 47.27 -44.24 -10.80
C LYS A 720 47.77 -45.23 -9.75
N LYS A 721 48.44 -44.74 -8.73
CA LYS A 721 48.94 -45.63 -7.68
C LYS A 721 47.77 -46.31 -6.97
N GLY A 722 46.72 -45.55 -6.66
CA GLY A 722 45.57 -46.12 -6.00
C GLY A 722 44.92 -47.25 -6.78
N PHE A 723 44.76 -47.07 -8.08
CA PHE A 723 44.15 -48.12 -8.90
C PHE A 723 45.06 -49.36 -9.02
N SER A 724 46.38 -49.17 -8.92
CA SER A 724 47.33 -50.30 -8.99
C SER A 724 47.21 -51.15 -7.73
N GLU A 725 46.98 -50.48 -6.60
CA GLU A 725 46.86 -51.11 -5.31
C GLU A 725 45.54 -51.85 -5.11
N ALA A 726 44.49 -51.42 -5.79
CA ALA A 726 43.17 -52.03 -5.65
C ALA A 726 43.00 -53.48 -6.06
N ASP A 727 42.30 -54.25 -5.23
CA ASP A 727 42.02 -55.64 -5.56
C ASP A 727 40.95 -55.66 -6.64
N ASN A 728 39.98 -54.75 -6.53
CA ASN A 728 38.86 -54.68 -7.47
C ASN A 728 38.64 -53.27 -8.01
N VAL A 729 38.07 -53.19 -9.22
CA VAL A 729 37.78 -51.90 -9.83
C VAL A 729 36.42 -51.98 -10.52
N VAL A 730 35.54 -51.04 -10.17
CA VAL A 730 34.21 -51.02 -10.76
C VAL A 730 34.02 -49.67 -11.47
N SER A 731 33.52 -49.73 -12.70
CA SER A 731 33.24 -48.52 -13.50
C SER A 731 31.76 -48.50 -13.84
N GLY A 732 31.17 -47.32 -13.94
CA GLY A 732 29.77 -47.25 -14.29
C GLY A 732 29.33 -45.84 -14.62
N GLU A 733 28.03 -45.68 -14.93
CA GLU A 733 27.45 -44.38 -15.23
C GLU A 733 26.16 -44.35 -14.41
N LEU A 734 25.75 -43.16 -13.97
CA LEU A 734 24.54 -43.02 -13.15
C LEU A 734 23.84 -41.72 -13.50
N TYR A 735 22.51 -41.69 -13.40
CA TYR A 735 21.79 -40.47 -13.71
C TYR A 735 20.81 -40.16 -12.59
N ILE A 736 20.67 -38.88 -12.28
CA ILE A 736 19.68 -38.47 -11.29
C ILE A 736 18.86 -37.34 -11.91
N GLY A 737 17.55 -37.57 -11.99
CA GLY A 737 16.65 -36.59 -12.56
C GLY A 737 16.50 -35.33 -11.73
N GLY A 738 15.95 -34.29 -12.36
CA GLY A 738 15.74 -33.00 -11.71
C GLY A 738 14.61 -33.00 -10.70
N GLN A 739 14.15 -31.81 -10.35
CA GLN A 739 13.09 -31.71 -9.37
C GLN A 739 12.48 -30.31 -9.44
N ASP A 740 11.15 -30.25 -9.34
CA ASP A 740 10.44 -28.97 -9.32
C ASP A 740 10.20 -28.61 -7.87
N HIS A 741 10.44 -27.35 -7.50
CA HIS A 741 10.30 -26.95 -6.10
C HIS A 741 8.93 -27.24 -5.50
N PHE A 742 7.90 -27.01 -6.30
CA PHE A 742 6.53 -27.17 -5.85
C PHE A 742 6.25 -26.51 -4.50
N TYR A 743 6.74 -25.28 -4.34
CA TYR A 743 6.37 -24.51 -3.15
C TYR A 743 4.85 -24.36 -3.33
N LEU A 744 4.08 -24.42 -2.24
CA LEU A 744 2.63 -24.36 -2.47
C LEU A 744 2.20 -22.99 -3.01
N GLU A 745 2.91 -21.93 -2.62
CA GLU A 745 2.63 -20.59 -3.15
C GLU A 745 3.63 -20.40 -4.32
N THR A 746 3.10 -20.18 -5.53
CA THR A 746 3.96 -19.96 -6.70
C THR A 746 4.57 -18.56 -6.63
N HIS A 747 5.38 -18.21 -7.62
CA HIS A 747 5.99 -16.89 -7.66
C HIS A 747 4.94 -15.79 -7.81
N CYS A 748 5.22 -14.65 -7.19
N CYS A 748 5.21 -14.66 -7.15
CA CYS A 748 4.31 -13.52 -7.29
CA CYS A 748 4.26 -13.55 -7.16
C CYS A 748 4.97 -12.22 -6.86
C CYS A 748 4.95 -12.23 -6.82
N THR A 749 4.60 -11.16 -7.56
CA THR A 749 5.09 -9.82 -7.27
C THR A 749 4.00 -8.79 -7.48
N ILE A 750 3.97 -7.78 -6.62
CA ILE A 750 3.08 -6.64 -6.77
C ILE A 750 4.08 -5.49 -6.85
N ALA A 751 3.94 -4.62 -7.85
CA ALA A 751 4.86 -3.47 -7.99
C ALA A 751 4.05 -2.20 -7.97
N ILE A 752 4.43 -1.28 -7.09
CA ILE A 752 3.71 -0.03 -6.94
C ILE A 752 4.58 1.15 -7.39
N PRO A 753 4.26 1.77 -8.55
CA PRO A 753 5.06 2.91 -9.00
C PRO A 753 4.57 4.16 -8.25
N LYS A 754 5.50 4.94 -7.70
CA LYS A 754 5.09 6.13 -6.94
C LYS A 754 4.88 7.36 -7.80
N GLY A 755 5.58 7.43 -8.93
CA GLY A 755 5.41 8.57 -9.82
C GLY A 755 6.40 9.69 -9.54
N GLU A 756 7.25 9.49 -8.54
CA GLU A 756 8.30 10.44 -8.15
C GLU A 756 9.69 9.88 -8.23
N GLU A 757 10.57 10.56 -8.97
CA GLU A 757 11.98 10.20 -9.01
C GLU A 757 12.28 8.75 -9.29
N GLY A 758 11.38 8.08 -10.00
CA GLY A 758 11.59 6.68 -10.32
C GLY A 758 11.33 5.67 -9.21
N GLU A 759 10.82 6.16 -8.07
CA GLU A 759 10.55 5.30 -6.92
C GLU A 759 9.54 4.21 -7.20
N MET A 760 9.79 3.04 -6.65
CA MET A 760 8.89 1.91 -6.80
C MET A 760 8.98 1.06 -5.53
N GLU A 761 7.83 0.58 -5.05
CA GLU A 761 7.79 -0.25 -3.85
C GLU A 761 7.21 -1.58 -4.31
N LEU A 762 7.91 -2.67 -4.03
CA LEU A 762 7.44 -3.98 -4.47
C LEU A 762 7.26 -4.93 -3.32
N PHE A 763 6.21 -5.73 -3.43
CA PHE A 763 5.90 -6.77 -2.45
C PHE A 763 6.19 -8.05 -3.22
N VAL A 764 7.12 -8.85 -2.71
CA VAL A 764 7.54 -10.01 -3.48
C VAL A 764 7.71 -11.28 -2.68
N SER A 765 7.36 -12.41 -3.31
CA SER A 765 7.58 -13.72 -2.69
C SER A 765 9.02 -14.11 -3.12
N THR A 766 10.02 -13.64 -2.37
CA THR A 766 11.41 -13.95 -2.74
C THR A 766 12.31 -14.14 -1.52
N GLN A 767 13.35 -14.94 -1.70
CA GLN A 767 14.36 -15.19 -0.67
C GLN A 767 15.49 -14.19 -0.85
N ASN A 768 15.38 -13.34 -1.86
CA ASN A 768 16.49 -12.44 -2.21
C ASN A 768 16.02 -11.02 -2.54
N ALA A 769 15.68 -10.26 -1.52
CA ALA A 769 15.21 -8.91 -1.74
C ALA A 769 16.28 -8.03 -2.34
N MET A 770 17.54 -8.32 -1.98
N MET A 770 17.56 -8.31 -2.00
CA MET A 770 18.64 -7.51 -2.49
CA MET A 770 18.67 -7.52 -2.50
C MET A 770 18.79 -7.61 -4.01
C MET A 770 18.80 -7.60 -4.02
N LYS A 771 18.80 -8.82 -4.55
CA LYS A 771 18.92 -8.95 -5.99
C LYS A 771 17.63 -8.50 -6.66
N THR A 772 16.48 -8.71 -6.02
CA THR A 772 15.25 -8.22 -6.63
C THR A 772 15.38 -6.72 -6.83
N GLN A 773 15.83 -6.06 -5.76
CA GLN A 773 16.00 -4.60 -5.77
C GLN A 773 16.97 -4.13 -6.86
N SER A 774 18.15 -4.74 -6.93
CA SER A 774 19.11 -4.29 -7.93
C SER A 774 18.74 -4.64 -9.36
N PHE A 775 18.11 -5.80 -9.58
CA PHE A 775 17.69 -6.19 -10.93
C PHE A 775 16.57 -5.26 -11.45
N VAL A 776 15.67 -4.88 -10.54
CA VAL A 776 14.58 -3.98 -10.93
C VAL A 776 15.19 -2.61 -11.27
N ALA A 777 16.10 -2.15 -10.42
CA ALA A 777 16.73 -0.85 -10.66
C ALA A 777 17.53 -0.87 -11.97
N LYS A 778 18.22 -1.97 -12.22
CA LYS A 778 19.02 -2.09 -13.46
C LYS A 778 18.14 -2.03 -14.70
N MET A 779 16.99 -2.71 -14.67
CA MET A 779 16.08 -2.70 -15.80
C MET A 779 15.48 -1.33 -16.01
N LEU A 780 15.14 -0.66 -14.91
CA LEU A 780 14.55 0.68 -15.01
C LEU A 780 15.56 1.77 -15.33
N GLY A 781 16.82 1.49 -15.04
CA GLY A 781 17.87 2.46 -15.25
C GLY A 781 17.87 3.54 -14.17
N VAL A 782 17.54 3.16 -12.94
CA VAL A 782 17.54 4.13 -11.83
C VAL A 782 18.44 3.63 -10.72
N PRO A 783 18.86 4.53 -9.81
CA PRO A 783 19.73 4.11 -8.71
C PRO A 783 19.00 3.11 -7.79
N VAL A 784 19.78 2.23 -7.19
CA VAL A 784 19.21 1.22 -6.29
C VAL A 784 18.43 1.86 -5.13
N ASN A 785 18.87 3.04 -4.67
CA ASN A 785 18.16 3.71 -3.56
C ASN A 785 16.72 4.17 -3.87
N ARG A 786 16.23 3.98 -5.10
CA ARG A 786 14.86 4.38 -5.45
C ARG A 786 13.90 3.23 -5.31
N ILE A 787 14.46 2.04 -5.15
CA ILE A 787 13.66 0.82 -5.14
C ILE A 787 13.54 0.18 -3.78
N LEU A 788 12.30 -0.06 -3.35
CA LEU A 788 12.06 -0.67 -2.03
C LEU A 788 11.42 -2.03 -2.23
N VAL A 789 12.04 -3.08 -1.69
CA VAL A 789 11.48 -4.42 -1.80
C VAL A 789 11.15 -4.90 -0.39
N ARG A 790 9.92 -5.40 -0.24
CA ARG A 790 9.40 -5.84 1.03
C ARG A 790 8.92 -7.28 0.92
N VAL A 791 9.38 -8.12 1.85
CA VAL A 791 9.00 -9.52 1.90
C VAL A 791 8.45 -9.87 3.28
N LYS A 792 7.15 -10.16 3.34
CA LYS A 792 6.53 -10.54 4.61
C LYS A 792 6.85 -12.03 4.84
N ARG A 793 6.42 -12.87 3.90
CA ARG A 793 6.69 -14.30 4.00
C ARG A 793 6.44 -14.95 2.65
N MET A 794 6.98 -16.15 2.49
CA MET A 794 6.77 -16.93 1.27
C MET A 794 6.06 -18.21 1.67
N GLY A 795 5.17 -18.68 0.81
CA GLY A 795 4.51 -19.96 1.04
C GLY A 795 5.44 -21.01 0.42
N GLY A 796 6.65 -21.08 0.94
CA GLY A 796 7.67 -22.01 0.44
C GLY A 796 8.62 -21.29 -0.52
N GLY A 797 9.89 -21.71 -0.50
CA GLY A 797 10.91 -21.13 -1.38
C GLY A 797 11.79 -22.26 -1.88
N PHE A 798 12.43 -22.95 -0.93
CA PHE A 798 13.27 -24.13 -1.21
C PHE A 798 14.42 -23.88 -2.21
N GLY A 799 14.79 -22.61 -2.36
CA GLY A 799 15.88 -22.24 -3.26
C GLY A 799 15.33 -21.71 -4.58
N GLY A 800 14.11 -22.10 -4.90
CA GLY A 800 13.48 -21.68 -6.14
C GLY A 800 13.16 -20.19 -6.19
N LYS A 801 13.18 -19.53 -5.02
CA LYS A 801 12.90 -18.10 -4.99
C LYS A 801 14.15 -17.31 -4.62
N GLU A 802 15.32 -17.97 -4.73
CA GLU A 802 16.59 -17.31 -4.43
C GLU A 802 17.01 -16.36 -5.54
N THR A 803 16.79 -16.78 -6.80
CA THR A 803 17.11 -15.90 -7.92
C THR A 803 15.97 -15.82 -8.96
N ARG A 804 15.31 -16.95 -9.23
CA ARG A 804 14.35 -16.95 -10.32
C ARG A 804 13.08 -16.14 -10.11
N SER A 805 12.85 -15.69 -8.88
CA SER A 805 11.69 -14.83 -8.62
C SER A 805 11.83 -13.52 -9.42
N THR A 806 13.06 -13.16 -9.81
CA THR A 806 13.19 -11.89 -10.55
C THR A 806 12.61 -11.94 -11.96
N LEU A 807 12.42 -13.13 -12.51
CA LEU A 807 11.83 -13.26 -13.86
C LEU A 807 10.47 -12.56 -13.84
N VAL A 808 9.73 -12.80 -12.76
CA VAL A 808 8.42 -12.18 -12.61
C VAL A 808 8.53 -10.74 -12.10
N SER A 809 9.35 -10.52 -11.07
CA SER A 809 9.46 -9.18 -10.51
C SER A 809 9.82 -8.10 -11.50
N VAL A 810 10.81 -8.39 -12.34
CA VAL A 810 11.25 -7.38 -13.30
C VAL A 810 10.19 -7.08 -14.35
N ALA A 811 9.47 -8.12 -14.80
CA ALA A 811 8.40 -7.89 -15.78
C ALA A 811 7.28 -7.03 -15.14
N VAL A 812 6.89 -7.35 -13.91
CA VAL A 812 5.84 -6.60 -13.24
C VAL A 812 6.30 -5.15 -12.99
N ALA A 813 7.57 -4.99 -12.62
CA ALA A 813 8.10 -3.64 -12.40
C ALA A 813 8.04 -2.85 -13.71
N LEU A 814 8.37 -3.47 -14.85
CA LEU A 814 8.30 -2.72 -16.10
C LEU A 814 6.86 -2.30 -16.38
N ALA A 815 5.91 -3.19 -16.10
CA ALA A 815 4.50 -2.85 -16.35
C ALA A 815 4.04 -1.67 -15.50
N ALA A 816 4.47 -1.63 -14.24
CA ALA A 816 4.13 -0.54 -13.33
C ALA A 816 4.76 0.74 -13.86
N TYR A 817 6.02 0.65 -14.28
CA TYR A 817 6.70 1.85 -14.81
C TYR A 817 6.01 2.38 -16.06
N LYS A 818 5.66 1.48 -16.99
CA LYS A 818 5.06 1.93 -18.24
C LYS A 818 3.64 2.44 -18.08
N THR A 819 2.83 1.79 -17.23
CA THR A 819 1.46 2.23 -17.10
C THR A 819 1.25 3.32 -16.04
N GLY A 820 2.12 3.38 -15.04
CA GLY A 820 1.94 4.33 -13.96
C GLY A 820 0.95 3.77 -12.93
N HIS A 821 0.50 2.55 -13.15
CA HIS A 821 -0.45 1.91 -12.21
C HIS A 821 0.20 0.78 -11.45
N PRO A 822 -0.37 0.43 -10.27
CA PRO A 822 0.17 -0.70 -9.51
C PRO A 822 -0.13 -1.89 -10.47
N VAL A 823 0.71 -2.92 -10.44
CA VAL A 823 0.49 -4.10 -11.30
C VAL A 823 0.92 -5.33 -10.51
N ARG A 824 0.24 -6.47 -10.72
CA ARG A 824 0.66 -7.70 -10.04
C ARG A 824 0.58 -8.89 -10.95
N CYS A 825 1.31 -9.94 -10.56
CA CYS A 825 1.29 -11.21 -11.27
C CYS A 825 1.63 -12.32 -10.32
N MET A 826 0.76 -13.32 -10.26
CA MET A 826 1.04 -14.54 -9.50
C MET A 826 1.02 -15.62 -10.58
N LEU A 827 2.04 -16.46 -10.65
CA LEU A 827 2.06 -17.49 -11.67
C LEU A 827 1.11 -18.64 -11.43
N ASP A 828 0.49 -19.15 -12.50
CA ASP A 828 -0.32 -20.36 -12.35
C ASP A 828 0.74 -21.47 -12.22
N ARG A 829 0.36 -22.60 -11.67
CA ARG A 829 1.31 -23.69 -11.49
C ARG A 829 2.00 -24.14 -12.79
N ASN A 830 1.27 -24.21 -13.90
CA ASN A 830 1.90 -24.68 -15.12
C ASN A 830 2.93 -23.70 -15.66
N GLU A 831 2.71 -22.40 -15.47
CA GLU A 831 3.70 -21.40 -15.88
C GLU A 831 4.91 -21.55 -14.98
N ASP A 832 4.66 -21.68 -13.68
CA ASP A 832 5.74 -21.80 -12.70
C ASP A 832 6.66 -22.98 -13.00
N MET A 833 6.08 -24.15 -13.25
CA MET A 833 6.91 -25.32 -13.51
C MET A 833 7.67 -25.21 -14.82
N LEU A 834 7.07 -24.55 -15.79
CA LEU A 834 7.72 -24.42 -17.10
C LEU A 834 8.90 -23.44 -17.12
N ILE A 835 8.66 -22.27 -16.53
CA ILE A 835 9.59 -21.15 -16.59
C ILE A 835 10.70 -20.99 -15.58
N THR A 836 10.37 -21.26 -14.32
CA THR A 836 11.28 -20.91 -13.25
C THR A 836 12.46 -21.78 -12.88
N GLY A 837 12.64 -22.91 -13.54
CA GLY A 837 13.79 -23.77 -13.25
C GLY A 837 13.60 -24.67 -12.05
N GLY A 838 14.46 -25.68 -11.92
CA GLY A 838 14.35 -26.57 -10.80
C GLY A 838 15.73 -27.09 -10.44
N ARG A 839 15.75 -28.24 -9.80
CA ARG A 839 17.01 -28.86 -9.45
C ARG A 839 17.72 -29.32 -10.73
N HIS A 840 19.05 -29.32 -10.67
CA HIS A 840 19.85 -29.76 -11.81
C HIS A 840 19.94 -31.28 -11.96
N PRO A 841 19.54 -31.81 -13.12
CA PRO A 841 19.67 -33.26 -13.35
C PRO A 841 21.21 -33.44 -13.40
N PHE A 842 21.72 -34.58 -12.98
CA PHE A 842 23.18 -34.85 -13.05
C PHE A 842 23.42 -36.18 -13.71
N LEU A 843 24.48 -36.25 -14.52
CA LEU A 843 24.91 -37.50 -15.14
C LEU A 843 26.31 -37.69 -14.56
N ALA A 844 26.65 -38.91 -14.13
CA ALA A 844 28.00 -39.14 -13.60
C ALA A 844 28.63 -40.38 -14.21
N ARG A 845 29.93 -40.29 -14.46
CA ARG A 845 30.68 -41.44 -14.97
C ARG A 845 31.71 -41.64 -13.86
N TYR A 846 31.75 -42.83 -13.27
CA TYR A 846 32.64 -43.09 -12.15
C TYR A 846 33.48 -44.35 -12.29
N LYS A 847 34.50 -44.45 -11.44
CA LYS A 847 35.41 -45.59 -11.42
C LYS A 847 35.96 -45.65 -10.01
N VAL A 848 35.74 -46.75 -9.31
CA VAL A 848 36.20 -46.87 -7.95
C VAL A 848 37.05 -48.13 -7.74
N GLY A 849 38.17 -47.94 -7.03
CA GLY A 849 39.09 -49.04 -6.75
C GLY A 849 39.04 -49.34 -5.26
N PHE A 850 38.93 -50.62 -4.93
CA PHE A 850 38.81 -51.01 -3.54
C PHE A 850 39.44 -52.37 -3.27
N MET A 851 39.67 -52.66 -1.98
CA MET A 851 40.26 -53.93 -1.58
C MET A 851 39.13 -54.95 -1.34
N LYS A 852 39.49 -56.23 -1.22
CA LYS A 852 38.49 -57.27 -0.99
C LYS A 852 37.75 -57.03 0.31
N THR A 853 38.35 -56.25 1.18
CA THR A 853 37.77 -55.93 2.49
C THR A 853 36.69 -54.84 2.37
N GLY A 854 36.64 -54.17 1.23
CA GLY A 854 35.66 -53.12 1.04
C GLY A 854 36.26 -51.73 1.21
N THR A 855 37.53 -51.68 1.62
CA THR A 855 38.22 -50.41 1.80
C THR A 855 38.47 -49.72 0.46
N ILE A 856 38.12 -48.44 0.37
CA ILE A 856 38.28 -47.68 -0.87
C ILE A 856 39.69 -47.12 -1.01
N VAL A 857 40.32 -47.34 -2.16
CA VAL A 857 41.68 -46.84 -2.34
C VAL A 857 41.81 -45.85 -3.47
N ALA A 858 40.81 -45.76 -4.34
CA ALA A 858 40.85 -44.80 -5.44
C ALA A 858 39.45 -44.52 -5.96
N LEU A 859 39.23 -43.29 -6.41
CA LEU A 859 37.93 -42.92 -6.94
C LEU A 859 38.02 -41.77 -7.90
N GLU A 860 37.41 -41.95 -9.06
CA GLU A 860 37.33 -40.91 -10.09
C GLU A 860 35.84 -40.75 -10.43
N VAL A 861 35.36 -39.51 -10.46
CA VAL A 861 33.97 -39.25 -10.80
C VAL A 861 33.90 -37.98 -11.63
N ASP A 862 33.34 -38.09 -12.83
CA ASP A 862 33.16 -36.93 -13.70
C ASP A 862 31.66 -36.61 -13.65
N HIS A 863 31.32 -35.41 -13.15
CA HIS A 863 29.92 -34.96 -13.03
C HIS A 863 29.50 -34.02 -14.17
N TYR A 864 28.26 -34.15 -14.65
CA TYR A 864 27.75 -33.25 -15.67
C TYR A 864 26.36 -32.84 -15.24
N SER A 865 26.10 -31.54 -15.18
CA SER A 865 24.78 -31.08 -14.78
C SER A 865 24.08 -30.42 -15.97
N ASN A 866 22.75 -30.50 -16.04
CA ASN A 866 22.06 -29.84 -17.14
C ASN A 866 21.68 -28.47 -16.56
N ALA A 867 22.38 -27.44 -17.00
CA ALA A 867 22.19 -26.09 -16.46
C ALA A 867 21.10 -25.25 -17.11
N GLY A 868 20.68 -25.61 -18.31
CA GLY A 868 19.66 -24.80 -18.96
C GLY A 868 20.23 -23.60 -19.72
N ASN A 869 19.37 -22.61 -19.99
CA ASN A 869 19.75 -21.46 -20.82
C ASN A 869 20.47 -20.23 -20.23
N SER A 870 20.92 -20.33 -18.98
CA SER A 870 21.73 -19.26 -18.39
C SER A 870 22.56 -19.89 -17.28
N ARG A 871 23.58 -19.16 -16.81
CA ARG A 871 24.43 -19.68 -15.76
C ARG A 871 23.72 -19.75 -14.40
N ASP A 872 23.16 -18.62 -13.99
CA ASP A 872 22.51 -18.54 -12.68
C ASP A 872 23.43 -19.15 -11.61
N LEU A 873 22.93 -20.02 -10.74
CA LEU A 873 23.77 -20.58 -9.68
C LEU A 873 24.43 -21.92 -10.03
N SER A 874 24.41 -22.28 -11.31
CA SER A 874 24.96 -23.58 -11.71
C SER A 874 26.41 -23.85 -11.31
N HIS A 875 27.24 -22.83 -11.32
CA HIS A 875 28.66 -23.07 -10.99
C HIS A 875 28.83 -23.39 -9.51
N SER A 876 28.22 -22.58 -8.65
CA SER A 876 28.32 -22.82 -7.21
C SER A 876 27.69 -24.16 -6.84
N ILE A 877 26.61 -24.52 -7.51
CA ILE A 877 25.98 -25.80 -7.26
C ILE A 877 26.96 -26.94 -7.58
N MET A 878 27.68 -26.83 -8.69
CA MET A 878 28.65 -27.87 -9.04
C MET A 878 29.81 -27.87 -8.03
N GLU A 879 30.19 -26.70 -7.52
CA GLU A 879 31.25 -26.65 -6.50
C GLU A 879 30.77 -27.38 -5.25
N ARG A 880 29.53 -27.14 -4.83
CA ARG A 880 29.04 -27.86 -3.66
C ARG A 880 28.96 -29.37 -3.94
N ALA A 881 28.60 -29.74 -5.16
CA ALA A 881 28.55 -31.17 -5.50
C ALA A 881 29.96 -31.75 -5.31
N LEU A 882 30.97 -31.08 -5.84
CA LEU A 882 32.35 -31.60 -5.68
C LEU A 882 32.78 -31.67 -4.22
N PHE A 883 32.35 -30.70 -3.42
CA PHE A 883 32.67 -30.68 -1.98
C PHE A 883 32.01 -31.86 -1.23
N HIS A 884 31.02 -32.50 -1.83
CA HIS A 884 30.34 -33.60 -1.15
C HIS A 884 30.44 -34.96 -1.83
N MET A 885 31.34 -35.10 -2.80
CA MET A 885 31.45 -36.39 -3.49
C MET A 885 32.03 -37.50 -2.59
N ASP A 886 32.53 -37.13 -1.41
CA ASP A 886 33.08 -38.08 -0.44
C ASP A 886 32.03 -38.60 0.54
N ASN A 887 30.91 -37.90 0.63
CA ASN A 887 29.90 -38.14 1.67
C ASN A 887 30.66 -38.24 3.00
N CYS A 888 30.65 -39.39 3.68
CA CYS A 888 31.35 -39.51 4.97
C CYS A 888 32.53 -40.47 4.94
N TYR A 889 33.08 -40.67 3.75
CA TYR A 889 34.16 -41.66 3.57
C TYR A 889 35.52 -41.09 3.20
N LYS A 890 36.55 -41.63 3.85
CA LYS A 890 37.94 -41.21 3.60
C LYS A 890 38.41 -41.95 2.36
N ILE A 891 38.82 -41.20 1.35
CA ILE A 891 39.29 -41.78 0.08
C ILE A 891 40.67 -41.16 -0.17
N PRO A 892 41.74 -41.94 0.05
CA PRO A 892 43.10 -41.40 -0.14
C PRO A 892 43.49 -40.81 -1.50
N ASN A 893 43.00 -41.42 -2.57
CA ASN A 893 43.30 -40.98 -3.93
C ASN A 893 41.96 -40.74 -4.59
N ILE A 894 41.72 -39.50 -4.95
CA ILE A 894 40.41 -39.13 -5.49
C ILE A 894 40.49 -37.98 -6.46
N ARG A 895 39.67 -38.06 -7.50
CA ARG A 895 39.61 -37.04 -8.50
C ARG A 895 38.17 -36.83 -8.91
N GLY A 896 37.66 -35.61 -8.74
CA GLY A 896 36.28 -35.37 -9.15
C GLY A 896 36.28 -34.18 -10.06
N THR A 897 35.53 -34.25 -11.16
CA THR A 897 35.43 -33.13 -12.07
C THR A 897 33.97 -32.79 -12.28
N GLY A 898 33.72 -31.60 -12.78
CA GLY A 898 32.36 -31.19 -13.06
C GLY A 898 32.28 -30.26 -14.25
N ARG A 899 31.20 -30.38 -15.03
CA ARG A 899 30.99 -29.51 -16.19
C ARG A 899 29.53 -29.12 -16.20
N LEU A 900 29.27 -27.88 -16.60
CA LEU A 900 27.91 -27.35 -16.66
C LEU A 900 27.45 -27.39 -18.10
N CYS A 901 26.42 -28.17 -18.39
CA CYS A 901 25.93 -28.25 -19.76
C CYS A 901 24.99 -27.10 -20.10
N LYS A 902 25.33 -26.40 -21.18
CA LYS A 902 24.55 -25.27 -21.65
C LYS A 902 23.52 -25.84 -22.61
N THR A 903 22.24 -25.70 -22.27
CA THR A 903 21.16 -26.28 -23.07
C THR A 903 19.96 -25.33 -23.27
N ASN A 904 19.09 -25.73 -24.20
CA ASN A 904 17.90 -24.96 -24.52
C ASN A 904 16.72 -25.44 -23.68
N LEU A 905 16.87 -25.24 -22.38
CA LEU A 905 15.86 -25.58 -21.38
C LEU A 905 15.87 -24.43 -20.40
N SER A 906 14.79 -24.29 -19.65
CA SER A 906 14.75 -23.24 -18.64
C SER A 906 15.95 -23.41 -17.73
N SER A 907 16.53 -22.29 -17.30
CA SER A 907 17.70 -22.29 -16.46
C SER A 907 17.47 -22.93 -15.11
N ASN A 908 18.26 -23.96 -14.77
CA ASN A 908 18.09 -24.57 -13.47
C ASN A 908 18.78 -23.77 -12.38
N THR A 909 18.37 -23.98 -11.14
CA THR A 909 18.84 -23.10 -10.07
C THR A 909 19.00 -23.83 -8.74
N ALA A 910 19.03 -23.06 -7.66
CA ALA A 910 19.13 -23.60 -6.32
C ALA A 910 17.89 -24.40 -5.95
N PHE A 911 18.11 -25.55 -5.33
CA PHE A 911 17.02 -26.35 -4.80
C PHE A 911 17.64 -27.00 -3.55
N ARG A 912 17.02 -26.81 -2.39
CA ARG A 912 17.43 -27.39 -1.10
C ARG A 912 18.49 -28.52 -1.25
N GLY A 913 19.73 -28.24 -0.87
CA GLY A 913 20.78 -29.27 -1.06
C GLY A 913 21.84 -28.67 -1.97
N PHE A 914 21.37 -27.94 -2.99
CA PHE A 914 22.27 -27.18 -3.88
C PHE A 914 23.46 -27.99 -4.42
N GLY A 915 23.17 -29.08 -5.13
CA GLY A 915 24.25 -29.89 -5.68
C GLY A 915 24.72 -31.00 -4.75
N GLY A 916 24.55 -30.81 -3.45
CA GLY A 916 24.96 -31.84 -2.50
C GLY A 916 24.22 -33.16 -2.66
N PRO A 917 22.89 -33.15 -2.71
CA PRO A 917 22.15 -34.42 -2.86
C PRO A 917 22.62 -35.24 -4.06
N GLN A 918 22.86 -34.58 -5.19
CA GLN A 918 23.28 -35.29 -6.39
C GLN A 918 24.63 -35.97 -6.18
N ALA A 919 25.60 -35.23 -5.64
CA ALA A 919 26.93 -35.79 -5.42
C ALA A 919 26.89 -36.89 -4.36
N LEU A 920 26.11 -36.68 -3.31
CA LEU A 920 26.00 -37.66 -2.23
C LEU A 920 25.35 -38.95 -2.75
N PHE A 921 24.37 -38.82 -3.65
CA PHE A 921 23.68 -39.95 -4.24
C PHE A 921 24.67 -40.78 -5.07
N ILE A 922 25.48 -40.09 -5.88
CA ILE A 922 26.48 -40.78 -6.71
C ILE A 922 27.45 -41.52 -5.79
N ALA A 923 27.88 -40.89 -4.71
CA ALA A 923 28.80 -41.54 -3.77
C ALA A 923 28.18 -42.82 -3.18
N GLU A 924 26.96 -42.73 -2.69
CA GLU A 924 26.34 -43.90 -2.10
C GLU A 924 26.06 -44.99 -3.13
N ASN A 925 25.89 -44.61 -4.39
CA ASN A 925 25.65 -45.62 -5.40
C ASN A 925 26.92 -46.47 -5.59
N TRP A 926 28.09 -45.85 -5.74
CA TRP A 926 29.26 -46.71 -5.91
C TRP A 926 29.60 -47.44 -4.62
N MET A 927 29.30 -46.86 -3.47
CA MET A 927 29.57 -47.52 -2.20
C MET A 927 28.68 -48.77 -2.09
N SER A 928 27.45 -48.66 -2.55
CA SER A 928 26.56 -49.82 -2.51
C SER A 928 27.09 -50.90 -3.45
N GLU A 929 27.75 -50.52 -4.54
CA GLU A 929 28.27 -51.51 -5.48
C GLU A 929 29.56 -52.17 -4.95
N VAL A 930 30.29 -51.44 -4.13
CA VAL A 930 31.51 -51.97 -3.53
C VAL A 930 31.12 -53.09 -2.56
N ALA A 931 30.08 -52.83 -1.77
CA ALA A 931 29.61 -53.83 -0.81
C ALA A 931 29.14 -55.10 -1.54
N VAL A 932 28.34 -54.94 -2.58
CA VAL A 932 27.85 -56.07 -3.35
C VAL A 932 29.00 -56.86 -3.98
N THR A 933 29.93 -56.15 -4.60
CA THR A 933 31.06 -56.80 -5.25
C THR A 933 31.92 -57.57 -4.25
N CYS A 934 32.08 -57.02 -3.04
CA CYS A 934 32.89 -57.67 -2.01
C CYS A 934 32.17 -58.78 -1.28
N GLY A 935 30.84 -58.85 -1.42
CA GLY A 935 30.07 -59.87 -0.73
C GLY A 935 30.05 -59.63 0.77
N LEU A 936 30.07 -58.36 1.15
CA LEU A 936 30.07 -57.96 2.56
C LEU A 936 28.86 -57.09 2.89
N PRO A 937 28.40 -57.15 4.16
CA PRO A 937 27.26 -56.36 4.65
C PRO A 937 27.54 -54.89 4.35
N ALA A 938 26.56 -54.19 3.79
CA ALA A 938 26.78 -52.79 3.43
C ALA A 938 27.16 -51.91 4.61
N GLU A 939 26.54 -52.13 5.75
CA GLU A 939 26.85 -51.29 6.91
C GLU A 939 28.30 -51.47 7.37
N GLU A 940 28.87 -52.65 7.17
CA GLU A 940 30.26 -52.88 7.58
C GLU A 940 31.21 -52.15 6.65
N VAL A 941 30.90 -52.17 5.36
CA VAL A 941 31.74 -51.53 4.38
C VAL A 941 31.66 -50.01 4.56
N ARG A 942 30.47 -49.50 4.89
CA ARG A 942 30.36 -48.07 5.12
C ARG A 942 31.15 -47.67 6.38
N TRP A 943 30.93 -48.40 7.47
CA TRP A 943 31.63 -48.08 8.70
C TRP A 943 33.15 -48.08 8.58
N LYS A 944 33.70 -49.11 7.95
CA LYS A 944 35.15 -49.17 7.84
C LYS A 944 35.77 -48.11 6.93
N ASN A 945 34.95 -47.45 6.10
CA ASN A 945 35.45 -46.40 5.21
C ASN A 945 35.16 -45.00 5.76
N MET A 946 34.42 -44.93 6.85
CA MET A 946 34.05 -43.66 7.45
C MET A 946 35.23 -42.87 8.00
N TYR A 947 35.17 -41.55 7.85
CA TYR A 947 36.20 -40.69 8.39
C TYR A 947 36.21 -40.86 9.90
N LYS A 948 37.29 -40.40 10.53
CA LYS A 948 37.39 -40.40 11.98
C LYS A 948 37.66 -38.94 12.38
N GLU A 949 37.40 -38.63 13.65
CA GLU A 949 37.63 -37.30 14.20
C GLU A 949 39.03 -36.80 13.82
N GLY A 950 39.12 -35.59 13.28
CA GLY A 950 40.41 -35.03 12.93
C GLY A 950 40.93 -35.33 11.53
N ASP A 951 40.25 -36.21 10.80
CA ASP A 951 40.69 -36.52 9.43
C ASP A 951 40.47 -35.29 8.53
N LEU A 952 41.16 -35.26 7.40
CA LEU A 952 40.97 -34.19 6.44
C LEU A 952 40.11 -34.72 5.31
N THR A 953 39.26 -33.86 4.74
CA THR A 953 38.42 -34.27 3.64
C THR A 953 39.29 -34.22 2.37
N HIS A 954 38.69 -34.52 1.21
CA HIS A 954 39.41 -34.50 -0.07
C HIS A 954 39.77 -33.06 -0.45
N PHE A 955 39.11 -32.09 0.17
CA PHE A 955 39.45 -30.68 -0.06
C PHE A 955 40.28 -30.13 1.11
N ASN A 956 40.88 -31.07 1.84
CA ASN A 956 41.79 -30.79 2.95
C ASN A 956 41.32 -30.01 4.17
N GLN A 957 40.03 -30.07 4.46
CA GLN A 957 39.52 -29.37 5.63
C GLN A 957 39.41 -30.39 6.75
N ARG A 958 39.85 -30.00 7.93
CA ARG A 958 39.80 -30.91 9.07
C ARG A 958 38.40 -31.08 9.61
N LEU A 959 38.04 -32.32 9.93
CA LEU A 959 36.73 -32.64 10.48
C LEU A 959 36.83 -32.60 11.99
N GLU A 960 36.40 -31.48 12.58
CA GLU A 960 36.42 -31.27 14.02
C GLU A 960 35.01 -31.41 14.56
N GLY A 961 34.84 -32.28 15.56
CA GLY A 961 33.52 -32.52 16.12
C GLY A 961 32.72 -33.35 15.14
N PHE A 962 33.35 -34.38 14.58
CA PHE A 962 32.73 -35.26 13.59
C PHE A 962 31.86 -36.25 14.38
N SER A 963 30.54 -36.02 14.33
CA SER A 963 29.62 -36.83 15.11
C SER A 963 28.93 -37.98 14.39
N VAL A 964 29.27 -38.22 13.13
CA VAL A 964 28.63 -39.31 12.41
C VAL A 964 28.72 -40.65 13.18
N PRO A 965 29.91 -40.98 13.74
CA PRO A 965 30.01 -42.25 14.49
C PRO A 965 28.93 -42.39 15.57
N ARG A 966 28.70 -41.34 16.35
CA ARG A 966 27.66 -41.39 17.39
C ARG A 966 26.27 -41.52 16.75
N CYS A 967 26.02 -40.75 15.69
CA CYS A 967 24.72 -40.83 15.03
C CYS A 967 24.49 -42.23 14.50
N TRP A 968 25.54 -42.82 13.95
CA TRP A 968 25.51 -44.14 13.36
C TRP A 968 25.25 -45.23 14.41
N ASP A 969 26.05 -45.23 15.47
CA ASP A 969 25.83 -46.24 16.49
C ASP A 969 24.47 -46.07 17.15
N GLU A 970 24.04 -44.84 17.41
CA GLU A 970 22.74 -44.65 18.04
C GLU A 970 21.60 -45.05 17.10
N CYS A 971 21.73 -44.75 15.81
CA CYS A 971 20.69 -45.13 14.87
C CYS A 971 20.63 -46.65 14.75
N LEU A 972 21.79 -47.30 14.63
CA LEU A 972 21.78 -48.76 14.53
C LEU A 972 21.03 -49.36 15.71
N LYS A 973 21.29 -48.83 16.90
CA LYS A 973 20.66 -49.31 18.11
C LYS A 973 19.16 -49.01 18.23
N SER A 974 18.77 -47.75 18.10
CA SER A 974 17.35 -47.42 18.25
C SER A 974 16.47 -47.97 17.12
N SER A 975 17.05 -48.16 15.95
CA SER A 975 16.29 -48.70 14.82
C SER A 975 16.28 -50.23 14.85
N GLN A 976 17.07 -50.82 15.75
CA GLN A 976 17.18 -52.28 15.84
C GLN A 976 17.54 -52.87 14.48
N TYR A 977 18.47 -52.20 13.82
CA TYR A 977 18.92 -52.58 12.49
C TYR A 977 19.25 -54.07 12.31
N TYR A 978 20.08 -54.61 13.18
CA TYR A 978 20.48 -56.00 13.05
C TYR A 978 19.34 -57.00 13.16
N ALA A 979 18.47 -56.82 14.15
CA ALA A 979 17.35 -57.71 14.33
C ALA A 979 16.42 -57.63 13.12
N ARG A 980 16.19 -56.42 12.61
CA ARG A 980 15.31 -56.27 11.47
C ARG A 980 15.93 -56.80 10.17
N LYS A 981 17.24 -56.78 10.10
CA LYS A 981 17.89 -57.29 8.90
C LYS A 981 17.53 -58.77 8.72
N SER A 982 17.48 -59.53 9.81
CA SER A 982 17.15 -60.95 9.67
C SER A 982 15.66 -61.16 9.36
N GLU A 983 14.83 -60.25 9.86
CA GLU A 983 13.39 -60.34 9.61
C GLU A 983 13.12 -60.04 8.14
N VAL A 984 13.90 -59.14 7.56
CA VAL A 984 13.76 -58.79 6.15
C VAL A 984 14.13 -60.01 5.31
N ASP A 985 15.24 -60.65 5.65
CA ASP A 985 15.67 -61.85 4.92
C ASP A 985 14.62 -62.95 4.99
N LYS A 986 14.01 -63.09 6.15
CA LYS A 986 12.98 -64.10 6.34
C LYS A 986 11.77 -63.79 5.46
N PHE A 987 11.35 -62.52 5.46
CA PHE A 987 10.20 -62.12 4.65
C PHE A 987 10.42 -62.45 3.18
N ASN A 988 11.64 -62.19 2.70
CA ASN A 988 11.98 -62.44 1.30
C ASN A 988 12.00 -63.92 0.94
N LYS A 989 12.25 -64.77 1.93
CA LYS A 989 12.23 -66.21 1.70
C LYS A 989 10.79 -66.68 1.59
N GLU A 990 9.91 -66.04 2.35
CA GLU A 990 8.50 -66.42 2.38
C GLU A 990 7.61 -65.77 1.34
N ASN A 991 8.16 -64.84 0.57
CA ASN A 991 7.36 -64.14 -0.43
C ASN A 991 8.06 -64.10 -1.76
N CYS A 992 7.34 -64.50 -2.78
N CYS A 992 7.34 -64.55 -2.87
CA CYS A 992 7.85 -64.54 -4.12
CA CYS A 992 7.91 -64.53 -4.21
C CYS A 992 7.62 -63.27 -4.94
C CYS A 992 7.65 -63.24 -4.99
N TRP A 993 6.50 -62.59 -4.70
CA TRP A 993 6.15 -61.43 -5.50
C TRP A 993 6.13 -60.10 -4.77
N LYS A 994 6.65 -60.11 -3.55
CA LYS A 994 6.83 -58.92 -2.73
C LYS A 994 8.18 -59.12 -2.03
N LYS A 995 8.93 -58.04 -1.85
CA LYS A 995 10.23 -58.15 -1.20
C LYS A 995 10.45 -56.93 -0.33
N ARG A 996 11.25 -57.12 0.72
CA ARG A 996 11.60 -56.03 1.60
C ARG A 996 13.07 -55.68 1.46
N GLY A 997 13.39 -54.43 1.80
CA GLY A 997 14.75 -53.94 1.70
C GLY A 997 15.02 -53.04 2.87
N LEU A 998 16.28 -52.96 3.28
CA LEU A 998 16.69 -52.17 4.43
C LEU A 998 18.04 -51.54 4.15
N CYS A 999 18.20 -50.27 4.52
CA CYS A 999 19.49 -49.62 4.31
C CYS A 999 19.70 -48.48 5.31
N ILE A 1000 20.92 -48.35 5.79
CA ILE A 1000 21.24 -47.28 6.71
C ILE A 1000 22.37 -46.47 6.07
N ILE A 1001 22.17 -45.17 5.94
CA ILE A 1001 23.20 -44.34 5.35
C ILE A 1001 23.45 -43.08 6.15
N PRO A 1002 24.70 -42.58 6.09
CA PRO A 1002 25.09 -41.37 6.80
C PRO A 1002 25.14 -40.18 5.85
N THR A 1003 25.32 -39.00 6.42
CA THR A 1003 25.51 -37.82 5.62
C THR A 1003 26.22 -36.74 6.42
N LYS A 1004 26.93 -35.88 5.69
CA LYS A 1004 27.56 -34.71 6.29
C LYS A 1004 27.29 -33.64 5.26
N PHE A 1005 27.06 -32.42 5.72
CA PHE A 1005 26.76 -31.31 4.82
C PHE A 1005 27.54 -30.11 5.33
N GLY A 1006 28.33 -29.51 4.45
CA GLY A 1006 29.15 -28.38 4.82
C GLY A 1006 28.34 -27.11 4.98
N ILE A 1007 28.55 -26.42 6.10
CA ILE A 1007 27.80 -25.21 6.38
C ILE A 1007 28.52 -23.88 6.13
N SER A 1008 27.98 -23.13 5.16
CA SER A 1008 28.39 -21.78 4.76
C SER A 1008 28.20 -21.58 3.29
N PHE A 1009 28.08 -20.32 2.85
CA PHE A 1009 28.00 -20.05 1.41
C PHE A 1009 29.42 -20.32 0.90
N THR A 1010 29.55 -21.02 -0.23
CA THR A 1010 30.88 -21.32 -0.77
C THR A 1010 31.45 -20.11 -1.53
N VAL A 1011 30.69 -19.02 -1.56
CA VAL A 1011 31.15 -17.74 -2.12
C VAL A 1011 31.38 -16.98 -0.80
N PRO A 1012 32.66 -16.71 -0.45
CA PRO A 1012 32.94 -16.02 0.81
C PRO A 1012 32.16 -14.75 1.18
N PHE A 1013 32.03 -13.81 0.25
CA PHE A 1013 31.37 -12.55 0.61
C PHE A 1013 29.89 -12.65 0.99
N LEU A 1014 29.26 -13.78 0.71
CA LEU A 1014 27.84 -13.89 1.08
C LEU A 1014 27.67 -14.22 2.56
N ASN A 1015 28.74 -14.61 3.23
CA ASN A 1015 28.65 -14.95 4.64
C ASN A 1015 28.71 -13.71 5.53
N GLN A 1016 27.70 -12.85 5.37
CA GLN A 1016 27.59 -11.62 6.14
C GLN A 1016 26.10 -11.42 6.44
N ALA A 1017 25.80 -10.79 7.56
CA ALA A 1017 24.41 -10.59 7.98
C ALA A 1017 24.23 -9.34 8.84
N GLY A 1018 23.16 -8.60 8.55
CA GLY A 1018 22.87 -7.41 9.33
C GLY A 1018 21.49 -7.49 10.00
N ALA A 1019 21.33 -6.71 11.07
CA ALA A 1019 20.07 -6.60 11.80
C ALA A 1019 19.91 -5.15 12.21
N LEU A 1020 18.67 -4.76 12.48
CA LEU A 1020 18.35 -3.41 12.93
C LEU A 1020 17.32 -3.62 14.02
N ILE A 1021 17.55 -3.05 15.21
CA ILE A 1021 16.61 -3.23 16.31
C ILE A 1021 16.22 -1.89 16.92
N HIS A 1022 14.93 -1.70 17.17
CA HIS A 1022 14.44 -0.49 17.83
C HIS A 1022 13.68 -0.91 19.08
N VAL A 1023 13.85 -0.15 20.15
CA VAL A 1023 13.06 -0.41 21.36
C VAL A 1023 12.22 0.86 21.47
N TYR A 1024 10.89 0.70 21.40
CA TYR A 1024 10.02 1.87 21.50
C TYR A 1024 9.85 2.24 22.96
N THR A 1025 9.29 3.42 23.24
CA THR A 1025 9.16 3.90 24.61
C THR A 1025 8.24 3.13 25.56
N ASP A 1026 7.47 2.18 25.03
CA ASP A 1026 6.62 1.35 25.86
C ASP A 1026 7.41 0.08 26.20
N GLY A 1027 8.65 0.01 25.69
CA GLY A 1027 9.51 -1.14 25.92
C GLY A 1027 9.36 -2.23 24.88
N SER A 1028 8.40 -2.09 23.96
CA SER A 1028 8.22 -3.12 22.93
C SER A 1028 9.38 -3.02 21.96
N VAL A 1029 9.78 -4.17 21.41
CA VAL A 1029 10.95 -4.21 20.53
C VAL A 1029 10.58 -4.68 19.13
N LEU A 1030 11.09 -3.98 18.12
CA LEU A 1030 10.86 -4.37 16.73
C LEU A 1030 12.22 -4.78 16.17
N VAL A 1031 12.33 -6.02 15.74
CA VAL A 1031 13.58 -6.54 15.20
C VAL A 1031 13.42 -6.68 13.69
N SER A 1032 14.45 -6.30 12.96
CA SER A 1032 14.45 -6.46 11.52
C SER A 1032 15.80 -7.09 11.18
N HIS A 1033 15.84 -8.03 10.26
CA HIS A 1033 17.13 -8.61 9.88
C HIS A 1033 17.07 -8.93 8.39
N GLY A 1034 18.22 -9.28 7.81
CA GLY A 1034 18.22 -9.54 6.38
C GLY A 1034 17.57 -10.82 5.89
N GLY A 1035 17.26 -11.74 6.81
CA GLY A 1035 16.64 -12.99 6.38
C GLY A 1035 15.14 -12.91 6.13
N THR A 1036 14.64 -13.87 5.36
CA THR A 1036 13.22 -13.93 5.01
C THR A 1036 12.64 -15.21 5.54
N GLU A 1037 11.32 -15.16 5.79
CA GLU A 1037 10.57 -16.32 6.30
C GLU A 1037 9.88 -17.06 5.17
N MET A 1038 10.19 -18.34 5.03
CA MET A 1038 9.57 -19.15 3.98
C MET A 1038 8.97 -20.41 4.56
N GLY A 1039 8.80 -20.38 5.88
CA GLY A 1039 8.20 -21.49 6.58
C GLY A 1039 9.15 -22.21 7.53
N GLN A 1040 10.44 -21.89 7.41
CA GLN A 1040 11.45 -22.56 8.21
C GLN A 1040 11.55 -22.07 9.66
N GLY A 1041 10.74 -21.08 10.03
CA GLY A 1041 10.78 -20.57 11.40
C GLY A 1041 11.96 -19.69 11.75
N LEU A 1042 12.49 -18.97 10.76
CA LEU A 1042 13.62 -18.10 11.03
C LEU A 1042 13.23 -16.93 11.93
N HIS A 1043 12.12 -16.24 11.66
CA HIS A 1043 11.76 -15.12 12.53
C HIS A 1043 11.50 -15.62 13.94
N THR A 1044 10.88 -16.79 14.05
CA THR A 1044 10.60 -17.38 15.36
C THR A 1044 11.92 -17.55 16.12
N LYS A 1045 12.91 -18.15 15.47
CA LYS A 1045 14.22 -18.34 16.08
C LYS A 1045 14.91 -17.03 16.43
N MET A 1046 14.75 -16.00 15.60
CA MET A 1046 15.41 -14.73 15.88
C MET A 1046 14.72 -14.07 17.08
N VAL A 1047 13.41 -14.27 17.23
CA VAL A 1047 12.72 -13.69 18.38
C VAL A 1047 13.19 -14.45 19.63
N GLN A 1048 13.36 -15.78 19.50
CA GLN A 1048 13.83 -16.58 20.63
C GLN A 1048 15.22 -16.10 21.04
N VAL A 1049 16.08 -15.86 20.05
CA VAL A 1049 17.43 -15.37 20.31
C VAL A 1049 17.43 -13.98 20.97
N ALA A 1050 16.65 -13.04 20.44
CA ALA A 1050 16.60 -11.70 21.00
C ALA A 1050 16.09 -11.68 22.44
N SER A 1051 15.08 -12.51 22.72
CA SER A 1051 14.50 -12.62 24.05
C SER A 1051 15.54 -13.18 25.05
N LYS A 1052 16.34 -14.14 24.61
CA LYS A 1052 17.37 -14.67 25.53
C LYS A 1052 18.47 -13.62 25.73
N ALA A 1053 18.91 -12.97 24.64
CA ALA A 1053 19.96 -11.99 24.76
C ALA A 1053 19.57 -10.81 25.66
N LEU A 1054 18.36 -10.30 25.49
CA LEU A 1054 17.88 -9.16 26.28
C LEU A 1054 17.31 -9.53 27.65
N LYS A 1055 17.06 -10.81 27.84
CA LYS A 1055 16.46 -11.34 29.06
C LYS A 1055 15.06 -10.75 29.31
N ILE A 1056 14.24 -10.74 28.26
CA ILE A 1056 12.86 -10.27 28.36
C ILE A 1056 12.01 -11.33 27.65
N PRO A 1057 10.71 -11.40 27.95
CA PRO A 1057 9.82 -12.39 27.33
C PRO A 1057 9.68 -12.16 25.82
N ILE A 1058 9.48 -13.24 25.06
CA ILE A 1058 9.31 -13.10 23.61
C ILE A 1058 8.08 -12.26 23.31
N SER A 1059 7.14 -12.17 24.24
CA SER A 1059 5.93 -11.38 24.02
C SER A 1059 6.21 -9.89 23.78
N LYS A 1060 7.39 -9.42 24.21
CA LYS A 1060 7.73 -8.01 24.02
C LYS A 1060 8.50 -7.74 22.73
N ILE A 1061 8.75 -8.78 21.93
CA ILE A 1061 9.54 -8.63 20.71
C ILE A 1061 8.70 -9.02 19.49
N TYR A 1062 8.92 -8.35 18.36
CA TYR A 1062 8.13 -8.63 17.17
C TYR A 1062 8.97 -8.44 15.94
N ILE A 1063 8.74 -9.28 14.92
CA ILE A 1063 9.41 -9.11 13.63
C ILE A 1063 8.26 -9.08 12.62
N SER A 1064 8.16 -7.97 11.89
CA SER A 1064 7.08 -7.79 10.93
C SER A 1064 7.40 -8.26 9.51
N GLU A 1065 8.56 -7.88 8.99
CA GLU A 1065 8.89 -8.25 7.62
C GLU A 1065 10.36 -8.01 7.35
N THR A 1066 10.75 -8.32 6.13
CA THR A 1066 12.12 -8.11 5.67
C THR A 1066 12.01 -6.99 4.64
N SER A 1067 12.88 -6.00 4.70
CA SER A 1067 12.77 -4.89 3.76
C SER A 1067 14.14 -4.26 3.48
N THR A 1068 14.34 -3.86 2.24
CA THR A 1068 15.62 -3.30 1.83
C THR A 1068 15.93 -1.95 2.44
N ASN A 1069 14.93 -1.24 2.97
CA ASN A 1069 15.22 0.05 3.61
C ASN A 1069 15.47 -0.06 5.13
N THR A 1070 15.49 -1.28 5.66
CA THR A 1070 15.81 -1.47 7.08
C THR A 1070 17.18 -2.17 7.16
N VAL A 1071 17.39 -3.25 6.40
CA VAL A 1071 18.71 -3.92 6.35
C VAL A 1071 19.08 -4.03 4.85
N PRO A 1072 20.11 -3.30 4.44
CA PRO A 1072 20.53 -3.31 3.02
C PRO A 1072 21.56 -4.37 2.70
N ASN A 1073 21.73 -4.60 1.39
CA ASN A 1073 22.75 -5.50 0.86
C ASN A 1073 22.76 -6.89 1.49
N SER A 1074 21.58 -7.44 1.72
CA SER A 1074 21.49 -8.74 2.33
C SER A 1074 21.78 -9.88 1.33
N SER A 1075 22.39 -10.94 1.83
CA SER A 1075 22.62 -12.12 1.02
C SER A 1075 21.27 -12.81 0.95
N PRO A 1076 21.07 -13.67 -0.05
CA PRO A 1076 19.78 -14.39 -0.15
C PRO A 1076 19.64 -15.29 1.09
N THR A 1077 18.40 -15.58 1.47
CA THR A 1077 18.13 -16.46 2.61
C THR A 1077 18.34 -17.83 2.03
N ALA A 1078 19.55 -18.35 2.27
CA ALA A 1078 19.96 -19.60 1.65
C ALA A 1078 21.14 -20.23 2.37
N ALA A 1079 21.57 -21.37 1.83
CA ALA A 1079 22.69 -22.16 2.36
C ALA A 1079 22.51 -22.62 3.81
N SER A 1080 21.27 -22.66 4.28
CA SER A 1080 20.97 -23.11 5.64
C SER A 1080 21.65 -22.30 6.76
N VAL A 1081 22.32 -21.21 6.43
CA VAL A 1081 23.01 -20.44 7.47
C VAL A 1081 22.28 -19.25 8.04
N SER A 1082 21.03 -19.02 7.66
CA SER A 1082 20.34 -17.83 8.14
C SER A 1082 20.25 -17.73 9.65
N THR A 1083 19.93 -18.83 10.32
CA THR A 1083 19.84 -18.77 11.78
C THR A 1083 21.20 -18.38 12.35
N ASP A 1084 22.26 -19.02 11.84
CA ASP A 1084 23.62 -18.77 12.31
C ASP A 1084 24.02 -17.30 12.19
N ILE A 1085 23.85 -16.76 10.99
CA ILE A 1085 24.32 -15.42 10.76
C ILE A 1085 23.42 -14.30 11.21
N TYR A 1086 22.11 -14.42 10.99
CA TYR A 1086 21.23 -13.36 11.47
C TYR A 1086 21.13 -13.49 12.98
N GLY A 1087 21.27 -14.70 13.50
CA GLY A 1087 21.26 -14.89 14.95
C GLY A 1087 22.38 -14.08 15.59
N GLN A 1088 23.57 -14.13 15.02
CA GLN A 1088 24.70 -13.36 15.55
C GLN A 1088 24.44 -11.85 15.40
N ALA A 1089 23.92 -11.42 14.24
CA ALA A 1089 23.65 -10.00 14.03
C ALA A 1089 22.62 -9.49 15.03
N VAL A 1090 21.56 -10.26 15.23
CA VAL A 1090 20.52 -9.88 16.20
C VAL A 1090 21.14 -9.85 17.60
N TYR A 1091 21.91 -10.88 17.93
CA TYR A 1091 22.59 -10.94 19.21
C TYR A 1091 23.47 -9.70 19.44
N GLU A 1092 24.25 -9.31 18.44
CA GLU A 1092 25.12 -8.15 18.61
C GLU A 1092 24.33 -6.86 18.80
N ALA A 1093 23.22 -6.72 18.09
CA ALA A 1093 22.41 -5.53 18.23
C ALA A 1093 21.83 -5.50 19.65
N CYS A 1094 21.46 -6.66 20.18
CA CYS A 1094 20.94 -6.72 21.54
C CYS A 1094 22.03 -6.34 22.56
N GLN A 1095 23.28 -6.75 22.32
CA GLN A 1095 24.35 -6.40 23.26
C GLN A 1095 24.53 -4.89 23.33
N THR A 1096 24.41 -4.23 22.19
CA THR A 1096 24.56 -2.78 22.19
C THR A 1096 23.42 -2.14 22.98
N ILE A 1097 22.21 -2.65 22.81
CA ILE A 1097 21.06 -2.12 23.56
C ILE A 1097 21.32 -2.32 25.06
N LEU A 1098 21.77 -3.51 25.44
CA LEU A 1098 22.05 -3.77 26.87
C LEU A 1098 23.12 -2.81 27.42
N LYS A 1099 24.16 -2.55 26.64
CA LYS A 1099 25.20 -1.63 27.11
C LYS A 1099 24.66 -0.23 27.35
N ARG A 1100 23.76 0.21 26.48
CA ARG A 1100 23.17 1.54 26.61
C ARG A 1100 22.20 1.66 27.77
N LEU A 1101 21.56 0.55 28.13
CA LEU A 1101 20.62 0.54 29.24
C LEU A 1101 21.28 0.29 30.58
N GLU A 1102 22.50 -0.25 30.57
CA GLU A 1102 23.21 -0.58 31.80
C GLU A 1102 23.25 0.50 32.87
N PRO A 1103 23.59 1.76 32.51
CA PRO A 1103 23.64 2.83 33.52
C PRO A 1103 22.30 3.02 34.22
N PHE A 1104 21.21 2.79 33.48
CA PHE A 1104 19.88 2.94 34.04
C PHE A 1104 19.46 1.77 34.90
N LYS A 1105 19.98 0.60 34.57
CA LYS A 1105 19.68 -0.60 35.33
C LYS A 1105 20.46 -0.48 36.65
N LYS A 1106 21.69 0.04 36.58
CA LYS A 1106 22.50 0.20 37.77
C LYS A 1106 21.89 1.22 38.74
N LYS A 1107 21.33 2.31 38.20
CA LYS A 1107 20.71 3.32 39.04
C LYS A 1107 19.38 2.88 39.64
N ASN A 1108 18.72 1.95 38.97
CA ASN A 1108 17.41 1.46 39.41
C ASN A 1108 17.34 -0.06 39.25
N PRO A 1109 18.19 -0.81 39.97
CA PRO A 1109 18.24 -2.27 39.89
C PRO A 1109 16.93 -3.02 40.09
N ASP A 1110 16.03 -2.48 40.90
CA ASP A 1110 14.76 -3.15 41.15
C ASP A 1110 13.67 -2.72 40.18
N GLY A 1111 14.04 -1.89 39.22
CA GLY A 1111 13.06 -1.42 38.24
C GLY A 1111 12.77 -2.45 37.16
N SER A 1112 11.81 -2.12 36.30
CA SER A 1112 11.42 -3.01 35.22
C SER A 1112 12.12 -2.62 33.92
N TRP A 1113 12.02 -3.51 32.94
CA TRP A 1113 12.58 -3.25 31.61
C TRP A 1113 11.98 -1.93 31.13
N GLU A 1114 10.67 -1.78 31.31
CA GLU A 1114 9.97 -0.58 30.87
C GLU A 1114 10.51 0.67 31.55
N ASP A 1115 10.86 0.54 32.83
CA ASP A 1115 11.41 1.67 33.57
C ASP A 1115 12.75 2.08 33.01
N TRP A 1116 13.60 1.11 32.74
CA TRP A 1116 14.93 1.41 32.22
C TRP A 1116 14.86 2.02 30.84
N VAL A 1117 13.96 1.51 30.00
CA VAL A 1117 13.80 2.01 28.65
C VAL A 1117 13.33 3.48 28.65
N MET A 1118 12.31 3.78 29.45
CA MET A 1118 11.84 5.15 29.51
C MET A 1118 12.90 6.10 30.08
N ALA A 1119 13.69 5.64 31.05
CA ALA A 1119 14.72 6.48 31.62
C ALA A 1119 15.78 6.79 30.57
N ALA A 1120 16.13 5.78 29.78
CA ALA A 1120 17.11 5.95 28.72
C ALA A 1120 16.58 6.98 27.71
N TYR A 1121 15.32 6.82 27.32
CA TYR A 1121 14.71 7.77 26.38
C TYR A 1121 14.74 9.21 26.92
N GLN A 1122 14.32 9.38 28.16
CA GLN A 1122 14.30 10.70 28.79
C GLN A 1122 15.70 11.29 28.97
N ASP A 1123 16.72 10.44 29.02
CA ASP A 1123 18.08 10.91 29.17
C ASP A 1123 18.70 11.08 27.79
N ARG A 1124 17.89 10.92 26.75
CA ARG A 1124 18.36 11.06 25.37
C ARG A 1124 19.47 10.08 24.97
N VAL A 1125 19.23 8.83 25.26
CA VAL A 1125 20.12 7.75 24.87
C VAL A 1125 19.36 7.04 23.74
N SER A 1126 20.02 6.84 22.60
CA SER A 1126 19.35 6.17 21.48
C SER A 1126 18.98 4.71 21.76
N LEU A 1127 17.76 4.32 21.40
CA LEU A 1127 17.30 2.95 21.59
C LEU A 1127 17.20 2.24 20.24
N SER A 1128 18.04 2.64 19.30
CA SER A 1128 18.07 2.02 17.97
C SER A 1128 19.47 1.67 17.61
N THR A 1129 19.66 0.46 17.09
CA THR A 1129 21.00 0.07 16.69
C THR A 1129 21.03 -1.01 15.65
N THR A 1130 22.15 -1.09 14.94
CA THR A 1130 22.35 -2.15 13.97
C THR A 1130 23.19 -3.25 14.67
N GLY A 1131 23.24 -4.42 14.04
CA GLY A 1131 24.04 -5.54 14.51
C GLY A 1131 24.60 -6.14 13.22
N PHE A 1132 25.81 -6.72 13.26
CA PHE A 1132 26.37 -7.28 12.04
C PHE A 1132 27.26 -8.47 12.36
N TYR A 1133 27.33 -9.43 11.43
CA TYR A 1133 28.15 -10.62 11.62
C TYR A 1133 28.79 -11.03 10.30
N ARG A 1134 30.05 -11.47 10.39
CA ARG A 1134 30.88 -11.90 9.26
C ARG A 1134 31.44 -13.27 9.70
N THR A 1135 31.11 -14.38 9.04
CA THR A 1135 31.62 -15.68 9.47
C THR A 1135 33.13 -15.65 9.29
N PRO A 1136 33.88 -16.01 10.32
CA PRO A 1136 35.35 -15.98 10.21
C PRO A 1136 36.04 -17.18 9.58
N ASN A 1137 37.28 -16.93 9.15
CA ASN A 1137 38.15 -17.97 8.61
C ASN A 1137 37.64 -18.80 7.44
N LEU A 1138 37.02 -18.16 6.46
CA LEU A 1138 36.53 -18.88 5.29
C LEU A 1138 37.25 -18.41 4.06
N GLY A 1139 37.45 -19.33 3.11
CA GLY A 1139 38.09 -19.00 1.86
C GLY A 1139 38.82 -20.21 1.29
N TYR A 1140 38.16 -20.94 0.40
CA TYR A 1140 38.76 -22.12 -0.22
C TYR A 1140 39.12 -21.82 -1.64
N SER A 1141 40.21 -22.42 -2.13
CA SER A 1141 40.61 -22.25 -3.52
C SER A 1141 40.69 -23.61 -4.19
N PHE A 1142 39.98 -23.76 -5.31
CA PHE A 1142 40.00 -25.01 -6.05
C PHE A 1142 41.37 -25.20 -6.68
N GLU A 1143 42.06 -24.09 -6.96
CA GLU A 1143 43.39 -24.15 -7.59
C GLU A 1143 44.47 -24.78 -6.70
N THR A 1144 44.44 -24.46 -5.41
CA THR A 1144 45.42 -24.98 -4.46
C THR A 1144 44.86 -26.08 -3.55
N ASN A 1145 43.56 -26.36 -3.67
CA ASN A 1145 42.92 -27.33 -2.80
C ASN A 1145 43.26 -27.03 -1.33
N SER A 1146 43.09 -25.78 -0.92
CA SER A 1146 43.35 -25.37 0.46
C SER A 1146 42.41 -24.28 0.91
N GLY A 1147 42.35 -24.08 2.22
CA GLY A 1147 41.50 -23.05 2.79
C GLY A 1147 40.19 -23.66 3.24
N ASN A 1148 39.54 -23.03 4.22
CA ASN A 1148 38.27 -23.53 4.73
C ASN A 1148 37.09 -23.19 3.84
N ALA A 1149 36.41 -24.23 3.36
CA ALA A 1149 35.23 -24.05 2.53
C ALA A 1149 34.05 -23.83 3.44
N PHE A 1150 34.04 -24.51 4.58
CA PHE A 1150 32.92 -24.44 5.50
C PHE A 1150 33.27 -24.08 6.92
N HIS A 1151 32.29 -23.55 7.65
CA HIS A 1151 32.54 -23.19 9.04
C HIS A 1151 32.51 -24.43 9.92
N TYR A 1152 31.61 -25.37 9.61
CA TYR A 1152 31.49 -26.65 10.31
C TYR A 1152 30.58 -27.50 9.44
N PHE A 1153 30.30 -28.72 9.87
CA PHE A 1153 29.41 -29.60 9.11
C PHE A 1153 28.27 -30.07 9.98
N THR A 1154 27.10 -30.30 9.37
CA THR A 1154 25.96 -30.86 10.10
C THR A 1154 25.94 -32.31 9.65
N TYR A 1155 25.58 -33.20 10.58
CA TYR A 1155 25.62 -34.63 10.32
C TYR A 1155 24.35 -35.35 10.71
N GLY A 1156 24.16 -36.53 10.13
CA GLY A 1156 23.00 -37.34 10.48
C GLY A 1156 23.06 -38.72 9.86
N VAL A 1157 22.22 -39.62 10.33
CA VAL A 1157 22.15 -40.97 9.81
C VAL A 1157 20.68 -41.39 9.71
N ALA A 1158 20.33 -42.15 8.67
CA ALA A 1158 18.95 -42.61 8.54
C ALA A 1158 18.91 -44.05 8.11
N CYS A 1159 18.01 -44.79 8.75
CA CYS A 1159 17.79 -46.18 8.40
C CYS A 1159 16.36 -46.32 7.89
N SER A 1160 16.18 -46.84 6.68
CA SER A 1160 14.82 -47.02 6.15
C SER A 1160 14.58 -48.44 5.65
N GLU A 1161 13.34 -48.89 5.82
CA GLU A 1161 12.92 -50.20 5.38
C GLU A 1161 11.72 -50.01 4.46
N VAL A 1162 11.69 -50.76 3.36
CA VAL A 1162 10.58 -50.68 2.42
C VAL A 1162 10.10 -52.08 2.04
N GLU A 1163 8.94 -52.11 1.39
CA GLU A 1163 8.41 -53.35 0.85
C GLU A 1163 7.97 -53.01 -0.55
N ILE A 1164 8.50 -53.73 -1.55
CA ILE A 1164 8.10 -53.45 -2.93
C ILE A 1164 7.13 -54.51 -3.44
N ASP A 1165 6.28 -54.12 -4.38
CA ASP A 1165 5.35 -55.05 -5.01
C ASP A 1165 6.09 -55.35 -6.31
N CYS A 1166 6.61 -56.57 -6.43
CA CYS A 1166 7.38 -56.93 -7.61
C CYS A 1166 6.58 -57.04 -8.87
N LEU A 1167 5.25 -57.06 -8.75
CA LEU A 1167 4.41 -57.19 -9.95
C LEU A 1167 3.90 -55.84 -10.45
N THR A 1168 3.98 -54.80 -9.64
CA THR A 1168 3.46 -53.49 -10.06
C THR A 1168 4.42 -52.32 -9.96
N GLY A 1169 5.42 -52.43 -9.11
CA GLY A 1169 6.32 -51.29 -8.95
C GLY A 1169 5.94 -50.40 -7.77
N ASP A 1170 4.76 -50.60 -7.20
CA ASP A 1170 4.36 -49.81 -6.04
C ASP A 1170 5.25 -50.25 -4.87
N HIS A 1171 5.33 -49.43 -3.82
CA HIS A 1171 6.10 -49.84 -2.64
C HIS A 1171 5.59 -49.10 -1.41
N LYS A 1172 5.85 -49.69 -0.24
CA LYS A 1172 5.47 -49.06 1.01
C LYS A 1172 6.74 -48.64 1.74
N ASN A 1173 6.72 -47.47 2.38
CA ASN A 1173 7.86 -47.04 3.18
C ASN A 1173 7.40 -47.49 4.56
N LEU A 1174 7.94 -48.62 5.03
CA LEU A 1174 7.53 -49.20 6.31
C LEU A 1174 7.98 -48.50 7.58
N ARG A 1175 9.27 -48.17 7.62
CA ARG A 1175 9.83 -47.53 8.78
C ARG A 1175 11.12 -46.79 8.47
N THR A 1176 11.26 -45.62 9.08
CA THR A 1176 12.46 -44.81 8.93
C THR A 1176 12.83 -44.28 10.31
N ASP A 1177 14.11 -44.39 10.65
CA ASP A 1177 14.64 -43.92 11.92
C ASP A 1177 15.77 -42.95 11.58
N ILE A 1178 15.70 -41.73 12.11
CA ILE A 1178 16.73 -40.74 11.83
C ILE A 1178 17.38 -40.23 13.10
N VAL A 1179 18.72 -40.11 13.09
CA VAL A 1179 19.42 -39.50 14.21
C VAL A 1179 20.19 -38.35 13.58
N MET A 1180 19.85 -37.14 14.01
CA MET A 1180 20.46 -35.93 13.45
C MET A 1180 21.23 -35.12 14.48
N ASP A 1181 22.40 -34.64 14.10
CA ASP A 1181 23.20 -33.80 14.98
C ASP A 1181 22.94 -32.35 14.61
N VAL A 1182 22.10 -31.67 15.40
CA VAL A 1182 21.85 -30.25 15.14
C VAL A 1182 22.44 -29.40 16.28
N GLY A 1183 23.53 -29.89 16.89
CA GLY A 1183 24.15 -29.17 18.00
C GLY A 1183 23.12 -29.04 19.10
N SER A 1184 23.16 -27.93 19.84
CA SER A 1184 22.15 -27.68 20.88
C SER A 1184 21.08 -26.91 20.13
N SER A 1185 20.00 -27.59 19.78
CA SER A 1185 18.92 -26.99 19.02
C SER A 1185 18.35 -25.73 19.65
N LEU A 1186 18.16 -24.68 18.84
CA LEU A 1186 17.54 -23.46 19.35
C LEU A 1186 16.04 -23.70 19.55
N ASN A 1187 15.50 -24.66 18.80
CA ASN A 1187 14.06 -24.98 18.87
C ASN A 1187 13.90 -26.38 18.30
N PRO A 1188 13.78 -27.39 19.17
CA PRO A 1188 13.63 -28.75 18.66
C PRO A 1188 12.40 -29.08 17.84
N ALA A 1189 11.34 -28.31 18.05
CA ALA A 1189 10.11 -28.52 17.27
C ALA A 1189 10.39 -28.11 15.82
N ILE A 1190 10.96 -26.92 15.65
CA ILE A 1190 11.25 -26.43 14.31
C ILE A 1190 12.35 -27.28 13.68
N ASP A 1191 13.34 -27.69 14.47
CA ASP A 1191 14.41 -28.50 13.89
C ASP A 1191 13.96 -29.89 13.49
N ILE A 1192 13.15 -30.54 14.32
CA ILE A 1192 12.63 -31.84 13.92
C ILE A 1192 11.74 -31.64 12.69
N GLY A 1193 11.02 -30.51 12.62
CA GLY A 1193 10.19 -30.27 11.46
C GLY A 1193 11.02 -30.10 10.19
N GLN A 1194 12.21 -29.52 10.33
CA GLN A 1194 13.09 -29.34 9.19
C GLN A 1194 13.66 -30.70 8.78
N VAL A 1195 14.00 -31.51 9.76
CA VAL A 1195 14.52 -32.85 9.45
C VAL A 1195 13.46 -33.67 8.71
N GLU A 1196 12.23 -33.67 9.21
CA GLU A 1196 11.17 -34.44 8.56
C GLU A 1196 10.81 -33.90 7.19
N GLY A 1197 10.68 -32.57 7.09
CA GLY A 1197 10.32 -31.95 5.82
C GLY A 1197 11.39 -32.17 4.74
N ALA A 1198 12.65 -31.98 5.12
CA ALA A 1198 13.76 -32.18 4.19
C ALA A 1198 13.81 -33.64 3.79
N PHE A 1199 13.71 -34.56 4.75
CA PHE A 1199 13.74 -35.99 4.44
C PHE A 1199 12.64 -36.35 3.45
N VAL A 1200 11.42 -35.82 3.64
CA VAL A 1200 10.35 -36.17 2.72
C VAL A 1200 10.57 -35.56 1.33
N GLN A 1201 11.18 -34.38 1.25
CA GLN A 1201 11.48 -33.81 -0.07
C GLN A 1201 12.54 -34.66 -0.77
N GLY A 1202 13.45 -35.24 0.01
CA GLY A 1202 14.48 -36.09 -0.55
C GLY A 1202 13.87 -37.40 -1.02
N LEU A 1203 12.96 -37.93 -0.21
CA LEU A 1203 12.21 -39.14 -0.54
C LEU A 1203 11.53 -38.87 -1.89
N GLY A 1204 10.98 -37.66 -2.05
CA GLY A 1204 10.33 -37.33 -3.32
C GLY A 1204 11.32 -37.33 -4.47
N LEU A 1205 12.43 -36.64 -4.29
CA LEU A 1205 13.46 -36.59 -5.34
C LEU A 1205 13.92 -37.97 -5.79
N PHE A 1206 14.12 -38.87 -4.84
CA PHE A 1206 14.65 -40.19 -5.17
C PHE A 1206 13.68 -41.28 -5.51
N THR A 1207 12.39 -41.08 -5.27
CA THR A 1207 11.43 -42.15 -5.52
C THR A 1207 10.09 -41.83 -6.16
N LEU A 1208 9.70 -40.57 -6.23
CA LEU A 1208 8.39 -40.27 -6.80
C LEU A 1208 8.32 -39.19 -7.89
N GLU A 1209 9.13 -38.17 -7.71
CA GLU A 1209 9.13 -36.99 -8.58
C GLU A 1209 9.92 -37.12 -9.86
N GLU A 1210 9.23 -36.93 -10.98
CA GLU A 1210 9.90 -37.05 -12.27
C GLU A 1210 9.32 -36.07 -13.26
N LEU A 1211 10.20 -35.31 -13.92
CA LEU A 1211 9.76 -34.36 -14.95
C LEU A 1211 10.02 -35.04 -16.30
N HIS A 1212 9.06 -34.95 -17.22
CA HIS A 1212 9.21 -35.57 -18.54
C HIS A 1212 9.14 -34.47 -19.58
N TYR A 1213 10.05 -34.54 -20.54
CA TYR A 1213 10.15 -33.57 -21.63
C TYR A 1213 10.11 -34.27 -22.99
N SER A 1214 9.53 -33.60 -23.99
CA SER A 1214 9.48 -34.15 -25.35
C SER A 1214 10.89 -34.12 -25.87
N PRO A 1215 11.19 -34.87 -26.95
CA PRO A 1215 12.56 -34.85 -27.48
C PRO A 1215 12.95 -33.45 -27.92
N GLU A 1216 11.96 -32.63 -28.25
CA GLU A 1216 12.18 -31.25 -28.68
C GLU A 1216 12.38 -30.27 -27.52
N GLY A 1217 12.32 -30.77 -26.28
CA GLY A 1217 12.54 -29.91 -25.14
C GLY A 1217 11.34 -29.24 -24.50
N SER A 1218 10.14 -29.76 -24.73
CA SER A 1218 8.95 -29.18 -24.12
C SER A 1218 8.48 -29.99 -22.92
N LEU A 1219 8.41 -29.34 -21.77
CA LEU A 1219 7.99 -30.01 -20.55
C LEU A 1219 6.56 -30.52 -20.66
N HIS A 1220 6.37 -31.81 -20.37
CA HIS A 1220 5.05 -32.43 -20.38
C HIS A 1220 4.36 -32.32 -19.02
N THR A 1221 5.16 -32.46 -17.96
N THR A 1221 5.16 -32.45 -17.96
CA THR A 1221 4.63 -32.47 -16.59
CA THR A 1221 4.67 -32.47 -16.58
C THR A 1221 4.58 -31.08 -15.99
C THR A 1221 4.59 -31.08 -15.98
N ARG A 1222 3.37 -30.50 -16.00
CA ARG A 1222 3.17 -29.13 -15.55
C ARG A 1222 2.11 -28.92 -14.47
N GLY A 1223 1.85 -29.95 -13.68
CA GLY A 1223 0.86 -29.79 -12.62
C GLY A 1223 0.89 -30.97 -11.68
N PRO A 1224 0.22 -30.88 -10.53
CA PRO A 1224 0.23 -32.02 -9.61
C PRO A 1224 -0.41 -33.29 -10.17
N SER A 1225 -1.19 -33.17 -11.23
CA SER A 1225 -1.81 -34.36 -11.81
C SER A 1225 -0.75 -35.27 -12.42
N THR A 1226 0.34 -34.68 -12.91
CA THR A 1226 1.40 -35.46 -13.56
C THR A 1226 2.73 -35.45 -12.83
N TYR A 1227 2.91 -34.49 -11.94
CA TYR A 1227 4.15 -34.38 -11.16
C TYR A 1227 3.75 -34.74 -9.74
N LYS A 1228 4.22 -35.90 -9.28
CA LYS A 1228 3.79 -36.42 -7.99
C LYS A 1228 4.74 -36.25 -6.81
N ILE A 1229 4.47 -35.25 -5.99
CA ILE A 1229 5.30 -35.07 -4.80
C ILE A 1229 4.74 -35.99 -3.71
N PRO A 1230 5.49 -36.17 -2.61
CA PRO A 1230 4.99 -37.05 -1.55
C PRO A 1230 3.63 -36.58 -1.04
N ALA A 1231 2.75 -37.55 -0.81
CA ALA A 1231 1.40 -37.31 -0.30
C ALA A 1231 1.38 -37.75 1.17
N PHE A 1232 0.28 -37.48 1.86
CA PHE A 1232 0.17 -37.91 3.27
C PHE A 1232 0.50 -39.39 3.37
N GLY A 1233 -0.03 -40.17 2.43
CA GLY A 1233 0.19 -41.61 2.45
C GLY A 1233 1.57 -42.10 2.01
N SER A 1234 2.44 -41.19 1.60
CA SER A 1234 3.78 -41.56 1.13
C SER A 1234 4.85 -41.67 2.21
N ILE A 1235 4.57 -41.14 3.41
CA ILE A 1235 5.58 -41.14 4.45
C ILE A 1235 5.78 -42.47 5.15
N PRO A 1236 6.95 -42.67 5.78
CA PRO A 1236 7.15 -43.95 6.47
C PRO A 1236 6.09 -44.12 7.53
N THR A 1237 5.52 -45.32 7.60
CA THR A 1237 4.47 -45.62 8.54
C THR A 1237 4.96 -45.48 9.99
N GLU A 1238 6.17 -45.97 10.25
CA GLU A 1238 6.76 -45.78 11.57
C GLU A 1238 7.85 -44.78 11.23
N PHE A 1239 7.79 -43.60 11.82
CA PHE A 1239 8.71 -42.50 11.50
C PHE A 1239 9.27 -41.94 12.81
N ARG A 1240 10.55 -42.23 13.06
CA ARG A 1240 11.19 -41.79 14.30
C ARG A 1240 12.35 -40.85 14.02
N VAL A 1241 12.38 -39.74 14.76
CA VAL A 1241 13.46 -38.77 14.59
C VAL A 1241 14.04 -38.44 15.97
N SER A 1242 15.37 -38.46 16.06
CA SER A 1242 16.05 -38.13 17.32
C SER A 1242 17.11 -37.08 17.05
N LEU A 1243 17.20 -36.09 17.93
CA LEU A 1243 18.23 -35.07 17.83
C LEU A 1243 19.33 -35.54 18.80
N LEU A 1244 20.54 -35.60 18.31
CA LEU A 1244 21.67 -36.07 19.11
C LEU A 1244 21.81 -35.22 20.39
N ARG A 1245 21.95 -35.92 21.53
CA ARG A 1245 22.10 -35.25 22.83
C ARG A 1245 23.54 -34.89 23.15
N ASP A 1246 23.70 -33.85 23.97
CA ASP A 1246 25.01 -33.38 24.43
C ASP A 1246 26.03 -33.27 23.32
N CYS A 1247 25.74 -32.35 22.40
N CYS A 1247 25.82 -32.37 22.35
CA CYS A 1247 26.60 -32.15 21.26
CA CYS A 1247 26.74 -32.15 21.26
C CYS A 1247 26.68 -30.67 20.87
C CYS A 1247 26.74 -30.68 20.86
N PRO A 1248 26.93 -29.79 21.84
CA PRO A 1248 27.02 -28.36 21.54
C PRO A 1248 28.02 -28.04 20.41
N ASN A 1249 27.65 -27.08 19.56
CA ASN A 1249 28.49 -26.64 18.47
C ASN A 1249 29.03 -25.24 18.81
N LYS A 1250 30.29 -25.16 19.22
CA LYS A 1250 30.86 -23.87 19.59
C LYS A 1250 30.99 -22.89 18.43
N LYS A 1251 30.78 -23.34 17.20
CA LYS A 1251 30.92 -22.48 16.03
C LYS A 1251 29.67 -21.68 15.62
N ALA A 1252 28.57 -21.82 16.35
CA ALA A 1252 27.36 -21.07 15.97
C ALA A 1252 26.56 -20.60 17.18
N ILE A 1253 25.65 -19.66 16.91
CA ILE A 1253 24.80 -19.02 17.93
C ILE A 1253 24.17 -19.98 18.94
N TYR A 1254 24.44 -19.75 20.22
CA TYR A 1254 23.92 -20.59 21.29
C TYR A 1254 24.15 -22.09 21.09
N ALA A 1255 25.29 -22.41 20.47
CA ALA A 1255 25.73 -23.78 20.27
C ALA A 1255 24.89 -24.64 19.32
N SER A 1256 24.06 -23.98 18.51
CA SER A 1256 23.21 -24.68 17.56
C SER A 1256 23.93 -25.00 16.24
N LYS A 1257 23.23 -25.72 15.37
CA LYS A 1257 23.72 -26.06 14.03
C LYS A 1257 22.63 -25.85 12.96
N ALA A 1258 23.08 -25.51 11.76
CA ALA A 1258 22.22 -25.33 10.59
C ALA A 1258 21.48 -26.64 10.34
N VAL A 1259 20.20 -26.56 9.97
CA VAL A 1259 19.42 -27.77 9.76
C VAL A 1259 18.59 -27.79 8.46
N GLY A 1260 18.49 -26.65 7.79
CA GLY A 1260 17.64 -26.55 6.60
C GLY A 1260 17.79 -27.61 5.52
N GLU A 1261 19.01 -27.69 4.97
CA GLU A 1261 19.33 -28.61 3.90
C GLU A 1261 19.95 -29.95 4.23
N PRO A 1262 20.83 -30.00 5.25
CA PRO A 1262 21.47 -31.28 5.60
C PRO A 1262 20.68 -32.58 5.61
N PRO A 1263 19.44 -32.56 6.13
CA PRO A 1263 18.70 -33.82 6.16
C PRO A 1263 18.10 -34.33 4.87
N LEU A 1264 18.02 -33.49 3.84
CA LEU A 1264 17.38 -33.95 2.62
C LEU A 1264 17.97 -35.23 2.03
N PHE A 1265 19.30 -35.30 1.95
CA PHE A 1265 19.89 -36.48 1.38
C PHE A 1265 19.54 -37.77 2.11
N LEU A 1266 19.20 -37.70 3.39
CA LEU A 1266 18.86 -38.91 4.12
C LEU A 1266 17.65 -39.60 3.49
N GLY A 1267 16.90 -38.88 2.66
CA GLY A 1267 15.78 -39.52 1.98
C GLY A 1267 16.29 -40.64 1.05
N ALA A 1268 17.57 -40.59 0.70
CA ALA A 1268 18.16 -41.62 -0.17
C ALA A 1268 18.18 -42.98 0.52
N SER A 1269 18.01 -43.00 1.84
CA SER A 1269 17.99 -44.28 2.55
C SER A 1269 16.82 -45.10 2.00
N VAL A 1270 15.75 -44.44 1.57
CA VAL A 1270 14.60 -45.14 1.00
C VAL A 1270 14.98 -45.72 -0.36
N PHE A 1271 15.73 -44.94 -1.14
CA PHE A 1271 16.15 -45.38 -2.46
C PHE A 1271 17.01 -46.63 -2.36
N PHE A 1272 17.97 -46.62 -1.45
CA PHE A 1272 18.83 -47.79 -1.33
C PHE A 1272 18.18 -48.98 -0.66
N ALA A 1273 17.12 -48.74 0.09
CA ALA A 1273 16.38 -49.86 0.66
C ALA A 1273 15.60 -50.48 -0.52
N ILE A 1274 15.11 -49.64 -1.44
CA ILE A 1274 14.38 -50.15 -2.59
C ILE A 1274 15.34 -50.96 -3.47
N LYS A 1275 16.56 -50.46 -3.62
CA LYS A 1275 17.56 -51.17 -4.43
C LYS A 1275 17.84 -52.55 -3.81
N ASP A 1276 17.92 -52.61 -2.50
CA ASP A 1276 18.16 -53.86 -1.75
C ASP A 1276 17.00 -54.82 -2.05
N ALA A 1277 15.78 -54.29 -2.02
CA ALA A 1277 14.61 -55.14 -2.28
C ALA A 1277 14.60 -55.66 -3.71
N ILE A 1278 15.00 -54.82 -4.67
CA ILE A 1278 15.04 -55.22 -6.07
C ILE A 1278 16.10 -56.32 -6.23
N ARG A 1279 17.23 -56.20 -5.52
CA ARG A 1279 18.24 -57.26 -5.61
C ARG A 1279 17.62 -58.60 -5.19
N ALA A 1280 16.77 -58.57 -4.16
CA ALA A 1280 16.14 -59.81 -3.68
C ALA A 1280 15.18 -60.35 -4.74
N ALA A 1281 14.41 -59.47 -5.37
CA ALA A 1281 13.48 -59.88 -6.41
C ALA A 1281 14.25 -60.46 -7.62
N ARG A 1282 15.41 -59.89 -7.94
CA ARG A 1282 16.19 -60.39 -9.06
C ARG A 1282 16.82 -61.76 -8.70
N ALA A 1283 17.15 -61.94 -7.43
CA ALA A 1283 17.75 -63.20 -7.00
C ALA A 1283 16.67 -64.27 -7.10
N GLN A 1284 15.43 -63.85 -6.88
CA GLN A 1284 14.28 -64.72 -6.91
C GLN A 1284 13.85 -65.17 -8.30
N HIS A 1285 13.77 -64.23 -9.23
CA HIS A 1285 13.30 -64.53 -10.58
C HIS A 1285 14.19 -64.22 -11.77
N THR A 1286 15.25 -63.44 -11.56
CA THR A 1286 16.12 -63.04 -12.66
C THR A 1286 17.33 -63.92 -12.93
N ASN A 1287 18.16 -64.12 -11.91
CA ASN A 1287 19.35 -64.97 -12.04
C ASN A 1287 20.00 -65.18 -10.68
N ASN A 1288 20.99 -66.05 -10.62
CA ASN A 1288 21.68 -66.33 -9.36
C ASN A 1288 23.03 -65.66 -9.18
N ASN A 1289 23.32 -64.63 -9.99
CA ASN A 1289 24.58 -63.93 -9.83
C ASN A 1289 24.45 -62.96 -8.66
N THR A 1290 24.92 -63.39 -7.49
CA THR A 1290 24.82 -62.55 -6.30
C THR A 1290 25.77 -61.37 -6.26
N LYS A 1291 26.60 -61.21 -7.29
CA LYS A 1291 27.54 -60.10 -7.35
C LYS A 1291 27.16 -59.18 -8.50
N GLU A 1292 26.06 -59.50 -9.17
CA GLU A 1292 25.58 -58.70 -10.28
C GLU A 1292 25.35 -57.27 -9.85
N LEU A 1293 25.76 -56.32 -10.68
CA LEU A 1293 25.57 -54.89 -10.39
C LEU A 1293 24.61 -54.30 -11.41
N PHE A 1294 23.33 -54.20 -11.06
CA PHE A 1294 22.40 -53.65 -12.02
C PHE A 1294 22.30 -52.16 -11.76
N ARG A 1295 22.15 -51.38 -12.84
CA ARG A 1295 22.05 -49.93 -12.71
C ARG A 1295 20.63 -49.51 -12.33
N LEU A 1296 20.52 -48.56 -11.40
CA LEU A 1296 19.21 -48.05 -11.00
C LEU A 1296 19.40 -46.56 -10.86
N ASP A 1297 18.85 -45.81 -11.82
CA ASP A 1297 18.94 -44.35 -11.78
C ASP A 1297 17.85 -43.80 -10.87
N SER A 1298 18.00 -42.53 -10.50
CA SER A 1298 17.01 -41.84 -9.66
C SER A 1298 16.19 -40.95 -10.59
N PRO A 1299 14.88 -40.83 -10.33
CA PRO A 1299 14.09 -41.46 -9.27
C PRO A 1299 13.72 -42.91 -9.53
N ALA A 1300 13.68 -43.70 -8.46
CA ALA A 1300 13.31 -45.11 -8.55
C ALA A 1300 11.78 -45.14 -8.43
N THR A 1301 11.13 -44.80 -9.53
CA THR A 1301 9.69 -44.75 -9.68
C THR A 1301 9.13 -46.16 -9.88
N PRO A 1302 7.80 -46.30 -9.91
CA PRO A 1302 7.23 -47.63 -10.12
C PRO A 1302 7.73 -48.22 -11.46
N GLU A 1303 7.88 -47.37 -12.47
CA GLU A 1303 8.39 -47.86 -13.75
C GLU A 1303 9.77 -48.49 -13.59
N LYS A 1304 10.70 -47.77 -12.96
CA LYS A 1304 12.04 -48.32 -12.80
C LYS A 1304 12.07 -49.54 -11.89
N ILE A 1305 11.27 -49.50 -10.83
CA ILE A 1305 11.24 -50.64 -9.91
C ILE A 1305 10.71 -51.89 -10.62
N ARG A 1306 9.55 -51.75 -11.26
CA ARG A 1306 8.94 -52.88 -11.97
C ARG A 1306 9.85 -53.44 -13.05
N ASN A 1307 10.40 -52.57 -13.89
CA ASN A 1307 11.26 -53.02 -14.96
C ASN A 1307 12.52 -53.73 -14.45
N ALA A 1308 12.98 -53.38 -13.25
CA ALA A 1308 14.19 -54.01 -12.70
C ALA A 1308 13.88 -55.40 -12.14
N CYS A 1309 12.60 -55.63 -11.82
CA CYS A 1309 12.19 -56.93 -11.29
C CYS A 1309 11.94 -57.86 -12.47
N VAL A 1310 13.03 -58.16 -13.17
CA VAL A 1310 12.97 -59.02 -14.34
C VAL A 1310 12.41 -60.39 -14.02
N ASP A 1311 11.44 -60.83 -14.81
CA ASP A 1311 10.80 -62.11 -14.59
C ASP A 1311 10.18 -62.65 -15.88
N LYS A 1312 9.33 -63.66 -15.76
CA LYS A 1312 8.73 -64.23 -16.97
C LYS A 1312 7.80 -63.25 -17.70
N PHE A 1313 7.30 -62.24 -17.00
CA PHE A 1313 6.39 -61.28 -17.61
C PHE A 1313 7.15 -60.18 -18.35
N THR A 1314 8.18 -59.60 -17.70
CA THR A 1314 8.95 -58.55 -18.35
C THR A 1314 9.61 -59.13 -19.61
N THR A 1315 9.95 -60.42 -19.57
CA THR A 1315 10.56 -61.06 -20.73
C THR A 1315 9.62 -61.19 -21.93
N LEU A 1316 8.34 -61.46 -21.68
CA LEU A 1316 7.36 -61.57 -22.77
C LEU A 1316 7.05 -60.21 -23.43
N CYS A 1317 7.15 -59.12 -22.65
CA CYS A 1317 6.87 -57.77 -23.15
C CYS A 1317 8.05 -57.05 -23.77
N LYS A 1326 16.62 -64.16 -32.83
CA LYS A 1326 15.94 -63.26 -33.82
C LYS A 1326 16.85 -62.89 -35.01
N PRO A 1327 18.11 -62.49 -34.76
CA PRO A 1327 18.98 -62.13 -35.90
C PRO A 1327 19.27 -63.36 -36.75
N TRP A 1328 19.45 -63.15 -38.05
CA TRP A 1328 19.73 -64.26 -38.97
C TRP A 1328 20.97 -65.05 -38.55
N SER A 1329 22.02 -64.35 -38.17
CA SER A 1329 23.24 -65.01 -37.74
C SER A 1329 23.83 -64.35 -36.51
N LEU A 1330 24.65 -65.09 -35.78
CA LEU A 1330 25.34 -64.59 -34.59
C LEU A 1330 26.74 -65.21 -34.58
N ARG A 1331 27.77 -64.40 -34.42
CA ARG A 1331 29.12 -64.93 -34.41
C ARG A 1331 29.30 -65.89 -33.24
N VAL A 1332 30.09 -66.94 -33.47
CA VAL A 1332 30.33 -67.95 -32.43
C VAL A 1332 31.60 -67.68 -31.62
N ALA B 3 -30.36 8.53 -20.02
CA ALA B 3 -29.49 9.73 -19.99
C ALA B 3 -28.54 9.78 -21.19
N ASP B 4 -28.19 11.00 -21.59
CA ASP B 4 -27.27 11.25 -22.70
C ASP B 4 -25.83 11.06 -22.23
N GLU B 5 -24.92 10.79 -23.17
CA GLU B 5 -23.51 10.67 -22.81
C GLU B 5 -22.94 12.08 -22.67
N LEU B 6 -22.02 12.24 -21.73
CA LEU B 6 -21.33 13.51 -21.48
C LEU B 6 -19.96 13.26 -22.12
N VAL B 7 -19.61 14.11 -23.06
CA VAL B 7 -18.35 13.97 -23.79
C VAL B 7 -17.50 15.23 -23.67
N PHE B 8 -16.30 15.08 -23.11
CA PHE B 8 -15.40 16.22 -22.99
C PHE B 8 -13.98 15.70 -23.12
N PHE B 9 -13.00 16.60 -23.06
CA PHE B 9 -11.60 16.18 -23.20
C PHE B 9 -10.78 16.62 -22.01
N VAL B 10 -9.81 15.79 -21.64
CA VAL B 10 -8.89 16.10 -20.53
C VAL B 10 -7.47 15.84 -21.01
N ASN B 11 -6.67 16.91 -21.04
CA ASN B 11 -5.30 16.84 -21.52
C ASN B 11 -5.23 16.19 -22.90
N GLY B 12 -6.18 16.57 -23.75
CA GLY B 12 -6.22 16.06 -25.11
C GLY B 12 -6.85 14.71 -25.32
N LYS B 13 -7.24 14.03 -24.25
CA LYS B 13 -7.84 12.72 -24.37
C LYS B 13 -9.36 12.76 -24.20
N LYS B 14 -10.07 12.05 -25.06
CA LYS B 14 -11.51 12.04 -25.01
C LYS B 14 -12.04 11.27 -23.82
N VAL B 15 -13.03 11.85 -23.17
CA VAL B 15 -13.67 11.23 -22.02
C VAL B 15 -15.13 11.08 -22.39
N VAL B 16 -15.65 9.86 -22.32
CA VAL B 16 -17.07 9.63 -22.61
C VAL B 16 -17.63 9.05 -21.32
N GLU B 17 -18.43 9.86 -20.63
CA GLU B 17 -19.03 9.45 -19.37
C GLU B 17 -20.46 9.10 -19.68
N LYS B 18 -20.79 7.82 -19.62
CA LYS B 18 -22.14 7.38 -19.95
C LYS B 18 -23.18 7.58 -18.88
N ASN B 19 -22.75 7.83 -17.64
CA ASN B 19 -23.68 8.02 -16.54
C ASN B 19 -23.25 9.15 -15.62
N ALA B 20 -23.14 10.33 -16.22
CA ALA B 20 -22.73 11.51 -15.46
C ALA B 20 -23.75 11.86 -14.39
N ASP B 21 -23.26 12.08 -13.18
CA ASP B 21 -24.12 12.45 -12.09
C ASP B 21 -23.99 13.97 -11.95
N PRO B 22 -25.10 14.71 -12.05
CA PRO B 22 -25.10 16.17 -11.93
C PRO B 22 -24.35 16.72 -10.72
N GLU B 23 -24.25 15.93 -9.64
CA GLU B 23 -23.56 16.40 -8.46
C GLU B 23 -22.04 16.23 -8.50
N THR B 24 -21.52 15.54 -9.50
CA THR B 24 -20.08 15.33 -9.60
C THR B 24 -19.31 16.57 -10.05
N THR B 25 -18.32 16.98 -9.26
CA THR B 25 -17.50 18.14 -9.64
C THR B 25 -16.33 17.65 -10.47
N LEU B 26 -15.74 18.57 -11.22
CA LEU B 26 -14.60 18.19 -12.03
C LEU B 26 -13.44 17.72 -11.15
N LEU B 27 -13.25 18.36 -9.99
CA LEU B 27 -12.15 17.98 -9.11
C LEU B 27 -12.31 16.52 -8.69
N ALA B 28 -13.53 16.15 -8.29
CA ALA B 28 -13.74 14.75 -7.89
C ALA B 28 -13.52 13.81 -9.05
N TYR B 29 -13.98 14.21 -10.22
CA TYR B 29 -13.83 13.35 -11.39
C TYR B 29 -12.35 13.13 -11.74
N LEU B 30 -11.60 14.21 -11.80
CA LEU B 30 -10.18 14.11 -12.12
C LEU B 30 -9.46 13.18 -11.13
N ARG B 31 -9.71 13.41 -9.86
CA ARG B 31 -9.01 12.67 -8.81
C ARG B 31 -9.47 11.24 -8.57
N ARG B 32 -10.78 11.01 -8.64
CA ARG B 32 -11.33 9.68 -8.36
C ARG B 32 -11.63 8.80 -9.55
N LYS B 33 -11.86 9.39 -10.72
CA LYS B 33 -12.17 8.58 -11.88
C LYS B 33 -11.03 8.56 -12.90
N LEU B 34 -10.41 9.71 -13.13
CA LEU B 34 -9.34 9.73 -14.12
C LEU B 34 -7.92 9.54 -13.58
N GLY B 35 -7.77 9.43 -12.26
CA GLY B 35 -6.46 9.22 -11.67
C GLY B 35 -5.46 10.33 -11.87
N LEU B 36 -5.95 11.56 -11.98
CA LEU B 36 -5.08 12.74 -12.18
C LEU B 36 -5.12 13.54 -10.89
N ARG B 37 -4.22 13.20 -9.97
CA ARG B 37 -4.18 13.81 -8.67
C ARG B 37 -3.37 15.08 -8.46
N GLY B 38 -2.90 15.68 -9.57
CA GLY B 38 -2.14 16.91 -9.47
C GLY B 38 -3.00 18.09 -9.01
N THR B 39 -4.27 18.07 -9.39
CA THR B 39 -5.23 19.11 -9.02
C THR B 39 -5.68 18.76 -7.60
N LYS B 40 -5.63 19.75 -6.70
CA LYS B 40 -5.92 19.53 -5.29
C LYS B 40 -7.16 20.15 -4.70
N LEU B 41 -7.55 19.62 -3.53
CA LEU B 41 -8.66 20.18 -2.78
C LEU B 41 -8.02 20.95 -1.62
N GLY B 42 -8.26 22.27 -1.57
CA GLY B 42 -7.76 23.09 -0.48
C GLY B 42 -8.87 23.72 0.36
N CYS B 43 -10.08 23.80 -0.16
CA CYS B 43 -11.17 24.44 0.57
C CYS B 43 -12.58 24.08 0.08
N GLY B 44 -12.73 23.78 -1.21
CA GLY B 44 -14.03 23.43 -1.76
C GLY B 44 -15.00 24.59 -1.87
N GLU B 45 -14.54 25.82 -1.66
CA GLU B 45 -15.43 26.98 -1.74
C GLU B 45 -14.96 28.10 -2.64
N GLY B 46 -14.04 27.78 -3.56
CA GLY B 46 -13.56 28.74 -4.55
C GLY B 46 -12.55 29.80 -4.14
N GLY B 47 -12.10 29.77 -2.90
CA GLY B 47 -11.20 30.81 -2.42
C GLY B 47 -9.71 30.55 -2.37
N CYS B 48 -9.24 29.34 -2.60
CA CYS B 48 -7.80 29.07 -2.49
C CYS B 48 -7.09 28.83 -3.82
N GLY B 49 -7.84 28.42 -4.83
CA GLY B 49 -7.28 28.17 -6.14
C GLY B 49 -6.45 26.91 -6.31
N ALA B 50 -6.34 26.08 -5.28
CA ALA B 50 -5.52 24.89 -5.43
C ALA B 50 -6.07 23.89 -6.45
N CYS B 51 -7.35 24.04 -6.80
CA CYS B 51 -8.03 23.16 -7.75
C CYS B 51 -8.11 23.80 -9.15
N THR B 52 -7.33 24.84 -9.38
CA THR B 52 -7.40 25.55 -10.66
C THR B 52 -7.01 24.69 -11.86
N VAL B 53 -7.82 24.77 -12.91
CA VAL B 53 -7.54 24.09 -14.16
C VAL B 53 -7.81 25.10 -15.29
N MET B 54 -7.41 24.75 -16.50
CA MET B 54 -7.74 25.61 -17.63
C MET B 54 -8.82 24.89 -18.44
N LEU B 55 -9.77 25.65 -18.97
CA LEU B 55 -10.84 25.11 -19.81
C LEU B 55 -10.68 25.81 -21.15
N SER B 56 -10.91 25.09 -22.24
CA SER B 56 -10.83 25.66 -23.59
C SER B 56 -12.06 25.22 -24.35
N LYS B 57 -12.61 26.12 -25.16
CA LYS B 57 -13.78 25.74 -25.95
C LYS B 57 -13.85 26.61 -27.18
N TYR B 58 -14.60 26.14 -28.17
CA TYR B 58 -14.78 26.92 -29.38
C TYR B 58 -16.01 27.78 -29.10
N ASP B 59 -15.85 29.10 -29.13
CA ASP B 59 -16.99 29.98 -28.87
C ASP B 59 -17.70 30.22 -30.20
N ARG B 60 -18.94 29.74 -30.29
CA ARG B 60 -19.75 29.87 -31.51
C ARG B 60 -20.04 31.31 -31.87
N LEU B 61 -20.37 32.14 -30.87
CA LEU B 61 -20.69 33.55 -31.10
C LEU B 61 -19.47 34.43 -31.43
N GLN B 62 -18.26 33.96 -31.11
CA GLN B 62 -17.03 34.71 -31.37
C GLN B 62 -16.25 34.07 -32.52
N ASP B 63 -16.55 32.81 -32.77
CA ASP B 63 -15.89 32.02 -33.80
C ASP B 63 -14.38 31.85 -33.61
N LYS B 64 -14.00 31.39 -32.41
CA LYS B 64 -12.59 31.14 -32.11
C LYS B 64 -12.49 30.36 -30.82
N ILE B 65 -11.32 29.80 -30.56
CA ILE B 65 -11.07 29.02 -29.35
C ILE B 65 -10.69 29.94 -28.20
N ILE B 66 -11.40 29.83 -27.10
CA ILE B 66 -11.09 30.67 -25.95
C ILE B 66 -10.55 29.77 -24.85
N HIS B 67 -9.69 30.35 -24.00
CA HIS B 67 -9.07 29.63 -22.89
C HIS B 67 -9.32 30.44 -21.63
N PHE B 68 -9.76 29.77 -20.55
CA PHE B 68 -10.00 30.48 -19.30
C PHE B 68 -9.75 29.54 -18.11
N SER B 69 -9.53 30.09 -16.93
CA SER B 69 -9.28 29.24 -15.77
C SER B 69 -10.58 29.02 -14.98
N ALA B 70 -10.61 27.99 -14.16
CA ALA B 70 -11.80 27.70 -13.38
C ALA B 70 -11.40 26.85 -12.18
N ASN B 71 -12.19 26.97 -11.12
CA ASN B 71 -11.98 26.15 -9.93
C ASN B 71 -12.64 24.80 -10.16
N ALA B 72 -11.85 23.73 -10.25
CA ALA B 72 -12.44 22.41 -10.46
C ALA B 72 -13.35 21.98 -9.28
N CYS B 73 -13.17 22.57 -8.10
CA CYS B 73 -13.99 22.17 -6.95
C CYS B 73 -15.44 22.65 -7.07
N LEU B 74 -15.70 23.63 -7.92
CA LEU B 74 -17.07 24.14 -8.10
C LEU B 74 -17.61 23.92 -9.52
N ALA B 75 -16.78 23.37 -10.42
CA ALA B 75 -17.25 23.14 -11.79
C ALA B 75 -17.97 21.81 -11.94
N PRO B 76 -19.27 21.84 -12.23
CA PRO B 76 -19.98 20.54 -12.39
C PRO B 76 -19.49 19.90 -13.71
N ILE B 77 -19.24 18.59 -13.74
CA ILE B 77 -18.79 18.01 -15.02
C ILE B 77 -19.93 18.15 -16.03
N CYS B 78 -21.16 18.27 -15.56
CA CYS B 78 -22.27 18.39 -16.49
C CYS B 78 -22.32 19.72 -17.26
N THR B 79 -21.45 20.68 -16.92
CA THR B 79 -21.37 21.95 -17.67
C THR B 79 -20.27 21.86 -18.73
N LEU B 80 -19.52 20.76 -18.72
CA LEU B 80 -18.36 20.60 -19.59
C LEU B 80 -18.50 19.85 -20.90
N HIS B 81 -19.73 19.58 -21.35
CA HIS B 81 -19.89 18.86 -22.61
C HIS B 81 -19.18 19.66 -23.72
N HIS B 82 -18.31 18.99 -24.48
CA HIS B 82 -17.54 19.58 -25.56
C HIS B 82 -16.59 20.70 -25.14
N VAL B 83 -16.06 20.56 -23.93
CA VAL B 83 -15.08 21.50 -23.39
C VAL B 83 -13.78 20.71 -23.24
N ALA B 84 -12.64 21.35 -23.39
CA ALA B 84 -11.37 20.67 -23.24
C ALA B 84 -10.71 21.18 -21.96
N VAL B 85 -10.42 20.27 -21.05
CA VAL B 85 -9.78 20.59 -19.76
C VAL B 85 -8.28 20.33 -19.83
N THR B 86 -7.50 21.23 -19.23
CA THR B 86 -6.04 21.06 -19.15
C THR B 86 -5.70 21.17 -17.66
N THR B 87 -5.07 20.13 -17.13
CA THR B 87 -4.66 20.13 -15.72
C THR B 87 -3.13 20.32 -15.72
N VAL B 88 -2.56 20.34 -14.53
CA VAL B 88 -1.11 20.51 -14.40
C VAL B 88 -0.38 19.38 -15.16
N GLU B 89 -0.91 18.17 -15.14
CA GLU B 89 -0.28 17.05 -15.85
C GLU B 89 -0.26 17.24 -17.36
N GLY B 90 -1.17 18.09 -17.86
CA GLY B 90 -1.28 18.29 -19.29
C GLY B 90 -0.29 19.26 -19.90
N ILE B 91 0.51 19.95 -19.08
CA ILE B 91 1.44 20.90 -19.67
C ILE B 91 2.91 20.51 -19.55
N GLY B 92 3.22 19.50 -18.76
CA GLY B 92 4.60 19.08 -18.60
C GLY B 92 4.76 18.20 -17.39
N SER B 93 5.94 17.58 -17.28
CA SER B 93 6.21 16.70 -16.14
C SER B 93 7.71 16.43 -16.08
N THR B 94 8.18 15.93 -14.94
CA THR B 94 9.59 15.63 -14.80
C THR B 94 9.96 14.37 -15.57
N LYS B 95 8.96 13.59 -15.97
CA LYS B 95 9.21 12.38 -16.74
C LYS B 95 9.38 12.72 -18.22
N THR B 96 8.88 13.88 -18.63
CA THR B 96 9.03 14.30 -20.02
C THR B 96 9.86 15.58 -19.97
N ARG B 97 9.19 16.72 -19.93
CA ARG B 97 9.89 18.00 -19.82
C ARG B 97 8.93 18.94 -19.12
N LEU B 98 9.45 19.80 -18.26
CA LEU B 98 8.59 20.75 -17.57
C LEU B 98 8.25 21.90 -18.50
N HIS B 99 7.03 22.41 -18.39
CA HIS B 99 6.63 23.58 -19.15
C HIS B 99 7.39 24.77 -18.51
N PRO B 100 7.64 25.85 -19.28
CA PRO B 100 8.32 27.02 -18.72
C PRO B 100 7.72 27.50 -17.40
N VAL B 101 6.38 27.51 -17.30
CA VAL B 101 5.74 27.96 -16.05
C VAL B 101 6.19 27.08 -14.87
N GLN B 102 6.22 25.77 -15.09
CA GLN B 102 6.63 24.83 -14.03
C GLN B 102 8.12 24.99 -13.71
N GLU B 103 8.95 25.05 -14.75
CA GLU B 103 10.38 25.22 -14.53
C GLU B 103 10.68 26.49 -13.72
N ARG B 104 10.04 27.59 -14.08
CA ARG B 104 10.34 28.84 -13.41
C ARG B 104 9.88 28.91 -11.98
N ILE B 105 8.69 28.40 -11.67
CA ILE B 105 8.26 28.50 -10.27
C ILE B 105 9.17 27.62 -9.40
N ALA B 106 9.62 26.48 -9.93
CA ALA B 106 10.50 25.60 -9.16
C ALA B 106 11.90 26.20 -8.95
N LYS B 107 12.51 26.67 -10.05
CA LYS B 107 13.86 27.24 -9.97
C LYS B 107 13.95 28.55 -9.21
N SER B 108 12.85 29.29 -9.14
N SER B 108 12.85 29.29 -9.13
CA SER B 108 12.85 30.58 -8.45
CA SER B 108 12.80 30.58 -8.45
C SER B 108 12.48 30.47 -6.97
C SER B 108 12.47 30.46 -6.97
N HIS B 109 12.35 29.24 -6.49
CA HIS B 109 12.01 28.95 -5.08
C HIS B 109 10.59 29.40 -4.75
N GLY B 110 9.71 29.26 -5.75
CA GLY B 110 8.31 29.64 -5.58
C GLY B 110 7.47 28.49 -5.04
N SER B 111 8.11 27.37 -4.74
CA SER B 111 7.38 26.22 -4.20
C SER B 111 8.07 25.72 -2.93
N GLN B 112 7.34 25.67 -1.81
CA GLN B 112 7.87 25.14 -0.57
C GLN B 112 7.14 23.83 -0.27
N CYS B 113 5.98 23.87 0.41
CA CYS B 113 5.30 22.60 0.64
C CYS B 113 4.79 22.05 -0.69
N GLY B 114 4.48 22.96 -1.62
CA GLY B 114 4.05 22.59 -2.97
C GLY B 114 2.57 22.31 -3.20
N PHE B 115 1.76 22.39 -2.14
CA PHE B 115 0.35 22.04 -2.34
C PHE B 115 -0.44 23.01 -3.22
N CYS B 116 -0.06 24.29 -3.18
CA CYS B 116 -0.72 25.32 -3.98
C CYS B 116 -0.09 25.42 -5.36
N THR B 117 1.03 24.74 -5.56
CA THR B 117 1.78 24.97 -6.79
C THR B 117 1.06 24.63 -8.08
N PRO B 118 0.40 23.47 -8.16
CA PRO B 118 -0.31 23.16 -9.42
C PRO B 118 -1.34 24.23 -9.75
N GLY B 119 -2.07 24.71 -8.76
CA GLY B 119 -3.10 25.72 -9.02
C GLY B 119 -2.53 27.04 -9.50
N ILE B 120 -1.41 27.43 -8.90
CA ILE B 120 -0.75 28.68 -9.32
C ILE B 120 -0.17 28.50 -10.74
N VAL B 121 0.41 27.33 -11.00
CA VAL B 121 0.95 27.03 -12.32
C VAL B 121 -0.18 27.17 -13.35
N MET B 122 -1.37 26.63 -13.04
CA MET B 122 -2.46 26.74 -14.01
C MET B 122 -3.00 28.13 -14.18
N SER B 123 -3.00 28.93 -13.12
CA SER B 123 -3.42 30.32 -13.26
C SER B 123 -2.43 31.05 -14.17
N MET B 124 -1.13 30.81 -13.96
CA MET B 124 -0.12 31.46 -14.82
C MET B 124 -0.19 30.96 -16.27
N TYR B 125 -0.31 29.65 -16.42
CA TYR B 125 -0.41 29.04 -17.74
C TYR B 125 -1.59 29.62 -18.52
N THR B 126 -2.74 29.74 -17.85
CA THR B 126 -3.91 30.28 -18.50
C THR B 126 -3.65 31.70 -18.99
N LEU B 127 -2.98 32.50 -18.18
CA LEU B 127 -2.70 33.86 -18.59
C LEU B 127 -1.85 33.85 -19.87
N LEU B 128 -0.81 33.02 -19.87
CA LEU B 128 0.08 32.96 -21.03
C LEU B 128 -0.59 32.46 -22.29
N ARG B 129 -1.59 31.61 -22.15
CA ARG B 129 -2.30 31.11 -23.33
C ARG B 129 -3.20 32.21 -23.91
N ASN B 130 -3.50 33.23 -23.12
CA ASN B 130 -4.31 34.36 -23.56
C ASN B 130 -3.36 35.50 -23.98
N GLN B 131 -2.28 35.66 -23.24
CA GLN B 131 -1.31 36.73 -23.51
C GLN B 131 0.10 36.20 -23.28
N PRO B 132 0.82 35.82 -24.38
CA PRO B 132 2.20 35.28 -24.38
C PRO B 132 3.25 36.22 -23.78
N GLU B 133 2.97 37.52 -23.83
CA GLU B 133 3.86 38.53 -23.27
C GLU B 133 3.02 39.47 -22.39
N PRO B 134 2.67 39.02 -21.18
CA PRO B 134 1.86 39.84 -20.28
C PRO B 134 2.65 40.94 -19.56
N THR B 135 1.92 41.91 -19.00
CA THR B 135 2.53 42.99 -18.23
C THR B 135 2.64 42.50 -16.78
N VAL B 136 3.43 43.18 -15.95
CA VAL B 136 3.59 42.79 -14.57
C VAL B 136 2.23 42.83 -13.85
N GLU B 137 1.41 43.82 -14.20
CA GLU B 137 0.10 43.94 -13.58
C GLU B 137 -0.77 42.76 -13.94
N GLU B 138 -0.72 42.31 -15.20
CA GLU B 138 -1.53 41.17 -15.59
C GLU B 138 -1.07 39.91 -14.84
N ILE B 139 0.24 39.79 -14.66
CA ILE B 139 0.79 38.64 -13.93
C ILE B 139 0.26 38.67 -12.49
N GLU B 140 0.31 39.81 -11.81
CA GLU B 140 -0.20 39.86 -10.45
C GLU B 140 -1.68 39.53 -10.38
N ASP B 141 -2.45 40.06 -11.35
CA ASP B 141 -3.90 39.84 -11.36
C ASP B 141 -4.32 38.41 -11.66
N ALA B 142 -3.40 37.64 -12.22
CA ALA B 142 -3.72 36.27 -12.57
C ALA B 142 -3.96 35.43 -11.32
N PHE B 143 -3.47 35.93 -10.18
CA PHE B 143 -3.55 35.18 -8.91
C PHE B 143 -4.49 35.73 -7.81
N GLN B 144 -5.46 36.57 -8.19
CA GLN B 144 -6.40 37.12 -7.20
C GLN B 144 -7.12 35.96 -6.47
N GLY B 145 -7.20 34.82 -7.15
CA GLY B 145 -7.89 33.68 -6.58
C GLY B 145 -7.00 32.51 -6.17
N ASN B 146 -5.70 32.74 -5.94
CA ASN B 146 -4.81 31.67 -5.49
C ASN B 146 -4.13 32.06 -4.18
N LEU B 147 -4.09 31.12 -3.23
CA LEU B 147 -3.44 31.37 -1.96
C LEU B 147 -2.24 30.46 -1.75
N CYS B 148 -1.22 30.97 -1.07
CA CYS B 148 -0.04 30.18 -0.73
C CYS B 148 0.25 30.55 0.72
N ARG B 149 0.42 29.56 1.59
CA ARG B 149 0.69 29.78 3.00
C ARG B 149 2.18 29.76 3.36
N CYS B 150 2.99 29.23 2.46
CA CYS B 150 4.42 29.06 2.73
C CYS B 150 5.43 30.08 2.26
N THR B 151 5.25 30.57 1.05
CA THR B 151 6.28 31.38 0.44
C THR B 151 6.34 32.86 0.67
N GLY B 152 5.23 33.45 1.05
CA GLY B 152 5.27 34.90 1.20
C GLY B 152 5.12 35.52 -0.18
N TYR B 153 4.82 34.68 -1.18
CA TYR B 153 4.53 35.11 -2.56
C TYR B 153 5.62 35.75 -3.39
N ARG B 154 6.51 36.48 -2.75
CA ARG B 154 7.59 37.16 -3.48
C ARG B 154 8.29 36.35 -4.59
N PRO B 155 8.80 35.13 -4.28
CA PRO B 155 9.48 34.33 -5.32
C PRO B 155 8.61 33.90 -6.48
N ILE B 156 7.33 33.70 -6.23
CA ILE B 156 6.44 33.29 -7.30
C ILE B 156 6.31 34.45 -8.28
N LEU B 157 6.05 35.63 -7.75
CA LEU B 157 5.91 36.80 -8.61
C LEU B 157 7.23 37.16 -9.29
N GLN B 158 8.33 37.08 -8.56
CA GLN B 158 9.61 37.46 -9.15
C GLN B 158 10.02 36.48 -10.23
N GLY B 159 9.80 35.19 -10.01
CA GLY B 159 10.13 34.20 -11.04
C GLY B 159 9.24 34.37 -12.25
N PHE B 160 7.95 34.66 -12.04
CA PHE B 160 7.07 34.82 -13.20
C PHE B 160 7.23 36.16 -13.92
N ARG B 161 7.80 37.14 -13.24
CA ARG B 161 8.02 38.47 -13.82
C ARG B 161 8.91 38.34 -15.05
N THR B 162 9.68 37.27 -15.11
CA THR B 162 10.57 37.04 -16.26
C THR B 162 9.81 36.77 -17.55
N PHE B 163 8.49 36.51 -17.47
CA PHE B 163 7.67 36.29 -18.66
C PHE B 163 7.23 37.62 -19.27
N ALA B 164 7.37 38.71 -18.51
CA ALA B 164 6.95 40.02 -19.03
C ALA B 164 8.02 40.59 -19.98
N PRO B 193 25.56 37.50 -5.02
CA PRO B 193 25.06 36.28 -5.72
C PRO B 193 23.55 36.37 -5.91
N SER B 194 23.00 35.56 -6.83
CA SER B 194 21.56 35.56 -7.11
C SER B 194 20.92 34.24 -6.67
N LEU B 195 19.65 34.29 -6.25
CA LEU B 195 18.97 33.05 -5.84
C LEU B 195 18.63 32.16 -7.03
N PHE B 196 18.42 32.77 -8.19
CA PHE B 196 18.18 32.01 -9.43
C PHE B 196 18.74 32.76 -10.63
N ASN B 197 18.88 32.06 -11.76
CA ASN B 197 19.42 32.64 -12.97
C ASN B 197 18.44 32.54 -14.14
N PRO B 198 17.73 33.64 -14.43
CA PRO B 198 16.74 33.71 -15.52
C PRO B 198 17.33 33.34 -16.87
N GLU B 199 18.64 33.47 -17.02
CA GLU B 199 19.28 33.13 -18.30
C GLU B 199 19.16 31.65 -18.61
N GLU B 200 18.86 30.83 -17.61
CA GLU B 200 18.73 29.38 -17.82
C GLU B 200 17.31 29.01 -18.22
N PHE B 201 16.39 29.97 -18.14
CA PHE B 201 14.99 29.69 -18.46
C PHE B 201 14.64 29.52 -19.92
N MET B 202 13.96 28.44 -20.23
CA MET B 202 13.51 28.18 -21.58
C MET B 202 12.39 29.17 -21.93
N PRO B 203 12.52 29.87 -23.07
CA PRO B 203 11.49 30.82 -23.49
C PRO B 203 10.19 30.09 -23.80
N LEU B 204 9.08 30.81 -23.71
CA LEU B 204 7.78 30.24 -24.03
C LEU B 204 7.77 30.15 -25.57
N ASP B 205 7.21 29.08 -26.12
CA ASP B 205 7.10 28.91 -27.57
C ASP B 205 5.71 28.39 -27.89
N PRO B 206 4.77 29.31 -28.16
CA PRO B 206 3.39 28.95 -28.46
C PRO B 206 3.19 27.85 -29.52
N THR B 207 4.12 27.72 -30.46
CA THR B 207 3.99 26.69 -31.49
C THR B 207 4.12 25.28 -30.92
N GLN B 208 4.62 25.17 -29.69
CA GLN B 208 4.79 23.86 -29.07
C GLN B 208 3.70 23.46 -28.05
N GLU B 209 2.68 24.31 -27.87
CA GLU B 209 1.59 24.02 -26.92
C GLU B 209 0.61 22.99 -27.51
N PRO B 210 -0.06 22.22 -26.63
CA PRO B 210 -1.03 21.21 -27.09
C PRO B 210 -2.07 21.85 -28.02
N ILE B 211 -2.41 21.20 -29.13
CA ILE B 211 -3.41 21.78 -30.03
C ILE B 211 -4.80 21.47 -29.49
N PHE B 212 -5.76 22.35 -29.78
CA PHE B 212 -7.14 22.14 -29.35
C PHE B 212 -7.61 20.83 -30.00
N PRO B 213 -8.23 19.92 -29.21
CA PRO B 213 -8.70 18.66 -29.76
C PRO B 213 -9.41 18.74 -31.10
N PRO B 214 -8.80 18.15 -32.14
CA PRO B 214 -9.36 18.15 -33.49
C PRO B 214 -10.82 17.69 -33.52
N GLU B 215 -11.11 16.63 -32.77
CA GLU B 215 -12.47 16.12 -32.72
C GLU B 215 -13.48 17.17 -32.25
N LEU B 216 -13.10 17.98 -31.26
CA LEU B 216 -13.99 19.02 -30.76
C LEU B 216 -14.28 20.06 -31.81
N LEU B 217 -13.24 20.44 -32.54
CA LEU B 217 -13.37 21.44 -33.58
C LEU B 217 -14.36 20.95 -34.64
N ARG B 218 -14.44 19.64 -34.86
CA ARG B 218 -15.39 19.09 -35.83
C ARG B 218 -16.81 19.18 -35.31
N LEU B 219 -16.98 18.83 -34.03
CA LEU B 219 -18.29 18.86 -33.39
C LEU B 219 -18.90 20.26 -33.34
N LYS B 220 -18.05 21.29 -33.45
CA LYS B 220 -18.53 22.67 -33.40
C LYS B 220 -19.58 22.93 -34.47
N ASP B 221 -19.43 22.28 -35.61
CA ASP B 221 -20.36 22.48 -36.71
C ASP B 221 -21.76 21.98 -36.34
N VAL B 222 -21.85 20.77 -35.80
CA VAL B 222 -23.13 20.18 -35.41
C VAL B 222 -23.93 21.09 -34.46
N PRO B 223 -25.20 21.36 -34.77
CA PRO B 223 -26.05 22.20 -33.93
C PRO B 223 -26.31 21.52 -32.57
N PRO B 224 -26.23 22.28 -31.48
CA PRO B 224 -26.46 21.75 -30.13
C PRO B 224 -27.84 21.12 -29.96
N LYS B 225 -27.92 20.13 -29.07
CA LYS B 225 -29.17 19.43 -28.79
C LYS B 225 -29.33 19.35 -27.28
N GLN B 226 -30.57 19.45 -26.79
CA GLN B 226 -30.81 19.38 -25.35
C GLN B 226 -30.29 18.04 -24.81
N LEU B 227 -29.65 18.07 -23.65
CA LEU B 227 -29.13 16.84 -23.05
C LEU B 227 -29.72 16.63 -21.66
N ARG B 228 -29.78 15.37 -21.24
CA ARG B 228 -30.31 15.04 -19.93
C ARG B 228 -29.37 14.11 -19.19
N PHE B 229 -29.00 14.48 -17.96
CA PHE B 229 -28.14 13.64 -17.16
C PHE B 229 -28.90 13.25 -15.87
N GLU B 230 -28.76 12.00 -15.44
CA GLU B 230 -29.46 11.53 -14.25
C GLU B 230 -28.47 11.00 -13.20
N GLY B 231 -28.55 11.56 -12.01
CA GLY B 231 -27.68 11.15 -10.93
C GLY B 231 -28.44 10.43 -9.82
N GLU B 232 -27.75 10.17 -8.71
CA GLU B 232 -28.36 9.50 -7.58
C GLU B 232 -29.54 10.30 -7.02
N ARG B 233 -29.40 11.62 -6.96
CA ARG B 233 -30.42 12.50 -6.38
C ARG B 233 -30.88 13.65 -7.27
N VAL B 234 -30.12 13.93 -8.31
CA VAL B 234 -30.39 15.08 -9.18
C VAL B 234 -30.48 14.79 -10.67
N THR B 235 -31.37 15.52 -11.35
CA THR B 235 -31.54 15.42 -12.81
C THR B 235 -31.08 16.78 -13.35
N TRP B 236 -30.34 16.75 -14.46
CA TRP B 236 -29.78 17.96 -15.09
C TRP B 236 -30.17 18.00 -16.56
N ILE B 237 -30.75 19.12 -16.98
CA ILE B 237 -31.13 19.28 -18.37
C ILE B 237 -30.31 20.44 -18.90
N GLN B 238 -29.55 20.18 -19.96
CA GLN B 238 -28.75 21.22 -20.60
C GLN B 238 -29.64 21.74 -21.73
N ALA B 239 -30.19 22.95 -21.57
CA ALA B 239 -31.07 23.52 -22.59
C ALA B 239 -30.27 24.11 -23.76
N SER B 240 -30.66 23.79 -24.99
CA SER B 240 -29.94 24.30 -26.16
C SER B 240 -30.52 25.57 -26.77
N THR B 241 -31.79 25.86 -26.50
CA THR B 241 -32.43 27.06 -27.04
C THR B 241 -33.25 27.79 -25.99
N LEU B 242 -33.55 29.05 -26.26
CA LEU B 242 -34.37 29.85 -25.35
C LEU B 242 -35.77 29.24 -25.20
N LYS B 243 -36.34 28.80 -26.32
CA LYS B 243 -37.68 28.19 -26.29
C LYS B 243 -37.64 26.98 -25.35
N GLU B 244 -36.60 26.16 -25.44
CA GLU B 244 -36.48 24.99 -24.57
C GLU B 244 -36.42 25.42 -23.13
N LEU B 245 -35.61 26.43 -22.83
CA LEU B 245 -35.51 26.92 -21.47
C LEU B 245 -36.85 27.40 -20.93
N LEU B 246 -37.57 28.21 -21.70
CA LEU B 246 -38.84 28.73 -21.22
C LEU B 246 -39.89 27.60 -21.06
N ASP B 247 -39.85 26.61 -21.92
CA ASP B 247 -40.77 25.49 -21.78
C ASP B 247 -40.39 24.68 -20.52
N LEU B 248 -39.10 24.44 -20.30
CA LEU B 248 -38.68 23.70 -19.12
C LEU B 248 -39.03 24.41 -17.83
N LYS B 249 -38.93 25.75 -17.83
CA LYS B 249 -39.26 26.52 -16.63
C LYS B 249 -40.77 26.44 -16.34
N ALA B 250 -41.56 26.29 -17.38
CA ALA B 250 -43.01 26.15 -17.22
C ALA B 250 -43.32 24.75 -16.70
N GLN B 251 -42.61 23.74 -17.21
CA GLN B 251 -42.86 22.37 -16.78
C GLN B 251 -42.34 22.07 -15.37
N HIS B 252 -41.26 22.73 -14.99
CA HIS B 252 -40.62 22.54 -13.68
C HIS B 252 -40.20 23.89 -13.12
N PRO B 253 -41.17 24.66 -12.59
CA PRO B 253 -40.94 25.99 -12.03
C PRO B 253 -39.91 26.03 -10.91
N GLU B 254 -39.79 24.94 -10.18
CA GLU B 254 -38.87 24.86 -9.06
C GLU B 254 -37.43 24.51 -9.46
N ALA B 255 -37.24 24.14 -10.73
CA ALA B 255 -35.90 23.79 -11.20
C ALA B 255 -34.97 24.97 -11.00
N LYS B 256 -33.73 24.67 -10.61
CA LYS B 256 -32.73 25.70 -10.39
C LYS B 256 -31.93 25.89 -11.64
N LEU B 257 -31.69 27.14 -12.01
CA LEU B 257 -30.84 27.36 -13.14
C LEU B 257 -29.45 27.31 -12.51
N VAL B 258 -28.49 26.85 -13.29
CA VAL B 258 -27.09 26.81 -12.90
C VAL B 258 -26.33 27.20 -14.14
N VAL B 259 -25.44 28.19 -13.98
CA VAL B 259 -24.56 28.61 -15.03
C VAL B 259 -23.13 28.34 -14.50
N GLY B 260 -22.65 29.22 -13.62
CA GLY B 260 -21.29 28.99 -13.08
C GLY B 260 -21.21 28.07 -11.88
N ASN B 261 -22.34 27.87 -11.21
CA ASN B 261 -22.44 27.04 -10.02
C ASN B 261 -21.69 27.63 -8.81
N THR B 262 -21.27 28.90 -8.89
CA THR B 262 -20.51 29.46 -7.77
C THR B 262 -21.37 29.88 -6.59
N GLU B 263 -22.70 29.78 -6.72
CA GLU B 263 -23.60 30.05 -5.60
C GLU B 263 -24.25 28.70 -5.29
N ILE B 264 -24.79 28.04 -6.31
CA ILE B 264 -25.48 26.76 -6.11
C ILE B 264 -24.54 25.70 -5.53
N GLY B 265 -23.30 25.69 -6.00
CA GLY B 265 -22.35 24.71 -5.49
C GLY B 265 -22.10 24.92 -4.01
N ILE B 266 -22.11 26.17 -3.57
CA ILE B 266 -21.89 26.50 -2.17
C ILE B 266 -23.15 26.09 -1.38
N GLU B 267 -24.33 26.34 -1.95
CA GLU B 267 -25.56 25.97 -1.25
C GLU B 267 -25.66 24.46 -1.03
N MET B 268 -25.31 23.70 -2.04
N MET B 268 -25.30 23.69 -2.07
CA MET B 268 -25.37 22.25 -1.95
CA MET B 268 -25.35 22.23 -2.01
C MET B 268 -24.32 21.66 -1.02
C MET B 268 -24.32 21.67 -1.04
N LYS B 269 -23.10 22.18 -1.11
CA LYS B 269 -22.04 21.64 -0.27
C LYS B 269 -22.04 22.11 1.17
N PHE B 270 -22.37 23.39 1.39
CA PHE B 270 -22.30 23.95 2.73
C PHE B 270 -23.60 24.27 3.44
N LYS B 271 -24.70 24.40 2.70
CA LYS B 271 -25.96 24.73 3.35
C LYS B 271 -26.96 23.58 3.30
N ASN B 272 -26.48 22.38 2.97
CA ASN B 272 -27.33 21.19 2.93
C ASN B 272 -28.58 21.33 2.08
N GLN B 273 -28.45 21.99 0.94
CA GLN B 273 -29.59 22.15 0.05
C GLN B 273 -29.56 21.02 -0.96
N LEU B 274 -30.73 20.65 -1.48
CA LEU B 274 -30.81 19.59 -2.48
C LEU B 274 -31.84 20.05 -3.48
N PHE B 275 -31.38 20.31 -4.69
CA PHE B 275 -32.24 20.76 -5.79
C PHE B 275 -32.29 19.57 -6.74
N PRO B 276 -33.38 18.81 -6.69
CA PRO B 276 -33.55 17.62 -7.53
C PRO B 276 -33.54 17.83 -9.04
N MET B 277 -33.78 19.05 -9.47
CA MET B 277 -33.82 19.38 -10.89
C MET B 277 -33.04 20.67 -11.18
N ILE B 278 -32.11 20.58 -12.12
CA ILE B 278 -31.26 21.70 -12.54
C ILE B 278 -31.40 21.87 -14.05
N ILE B 279 -31.51 23.12 -14.50
CA ILE B 279 -31.56 23.42 -15.93
C ILE B 279 -30.35 24.32 -16.13
N CYS B 280 -29.47 23.96 -17.05
CA CYS B 280 -28.31 24.79 -17.33
C CYS B 280 -28.58 25.46 -18.66
N PRO B 281 -28.69 26.79 -18.67
CA PRO B 281 -28.98 27.59 -19.88
C PRO B 281 -27.76 28.20 -20.56
N ALA B 282 -26.57 27.82 -20.11
CA ALA B 282 -25.32 28.42 -20.62
C ALA B 282 -25.10 28.45 -22.13
N TRP B 283 -25.61 27.46 -22.85
CA TRP B 283 -25.44 27.41 -24.31
C TRP B 283 -26.32 28.34 -25.12
N ILE B 284 -27.36 28.86 -24.51
CA ILE B 284 -28.34 29.68 -25.24
C ILE B 284 -27.81 31.01 -25.77
N PRO B 285 -27.85 31.20 -27.11
CA PRO B 285 -27.37 32.44 -27.73
C PRO B 285 -27.87 33.73 -27.10
N GLU B 286 -29.18 33.82 -26.89
CA GLU B 286 -29.75 35.03 -26.32
C GLU B 286 -29.21 35.35 -24.94
N LEU B 287 -28.87 34.33 -24.17
CA LEU B 287 -28.33 34.56 -22.83
C LEU B 287 -26.84 34.88 -22.83
N ASN B 288 -26.24 34.88 -24.02
CA ASN B 288 -24.82 35.19 -24.17
C ASN B 288 -24.55 36.38 -25.10
N ALA B 289 -25.61 36.99 -25.60
CA ALA B 289 -25.44 38.10 -26.53
C ALA B 289 -25.02 39.42 -25.91
N VAL B 290 -24.21 40.19 -26.64
CA VAL B 290 -23.75 41.50 -26.18
C VAL B 290 -24.16 42.46 -27.29
N GLU B 291 -24.94 43.47 -26.93
CA GLU B 291 -25.42 44.40 -27.94
C GLU B 291 -25.23 45.85 -27.49
N HIS B 292 -24.65 46.65 -28.37
CA HIS B 292 -24.40 48.06 -28.10
C HIS B 292 -25.57 48.87 -28.66
N GLY B 293 -26.40 49.40 -27.78
CA GLY B 293 -27.55 50.18 -28.20
C GLY B 293 -27.41 51.66 -27.89
N PRO B 294 -28.44 52.48 -28.18
CA PRO B 294 -28.31 53.91 -27.88
C PRO B 294 -28.33 54.29 -26.40
N GLU B 295 -28.93 53.46 -25.56
CA GLU B 295 -29.01 53.75 -24.13
C GLU B 295 -27.93 53.10 -23.26
N GLY B 296 -27.30 52.06 -23.79
CA GLY B 296 -26.28 51.37 -23.01
C GLY B 296 -25.83 50.10 -23.67
N ILE B 297 -25.15 49.24 -22.92
CA ILE B 297 -24.67 47.99 -23.46
C ILE B 297 -25.43 46.87 -22.77
N SER B 298 -26.02 46.01 -23.58
CA SER B 298 -26.81 44.89 -23.12
C SER B 298 -26.01 43.58 -23.10
N PHE B 299 -26.13 42.84 -22.00
CA PHE B 299 -25.43 41.57 -21.83
C PHE B 299 -26.45 40.47 -21.53
N GLY B 300 -26.31 39.33 -22.21
CA GLY B 300 -27.18 38.19 -21.93
C GLY B 300 -26.87 37.80 -20.48
N ALA B 301 -27.87 37.26 -19.78
CA ALA B 301 -27.71 36.91 -18.37
C ALA B 301 -26.67 35.83 -18.04
N ALA B 302 -26.30 35.00 -19.02
CA ALA B 302 -25.32 33.95 -18.79
C ALA B 302 -23.89 34.44 -19.03
N CYS B 303 -23.75 35.66 -19.54
CA CYS B 303 -22.41 36.19 -19.80
C CYS B 303 -21.57 36.15 -18.53
N ALA B 304 -20.34 35.66 -18.65
CA ALA B 304 -19.44 35.57 -17.51
C ALA B 304 -18.97 36.96 -17.11
N LEU B 305 -18.71 37.16 -15.82
CA LEU B 305 -18.26 38.45 -15.34
C LEU B 305 -16.98 38.89 -16.05
N SER B 306 -16.12 37.94 -16.42
CA SER B 306 -14.90 38.29 -17.15
C SER B 306 -15.23 38.88 -18.53
N SER B 307 -16.27 38.38 -19.18
CA SER B 307 -16.69 38.92 -20.49
C SER B 307 -17.22 40.34 -20.32
N VAL B 308 -18.00 40.54 -19.27
CA VAL B 308 -18.55 41.85 -19.00
C VAL B 308 -17.41 42.82 -18.77
N GLU B 309 -16.44 42.37 -17.98
CA GLU B 309 -15.28 43.19 -17.64
C GLU B 309 -14.52 43.59 -18.91
N LYS B 310 -14.26 42.62 -19.77
CA LYS B 310 -13.53 42.87 -21.01
C LYS B 310 -14.27 43.88 -21.88
N THR B 311 -15.56 43.65 -22.07
CA THR B 311 -16.39 44.52 -22.88
C THR B 311 -16.45 45.93 -22.34
N LEU B 312 -16.61 46.09 -21.03
CA LEU B 312 -16.68 47.42 -20.46
C LEU B 312 -15.33 48.13 -20.49
N LEU B 313 -14.24 47.37 -20.37
CA LEU B 313 -12.92 48.00 -20.41
C LEU B 313 -12.73 48.63 -21.79
N GLU B 314 -13.14 47.90 -22.81
CA GLU B 314 -13.02 48.38 -24.20
C GLU B 314 -13.88 49.62 -24.41
N ALA B 315 -15.08 49.63 -23.85
CA ALA B 315 -15.97 50.77 -23.96
C ALA B 315 -15.40 51.98 -23.23
N VAL B 316 -14.78 51.75 -22.07
CA VAL B 316 -14.21 52.87 -21.32
C VAL B 316 -13.04 53.48 -22.10
N ALA B 317 -12.31 52.64 -22.80
CA ALA B 317 -11.16 53.12 -23.58
C ALA B 317 -11.61 53.87 -24.84
N LYS B 318 -12.70 53.41 -25.43
CA LYS B 318 -13.19 54.00 -26.68
C LYS B 318 -14.20 55.14 -26.58
N LEU B 319 -14.96 55.23 -25.49
CA LEU B 319 -15.96 56.27 -25.36
C LEU B 319 -15.60 57.45 -24.48
N PRO B 320 -16.30 58.58 -24.66
CA PRO B 320 -16.07 59.79 -23.88
C PRO B 320 -16.26 59.44 -22.40
N THR B 321 -15.41 60.01 -21.56
CA THR B 321 -15.47 59.78 -20.12
C THR B 321 -16.85 60.05 -19.55
N GLN B 322 -17.54 61.06 -20.07
CA GLN B 322 -18.85 61.39 -19.53
C GLN B 322 -19.95 60.35 -19.82
N LYS B 323 -19.68 59.40 -20.70
CA LYS B 323 -20.66 58.38 -21.02
C LYS B 323 -20.38 57.06 -20.30
N THR B 324 -19.26 56.97 -19.62
CA THR B 324 -18.89 55.70 -18.99
C THR B 324 -18.78 55.69 -17.46
N GLU B 325 -19.49 56.61 -16.80
CA GLU B 325 -19.45 56.69 -15.33
C GLU B 325 -19.96 55.40 -14.69
N VAL B 326 -21.09 54.88 -15.20
CA VAL B 326 -21.63 53.65 -14.62
C VAL B 326 -20.73 52.48 -14.95
N PHE B 327 -20.23 52.42 -16.19
CA PHE B 327 -19.33 51.33 -16.57
C PHE B 327 -18.11 51.26 -15.67
N ARG B 328 -17.54 52.41 -15.35
CA ARG B 328 -16.34 52.41 -14.51
C ARG B 328 -16.68 51.96 -13.09
N GLY B 329 -17.90 52.26 -12.65
CA GLY B 329 -18.33 51.82 -11.32
C GLY B 329 -18.41 50.30 -11.29
N VAL B 330 -18.97 49.70 -12.34
CA VAL B 330 -19.04 48.24 -12.46
C VAL B 330 -17.62 47.66 -12.47
N LEU B 331 -16.73 48.26 -13.28
CA LEU B 331 -15.36 47.80 -13.37
C LEU B 331 -14.61 47.89 -12.04
N GLU B 332 -14.87 48.95 -11.26
CA GLU B 332 -14.21 49.10 -9.97
C GLU B 332 -14.65 47.92 -9.06
N GLN B 333 -15.93 47.56 -9.09
N GLN B 333 -15.92 47.56 -9.10
CA GLN B 333 -16.36 46.42 -8.27
CA GLN B 333 -16.36 46.42 -8.30
C GLN B 333 -15.75 45.10 -8.79
C GLN B 333 -15.76 45.11 -8.81
N LEU B 334 -15.71 44.92 -10.12
CA LEU B 334 -15.14 43.68 -10.64
C LEU B 334 -13.66 43.50 -10.33
N ARG B 335 -12.93 44.59 -10.08
CA ARG B 335 -11.51 44.47 -9.74
C ARG B 335 -11.36 43.65 -8.47
N TRP B 336 -12.33 43.83 -7.58
CA TRP B 336 -12.30 43.19 -6.27
C TRP B 336 -13.35 42.10 -6.08
N PHE B 337 -13.82 41.55 -7.19
CA PHE B 337 -14.82 40.50 -7.16
C PHE B 337 -14.13 39.14 -7.35
N ALA B 338 -14.01 38.38 -6.27
CA ALA B 338 -13.38 37.06 -6.35
C ALA B 338 -12.03 37.13 -7.06
N GLY B 339 -11.76 36.16 -7.94
CA GLY B 339 -10.49 36.12 -8.67
C GLY B 339 -10.78 35.71 -10.11
N LYS B 340 -9.74 35.43 -10.91
CA LYS B 340 -9.99 35.07 -12.31
C LYS B 340 -10.84 33.81 -12.51
N GLN B 341 -10.61 32.80 -11.67
CA GLN B 341 -11.33 31.54 -11.79
C GLN B 341 -12.83 31.72 -11.62
N VAL B 342 -13.22 32.42 -10.58
CA VAL B 342 -14.63 32.64 -10.35
C VAL B 342 -15.24 33.59 -11.38
N LYS B 343 -14.53 34.67 -11.71
CA LYS B 343 -15.09 35.60 -12.69
C LYS B 343 -15.25 35.02 -14.08
N SER B 344 -14.45 34.02 -14.43
CA SER B 344 -14.53 33.39 -15.74
C SER B 344 -15.73 32.45 -15.90
N VAL B 345 -16.35 32.04 -14.78
CA VAL B 345 -17.51 31.14 -14.90
C VAL B 345 -18.77 31.78 -14.32
N ALA B 346 -18.61 32.73 -13.39
CA ALA B 346 -19.76 33.39 -12.75
C ALA B 346 -20.53 34.24 -13.73
N SER B 347 -21.85 34.12 -13.72
CA SER B 347 -22.70 34.88 -14.63
C SER B 347 -23.34 36.11 -14.01
N LEU B 348 -23.74 37.03 -14.88
CA LEU B 348 -24.42 38.24 -14.45
C LEU B 348 -25.74 37.87 -13.77
N GLY B 349 -26.52 37.04 -14.44
CA GLY B 349 -27.80 36.62 -13.90
C GLY B 349 -27.67 35.93 -12.57
N GLY B 350 -26.62 35.12 -12.42
CA GLY B 350 -26.42 34.42 -11.16
C GLY B 350 -26.24 35.40 -10.01
N ASN B 351 -25.49 36.48 -10.22
CA ASN B 351 -25.29 37.41 -9.13
C ASN B 351 -26.54 38.18 -8.77
N ILE B 352 -27.22 38.65 -9.79
CA ILE B 352 -28.43 39.43 -9.61
C ILE B 352 -29.54 38.64 -8.92
N ILE B 353 -29.81 37.44 -9.44
CA ILE B 353 -30.90 36.61 -8.91
C ILE B 353 -30.57 35.99 -7.56
N THR B 354 -29.30 35.71 -7.28
CA THR B 354 -28.96 35.17 -5.96
C THR B 354 -29.37 36.18 -4.90
N ALA B 355 -29.30 37.46 -5.25
CA ALA B 355 -29.77 38.49 -4.34
C ALA B 355 -29.18 38.44 -2.94
N SER B 356 -27.87 38.20 -2.86
CA SER B 356 -27.21 38.19 -1.57
C SER B 356 -27.14 39.62 -1.02
N PRO B 357 -27.32 39.78 0.29
CA PRO B 357 -27.26 41.10 0.91
C PRO B 357 -25.90 41.77 0.62
N ILE B 358 -24.86 40.95 0.40
CA ILE B 358 -23.52 41.51 0.14
C ILE B 358 -23.10 41.51 -1.33
N SER B 359 -24.04 41.33 -2.25
CA SER B 359 -23.70 41.40 -3.68
C SER B 359 -22.97 42.73 -3.94
N ASP B 360 -21.89 42.70 -4.70
CA ASP B 360 -21.19 43.94 -5.00
C ASP B 360 -21.72 44.57 -6.29
N LEU B 361 -22.50 43.84 -7.05
CA LEU B 361 -23.04 44.39 -8.30
C LEU B 361 -24.47 44.92 -8.16
N ASN B 362 -25.29 44.27 -7.33
CA ASN B 362 -26.67 44.77 -7.24
C ASN B 362 -26.80 46.23 -6.78
N PRO B 363 -25.93 46.70 -5.86
CA PRO B 363 -26.07 48.10 -5.45
C PRO B 363 -25.75 49.01 -6.65
N VAL B 364 -24.83 48.57 -7.50
CA VAL B 364 -24.45 49.37 -8.67
C VAL B 364 -25.58 49.34 -9.70
N PHE B 365 -26.16 48.17 -9.94
CA PHE B 365 -27.24 48.05 -10.91
C PHE B 365 -28.47 48.82 -10.41
N MET B 366 -28.67 48.85 -9.09
CA MET B 366 -29.80 49.55 -8.51
C MET B 366 -29.61 51.07 -8.59
N ALA B 367 -28.45 51.54 -8.17
CA ALA B 367 -28.20 52.99 -8.19
C ALA B 367 -28.26 53.55 -9.60
N SER B 368 -27.88 52.73 -10.59
CA SER B 368 -27.90 53.16 -12.00
C SER B 368 -29.20 52.87 -12.76
N GLY B 369 -30.14 52.16 -12.12
CA GLY B 369 -31.37 51.82 -12.80
C GLY B 369 -31.15 50.89 -13.98
N THR B 370 -30.14 50.02 -13.89
CA THR B 370 -29.82 49.07 -14.96
C THR B 370 -31.10 48.34 -15.40
N LYS B 371 -31.30 48.22 -16.71
CA LYS B 371 -32.52 47.60 -17.25
C LYS B 371 -32.48 46.10 -17.27
N LEU B 372 -33.52 45.47 -16.71
CA LEU B 372 -33.59 44.01 -16.66
C LEU B 372 -34.70 43.52 -17.60
N THR B 373 -34.35 42.63 -18.52
CA THR B 373 -35.33 42.05 -19.43
C THR B 373 -35.65 40.66 -18.89
N ILE B 374 -36.91 40.46 -18.53
CA ILE B 374 -37.40 39.23 -17.92
C ILE B 374 -38.46 38.57 -18.79
N VAL B 375 -38.28 37.28 -19.06
CA VAL B 375 -39.20 36.53 -19.90
C VAL B 375 -39.67 35.21 -19.31
N SER B 376 -40.82 34.75 -19.80
CA SER B 376 -41.37 33.46 -19.44
C SER B 376 -41.96 33.04 -20.77
N ARG B 377 -42.46 31.82 -20.84
CA ARG B 377 -43.07 31.33 -22.07
C ARG B 377 -44.22 32.28 -22.38
N GLY B 378 -44.17 32.96 -23.52
CA GLY B 378 -45.27 33.86 -23.85
C GLY B 378 -45.28 35.27 -23.26
N THR B 379 -44.37 35.60 -22.34
CA THR B 379 -44.36 36.96 -21.80
C THR B 379 -42.94 37.54 -21.81
N ARG B 380 -42.87 38.87 -21.92
CA ARG B 380 -41.59 39.58 -21.93
C ARG B 380 -41.81 40.97 -21.35
N ARG B 381 -40.89 41.41 -20.49
CA ARG B 381 -40.98 42.74 -19.88
C ARG B 381 -39.58 43.27 -19.56
N THR B 382 -39.44 44.59 -19.52
CA THR B 382 -38.16 45.19 -19.20
C THR B 382 -38.43 46.23 -18.12
N VAL B 383 -37.67 46.18 -17.04
CA VAL B 383 -37.87 47.11 -15.95
C VAL B 383 -36.54 47.59 -15.40
N PRO B 384 -36.47 48.86 -14.97
CA PRO B 384 -35.20 49.31 -14.41
C PRO B 384 -35.11 48.74 -13.00
N MET B 385 -33.92 48.33 -12.58
CA MET B 385 -33.79 47.81 -11.24
C MET B 385 -33.93 48.98 -10.26
N ASP B 386 -34.73 48.79 -9.21
CA ASP B 386 -34.87 49.81 -8.21
C ASP B 386 -35.02 49.10 -6.89
N HIS B 387 -35.26 49.85 -5.82
CA HIS B 387 -35.34 49.24 -4.49
C HIS B 387 -36.40 48.15 -4.32
N THR B 388 -37.47 48.20 -5.10
CA THR B 388 -38.55 47.21 -4.98
C THR B 388 -38.21 45.83 -5.59
N PHE B 389 -37.14 45.76 -6.38
CA PHE B 389 -36.78 44.51 -7.03
C PHE B 389 -36.33 43.45 -6.03
N PHE B 390 -35.84 43.89 -4.87
CA PHE B 390 -35.40 42.97 -3.81
C PHE B 390 -36.34 43.22 -2.64
N PRO B 391 -37.49 42.54 -2.63
CA PRO B 391 -38.48 42.71 -1.56
C PRO B 391 -38.14 42.16 -0.19
N SER B 392 -37.36 41.08 -0.15
CA SER B 392 -36.99 40.47 1.11
C SER B 392 -35.77 39.58 0.92
N TYR B 393 -35.26 39.03 2.03
CA TYR B 393 -34.06 38.21 2.04
C TYR B 393 -33.99 37.17 0.91
N ARG B 394 -32.97 37.31 0.08
CA ARG B 394 -32.71 36.44 -1.06
C ARG B 394 -33.82 36.24 -2.08
N LYS B 395 -34.72 37.23 -2.17
CA LYS B 395 -35.80 37.15 -3.13
C LYS B 395 -35.76 38.33 -4.09
N THR B 396 -36.30 38.12 -5.28
CA THR B 396 -36.39 39.15 -6.31
C THR B 396 -37.82 39.12 -6.82
N LEU B 397 -38.18 40.10 -7.64
CA LEU B 397 -39.54 40.14 -8.18
C LEU B 397 -39.82 39.21 -9.37
N LEU B 398 -38.94 38.27 -9.65
CA LEU B 398 -39.23 37.35 -10.74
C LEU B 398 -40.27 36.32 -10.33
N GLY B 399 -41.10 35.92 -11.30
CA GLY B 399 -42.12 34.91 -11.04
C GLY B 399 -41.48 33.55 -11.11
N PRO B 400 -42.16 32.49 -10.65
CA PRO B 400 -41.60 31.13 -10.67
C PRO B 400 -41.27 30.57 -12.07
N GLU B 401 -41.94 31.07 -13.10
CA GLU B 401 -41.68 30.60 -14.45
C GLU B 401 -40.88 31.58 -15.30
N GLU B 402 -40.41 32.66 -14.69
CA GLU B 402 -39.63 33.66 -15.44
C GLU B 402 -38.13 33.45 -15.24
N ILE B 403 -37.34 33.93 -16.21
CA ILE B 403 -35.89 33.90 -16.12
C ILE B 403 -35.41 35.28 -16.55
N LEU B 404 -34.22 35.65 -16.08
CA LEU B 404 -33.63 36.93 -16.45
C LEU B 404 -32.94 36.64 -17.76
N LEU B 405 -33.35 37.35 -18.82
CA LEU B 405 -32.79 37.14 -20.13
C LEU B 405 -31.55 37.99 -20.41
N SER B 406 -31.64 39.26 -20.06
CA SER B 406 -30.51 40.16 -20.31
C SER B 406 -30.58 41.40 -19.45
N ILE B 407 -29.47 42.12 -19.37
CA ILE B 407 -29.43 43.34 -18.59
C ILE B 407 -28.75 44.41 -19.44
N GLU B 408 -29.22 45.65 -19.34
CA GLU B 408 -28.59 46.71 -20.10
C GLU B 408 -28.00 47.71 -19.12
N ILE B 409 -26.66 47.79 -19.08
CA ILE B 409 -25.95 48.72 -18.21
C ILE B 409 -25.95 50.04 -19.00
N PRO B 410 -26.47 51.09 -18.40
CA PRO B 410 -26.56 52.40 -19.06
C PRO B 410 -25.35 53.30 -19.21
N TYR B 411 -25.36 54.08 -20.29
CA TYR B 411 -24.34 55.10 -20.50
C TYR B 411 -24.76 56.18 -19.52
N SER B 412 -23.80 56.97 -19.03
CA SER B 412 -24.13 58.06 -18.12
C SER B 412 -24.42 59.25 -19.02
N ARG B 413 -25.20 60.19 -18.51
CA ARG B 413 -25.56 61.36 -19.30
C ARG B 413 -24.70 62.55 -18.88
N GLU B 414 -24.93 63.70 -19.50
CA GLU B 414 -24.17 64.86 -19.10
C GLU B 414 -24.76 65.20 -17.74
N ASP B 415 -23.93 65.78 -16.87
CA ASP B 415 -24.34 66.18 -15.54
C ASP B 415 -24.69 65.00 -14.64
N GLU B 416 -24.25 63.81 -15.03
CA GLU B 416 -24.51 62.59 -14.25
C GLU B 416 -23.20 61.91 -13.85
N PHE B 417 -23.03 61.67 -12.55
CA PHE B 417 -21.80 61.07 -12.05
C PHE B 417 -22.08 59.83 -11.19
N PHE B 418 -21.08 58.97 -11.10
CA PHE B 418 -21.25 57.69 -10.41
C PHE B 418 -19.97 57.22 -9.73
N SER B 419 -20.13 56.53 -8.61
CA SER B 419 -19.02 55.94 -7.88
C SER B 419 -19.53 54.61 -7.31
N ALA B 420 -18.61 53.66 -7.18
CA ALA B 420 -18.89 52.37 -6.54
C ALA B 420 -17.69 52.13 -5.62
N PHE B 421 -17.93 51.64 -4.42
CA PHE B 421 -16.85 51.37 -3.45
C PHE B 421 -17.16 50.06 -2.73
N LYS B 422 -16.12 49.38 -2.27
CA LYS B 422 -16.29 48.13 -1.51
C LYS B 422 -15.20 48.13 -0.46
N GLN B 423 -15.54 47.73 0.77
CA GLN B 423 -14.53 47.59 1.81
C GLN B 423 -14.83 46.25 2.48
N ALA B 424 -13.80 45.43 2.62
CA ALA B 424 -13.97 44.11 3.24
C ALA B 424 -12.87 43.95 4.30
N SER B 425 -12.38 42.73 4.49
CA SER B 425 -11.32 42.48 5.47
C SER B 425 -9.97 42.45 4.80
N ARG B 426 -9.97 42.08 3.52
CA ARG B 426 -8.78 42.02 2.69
C ARG B 426 -9.21 42.55 1.31
N ARG B 427 -8.36 43.31 0.64
CA ARG B 427 -8.76 43.85 -0.66
C ARG B 427 -9.15 42.78 -1.68
N GLU B 428 -8.29 41.78 -1.82
CA GLU B 428 -8.47 40.72 -2.81
C GLU B 428 -9.40 39.58 -2.41
N ASP B 429 -10.28 39.20 -3.33
CA ASP B 429 -11.20 38.05 -3.15
C ASP B 429 -11.79 37.95 -1.74
N ASP B 430 -12.59 38.94 -1.36
CA ASP B 430 -13.23 38.92 -0.05
C ASP B 430 -14.71 39.29 -0.16
N ILE B 431 -15.46 39.04 0.91
CA ILE B 431 -16.88 39.35 0.96
C ILE B 431 -17.00 40.79 1.49
N ALA B 432 -17.82 41.59 0.83
CA ALA B 432 -17.97 42.96 1.29
C ALA B 432 -18.47 43.12 2.71
N LYS B 433 -17.90 44.07 3.44
CA LYS B 433 -18.38 44.42 4.77
C LYS B 433 -19.49 45.46 4.41
N VAL B 434 -19.15 46.43 3.59
CA VAL B 434 -20.13 47.41 3.08
C VAL B 434 -19.70 47.63 1.62
N THR B 435 -20.67 47.73 0.72
CA THR B 435 -20.37 47.91 -0.69
C THR B 435 -21.47 48.83 -1.21
N CYS B 436 -21.19 49.62 -2.24
CA CYS B 436 -22.24 50.52 -2.68
C CYS B 436 -22.14 50.99 -4.10
N GLY B 437 -23.25 51.59 -4.55
CA GLY B 437 -23.31 52.19 -5.87
C GLY B 437 -23.91 53.56 -5.57
N MET B 438 -23.34 54.64 -6.14
CA MET B 438 -23.88 55.98 -5.84
C MET B 438 -23.97 56.78 -7.13
N ARG B 439 -25.12 57.38 -7.36
CA ARG B 439 -25.34 58.17 -8.57
C ARG B 439 -25.99 59.50 -8.27
N VAL B 440 -25.56 60.55 -9.00
CA VAL B 440 -26.23 61.83 -8.83
C VAL B 440 -26.42 62.39 -10.23
N LEU B 441 -27.58 63.00 -10.45
CA LEU B 441 -27.89 63.64 -11.73
C LEU B 441 -28.22 65.07 -11.36
N PHE B 442 -27.55 66.03 -11.98
CA PHE B 442 -27.80 67.44 -11.69
C PHE B 442 -28.61 68.09 -12.80
N GLN B 443 -29.23 69.22 -12.48
CA GLN B 443 -29.95 69.98 -13.51
C GLN B 443 -28.84 70.41 -14.48
N PRO B 444 -29.16 70.55 -15.78
CA PRO B 444 -28.18 70.93 -16.79
C PRO B 444 -27.22 72.04 -16.39
N GLY B 445 -25.92 71.73 -16.46
CA GLY B 445 -24.86 72.67 -16.14
C GLY B 445 -24.82 73.22 -14.71
N SER B 446 -25.56 72.63 -13.78
CA SER B 446 -25.55 73.14 -12.41
C SER B 446 -25.04 72.16 -11.38
N MET B 447 -25.16 72.58 -10.12
CA MET B 447 -24.77 71.78 -8.97
C MET B 447 -26.06 71.49 -8.19
N GLN B 448 -27.20 71.63 -8.87
CA GLN B 448 -28.49 71.39 -8.23
C GLN B 448 -28.94 69.95 -8.47
N VAL B 449 -29.11 69.20 -7.38
CA VAL B 449 -29.52 67.80 -7.45
C VAL B 449 -30.90 67.58 -8.06
N LYS B 450 -30.94 66.78 -9.13
CA LYS B 450 -32.21 66.42 -9.78
C LYS B 450 -32.56 65.00 -9.29
N GLU B 451 -31.57 64.12 -9.28
CA GLU B 451 -31.74 62.74 -8.80
C GLU B 451 -30.53 62.35 -7.96
N LEU B 452 -30.77 61.53 -6.93
CA LEU B 452 -29.68 61.07 -6.06
C LEU B 452 -30.05 59.65 -5.63
N ALA B 453 -29.12 58.70 -5.76
CA ALA B 453 -29.38 57.32 -5.37
C ALA B 453 -28.16 56.79 -4.65
N LEU B 454 -28.33 56.36 -3.40
CA LEU B 454 -27.20 55.81 -2.64
C LEU B 454 -27.67 54.41 -2.22
N CYS B 455 -27.10 53.39 -2.87
CA CYS B 455 -27.51 52.01 -2.64
C CYS B 455 -26.39 51.23 -2.00
N TYR B 456 -26.73 50.48 -0.96
CA TYR B 456 -25.74 49.74 -0.20
C TYR B 456 -26.01 48.26 0.00
N GLY B 457 -24.92 47.49 0.04
CA GLY B 457 -24.99 46.07 0.33
C GLY B 457 -24.30 45.97 1.70
N GLY B 458 -24.62 44.93 2.47
CA GLY B 458 -23.99 44.77 3.77
C GLY B 458 -24.58 45.55 4.92
N MET B 459 -25.71 46.23 4.70
CA MET B 459 -26.32 47.02 5.76
C MET B 459 -27.73 46.55 6.16
N ALA B 460 -28.20 45.47 5.54
CA ALA B 460 -29.52 44.92 5.79
C ALA B 460 -29.53 43.52 5.21
N ASP B 461 -30.68 42.86 5.21
CA ASP B 461 -30.72 41.51 4.67
C ASP B 461 -31.00 41.50 3.17
N ARG B 462 -30.78 42.65 2.54
CA ARG B 462 -30.97 42.77 1.11
C ARG B 462 -30.30 44.06 0.67
N THR B 463 -30.13 44.24 -0.63
CA THR B 463 -29.56 45.49 -1.15
C THR B 463 -30.61 46.57 -0.88
N ILE B 464 -30.19 47.70 -0.30
CA ILE B 464 -31.12 48.78 0.03
C ILE B 464 -30.67 50.13 -0.51
N SER B 465 -31.65 51.02 -0.62
CA SER B 465 -31.42 52.38 -1.08
C SER B 465 -31.79 53.31 0.08
N ALA B 466 -30.95 54.31 0.34
CA ALA B 466 -31.22 55.23 1.44
C ALA B 466 -32.18 56.29 0.93
N LEU B 467 -33.38 55.85 0.58
CA LEU B 467 -34.42 56.73 0.02
C LEU B 467 -34.87 57.91 0.85
N LYS B 468 -35.01 57.74 2.15
CA LYS B 468 -35.45 58.84 2.99
C LYS B 468 -34.41 59.96 2.99
N THR B 469 -33.15 59.56 3.04
CA THR B 469 -32.07 60.52 3.05
C THR B 469 -31.90 61.24 1.72
N THR B 470 -31.87 60.49 0.61
CA THR B 470 -31.67 61.12 -0.68
C THR B 470 -32.86 61.95 -1.14
N GLN B 471 -34.07 61.57 -0.73
CA GLN B 471 -35.24 62.34 -1.15
C GLN B 471 -35.17 63.78 -0.65
N LYS B 472 -34.65 63.94 0.57
CA LYS B 472 -34.54 65.25 1.19
C LYS B 472 -33.58 66.20 0.47
N GLN B 473 -32.73 65.65 -0.38
CA GLN B 473 -31.75 66.48 -1.08
C GLN B 473 -32.14 66.84 -2.49
N LEU B 474 -33.30 66.39 -2.94
CA LEU B 474 -33.70 66.71 -4.30
C LEU B 474 -33.93 68.23 -4.33
N SER B 475 -33.37 68.88 -5.35
CA SER B 475 -33.42 70.33 -5.56
C SER B 475 -32.44 71.11 -4.65
N LYS B 476 -31.67 70.40 -3.83
CA LYS B 476 -30.66 71.05 -3.00
C LYS B 476 -29.41 71.12 -3.87
N PHE B 477 -28.39 71.86 -3.41
CA PHE B 477 -27.15 72.00 -4.17
C PHE B 477 -26.00 71.23 -3.53
N TRP B 478 -25.03 70.86 -4.35
CA TRP B 478 -23.87 70.08 -3.87
C TRP B 478 -22.96 70.99 -3.08
N ASN B 479 -23.13 70.99 -1.77
CA ASN B 479 -22.32 71.83 -0.90
C ASN B 479 -22.13 71.18 0.47
N GLU B 480 -21.35 71.84 1.32
CA GLU B 480 -21.04 71.34 2.65
C GLU B 480 -22.28 71.00 3.48
N LYS B 481 -23.33 71.80 3.33
CA LYS B 481 -24.55 71.57 4.08
C LYS B 481 -25.19 70.26 3.64
N LEU B 482 -25.13 69.97 2.35
CA LEU B 482 -25.69 68.73 1.81
C LEU B 482 -24.90 67.55 2.37
N LEU B 483 -23.57 67.68 2.39
CA LEU B 483 -22.72 66.62 2.94
C LEU B 483 -23.15 66.36 4.39
N GLN B 484 -23.29 67.42 5.18
CA GLN B 484 -23.68 67.26 6.58
C GLN B 484 -25.05 66.63 6.74
N ASP B 485 -26.01 67.08 5.93
CA ASP B 485 -27.37 66.56 6.00
C ASP B 485 -27.43 65.09 5.61
N VAL B 486 -26.72 64.71 4.54
CA VAL B 486 -26.73 63.33 4.09
C VAL B 486 -26.05 62.43 5.13
N CYS B 487 -24.95 62.89 5.71
CA CYS B 487 -24.29 62.06 6.72
C CYS B 487 -25.20 61.83 7.93
N ALA B 488 -25.91 62.86 8.38
CA ALA B 488 -26.82 62.73 9.52
C ALA B 488 -28.00 61.84 9.15
N GLY B 489 -28.44 61.94 7.90
CA GLY B 489 -29.54 61.13 7.43
C GLY B 489 -29.14 59.65 7.33
N LEU B 490 -27.95 59.38 6.78
CA LEU B 490 -27.50 57.98 6.67
C LEU B 490 -27.28 57.38 8.05
N ALA B 491 -26.75 58.18 8.98
CA ALA B 491 -26.51 57.68 10.33
C ALA B 491 -27.83 57.27 10.97
N GLU B 492 -28.89 58.00 10.63
CA GLU B 492 -30.21 57.71 11.18
C GLU B 492 -30.94 56.61 10.42
N GLU B 493 -30.92 56.68 9.09
CA GLU B 493 -31.64 55.71 8.27
C GLU B 493 -31.02 54.32 8.19
N LEU B 494 -29.70 54.23 8.04
CA LEU B 494 -29.03 52.93 7.94
C LEU B 494 -28.56 52.48 9.31
N SER B 495 -29.53 52.28 10.19
CA SER B 495 -29.22 51.85 11.54
C SER B 495 -28.93 50.35 11.60
N LEU B 496 -28.23 49.97 12.66
CA LEU B 496 -27.92 48.56 12.90
C LEU B 496 -28.15 48.28 14.38
N SER B 497 -28.87 47.20 14.67
CA SER B 497 -29.13 46.79 16.05
C SER B 497 -27.88 46.11 16.58
N PRO B 498 -27.73 46.05 17.92
CA PRO B 498 -26.55 45.41 18.51
C PRO B 498 -26.35 43.96 18.07
N ASP B 499 -27.44 43.30 17.66
CA ASP B 499 -27.40 41.90 17.25
C ASP B 499 -27.39 41.69 15.74
N ALA B 500 -27.02 42.71 14.98
CA ALA B 500 -26.98 42.58 13.54
C ALA B 500 -25.99 41.49 13.15
N PRO B 501 -26.38 40.61 12.23
CA PRO B 501 -25.49 39.54 11.79
C PRO B 501 -24.22 40.14 11.22
N GLY B 502 -23.08 39.59 11.62
CA GLY B 502 -21.80 40.08 11.14
C GLY B 502 -21.10 41.04 12.08
N GLY B 503 -21.83 41.61 13.02
CA GLY B 503 -21.22 42.53 13.96
C GLY B 503 -20.60 43.74 13.28
N MET B 504 -19.50 44.23 13.87
CA MET B 504 -18.77 45.39 13.36
C MET B 504 -19.71 46.53 13.05
N ILE B 505 -20.58 46.81 14.02
CA ILE B 505 -21.62 47.82 13.90
C ILE B 505 -21.13 49.24 13.62
N GLU B 506 -20.23 49.73 14.48
CA GLU B 506 -19.73 51.08 14.32
C GLU B 506 -18.94 51.22 13.04
N PHE B 507 -18.13 50.22 12.72
CA PHE B 507 -17.33 50.22 11.48
C PHE B 507 -18.21 50.27 10.25
N ARG B 508 -19.23 49.43 10.17
CA ARG B 508 -20.08 49.42 9.00
C ARG B 508 -20.82 50.74 8.84
N ARG B 509 -21.31 51.29 9.95
CA ARG B 509 -22.02 52.55 9.86
C ARG B 509 -21.07 53.64 9.42
N THR B 510 -19.84 53.61 9.95
CA THR B 510 -18.85 54.61 9.60
C THR B 510 -18.52 54.52 8.12
N LEU B 511 -18.49 53.31 7.59
CA LEU B 511 -18.21 53.14 6.16
C LEU B 511 -19.30 53.71 5.28
N THR B 512 -20.57 53.60 5.70
CA THR B 512 -21.64 54.13 4.85
C THR B 512 -21.46 55.64 4.69
N LEU B 513 -21.09 56.33 5.77
CA LEU B 513 -20.87 57.78 5.69
C LEU B 513 -19.56 58.11 4.98
N SER B 514 -18.52 57.32 5.25
CA SER B 514 -17.21 57.56 4.64
C SER B 514 -17.26 57.39 3.11
N PHE B 515 -18.01 56.39 2.65
CA PHE B 515 -18.18 56.18 1.22
C PHE B 515 -18.94 57.39 0.65
N PHE B 516 -19.96 57.87 1.35
CA PHE B 516 -20.65 59.04 0.79
C PHE B 516 -19.70 60.24 0.74
N PHE B 517 -18.87 60.40 1.76
CA PHE B 517 -17.92 61.53 1.76
C PHE B 517 -17.00 61.42 0.55
N LYS B 518 -16.49 60.22 0.27
CA LYS B 518 -15.63 60.01 -0.90
C LYS B 518 -16.38 60.39 -2.17
N PHE B 519 -17.66 60.01 -2.23
CA PHE B 519 -18.49 60.34 -3.39
C PHE B 519 -18.67 61.86 -3.51
N TYR B 520 -18.95 62.48 -2.37
CA TYR B 520 -19.17 63.92 -2.31
C TYR B 520 -17.97 64.67 -2.88
N LEU B 521 -16.78 64.30 -2.41
CA LEU B 521 -15.55 64.94 -2.86
C LEU B 521 -15.26 64.62 -4.32
N THR B 522 -15.55 63.39 -4.74
CA THR B 522 -15.30 62.99 -6.12
C THR B 522 -16.21 63.78 -7.06
N VAL B 523 -17.46 63.97 -6.67
CA VAL B 523 -18.41 64.71 -7.49
C VAL B 523 -17.98 66.19 -7.57
N LEU B 524 -17.48 66.75 -6.47
CA LEU B 524 -16.99 68.14 -6.50
C LEU B 524 -15.86 68.25 -7.52
N LYS B 525 -14.98 67.25 -7.52
CA LYS B 525 -13.86 67.23 -8.45
C LYS B 525 -14.38 67.12 -9.90
N LYS B 526 -15.39 66.28 -10.10
CA LYS B 526 -15.93 66.09 -11.44
C LYS B 526 -16.73 67.30 -11.91
N LEU B 527 -17.30 68.05 -10.96
CA LEU B 527 -18.08 69.24 -11.28
C LEU B 527 -17.15 70.41 -11.58
N GLY B 528 -15.87 70.25 -11.24
CA GLY B 528 -14.89 71.29 -11.49
C GLY B 528 -13.99 70.90 -12.65
N LYS B 537 -10.53 73.03 -7.20
CA LYS B 537 -11.74 73.08 -6.31
C LYS B 537 -11.49 72.38 -4.99
N LEU B 538 -10.81 71.23 -5.03
CA LEU B 538 -10.53 70.48 -3.82
C LEU B 538 -9.20 70.86 -3.16
N ASP B 539 -9.23 70.95 -1.83
CA ASP B 539 -8.03 71.24 -1.05
C ASP B 539 -7.04 70.15 -1.45
N PRO B 540 -5.78 70.53 -1.78
CA PRO B 540 -4.80 69.50 -2.18
C PRO B 540 -4.64 68.40 -1.14
N THR B 541 -4.90 68.71 0.12
CA THR B 541 -4.77 67.73 1.19
C THR B 541 -5.97 66.79 1.22
N TYR B 542 -7.00 67.11 0.43
CA TYR B 542 -8.22 66.29 0.34
C TYR B 542 -8.24 65.44 -0.91
N THR B 543 -7.46 65.82 -1.92
CA THR B 543 -7.43 65.10 -3.20
C THR B 543 -7.27 63.57 -3.14
N SER B 544 -6.34 63.08 -2.32
CA SER B 544 -6.12 61.64 -2.30
C SER B 544 -7.34 60.85 -1.84
N ALA B 545 -8.32 61.51 -1.21
CA ALA B 545 -9.52 60.81 -0.78
C ALA B 545 -10.37 60.40 -1.98
N THR B 546 -10.14 61.02 -3.14
CA THR B 546 -10.93 60.71 -4.33
C THR B 546 -10.28 59.69 -5.28
N LEU B 547 -9.05 59.28 -4.98
CA LEU B 547 -8.33 58.35 -5.83
C LEU B 547 -8.69 56.90 -5.64
N LEU B 548 -8.89 56.17 -6.74
CA LEU B 548 -9.22 54.76 -6.63
C LEU B 548 -7.89 54.05 -6.34
N PHE B 549 -7.96 52.84 -5.82
CA PHE B 549 -6.75 52.10 -5.47
C PHE B 549 -5.78 51.95 -6.64
N GLN B 550 -4.50 52.10 -6.32
CA GLN B 550 -3.46 51.96 -7.31
C GLN B 550 -2.16 51.75 -6.56
N LYS B 551 -1.35 50.77 -6.96
CA LYS B 551 -0.10 50.62 -6.25
C LYS B 551 1.12 50.58 -7.15
N ASP B 552 2.25 50.97 -6.55
CA ASP B 552 3.55 51.03 -7.18
C ASP B 552 3.98 49.69 -7.79
N PRO B 553 4.95 49.72 -8.69
CA PRO B 553 5.42 48.47 -9.31
C PRO B 553 6.29 47.81 -8.21
N PRO B 554 6.43 46.48 -8.25
CA PRO B 554 7.23 45.82 -7.23
C PRO B 554 8.74 46.01 -7.36
N ALA B 555 9.44 45.81 -6.25
CA ALA B 555 10.90 45.92 -6.22
C ALA B 555 11.37 44.95 -5.15
N ASN B 556 12.13 43.93 -5.54
CA ASN B 556 12.61 42.94 -4.59
C ASN B 556 14.10 42.71 -4.70
N ILE B 557 14.78 42.72 -3.57
CA ILE B 557 16.22 42.52 -3.53
C ILE B 557 16.52 41.50 -2.45
N GLN B 558 17.38 40.51 -2.75
CA GLN B 558 17.77 39.54 -1.73
C GLN B 558 19.29 39.56 -1.69
N LEU B 559 19.85 39.74 -0.50
CA LEU B 559 21.29 39.79 -0.35
C LEU B 559 21.76 38.66 0.53
N PHE B 560 22.71 37.87 0.06
CA PHE B 560 23.24 36.81 0.88
C PHE B 560 24.72 36.68 0.56
N GLN B 561 25.36 35.72 1.20
CA GLN B 561 26.80 35.55 1.02
C GLN B 561 27.20 34.44 0.04
N GLU B 562 28.15 34.76 -0.82
CA GLU B 562 28.69 33.81 -1.78
C GLU B 562 29.50 32.79 -0.99
N VAL B 563 29.62 31.56 -1.50
CA VAL B 563 30.40 30.57 -0.77
C VAL B 563 31.86 30.86 -1.09
N PRO B 564 32.78 30.35 -0.25
CA PRO B 564 34.22 30.56 -0.48
C PRO B 564 34.59 30.32 -1.95
N ASN B 565 35.42 31.18 -2.50
CA ASN B 565 35.87 31.13 -3.89
C ASN B 565 36.24 29.76 -4.50
N GLY B 566 36.97 28.93 -3.78
CA GLY B 566 37.37 27.65 -4.33
C GLY B 566 36.55 26.45 -3.91
N GLN B 567 35.44 26.68 -3.21
CA GLN B 567 34.61 25.57 -2.74
C GLN B 567 34.22 24.64 -3.89
N SER B 568 34.31 23.34 -3.66
CA SER B 568 33.96 22.35 -4.68
C SER B 568 32.52 22.53 -5.13
N LYS B 569 32.29 22.44 -6.44
CA LYS B 569 30.95 22.57 -6.97
C LYS B 569 30.04 21.46 -6.43
N GLU B 570 30.63 20.34 -6.01
CA GLU B 570 29.85 19.24 -5.46
C GLU B 570 29.45 19.49 -4.00
N ASP B 571 30.11 20.46 -3.36
CA ASP B 571 29.79 20.82 -1.99
C ASP B 571 28.70 21.89 -2.16
N THR B 572 27.44 21.54 -1.89
CA THR B 572 26.37 22.51 -2.09
C THR B 572 25.95 23.24 -0.82
N VAL B 573 26.61 22.95 0.30
CA VAL B 573 26.25 23.64 1.54
C VAL B 573 26.61 25.13 1.39
N GLY B 574 25.62 25.98 1.61
CA GLY B 574 25.85 27.41 1.46
C GLY B 574 25.37 27.92 0.12
N ARG B 575 24.99 27.01 -0.79
CA ARG B 575 24.52 27.39 -2.11
C ARG B 575 22.99 27.39 -2.13
N PRO B 576 22.38 28.23 -2.99
CA PRO B 576 20.92 28.37 -3.15
C PRO B 576 20.28 27.29 -4.01
N LEU B 577 20.43 26.06 -3.53
CA LEU B 577 19.90 24.87 -4.20
C LEU B 577 18.38 24.80 -4.03
N PRO B 578 17.63 24.68 -5.14
CA PRO B 578 16.17 24.60 -4.99
C PRO B 578 15.73 23.36 -4.22
N HIS B 579 14.59 23.48 -3.55
CA HIS B 579 13.96 22.37 -2.83
C HIS B 579 13.97 21.17 -3.79
N LEU B 580 14.45 20.02 -3.31
CA LEU B 580 14.59 18.83 -4.16
C LEU B 580 13.30 18.35 -4.79
N ALA B 581 12.17 18.63 -4.18
CA ALA B 581 10.89 18.20 -4.75
C ALA B 581 10.12 19.28 -5.49
N ALA B 582 10.70 20.48 -5.60
CA ALA B 582 9.98 21.57 -6.25
C ALA B 582 9.50 21.29 -7.66
N ALA B 583 10.32 20.62 -8.46
CA ALA B 583 9.90 20.34 -9.83
C ALA B 583 8.70 19.37 -9.82
N MET B 584 8.74 18.36 -8.94
N MET B 584 8.73 18.39 -8.95
CA MET B 584 7.63 17.42 -8.88
CA MET B 584 7.61 17.45 -8.90
C MET B 584 6.37 18.12 -8.31
C MET B 584 6.37 18.13 -8.31
N GLN B 585 6.58 19.11 -7.44
CA GLN B 585 5.43 19.85 -6.91
C GLN B 585 4.80 20.72 -8.02
N ALA B 586 5.64 21.32 -8.86
CA ALA B 586 5.17 22.13 -9.97
C ALA B 586 4.48 21.29 -11.04
N SER B 587 4.82 20.01 -11.13
CA SER B 587 4.21 19.13 -12.14
C SER B 587 3.02 18.34 -11.62
N GLY B 588 2.74 18.42 -10.33
CA GLY B 588 1.62 17.64 -9.84
C GLY B 588 1.97 16.17 -9.59
N GLU B 589 3.25 15.84 -9.67
CA GLU B 589 3.71 14.47 -9.44
C GLU B 589 4.01 14.18 -7.97
N ALA B 590 4.26 15.21 -7.18
CA ALA B 590 4.57 14.99 -5.77
C ALA B 590 3.33 14.42 -5.14
N VAL B 591 3.49 13.34 -4.39
CA VAL B 591 2.34 12.69 -3.76
C VAL B 591 2.11 13.15 -2.32
N TYR B 592 0.90 13.64 -2.03
CA TYR B 592 0.52 14.02 -0.67
C TYR B 592 -0.42 12.88 -0.25
N CYS B 593 -0.74 12.82 1.03
CA CYS B 593 -1.53 11.70 1.54
C CYS B 593 -2.73 11.26 0.74
N ASP B 594 -3.63 12.18 0.43
CA ASP B 594 -4.84 11.75 -0.28
C ASP B 594 -4.59 11.38 -1.74
N ASP B 595 -3.40 11.73 -2.24
CA ASP B 595 -3.05 11.38 -3.62
C ASP B 595 -2.65 9.92 -3.73
N ILE B 596 -2.37 9.27 -2.61
CA ILE B 596 -2.02 7.85 -2.63
C ILE B 596 -3.29 7.15 -3.13
N PRO B 597 -3.15 6.26 -4.11
CA PRO B 597 -4.34 5.55 -4.63
C PRO B 597 -5.11 4.79 -3.56
N ARG B 598 -6.43 4.70 -3.71
CA ARG B 598 -7.21 3.96 -2.72
C ARG B 598 -7.26 2.47 -3.07
N TYR B 599 -7.33 1.62 -2.05
CA TYR B 599 -7.46 0.19 -2.31
C TYR B 599 -8.88 -0.04 -2.83
N GLU B 600 -9.10 -1.14 -3.52
CA GLU B 600 -10.44 -1.41 -4.07
C GLU B 600 -11.48 -1.55 -2.95
N ASN B 601 -11.03 -1.97 -1.76
CA ASN B 601 -11.93 -2.15 -0.61
C ASN B 601 -11.80 -1.04 0.43
N GLU B 602 -11.17 0.08 0.04
CA GLU B 602 -10.96 1.18 0.98
C GLU B 602 -12.24 1.97 1.23
N LEU B 603 -12.50 2.23 2.50
CA LEU B 603 -13.69 2.96 2.94
C LEU B 603 -13.33 4.37 3.36
N PHE B 604 -14.37 5.18 3.60
CA PHE B 604 -14.19 6.57 3.98
C PHE B 604 -14.88 6.89 5.29
N LEU B 605 -14.18 7.68 6.10
CA LEU B 605 -14.65 8.10 7.41
C LEU B 605 -14.97 9.60 7.45
N ARG B 606 -16.07 9.93 8.13
CA ARG B 606 -16.48 11.32 8.35
C ARG B 606 -16.74 11.46 9.85
N LEU B 607 -16.08 12.41 10.49
CA LEU B 607 -16.23 12.63 11.92
C LEU B 607 -17.60 13.22 12.24
N VAL B 608 -18.19 12.77 13.35
CA VAL B 608 -19.46 13.33 13.83
C VAL B 608 -19.03 14.17 15.05
N THR B 609 -19.33 15.47 15.02
CA THR B 609 -18.88 16.36 16.08
C THR B 609 -19.98 17.12 16.80
N SER B 610 -19.65 17.52 18.02
CA SER B 610 -20.56 18.27 18.89
C SER B 610 -20.99 19.60 18.32
N THR B 611 -22.28 19.93 18.46
CA THR B 611 -22.76 21.25 18.02
C THR B 611 -22.97 22.16 19.24
N ARG B 612 -22.59 21.67 20.44
CA ARG B 612 -22.73 22.43 21.69
C ARG B 612 -21.36 22.63 22.36
N ALA B 613 -21.19 23.78 23.01
CA ALA B 613 -19.94 24.09 23.70
C ALA B 613 -19.75 23.26 24.96
N HIS B 614 -20.85 22.95 25.67
CA HIS B 614 -20.73 22.15 26.88
C HIS B 614 -22.10 21.52 27.17
N ALA B 615 -22.16 20.19 27.15
CA ALA B 615 -23.43 19.53 27.37
C ALA B 615 -23.31 18.05 27.61
N LYS B 616 -24.36 17.48 28.17
CA LYS B 616 -24.39 16.05 28.37
C LYS B 616 -24.93 15.48 27.06
N ILE B 617 -24.41 14.32 26.67
CA ILE B 617 -24.90 13.65 25.50
C ILE B 617 -26.01 12.75 26.08
N LYS B 618 -27.26 13.04 25.75
CA LYS B 618 -28.35 12.23 26.27
C LYS B 618 -28.53 10.97 25.45
N SER B 619 -28.44 11.10 24.13
CA SER B 619 -28.61 9.94 23.27
C SER B 619 -28.10 10.21 21.85
N ILE B 620 -27.85 9.14 21.12
CA ILE B 620 -27.39 9.24 19.74
C ILE B 620 -28.25 8.32 18.90
N ASP B 621 -28.90 8.88 17.89
CA ASP B 621 -29.76 8.09 17.03
C ASP B 621 -29.21 8.08 15.62
N VAL B 622 -28.85 6.89 15.15
CA VAL B 622 -28.28 6.74 13.82
C VAL B 622 -29.26 6.13 12.82
N SER B 623 -30.54 6.06 13.16
CA SER B 623 -31.51 5.45 12.25
C SER B 623 -31.63 6.12 10.88
N GLU B 624 -31.44 7.42 10.80
CA GLU B 624 -31.51 8.07 9.51
C GLU B 624 -30.18 7.85 8.77
N ALA B 625 -29.09 7.88 9.50
CA ALA B 625 -27.77 7.67 8.89
C ALA B 625 -27.73 6.31 8.21
N GLN B 626 -28.25 5.30 8.92
CA GLN B 626 -28.26 3.93 8.39
C GLN B 626 -28.97 3.78 7.04
N LYS B 627 -29.82 4.75 6.68
CA LYS B 627 -30.56 4.68 5.42
C LYS B 627 -29.81 5.24 4.22
N VAL B 628 -28.73 5.96 4.48
CA VAL B 628 -27.94 6.53 3.39
C VAL B 628 -27.26 5.42 2.62
N PRO B 629 -27.39 5.43 1.29
CA PRO B 629 -26.75 4.36 0.50
C PRO B 629 -25.25 4.29 0.85
N GLY B 630 -24.70 3.09 0.86
CA GLY B 630 -23.28 2.94 1.15
C GLY B 630 -22.84 3.04 2.60
N PHE B 631 -23.77 3.28 3.52
CA PHE B 631 -23.45 3.37 4.94
C PHE B 631 -22.87 2.03 5.39
N VAL B 632 -21.79 2.08 6.16
CA VAL B 632 -21.19 0.85 6.67
C VAL B 632 -21.44 0.78 8.17
N CYS B 633 -21.02 1.81 8.92
CA CYS B 633 -21.24 1.82 10.36
C CYS B 633 -21.01 3.17 11.00
N PHE B 634 -21.48 3.30 12.24
CA PHE B 634 -21.25 4.50 13.04
C PHE B 634 -20.39 3.99 14.19
N LEU B 635 -19.28 4.68 14.47
CA LEU B 635 -18.34 4.28 15.51
C LEU B 635 -18.40 5.27 16.63
N SER B 636 -18.31 4.79 17.87
CA SER B 636 -18.33 5.66 19.03
C SER B 636 -17.42 5.09 20.13
N ALA B 637 -17.38 5.75 21.29
CA ALA B 637 -16.49 5.33 22.36
C ALA B 637 -16.53 3.85 22.70
N ASP B 638 -17.71 3.24 22.72
CA ASP B 638 -17.79 1.82 23.09
C ASP B 638 -17.14 0.86 22.10
N ASP B 639 -16.80 1.37 20.91
CA ASP B 639 -16.16 0.52 19.90
C ASP B 639 -14.64 0.40 20.10
N ILE B 640 -14.06 1.29 20.89
CA ILE B 640 -12.62 1.30 21.14
C ILE B 640 -12.20 0.04 21.93
N PRO B 641 -11.24 -0.74 21.38
CA PRO B 641 -10.80 -1.96 22.07
C PRO B 641 -9.80 -1.74 23.18
N GLY B 642 -9.04 -0.64 23.07
CA GLY B 642 -8.04 -0.33 24.06
C GLY B 642 -8.47 0.74 25.03
N SER B 643 -7.92 1.94 24.88
CA SER B 643 -8.22 3.04 25.79
C SER B 643 -8.84 4.25 25.08
N ASN B 644 -9.83 4.88 25.73
CA ASN B 644 -10.44 6.09 25.17
C ASN B 644 -9.74 7.33 25.75
N GLU B 645 -8.66 7.12 26.50
CA GLU B 645 -7.92 8.24 27.10
C GLU B 645 -6.73 8.59 26.21
N THR B 646 -6.71 9.81 25.69
CA THR B 646 -5.65 10.19 24.78
C THR B 646 -5.17 11.62 25.05
N GLY B 647 -4.37 12.17 24.13
CA GLY B 647 -3.87 13.51 24.33
C GLY B 647 -2.50 13.52 24.97
N LEU B 648 -1.74 14.59 24.74
CA LEU B 648 -0.39 14.70 25.29
C LEU B 648 -0.38 14.48 26.81
N PHE B 649 -1.38 15.02 27.50
CA PHE B 649 -1.45 14.84 28.94
C PHE B 649 -2.57 13.94 29.44
N ASN B 650 -3.00 13.02 28.58
CA ASN B 650 -4.03 12.05 28.92
C ASN B 650 -5.29 12.65 29.49
N ASP B 651 -5.66 13.83 28.99
CA ASP B 651 -6.84 14.52 29.46
C ASP B 651 -7.91 14.67 28.38
N GLU B 652 -7.84 13.83 27.35
CA GLU B 652 -8.82 13.89 26.27
C GLU B 652 -9.44 12.54 25.96
N THR B 653 -10.59 12.56 25.29
CA THR B 653 -11.24 11.34 24.84
C THR B 653 -10.90 11.16 23.36
N VAL B 654 -10.90 9.92 22.87
CA VAL B 654 -10.72 9.68 21.44
C VAL B 654 -12.09 10.03 20.83
N PHE B 655 -13.14 9.59 21.53
CA PHE B 655 -14.55 9.82 21.17
C PHE B 655 -15.25 10.26 22.45
N ALA B 656 -16.02 11.35 22.38
CA ALA B 656 -16.70 11.86 23.57
C ALA B 656 -17.55 10.81 24.26
N LYS B 657 -17.51 10.80 25.59
CA LYS B 657 -18.26 9.86 26.41
C LYS B 657 -19.03 10.69 27.46
N ASP B 658 -20.35 10.62 27.42
CA ASP B 658 -21.22 11.30 28.37
C ASP B 658 -21.31 12.82 28.22
N THR B 659 -20.20 13.52 27.99
CA THR B 659 -20.28 14.97 27.82
C THR B 659 -19.37 15.50 26.71
N VAL B 660 -19.81 16.59 26.07
CA VAL B 660 -19.00 17.26 25.05
C VAL B 660 -18.52 18.56 25.71
N THR B 661 -17.28 18.95 25.44
CA THR B 661 -16.72 20.14 26.05
C THR B 661 -16.31 21.26 25.09
N CYS B 662 -16.77 21.16 23.84
CA CYS B 662 -16.57 22.23 22.87
C CYS B 662 -17.32 21.92 21.59
N VAL B 663 -17.61 22.98 20.83
CA VAL B 663 -18.26 22.80 19.54
C VAL B 663 -17.09 22.21 18.73
N GLY B 664 -17.32 21.07 18.10
CA GLY B 664 -16.27 20.41 17.34
C GLY B 664 -15.73 19.17 18.05
N HIS B 665 -16.09 19.01 19.32
CA HIS B 665 -15.66 17.83 20.11
C HIS B 665 -16.11 16.56 19.36
N ILE B 666 -15.16 15.68 19.03
CA ILE B 666 -15.50 14.48 18.27
C ILE B 666 -16.25 13.45 19.10
N ILE B 667 -17.46 13.17 18.66
CA ILE B 667 -18.35 12.22 19.33
C ILE B 667 -18.26 10.82 18.74
N GLY B 668 -18.04 10.76 17.44
CA GLY B 668 -17.96 9.46 16.79
C GLY B 668 -17.60 9.66 15.34
N ALA B 669 -17.94 8.69 14.52
CA ALA B 669 -17.59 8.76 13.12
C ALA B 669 -18.41 7.81 12.29
N VAL B 670 -18.72 8.23 11.08
CA VAL B 670 -19.42 7.36 10.16
C VAL B 670 -18.44 6.86 9.13
N VAL B 671 -18.57 5.59 8.76
CA VAL B 671 -17.76 4.96 7.74
C VAL B 671 -18.72 4.59 6.62
N ALA B 672 -18.36 4.89 5.37
CA ALA B 672 -19.22 4.57 4.22
C ALA B 672 -18.36 4.27 3.00
N ASP B 673 -19.00 3.84 1.91
CA ASP B 673 -18.30 3.48 0.70
C ASP B 673 -17.74 4.65 -0.11
N THR B 674 -18.25 5.85 0.09
CA THR B 674 -17.74 7.03 -0.61
C THR B 674 -17.71 8.21 0.36
N PRO B 675 -16.89 9.23 0.07
CA PRO B 675 -16.80 10.41 0.94
C PRO B 675 -18.15 11.13 1.04
N GLU B 676 -18.87 11.23 -0.08
CA GLU B 676 -20.18 11.91 -0.10
C GLU B 676 -21.19 11.17 0.76
N HIS B 677 -21.20 9.84 0.68
CA HIS B 677 -22.14 9.07 1.49
C HIS B 677 -21.80 9.15 2.98
N ALA B 678 -20.51 9.18 3.33
CA ALA B 678 -20.15 9.27 4.74
C ALA B 678 -20.57 10.64 5.28
N GLU B 679 -20.38 11.67 4.48
CA GLU B 679 -20.71 13.03 4.88
C GLU B 679 -22.22 13.16 5.05
N ARG B 680 -22.97 12.64 4.09
CA ARG B 680 -24.42 12.74 4.18
C ARG B 680 -24.97 11.99 5.39
N ALA B 681 -24.45 10.80 5.65
CA ALA B 681 -24.91 10.02 6.79
C ALA B 681 -24.53 10.70 8.09
N ALA B 682 -23.30 11.22 8.18
CA ALA B 682 -22.86 11.88 9.40
C ALA B 682 -23.73 13.09 9.71
N HIS B 683 -24.14 13.82 8.67
CA HIS B 683 -24.96 15.00 8.85
C HIS B 683 -26.30 14.68 9.50
N VAL B 684 -26.83 13.49 9.27
CA VAL B 684 -28.12 13.13 9.88
C VAL B 684 -28.06 12.26 11.14
N VAL B 685 -26.88 12.08 11.70
CA VAL B 685 -26.80 11.38 12.97
C VAL B 685 -27.38 12.40 13.95
N LYS B 686 -28.39 11.99 14.70
CA LYS B 686 -29.07 12.87 15.65
C LYS B 686 -28.59 12.72 17.08
N VAL B 687 -28.00 13.78 17.60
CA VAL B 687 -27.50 13.79 18.98
C VAL B 687 -28.44 14.63 19.87
N THR B 688 -28.83 14.09 21.01
CA THR B 688 -29.68 14.82 21.92
C THR B 688 -28.81 15.32 23.07
N TYR B 689 -28.87 16.61 23.34
CA TYR B 689 -28.04 17.22 24.37
C TYR B 689 -28.82 17.84 25.53
N GLU B 690 -28.09 18.11 26.60
CA GLU B 690 -28.61 18.79 27.78
C GLU B 690 -27.47 19.73 28.15
N ASP B 691 -27.61 21.01 27.82
CA ASP B 691 -26.58 22.00 28.09
C ASP B 691 -26.07 22.09 29.53
N LEU B 692 -24.79 22.44 29.66
CA LEU B 692 -24.14 22.64 30.95
C LEU B 692 -23.52 24.03 30.88
N PRO B 693 -23.29 24.67 32.03
CA PRO B 693 -22.69 26.01 32.02
C PRO B 693 -21.36 25.96 31.26
N ALA B 694 -21.19 26.90 30.33
CA ALA B 694 -19.97 26.95 29.54
C ALA B 694 -19.08 28.12 29.94
N ILE B 695 -17.77 27.96 29.76
CA ILE B 695 -16.79 29.01 30.02
C ILE B 695 -16.08 29.14 28.67
N ILE B 696 -16.29 30.24 27.99
CA ILE B 696 -15.72 30.43 26.66
C ILE B 696 -14.48 31.32 26.57
N THR B 697 -14.58 32.50 27.17
CA THR B 697 -13.51 33.48 27.10
C THR B 697 -12.49 33.47 28.21
N ILE B 698 -11.39 34.16 27.95
CA ILE B 698 -10.32 34.31 28.92
C ILE B 698 -10.94 35.01 30.15
N GLU B 699 -11.76 36.01 29.92
CA GLU B 699 -12.40 36.70 31.05
C GLU B 699 -13.33 35.75 31.83
N ASP B 700 -14.07 34.90 31.12
CA ASP B 700 -14.98 33.93 31.76
C ASP B 700 -14.14 33.01 32.65
N ALA B 701 -13.00 32.58 32.10
CA ALA B 701 -12.11 31.68 32.81
C ALA B 701 -11.52 32.31 34.08
N ILE B 702 -11.05 33.54 33.95
CA ILE B 702 -10.47 34.25 35.08
C ILE B 702 -11.51 34.40 36.17
N LYS B 703 -12.70 34.86 35.78
CA LYS B 703 -13.80 35.04 36.73
C LYS B 703 -14.21 33.76 37.44
N ASN B 704 -14.09 32.64 36.74
CA ASN B 704 -14.47 31.34 37.29
C ASN B 704 -13.30 30.50 37.78
N ASN B 705 -12.11 31.09 37.83
CA ASN B 705 -10.90 30.39 38.26
C ASN B 705 -10.78 29.06 37.51
N SER B 706 -10.98 29.11 36.20
CA SER B 706 -10.91 27.92 35.36
C SER B 706 -9.57 27.90 34.62
N PHE B 707 -8.59 27.21 35.20
CA PHE B 707 -7.25 27.17 34.64
C PHE B 707 -6.69 25.76 34.62
N TYR B 708 -5.62 25.59 33.85
CA TYR B 708 -4.90 24.33 33.82
C TYR B 708 -3.64 24.55 34.65
N GLY B 709 -3.52 23.83 35.77
CA GLY B 709 -2.34 23.96 36.59
C GLY B 709 -2.19 25.29 37.31
N SER B 710 -1.01 25.54 37.84
CA SER B 710 -0.78 26.77 38.57
C SER B 710 -0.02 27.81 37.76
N GLU B 711 0.09 28.99 38.33
CA GLU B 711 0.79 30.09 37.70
C GLU B 711 2.25 29.82 37.36
N LEU B 712 2.67 30.27 36.18
CA LEU B 712 4.06 30.16 35.75
C LEU B 712 4.64 31.54 36.01
N LYS B 713 5.91 31.62 36.38
CA LYS B 713 6.52 32.91 36.68
C LYS B 713 8.03 33.00 36.56
N ILE B 714 8.50 34.13 36.07
CA ILE B 714 9.92 34.40 36.00
C ILE B 714 10.04 35.79 36.63
N GLU B 715 10.93 35.94 37.61
CA GLU B 715 11.11 37.22 38.26
C GLU B 715 12.57 37.45 38.59
N LYS B 716 13.04 38.65 38.30
CA LYS B 716 14.43 39.00 38.54
C LYS B 716 14.48 40.45 39.03
N GLY B 717 15.38 40.73 39.98
CA GLY B 717 15.45 42.09 40.48
C GLY B 717 14.49 42.42 41.60
N ASP B 718 14.30 43.73 41.81
CA ASP B 718 13.43 44.24 42.85
C ASP B 718 12.41 45.17 42.19
N LEU B 719 11.20 44.66 41.98
CA LEU B 719 10.13 45.41 41.33
C LEU B 719 9.71 46.67 42.09
N LYS B 720 9.43 46.51 43.37
CA LYS B 720 9.03 47.65 44.19
C LYS B 720 10.08 48.76 44.10
N LYS B 721 11.34 48.37 44.14
CA LYS B 721 12.41 49.34 44.06
C LYS B 721 12.53 49.96 42.67
N GLY B 722 12.37 49.14 41.64
CA GLY B 722 12.46 49.65 40.28
C GLY B 722 11.40 50.71 40.02
N PHE B 723 10.18 50.45 40.44
CA PHE B 723 9.10 51.41 40.22
C PHE B 723 9.34 52.71 41.01
N SER B 724 9.91 52.61 42.21
CA SER B 724 10.20 53.79 43.02
C SER B 724 11.18 54.72 42.31
N GLU B 725 12.11 54.12 41.58
CA GLU B 725 13.14 54.85 40.86
C GLU B 725 12.65 55.41 39.53
N ALA B 726 11.63 54.78 38.97
CA ALA B 726 11.08 55.18 37.67
C ALA B 726 10.46 56.58 37.64
N ASP B 727 10.84 57.37 36.64
CA ASP B 727 10.26 58.70 36.49
C ASP B 727 8.80 58.57 36.10
N ASN B 728 8.51 57.62 35.20
CA ASN B 728 7.16 57.40 34.69
C ASN B 728 6.70 55.95 34.80
N VAL B 729 5.40 55.75 34.94
CA VAL B 729 4.83 54.41 35.01
C VAL B 729 3.58 54.38 34.15
N VAL B 730 3.49 53.37 33.28
CA VAL B 730 2.35 53.22 32.40
C VAL B 730 1.78 51.82 32.62
N SER B 731 0.46 51.74 32.76
CA SER B 731 -0.23 50.47 32.96
C SER B 731 -1.27 50.29 31.86
N GLY B 732 -1.54 49.06 31.50
CA GLY B 732 -2.53 48.83 30.48
C GLY B 732 -2.89 47.37 30.31
N GLU B 733 -3.71 47.12 29.30
CA GLU B 733 -4.16 45.78 28.98
C GLU B 733 -4.06 45.67 27.46
N LEU B 734 -3.77 44.46 26.97
CA LEU B 734 -3.62 44.24 25.54
C LEU B 734 -4.14 42.85 25.17
N TYR B 735 -4.71 42.70 23.98
CA TYR B 735 -5.21 41.41 23.55
C TYR B 735 -4.66 41.11 22.16
N ILE B 736 -4.35 39.85 21.91
CA ILE B 736 -3.89 39.42 20.59
C ILE B 736 -4.72 38.20 20.22
N GLY B 737 -5.43 38.30 19.10
CA GLY B 737 -6.27 37.22 18.64
C GLY B 737 -5.49 35.99 18.21
N GLY B 738 -6.19 34.87 18.10
CA GLY B 738 -5.58 33.59 17.70
C GLY B 738 -5.29 33.54 16.21
N GLN B 739 -5.07 32.34 15.69
CA GLN B 739 -4.75 32.22 14.27
C GLN B 739 -4.98 30.78 13.84
N ASP B 740 -5.53 30.60 12.63
CA ASP B 740 -5.75 29.26 12.10
C ASP B 740 -4.54 28.95 11.21
N HIS B 741 -4.02 27.73 11.29
CA HIS B 741 -2.82 27.37 10.52
C HIS B 741 -2.96 27.57 9.02
N PHE B 742 -4.13 27.22 8.51
CA PHE B 742 -4.42 27.26 7.09
C PHE B 742 -3.30 26.66 6.22
N TYR B 743 -2.82 25.48 6.61
CA TYR B 743 -1.88 24.75 5.77
C TYR B 743 -2.74 24.45 4.52
N LEU B 744 -2.20 24.56 3.30
CA LEU B 744 -3.08 24.32 2.17
C LEU B 744 -3.60 22.90 2.11
N GLU B 745 -2.82 21.92 2.60
CA GLU B 745 -3.32 20.54 2.69
C GLU B 745 -3.87 20.37 4.12
N THR B 746 -5.15 20.04 4.25
CA THR B 746 -5.73 19.84 5.58
C THR B 746 -5.25 18.49 6.16
N HIS B 747 -5.67 18.19 7.39
CA HIS B 747 -5.32 16.93 8.05
C HIS B 747 -5.81 15.74 7.25
N CYS B 748 -5.01 14.68 7.23
N CYS B 748 -5.02 14.67 7.25
CA CYS B 748 -5.37 13.50 6.45
CA CYS B 748 -5.43 13.47 6.55
C CYS B 748 -4.63 12.27 6.95
C CYS B 748 -4.65 12.25 6.98
N THR B 749 -5.35 11.15 7.02
CA THR B 749 -4.78 9.85 7.41
C THR B 749 -5.41 8.71 6.61
N ILE B 750 -4.57 7.74 6.24
CA ILE B 750 -5.00 6.51 5.60
C ILE B 750 -4.48 5.44 6.59
N ALA B 751 -5.36 4.53 7.01
CA ALA B 751 -4.96 3.45 7.92
C ALA B 751 -5.20 2.11 7.23
N ILE B 752 -4.15 1.28 7.20
CA ILE B 752 -4.24 -0.02 6.55
C ILE B 752 -4.11 -1.14 7.59
N PRO B 753 -5.22 -1.85 7.89
CA PRO B 753 -5.14 -2.94 8.88
C PRO B 753 -4.59 -4.17 8.15
N LYS B 754 -3.60 -4.84 8.74
CA LYS B 754 -3.02 -6.01 8.07
C LYS B 754 -3.77 -7.29 8.36
N GLY B 755 -4.42 -7.35 9.53
CA GLY B 755 -5.16 -8.55 9.85
C GLY B 755 -4.33 -9.53 10.66
N GLU B 756 -3.07 -9.16 10.90
CA GLU B 756 -2.14 -9.98 11.68
C GLU B 756 -1.58 -9.36 12.94
N GLU B 757 -1.79 -10.00 14.10
CA GLU B 757 -1.17 -9.52 15.34
C GLU B 757 -1.40 -8.04 15.66
N GLY B 758 -2.52 -7.49 15.19
CA GLY B 758 -2.82 -6.10 15.48
C GLY B 758 -2.06 -5.09 14.63
N GLU B 759 -1.26 -5.59 13.68
CA GLU B 759 -0.48 -4.71 12.83
C GLU B 759 -1.28 -3.71 12.01
N MET B 760 -0.78 -2.49 11.92
CA MET B 760 -1.44 -1.47 11.11
C MET B 760 -0.37 -0.55 10.54
N GLU B 761 -0.55 -0.17 9.28
CA GLU B 761 0.39 0.72 8.61
C GLU B 761 -0.41 1.98 8.27
N LEU B 762 0.09 3.14 8.70
CA LEU B 762 -0.64 4.39 8.45
C LEU B 762 0.18 5.37 7.67
N PHE B 763 -0.48 6.08 6.74
CA PHE B 763 0.15 7.13 5.95
C PHE B 763 -0.51 8.36 6.50
N VAL B 764 0.28 9.31 6.99
CA VAL B 764 -0.32 10.44 7.68
C VAL B 764 0.35 11.77 7.42
N SER B 765 -0.45 12.82 7.33
CA SER B 765 0.08 14.16 7.15
C SER B 765 0.36 14.67 8.60
N THR B 766 1.52 14.33 9.14
CA THR B 766 1.84 14.73 10.51
C THR B 766 3.32 15.07 10.71
N GLN B 767 3.60 15.95 11.68
CA GLN B 767 4.98 16.34 12.05
C GLN B 767 5.42 15.43 13.20
N ASN B 768 4.56 14.52 13.62
CA ASN B 768 4.86 13.72 14.81
C ASN B 768 4.47 12.26 14.63
N ALA B 769 5.29 11.53 13.88
CA ALA B 769 4.98 10.13 13.64
C ALA B 769 5.09 9.32 14.93
N MET B 770 5.94 9.76 15.86
N MET B 770 5.93 9.78 15.82
CA MET B 770 6.13 9.04 17.12
CA MET B 770 6.07 9.01 17.05
C MET B 770 4.83 9.03 17.96
C MET B 770 4.81 9.03 17.92
N LYS B 771 4.25 10.21 18.17
CA LYS B 771 3.01 10.27 18.93
C LYS B 771 1.84 9.68 18.17
N THR B 772 1.84 9.81 16.84
CA THR B 772 0.76 9.18 16.08
C THR B 772 0.82 7.68 16.35
N GLN B 773 2.02 7.12 16.30
CA GLN B 773 2.21 5.70 16.51
C GLN B 773 1.78 5.25 17.91
N SER B 774 2.24 5.96 18.93
CA SER B 774 1.88 5.56 20.28
C SER B 774 0.41 5.81 20.62
N PHE B 775 -0.19 6.89 20.11
CA PHE B 775 -1.62 7.14 20.40
C PHE B 775 -2.51 6.11 19.69
N VAL B 776 -2.13 5.69 18.48
CA VAL B 776 -2.91 4.69 17.79
C VAL B 776 -2.76 3.36 18.55
N ALA B 777 -1.53 3.03 18.95
CA ALA B 777 -1.30 1.79 19.70
C ALA B 777 -2.08 1.79 21.03
N LYS B 778 -2.13 2.95 21.69
CA LYS B 778 -2.84 3.07 22.97
C LYS B 778 -4.33 2.86 22.82
N MET B 779 -4.91 3.43 21.75
CA MET B 779 -6.33 3.30 21.50
C MET B 779 -6.66 1.84 21.16
N LEU B 780 -5.80 1.20 20.37
CA LEU B 780 -6.05 -0.18 19.95
C LEU B 780 -5.75 -1.18 21.08
N GLY B 781 -4.92 -0.76 22.02
CA GLY B 781 -4.55 -1.66 23.10
C GLY B 781 -3.48 -2.66 22.62
N VAL B 782 -2.59 -2.24 21.73
CA VAL B 782 -1.54 -3.15 21.25
C VAL B 782 -0.15 -2.53 21.46
N PRO B 783 0.91 -3.35 21.45
CA PRO B 783 2.25 -2.79 21.65
C PRO B 783 2.60 -1.81 20.52
N VAL B 784 3.42 -0.84 20.83
CA VAL B 784 3.83 0.16 19.85
C VAL B 784 4.53 -0.46 18.64
N ASN B 785 5.21 -1.60 18.84
CA ASN B 785 5.93 -2.24 17.73
C ASN B 785 5.04 -2.84 16.65
N ARG B 786 3.72 -2.76 16.83
CA ARG B 786 2.78 -3.31 15.84
C ARG B 786 2.34 -2.22 14.86
N ILE B 787 2.66 -0.97 15.19
CA ILE B 787 2.18 0.18 14.41
C ILE B 787 3.28 0.88 13.62
N LEU B 788 3.06 1.00 12.31
CA LEU B 788 4.03 1.64 11.45
C LEU B 788 3.42 2.94 10.92
N VAL B 789 4.08 4.07 11.13
CA VAL B 789 3.57 5.36 10.61
C VAL B 789 4.60 5.87 9.61
N ARG B 790 4.09 6.24 8.42
CA ARG B 790 4.92 6.70 7.34
C ARG B 790 4.47 8.08 6.93
N VAL B 791 5.43 9.00 6.84
CA VAL B 791 5.14 10.37 6.42
C VAL B 791 6.04 10.73 5.24
N LYS B 792 5.45 10.90 4.07
CA LYS B 792 6.22 11.30 2.88
C LYS B 792 6.45 12.82 2.96
N ARG B 793 5.36 13.57 3.01
CA ARG B 793 5.44 15.03 3.11
C ARG B 793 4.08 15.55 3.52
N MET B 794 4.07 16.78 4.01
CA MET B 794 2.84 17.48 4.38
C MET B 794 2.73 18.71 3.49
N GLY B 795 1.50 19.04 3.08
CA GLY B 795 1.33 20.28 2.33
C GLY B 795 1.15 21.37 3.39
N GLY B 796 2.18 21.57 4.22
CA GLY B 796 2.13 22.55 5.31
C GLY B 796 1.79 21.92 6.66
N GLY B 797 2.39 22.45 7.73
CA GLY B 797 2.13 21.93 9.06
C GLY B 797 2.03 23.11 10.03
N PHE B 798 3.10 23.89 10.09
CA PHE B 798 3.19 25.09 10.90
C PHE B 798 2.88 24.89 12.38
N GLY B 799 3.05 23.66 12.85
CA GLY B 799 2.75 23.37 14.26
C GLY B 799 1.40 22.72 14.44
N GLY B 800 0.50 22.95 13.48
CA GLY B 800 -0.84 22.40 13.58
C GLY B 800 -0.90 20.89 13.39
N LYS B 801 0.18 20.30 12.90
CA LYS B 801 0.21 18.86 12.71
C LYS B 801 1.22 18.23 13.67
N GLU B 802 1.58 18.98 14.73
CA GLU B 802 2.53 18.49 15.72
C GLU B 802 1.86 17.52 16.68
N THR B 803 0.61 17.79 17.06
CA THR B 803 -0.13 16.88 17.92
C THR B 803 -1.57 16.65 17.45
N ARG B 804 -2.22 17.70 16.96
CA ARG B 804 -3.62 17.57 16.63
C ARG B 804 -3.98 16.66 15.49
N SER B 805 -2.99 16.26 14.70
CA SER B 805 -3.26 15.32 13.62
C SER B 805 -3.76 14.00 14.17
N THR B 806 -3.51 13.72 15.46
CA THR B 806 -3.94 12.43 16.00
C THR B 806 -5.46 12.35 16.16
N LEU B 807 -6.13 13.50 16.21
CA LEU B 807 -7.60 13.49 16.31
C LEU B 807 -8.18 12.69 15.15
N VAL B 808 -7.62 12.90 13.96
CA VAL B 808 -8.07 12.14 12.80
C VAL B 808 -7.42 10.76 12.70
N SER B 809 -6.11 10.66 12.97
CA SER B 809 -5.43 9.39 12.82
C SER B 809 -6.00 8.30 13.70
N VAL B 810 -6.34 8.65 14.94
CA VAL B 810 -6.85 7.61 15.82
C VAL B 810 -8.26 7.18 15.43
N ALA B 811 -9.06 8.11 14.95
CA ALA B 811 -10.41 7.75 14.54
C ALA B 811 -10.34 6.84 13.31
N VAL B 812 -9.47 7.19 12.34
CA VAL B 812 -9.34 6.39 11.13
C VAL B 812 -8.77 5.00 11.48
N ALA B 813 -7.82 4.95 12.42
CA ALA B 813 -7.26 3.65 12.83
C ALA B 813 -8.35 2.78 13.45
N LEU B 814 -9.24 3.39 14.23
CA LEU B 814 -10.31 2.62 14.83
C LEU B 814 -11.21 2.04 13.75
N ALA B 815 -11.52 2.85 12.73
CA ALA B 815 -12.36 2.38 11.63
C ALA B 815 -11.70 1.21 10.92
N ALA B 816 -10.37 1.29 10.71
CA ALA B 816 -9.67 0.21 10.03
C ALA B 816 -9.71 -1.07 10.89
N TYR B 817 -9.49 -0.91 12.18
CA TYR B 817 -9.52 -2.05 13.11
C TYR B 817 -10.91 -2.72 13.11
N LYS B 818 -11.96 -1.91 13.24
CA LYS B 818 -13.32 -2.43 13.28
C LYS B 818 -13.81 -3.08 11.99
N THR B 819 -13.52 -2.46 10.85
CA THR B 819 -14.00 -3.02 9.60
C THR B 819 -13.07 -4.06 8.96
N GLY B 820 -11.78 -3.95 9.23
CA GLY B 820 -10.82 -4.85 8.63
C GLY B 820 -10.45 -4.37 7.23
N HIS B 821 -10.96 -3.18 6.87
CA HIS B 821 -10.68 -2.59 5.56
C HIS B 821 -9.80 -1.36 5.71
N PRO B 822 -9.07 -1.01 4.64
CA PRO B 822 -8.26 0.21 4.72
C PRO B 822 -9.34 1.31 4.84
N VAL B 823 -9.03 2.41 5.51
CA VAL B 823 -9.99 3.52 5.66
C VAL B 823 -9.19 4.81 5.57
N ARG B 824 -9.80 5.86 5.03
CA ARG B 824 -9.11 7.15 5.01
C ARG B 824 -10.06 8.30 5.32
N CYS B 825 -9.45 9.41 5.71
CA CYS B 825 -10.19 10.63 5.96
C CYS B 825 -9.31 11.83 5.74
N MET B 826 -9.77 12.75 4.88
CA MET B 826 -9.10 14.03 4.70
C MET B 826 -10.15 15.04 5.14
N LEU B 827 -9.76 15.95 6.03
CA LEU B 827 -10.71 16.93 6.51
C LEU B 827 -11.07 18.00 5.50
N ASP B 828 -12.34 18.37 5.47
CA ASP B 828 -12.73 19.52 4.65
C ASP B 828 -12.22 20.74 5.42
N ARG B 829 -12.03 21.87 4.75
CA ARG B 829 -11.50 23.05 5.45
C ARG B 829 -12.34 23.48 6.65
N ASN B 830 -13.67 23.44 6.52
CA ASN B 830 -14.49 23.89 7.63
C ASN B 830 -14.38 22.96 8.83
N GLU B 831 -14.20 21.68 8.60
CA GLU B 831 -14.02 20.74 9.72
C GLU B 831 -12.66 21.03 10.39
N ASP B 832 -11.64 21.21 9.55
CA ASP B 832 -10.28 21.46 10.02
C ASP B 832 -10.22 22.69 10.91
N MET B 833 -10.76 23.81 10.42
CA MET B 833 -10.75 25.04 11.19
C MET B 833 -11.50 24.95 12.52
N LEU B 834 -12.60 24.21 12.53
CA LEU B 834 -13.42 24.08 13.73
C LEU B 834 -12.79 23.18 14.81
N ILE B 835 -12.28 22.04 14.36
CA ILE B 835 -11.80 21.01 15.26
C ILE B 835 -10.36 20.99 15.74
N THR B 836 -9.44 21.32 14.85
CA THR B 836 -8.04 21.12 15.16
C THR B 836 -7.21 22.07 15.96
N GLY B 837 -7.81 23.19 16.36
CA GLY B 837 -7.08 24.15 17.16
C GLY B 837 -6.17 25.10 16.38
N GLY B 838 -5.79 26.19 17.03
CA GLY B 838 -4.94 27.16 16.38
C GLY B 838 -4.00 27.79 17.38
N ARG B 839 -3.50 28.96 17.02
CA ARG B 839 -2.63 29.70 17.91
C ARG B 839 -3.46 30.16 19.10
N HIS B 840 -2.78 30.32 20.22
CA HIS B 840 -3.43 30.76 21.44
C HIS B 840 -3.68 32.25 21.53
N PRO B 841 -4.93 32.66 21.72
CA PRO B 841 -5.20 34.10 21.87
C PRO B 841 -4.57 34.40 23.25
N PHE B 842 -4.04 35.60 23.43
CA PHE B 842 -3.44 36.04 24.70
C PHE B 842 -4.04 37.35 25.14
N LEU B 843 -4.18 37.50 26.46
CA LEU B 843 -4.65 38.72 27.08
C LEU B 843 -3.49 39.06 28.02
N ALA B 844 -3.03 40.30 28.03
CA ALA B 844 -1.95 40.68 28.93
C ALA B 844 -2.31 41.93 29.72
N ARG B 845 -1.92 41.96 30.99
CA ARG B 845 -2.12 43.13 31.85
C ARG B 845 -0.71 43.47 32.24
N TYR B 846 -0.26 44.67 31.88
CA TYR B 846 1.12 45.09 32.13
C TYR B 846 1.27 46.43 32.83
N LYS B 847 2.49 46.68 33.33
CA LYS B 847 2.84 47.91 34.00
C LYS B 847 4.34 48.10 33.81
N VAL B 848 4.73 49.21 33.20
CA VAL B 848 6.14 49.45 32.94
C VAL B 848 6.64 50.78 33.53
N GLY B 849 7.78 50.72 34.20
CA GLY B 849 8.40 51.89 34.80
C GLY B 849 9.62 52.27 34.01
N PHE B 850 9.75 53.56 33.70
CA PHE B 850 10.88 54.03 32.90
C PHE B 850 11.31 55.44 33.26
N MET B 851 12.50 55.81 32.80
CA MET B 851 13.03 57.15 33.06
C MET B 851 12.60 58.06 31.93
N LYS B 852 12.77 59.37 32.11
CA LYS B 852 12.40 60.35 31.09
C LYS B 852 13.21 60.17 29.80
N THR B 853 14.32 59.46 29.91
CA THR B 853 15.18 59.21 28.76
C THR B 853 14.68 58.01 27.95
N GLY B 854 13.71 57.27 28.49
CA GLY B 854 13.20 56.11 27.80
C GLY B 854 13.77 54.81 28.34
N THR B 855 14.77 54.90 29.21
CA THR B 855 15.39 53.73 29.79
C THR B 855 14.41 53.02 30.71
N ILE B 856 14.22 51.72 30.48
CA ILE B 856 13.30 50.89 31.26
C ILE B 856 13.94 50.46 32.58
N VAL B 857 13.20 50.57 33.68
CA VAL B 857 13.73 50.19 34.99
C VAL B 857 12.88 49.14 35.70
N ALA B 858 11.64 48.94 35.26
CA ALA B 858 10.79 47.94 35.89
C ALA B 858 9.68 47.50 34.94
N LEU B 859 9.36 46.22 34.99
CA LEU B 859 8.29 45.69 34.14
C LEU B 859 7.57 44.53 34.79
N GLU B 860 6.25 44.60 34.76
CA GLU B 860 5.40 43.56 35.28
C GLU B 860 4.38 43.22 34.20
N VAL B 861 4.33 41.96 33.79
CA VAL B 861 3.36 41.52 32.79
C VAL B 861 2.72 40.21 33.21
N ASP B 862 1.39 40.20 33.25
CA ASP B 862 0.63 38.99 33.56
C ASP B 862 -0.05 38.52 32.28
N HIS B 863 0.32 37.32 31.83
CA HIS B 863 -0.20 36.73 30.60
C HIS B 863 -1.29 35.70 30.86
N TYR B 864 -2.30 35.69 30.01
CA TYR B 864 -3.37 34.70 30.09
C TYR B 864 -3.61 34.18 28.68
N SER B 865 -3.56 32.88 28.48
CA SER B 865 -3.82 32.31 27.15
C SER B 865 -5.12 31.53 27.14
N ASN B 866 -5.83 31.53 26.00
CA ASN B 866 -7.04 30.72 25.95
C ASN B 866 -6.58 29.37 25.42
N ALA B 867 -6.54 28.39 26.32
CA ALA B 867 -6.06 27.05 25.98
C ALA B 867 -7.05 26.09 25.37
N GLY B 868 -8.35 26.31 25.59
CA GLY B 868 -9.32 25.41 25.04
C GLY B 868 -9.57 24.21 25.96
N ASN B 869 -10.16 23.15 25.40
CA ASN B 869 -10.59 21.99 26.19
C ASN B 869 -9.65 20.85 26.56
N SER B 870 -8.35 21.05 26.38
CA SER B 870 -7.35 20.10 26.84
C SER B 870 -6.05 20.85 27.01
N ARG B 871 -5.08 20.27 27.71
CA ARG B 871 -3.81 20.95 27.91
C ARG B 871 -2.98 21.03 26.63
N ASP B 872 -2.78 19.88 25.99
CA ASP B 872 -1.96 19.80 24.79
C ASP B 872 -0.62 20.53 25.05
N LEU B 873 -0.19 21.40 24.15
CA LEU B 873 1.10 22.08 24.34
C LEU B 873 1.03 23.46 25.02
N SER B 874 -0.12 23.77 25.60
CA SER B 874 -0.33 25.07 26.22
C SER B 874 0.68 25.49 27.26
N HIS B 875 1.11 24.54 28.10
CA HIS B 875 2.06 24.89 29.14
C HIS B 875 3.41 25.27 28.55
N SER B 876 3.93 24.48 27.60
CA SER B 876 5.21 24.83 27.01
C SER B 876 5.13 26.11 26.22
N ILE B 877 3.96 26.36 25.64
CA ILE B 877 3.77 27.60 24.86
C ILE B 877 3.86 28.80 25.82
N MET B 878 3.26 28.69 26.99
CA MET B 878 3.36 29.81 27.95
C MET B 878 4.80 29.98 28.46
N GLU B 879 5.52 28.86 28.65
CA GLU B 879 6.90 28.98 29.07
C GLU B 879 7.68 29.73 28.00
N ARG B 880 7.49 29.37 26.73
CA ARG B 880 8.22 30.07 25.69
C ARG B 880 7.83 31.55 25.67
N ALA B 881 6.54 31.84 25.92
CA ALA B 881 6.09 33.24 25.97
C ALA B 881 6.89 34.00 27.05
N LEU B 882 6.99 33.42 28.25
CA LEU B 882 7.73 34.07 29.33
C LEU B 882 9.20 34.24 29.00
N PHE B 883 9.79 33.29 28.29
CA PHE B 883 11.20 33.37 27.89
C PHE B 883 11.43 34.51 26.88
N HIS B 884 10.36 35.02 26.28
CA HIS B 884 10.52 36.08 25.30
C HIS B 884 9.88 37.40 25.63
N MET B 885 9.46 37.59 26.89
CA MET B 885 8.81 38.85 27.27
C MET B 885 9.75 40.07 27.27
N ASP B 886 11.06 39.82 27.11
CA ASP B 886 12.09 40.86 27.08
C ASP B 886 12.42 41.32 25.64
N ASN B 887 11.98 40.52 24.67
CA ASN B 887 12.40 40.69 23.29
C ASN B 887 13.92 40.94 23.28
N CYS B 888 14.38 42.12 22.89
CA CYS B 888 15.83 42.36 22.85
C CYS B 888 16.28 43.42 23.84
N TYR B 889 15.50 43.61 24.89
CA TYR B 889 15.77 44.67 25.87
C TYR B 889 16.19 44.24 27.26
N LYS B 890 17.19 44.94 27.79
CA LYS B 890 17.70 44.68 29.15
C LYS B 890 16.77 45.39 30.14
N ILE B 891 16.14 44.63 31.02
CA ILE B 891 15.20 45.18 32.02
C ILE B 891 15.68 44.68 33.39
N PRO B 892 16.31 45.55 34.18
CA PRO B 892 16.82 45.14 35.51
C PRO B 892 15.84 44.55 36.52
N ASN B 893 14.60 45.04 36.53
CA ASN B 893 13.61 44.57 37.47
C ASN B 893 12.42 44.11 36.66
N ILE B 894 12.15 42.81 36.71
CA ILE B 894 11.10 42.27 35.87
C ILE B 894 10.37 41.09 36.48
N ARG B 895 9.07 41.03 36.22
CA ARG B 895 8.24 39.96 36.72
C ARG B 895 7.19 39.60 35.67
N GLY B 896 7.27 38.38 35.16
CA GLY B 896 6.28 37.94 34.19
C GLY B 896 5.55 36.73 34.71
N THR B 897 4.24 36.69 34.57
CA THR B 897 3.51 35.50 35.01
C THR B 897 2.64 35.04 33.86
N GLY B 898 2.14 33.82 33.96
CA GLY B 898 1.28 33.27 32.93
C GLY B 898 0.32 32.24 33.48
N ARG B 899 -0.92 32.25 32.99
CA ARG B 899 -1.95 31.29 33.38
C ARG B 899 -2.58 30.76 32.12
N LEU B 900 -2.93 29.49 32.13
CA LEU B 900 -3.55 28.82 31.00
C LEU B 900 -5.04 28.71 31.28
N CYS B 901 -5.87 29.39 30.48
CA CYS B 901 -7.31 29.33 30.69
C CYS B 901 -7.99 28.09 30.11
N LYS B 902 -8.71 27.38 30.95
CA LYS B 902 -9.42 26.17 30.59
C LYS B 902 -10.82 26.57 30.11
N THR B 903 -11.08 26.39 28.82
CA THR B 903 -12.36 26.81 28.23
C THR B 903 -13.02 25.74 27.35
N ASN B 904 -14.29 26.00 27.03
CA ASN B 904 -15.09 25.10 26.19
C ASN B 904 -14.95 25.48 24.72
N LEU B 905 -13.71 25.41 24.25
CA LEU B 905 -13.35 25.70 22.86
C LEU B 905 -12.36 24.62 22.44
N SER B 906 -12.23 24.40 21.14
CA SER B 906 -11.28 23.40 20.67
C SER B 906 -9.92 23.72 21.27
N SER B 907 -9.16 22.69 21.64
CA SER B 907 -7.87 22.88 22.25
C SER B 907 -6.85 23.56 21.32
N ASN B 908 -6.25 24.65 21.78
CA ASN B 908 -5.25 25.34 20.97
C ASN B 908 -3.92 24.65 21.12
N THR B 909 -3.04 24.87 20.15
CA THR B 909 -1.82 24.09 20.09
C THR B 909 -0.64 24.90 19.56
N ALA B 910 0.38 24.20 19.09
CA ALA B 910 1.56 24.85 18.53
C ALA B 910 1.20 25.55 17.22
N PHE B 911 1.77 26.74 17.03
CA PHE B 911 1.62 27.47 15.76
C PHE B 911 2.93 28.26 15.69
N ARG B 912 3.65 28.07 14.58
CA ARG B 912 4.93 28.74 14.28
C ARG B 912 5.20 29.94 15.20
N GLY B 913 6.14 29.80 16.13
CA GLY B 913 6.42 30.87 17.07
C GLY B 913 6.20 30.33 18.47
N PHE B 914 5.15 29.52 18.63
CA PHE B 914 4.89 28.79 19.87
C PHE B 914 4.91 29.68 21.14
N GLY B 915 4.07 30.71 21.14
CA GLY B 915 4.01 31.61 22.30
C GLY B 915 4.95 32.80 22.21
N GLY B 916 6.02 32.67 21.45
CA GLY B 916 6.96 33.76 21.30
C GLY B 916 6.34 35.01 20.67
N PRO B 917 5.63 34.87 19.55
CA PRO B 917 5.04 36.05 18.90
C PRO B 917 4.15 36.87 19.84
N GLN B 918 3.29 36.17 20.59
CA GLN B 918 2.39 36.84 21.52
C GLN B 918 3.15 37.63 22.58
N ALA B 919 4.19 37.03 23.16
CA ALA B 919 4.94 37.74 24.20
C ALA B 919 5.77 38.88 23.63
N LEU B 920 6.32 38.68 22.43
CA LEU B 920 7.13 39.69 21.78
C LEU B 920 6.27 40.87 21.40
N PHE B 921 5.03 40.59 20.99
CA PHE B 921 4.06 41.62 20.61
C PHE B 921 3.72 42.47 21.83
N ILE B 922 3.46 41.81 22.96
CA ILE B 922 3.15 42.53 24.18
C ILE B 922 4.34 43.41 24.58
N ALA B 923 5.56 42.93 24.38
CA ALA B 923 6.75 43.72 24.72
C ALA B 923 6.89 44.96 23.84
N GLU B 924 6.74 44.79 22.53
CA GLU B 924 6.87 45.94 21.66
C GLU B 924 5.72 46.92 21.85
N ASN B 925 4.59 46.45 22.34
CA ASN B 925 3.48 47.36 22.58
C ASN B 925 3.83 48.32 23.72
N TRP B 926 4.24 47.80 24.88
CA TRP B 926 4.58 48.75 25.94
C TRP B 926 5.83 49.56 25.55
N MET B 927 6.73 48.99 24.75
CA MET B 927 7.90 49.77 24.36
C MET B 927 7.45 50.94 23.48
N SER B 928 6.47 50.71 22.61
CA SER B 928 5.99 51.79 21.76
C SER B 928 5.36 52.89 22.63
N GLU B 929 4.73 52.49 23.73
CA GLU B 929 4.10 53.45 24.63
C GLU B 929 5.14 54.24 25.42
N VAL B 930 6.26 53.59 25.75
CA VAL B 930 7.33 54.29 26.46
C VAL B 930 7.86 55.41 25.57
N ALA B 931 8.10 55.12 24.28
CA ALA B 931 8.63 56.14 23.39
C ALA B 931 7.66 57.32 23.26
N VAL B 932 6.39 57.05 23.02
CA VAL B 932 5.40 58.12 22.89
C VAL B 932 5.32 58.98 24.17
N THR B 933 5.27 58.32 25.32
CA THR B 933 5.20 59.03 26.60
C THR B 933 6.40 59.95 26.83
N CYS B 934 7.59 59.49 26.45
CA CYS B 934 8.80 60.28 26.61
C CYS B 934 8.98 61.33 25.52
N GLY B 935 8.20 61.24 24.46
CA GLY B 935 8.34 62.18 23.36
C GLY B 935 9.66 62.00 22.63
N LEU B 936 10.13 60.76 22.55
CA LEU B 936 11.40 60.48 21.88
C LEU B 936 11.21 59.55 20.68
N PRO B 937 12.10 59.64 19.67
CA PRO B 937 12.04 58.79 18.47
C PRO B 937 12.08 57.34 18.95
N ALA B 938 11.13 56.52 18.51
CA ALA B 938 11.08 55.14 18.94
C ALA B 938 12.36 54.34 18.71
N GLU B 939 13.04 54.56 17.58
CA GLU B 939 14.25 53.78 17.34
C GLU B 939 15.32 54.12 18.38
N GLU B 940 15.30 55.36 18.86
CA GLU B 940 16.27 55.79 19.86
C GLU B 940 16.01 55.10 21.20
N VAL B 941 14.73 54.98 21.55
CA VAL B 941 14.34 54.34 22.79
C VAL B 941 14.65 52.83 22.74
N ARG B 942 14.41 52.21 21.59
CA ARG B 942 14.68 50.78 21.48
C ARG B 942 16.19 50.52 21.57
N TRP B 943 16.96 51.29 20.84
CA TRP B 943 18.41 51.14 20.85
C TRP B 943 19.04 51.29 22.23
N LYS B 944 18.65 52.33 22.97
CA LYS B 944 19.24 52.53 24.31
C LYS B 944 18.86 51.47 25.32
N ASN B 945 17.80 50.71 25.05
CA ASN B 945 17.36 49.65 25.96
C ASN B 945 17.84 48.26 25.53
N MET B 946 18.48 48.19 24.38
CA MET B 946 18.94 46.90 23.87
C MET B 946 20.05 46.24 24.68
N TYR B 947 19.99 44.92 24.73
CA TYR B 947 21.02 44.14 25.41
C TYR B 947 22.31 44.41 24.66
N LYS B 948 23.44 44.09 25.29
CA LYS B 948 24.72 44.21 24.64
C LYS B 948 25.37 42.84 24.79
N GLU B 949 26.37 42.57 23.96
CA GLU B 949 27.08 41.30 24.00
C GLU B 949 27.41 40.93 25.46
N GLY B 950 27.10 39.70 25.85
CA GLY B 950 27.41 39.26 27.19
C GLY B 950 26.38 39.48 28.28
N ASP B 951 25.39 40.33 28.06
CA ASP B 951 24.36 40.54 29.07
C ASP B 951 23.60 39.25 29.32
N LEU B 952 22.98 39.18 30.48
CA LEU B 952 22.16 38.03 30.84
C LEU B 952 20.70 38.42 30.62
N THR B 953 19.88 37.45 30.21
CA THR B 953 18.46 37.69 30.01
C THR B 953 17.76 37.67 31.38
N HIS B 954 16.45 37.88 31.40
CA HIS B 954 15.69 37.85 32.65
C HIS B 954 15.68 36.44 33.23
N PHE B 955 16.00 35.43 32.41
CA PHE B 955 16.07 34.06 32.90
C PHE B 955 17.54 33.64 33.07
N ASN B 956 18.38 34.67 33.15
CA ASN B 956 19.81 34.53 33.39
C ASN B 956 20.71 33.80 32.42
N GLN B 957 20.31 33.74 31.16
CA GLN B 957 21.14 33.08 30.17
C GLN B 957 21.98 34.16 29.50
N ARG B 958 23.25 33.86 29.28
CA ARG B 958 24.16 34.82 28.68
C ARG B 958 23.97 34.92 27.16
N LEU B 959 23.97 36.15 26.66
CA LEU B 959 23.82 36.40 25.23
C LEU B 959 25.21 36.44 24.59
N GLU B 960 25.58 35.31 23.99
CA GLU B 960 26.87 35.16 23.31
C GLU B 960 26.65 35.21 21.81
N GLY B 961 27.41 36.06 21.13
CA GLY B 961 27.25 36.20 19.69
C GLY B 961 25.94 36.94 19.42
N PHE B 962 25.65 37.94 20.26
CA PHE B 962 24.43 38.74 20.15
C PHE B 962 24.57 39.65 18.94
N SER B 963 23.93 39.30 17.83
CA SER B 963 24.08 40.09 16.62
C SER B 963 23.01 41.13 16.30
N VAL B 964 22.06 41.35 17.19
CA VAL B 964 21.03 42.34 16.90
C VAL B 964 21.62 43.72 16.56
N PRO B 965 22.65 44.18 17.28
CA PRO B 965 23.19 45.49 16.93
C PRO B 965 23.63 45.59 15.46
N ARG B 966 24.24 44.52 14.94
CA ARG B 966 24.67 44.53 13.55
C ARG B 966 23.45 44.52 12.61
N CYS B 967 22.47 43.68 12.92
CA CYS B 967 21.26 43.62 12.08
C CYS B 967 20.55 44.98 12.10
N TRP B 968 20.55 45.60 13.26
CA TRP B 968 19.89 46.90 13.48
C TRP B 968 20.57 47.99 12.67
N ASP B 969 21.88 48.12 12.81
CA ASP B 969 22.58 49.14 12.05
C ASP B 969 22.51 48.90 10.54
N GLU B 970 22.66 47.66 10.12
CA GLU B 970 22.59 47.36 8.69
C GLU B 970 21.19 47.69 8.16
N CYS B 971 20.16 47.29 8.90
CA CYS B 971 18.80 47.55 8.44
C CYS B 971 18.51 49.05 8.38
N LEU B 972 18.91 49.80 9.41
CA LEU B 972 18.68 51.24 9.40
C LEU B 972 19.30 51.83 8.13
N LYS B 973 20.51 51.40 7.81
CA LYS B 973 21.20 51.91 6.64
C LYS B 973 20.62 51.45 5.31
N SER B 974 20.48 50.13 5.13
CA SER B 974 19.97 49.64 3.85
C SER B 974 18.52 50.07 3.59
N SER B 975 17.74 50.23 4.65
CA SER B 975 16.34 50.67 4.50
C SER B 975 16.22 52.19 4.37
N GLN B 976 17.32 52.91 4.59
CA GLN B 976 17.32 54.37 4.52
C GLN B 976 16.25 54.93 5.46
N TYR B 977 16.18 54.32 6.63
CA TYR B 977 15.21 54.68 7.66
C TYR B 977 15.10 56.19 7.95
N TYR B 978 16.22 56.84 8.24
CA TYR B 978 16.15 58.26 8.58
C TYR B 978 15.65 59.18 7.48
N ALA B 979 16.08 58.94 6.25
CA ALA B 979 15.62 59.75 5.13
C ALA B 979 14.13 59.51 4.94
N ARG B 980 13.71 58.25 5.02
CA ARG B 980 12.31 57.93 4.82
C ARG B 980 11.39 58.46 5.92
N LYS B 981 11.93 58.58 7.13
CA LYS B 981 11.13 59.09 8.24
C LYS B 981 10.66 60.52 7.92
N SER B 982 11.53 61.33 7.32
CA SER B 982 11.12 62.70 7.00
C SER B 982 10.14 62.72 5.84
N GLU B 983 10.26 61.76 4.92
CA GLU B 983 9.33 61.68 3.79
C GLU B 983 7.93 61.32 4.31
N VAL B 984 7.87 60.46 5.32
CA VAL B 984 6.60 60.06 5.90
C VAL B 984 5.92 61.28 6.52
N ASP B 985 6.69 62.07 7.28
CA ASP B 985 6.14 63.26 7.92
C ASP B 985 5.62 64.23 6.87
N LYS B 986 6.35 64.38 5.78
CA LYS B 986 5.93 65.27 4.70
C LYS B 986 4.59 64.77 4.12
N PHE B 987 4.51 63.48 3.83
CA PHE B 987 3.28 62.91 3.29
C PHE B 987 2.12 63.19 4.23
N ASN B 988 2.34 63.02 5.53
CA ASN B 988 1.28 63.22 6.49
C ASN B 988 0.80 64.66 6.59
N LYS B 989 1.69 65.61 6.31
CA LYS B 989 1.29 67.01 6.35
C LYS B 989 0.47 67.32 5.09
N GLU B 990 0.77 66.63 4.00
CA GLU B 990 0.11 66.88 2.73
C GLU B 990 -1.18 66.11 2.44
N ASN B 991 -1.54 65.17 3.31
CA ASN B 991 -2.76 64.38 3.11
C ASN B 991 -3.59 64.31 4.39
N CYS B 992 -4.87 64.65 4.29
N CYS B 992 -4.76 64.58 4.20
CA CYS B 992 -5.73 64.60 5.45
CA CYS B 992 -5.66 64.62 5.32
C CYS B 992 -6.41 63.26 5.64
C CYS B 992 -6.37 63.29 5.56
N TRP B 993 -6.64 62.54 4.54
CA TRP B 993 -7.39 61.28 4.66
C TRP B 993 -6.62 60.00 4.37
N LYS B 994 -5.30 60.12 4.29
CA LYS B 994 -4.41 58.97 4.11
C LYS B 994 -3.21 59.34 4.96
N LYS B 995 -2.59 58.37 5.60
CA LYS B 995 -1.42 58.65 6.43
C LYS B 995 -0.42 57.52 6.29
N ARG B 996 0.85 57.84 6.45
CA ARG B 996 1.85 56.80 6.37
C ARG B 996 2.47 56.58 7.73
N GLY B 997 3.07 55.41 7.91
CA GLY B 997 3.69 55.08 9.19
C GLY B 997 4.92 54.26 8.89
N LEU B 998 5.88 54.28 9.80
CA LEU B 998 7.13 53.59 9.61
C LEU B 998 7.63 53.09 10.96
N CYS B 999 8.11 51.86 10.99
CA CYS B 999 8.61 51.32 12.25
C CYS B 999 9.70 50.29 12.02
N ILE B 1000 10.72 50.30 12.87
CA ILE B 1000 11.80 49.32 12.76
C ILE B 1000 11.84 48.58 14.11
N ILE B 1001 11.74 47.27 14.07
CA ILE B 1001 11.77 46.49 15.32
C ILE B 1001 12.71 45.30 15.22
N PRO B 1002 13.27 44.90 16.37
CA PRO B 1002 14.19 43.78 16.42
C PRO B 1002 13.51 42.54 16.98
N THR B 1003 14.24 41.42 16.91
CA THR B 1003 13.75 40.22 17.53
C THR B 1003 14.87 39.23 17.82
N LYS B 1004 14.66 38.42 18.86
CA LYS B 1004 15.59 37.36 19.19
C LYS B 1004 14.66 36.19 19.51
N PHE B 1005 15.07 34.99 19.13
CA PHE B 1005 14.24 33.81 19.37
C PHE B 1005 15.14 32.67 19.85
N GLY B 1006 14.82 32.15 21.03
CA GLY B 1006 15.61 31.08 21.63
C GLY B 1006 15.49 29.78 20.87
N ILE B 1007 16.63 29.16 20.56
CA ILE B 1007 16.62 27.91 19.79
C ILE B 1007 16.88 26.63 20.61
N SER B 1008 15.84 25.79 20.68
CA SER B 1008 15.84 24.49 21.33
C SER B 1008 14.47 24.17 21.90
N PHE B 1009 14.18 22.89 22.09
CA PHE B 1009 12.90 22.54 22.71
C PHE B 1009 13.11 22.92 24.18
N THR B 1010 12.13 23.57 24.79
CA THR B 1010 12.25 23.93 26.19
C THR B 1010 12.01 22.73 27.12
N VAL B 1011 11.66 21.59 26.55
CA VAL B 1011 11.54 20.33 27.30
C VAL B 1011 12.87 19.66 26.90
N PRO B 1012 13.84 19.58 27.82
CA PRO B 1012 15.14 18.98 27.48
C PRO B 1012 15.20 17.68 26.71
N PHE B 1013 14.41 16.69 27.11
CA PHE B 1013 14.50 15.38 26.45
C PHE B 1013 14.10 15.36 24.98
N LEU B 1014 13.45 16.42 24.50
CA LEU B 1014 13.08 16.42 23.08
C LEU B 1014 14.24 16.79 22.16
N ASN B 1015 15.32 17.33 22.72
CA ASN B 1015 16.48 17.71 21.92
C ASN B 1015 17.40 16.51 21.64
N GLN B 1016 16.85 15.54 20.90
CA GLN B 1016 17.59 14.34 20.51
C GLN B 1016 17.12 14.03 19.10
N ALA B 1017 18.01 13.41 18.31
CA ALA B 1017 17.69 13.12 16.92
C ALA B 1017 18.48 11.96 16.39
N GLY B 1018 17.81 11.12 15.59
CA GLY B 1018 18.49 9.99 15.01
C GLY B 1018 18.40 9.95 13.48
N ALA B 1019 19.31 9.18 12.88
CA ALA B 1019 19.36 8.99 11.44
C ALA B 1019 19.79 7.55 11.19
N LEU B 1020 19.47 7.05 10.00
CA LEU B 1020 19.83 5.71 9.57
C LEU B 1020 20.25 5.89 8.13
N ILE B 1021 21.47 5.46 7.79
CA ILE B 1021 21.95 5.60 6.43
C ILE B 1021 22.41 4.26 5.86
N HIS B 1022 22.04 3.97 4.61
CA HIS B 1022 22.47 2.75 3.95
C HIS B 1022 23.17 3.16 2.67
N VAL B 1023 24.25 2.47 2.33
CA VAL B 1023 24.89 2.71 1.04
C VAL B 1023 24.70 1.38 0.32
N TYR B 1024 23.98 1.39 -0.80
CA TYR B 1024 23.74 0.19 -1.55
C TYR B 1024 24.97 -0.13 -2.38
N THR B 1025 25.01 -1.32 -2.97
CA THR B 1025 26.24 -1.72 -3.69
C THR B 1025 26.56 -1.00 -4.99
N ASP B 1026 25.64 -0.20 -5.49
CA ASP B 1026 25.90 0.60 -6.69
C ASP B 1026 26.48 1.95 -6.24
N GLY B 1027 26.63 2.11 -4.94
CA GLY B 1027 27.14 3.37 -4.38
C GLY B 1027 26.05 4.40 -4.08
N SER B 1028 24.78 4.10 -4.42
CA SER B 1028 23.73 5.08 -4.13
C SER B 1028 23.42 5.01 -2.63
N VAL B 1029 23.08 6.16 -2.07
CA VAL B 1029 22.86 6.28 -0.62
C VAL B 1029 21.41 6.63 -0.29
N LEU B 1030 20.84 5.94 0.69
CA LEU B 1030 19.47 6.22 1.13
C LEU B 1030 19.60 6.70 2.56
N VAL B 1031 19.16 7.93 2.79
CA VAL B 1031 19.20 8.54 4.10
C VAL B 1031 17.79 8.60 4.68
N SER B 1032 17.68 8.25 5.97
CA SER B 1032 16.41 8.34 6.67
C SER B 1032 16.74 9.06 7.97
N HIS B 1033 15.84 9.94 8.44
CA HIS B 1033 16.08 10.61 9.73
C HIS B 1033 14.73 10.85 10.39
N GLY B 1034 14.72 11.28 11.65
CA GLY B 1034 13.44 11.47 12.33
C GLY B 1034 12.59 12.68 11.94
N GLY B 1035 13.16 13.58 11.15
CA GLY B 1035 12.43 14.78 10.77
C GLY B 1035 11.50 14.58 9.59
N THR B 1036 10.47 15.43 9.49
CA THR B 1036 9.48 15.35 8.40
C THR B 1036 9.55 16.59 7.52
N GLU B 1037 9.15 16.43 6.26
CA GLU B 1037 9.15 17.53 5.30
C GLU B 1037 7.75 18.11 5.20
N MET B 1038 7.64 19.42 5.46
CA MET B 1038 6.36 20.10 5.38
C MET B 1038 6.47 21.33 4.51
N GLY B 1039 7.55 21.40 3.71
CA GLY B 1039 7.77 22.50 2.79
C GLY B 1039 8.97 23.35 3.14
N GLN B 1040 9.51 23.14 4.35
CA GLN B 1040 10.64 23.92 4.83
C GLN B 1040 11.99 23.49 4.24
N GLY B 1041 11.99 22.45 3.41
CA GLY B 1041 13.23 22.02 2.80
C GLY B 1041 14.20 21.28 3.69
N LEU B 1042 13.68 20.58 4.69
CA LEU B 1042 14.54 19.81 5.59
C LEU B 1042 15.25 18.67 4.88
N HIS B 1043 14.55 17.89 4.04
CA HIS B 1043 15.24 16.79 3.36
C HIS B 1043 16.30 17.33 2.40
N THR B 1044 16.00 18.46 1.76
CA THR B 1044 16.95 19.10 0.86
C THR B 1044 18.23 19.42 1.65
N LYS B 1045 18.07 20.07 2.81
CA LYS B 1045 19.23 20.41 3.65
C LYS B 1045 19.98 19.18 4.15
N MET B 1046 19.27 18.09 4.46
CA MET B 1046 19.95 16.89 4.92
C MET B 1046 20.74 16.22 3.81
N VAL B 1047 20.23 16.30 2.58
CA VAL B 1047 20.95 15.71 1.45
C VAL B 1047 22.18 16.59 1.21
N GLN B 1048 22.03 17.90 1.38
CA GLN B 1048 23.17 18.80 1.19
C GLN B 1048 24.26 18.49 2.21
N VAL B 1049 23.84 18.27 3.45
CA VAL B 1049 24.75 17.92 4.55
C VAL B 1049 25.44 16.59 4.30
N ALA B 1050 24.68 15.56 3.96
CA ALA B 1050 25.26 14.23 3.72
C ALA B 1050 26.25 14.26 2.55
N SER B 1051 25.94 15.03 1.50
CA SER B 1051 26.81 15.13 0.34
C SER B 1051 28.12 15.82 0.75
N LYS B 1052 28.03 16.86 1.56
CA LYS B 1052 29.28 17.53 1.95
C LYS B 1052 30.12 16.62 2.85
N ALA B 1053 29.47 15.95 3.78
CA ALA B 1053 30.13 15.06 4.72
C ALA B 1053 30.80 13.84 4.07
N LEU B 1054 30.13 13.25 3.09
CA LEU B 1054 30.67 12.09 2.39
C LEU B 1054 31.55 12.46 1.20
N LYS B 1055 31.56 13.74 0.86
CA LYS B 1055 32.30 14.25 -0.30
C LYS B 1055 31.89 13.55 -1.60
N ILE B 1056 30.58 13.43 -1.82
CA ILE B 1056 30.04 12.85 -3.04
C ILE B 1056 28.91 13.79 -3.51
N PRO B 1057 28.56 13.79 -4.79
CA PRO B 1057 27.50 14.66 -5.32
C PRO B 1057 26.14 14.35 -4.70
N ILE B 1058 25.27 15.36 -4.61
CA ILE B 1058 23.94 15.12 -4.04
C ILE B 1058 23.14 14.13 -4.91
N SER B 1059 23.49 14.01 -6.18
CA SER B 1059 22.77 13.10 -7.08
C SER B 1059 22.86 11.65 -6.64
N LYS B 1060 23.85 11.34 -5.81
CA LYS B 1060 24.01 9.96 -5.34
C LYS B 1060 23.28 9.68 -4.05
N ILE B 1061 22.58 10.69 -3.54
CA ILE B 1061 21.90 10.56 -2.25
C ILE B 1061 20.39 10.78 -2.38
N TYR B 1062 19.60 10.06 -1.60
CA TYR B 1062 18.15 10.21 -1.71
C TYR B 1062 17.47 10.04 -0.37
N ILE B 1063 16.40 10.80 -0.14
CA ILE B 1063 15.61 10.65 1.08
C ILE B 1063 14.19 10.45 0.57
N SER B 1064 13.62 9.30 0.90
CA SER B 1064 12.27 8.96 0.45
C SER B 1064 11.15 9.40 1.37
N GLU B 1065 11.31 9.11 2.65
CA GLU B 1065 10.22 9.40 3.60
C GLU B 1065 10.71 9.30 5.02
N THR B 1066 9.78 9.57 5.94
CA THR B 1066 10.06 9.46 7.36
C THR B 1066 9.19 8.29 7.84
N SER B 1067 9.76 7.36 8.61
CA SER B 1067 8.98 6.21 9.07
C SER B 1067 9.45 5.72 10.43
N THR B 1068 8.50 5.25 11.23
CA THR B 1068 8.82 4.79 12.58
C THR B 1068 9.60 3.48 12.60
N ASN B 1069 9.67 2.76 11.49
CA ASN B 1069 10.44 1.52 11.50
C ASN B 1069 11.88 1.73 10.98
N THR B 1070 12.26 2.97 10.68
CA THR B 1070 13.65 3.26 10.28
C THR B 1070 14.30 4.10 11.41
N VAL B 1071 13.61 5.13 11.91
CA VAL B 1071 14.15 5.91 13.04
C VAL B 1071 13.01 5.97 14.06
N PRO B 1072 13.17 5.31 15.22
CA PRO B 1072 12.16 5.28 16.26
C PRO B 1072 12.27 6.41 17.27
N ASN B 1073 11.20 6.60 18.04
CA ASN B 1073 11.20 7.56 19.15
C ASN B 1073 11.63 8.97 18.78
N SER B 1074 11.22 9.43 17.61
CA SER B 1074 11.59 10.76 17.18
C SER B 1074 10.74 11.84 17.83
N SER B 1075 11.37 12.99 18.06
CA SER B 1075 10.67 14.14 18.59
C SER B 1075 9.88 14.69 17.41
N PRO B 1076 8.85 15.51 17.69
CA PRO B 1076 8.08 16.06 16.57
C PRO B 1076 8.98 16.99 15.79
N THR B 1077 8.72 17.20 14.51
CA THR B 1077 9.51 18.11 13.69
C THR B 1077 9.00 19.47 14.09
N ALA B 1078 9.74 20.10 14.99
CA ALA B 1078 9.28 21.35 15.57
C ALA B 1078 10.40 22.14 16.22
N ALA B 1079 10.03 23.29 16.79
CA ALA B 1079 10.97 24.18 17.49
C ALA B 1079 12.10 24.70 16.62
N SER B 1080 11.93 24.64 15.31
CA SER B 1080 12.92 25.14 14.35
C SER B 1080 14.29 24.49 14.45
N VAL B 1081 14.40 23.40 15.20
CA VAL B 1081 15.72 22.79 15.36
C VAL B 1081 15.99 21.57 14.51
N SER B 1082 15.09 21.24 13.60
CA SER B 1082 15.29 20.01 12.82
C SER B 1082 16.59 19.96 12.02
N THR B 1083 16.93 21.06 11.36
CA THR B 1083 18.16 21.11 10.58
C THR B 1083 19.32 20.90 11.53
N ASP B 1084 19.28 21.61 12.66
CA ASP B 1084 20.34 21.49 13.67
C ASP B 1084 20.56 20.06 14.15
N ILE B 1085 19.50 19.42 14.63
CA ILE B 1085 19.66 18.10 15.20
C ILE B 1085 19.73 16.92 14.26
N TYR B 1086 18.92 16.90 13.21
CA TYR B 1086 19.02 15.79 12.27
C TYR B 1086 20.29 16.00 11.45
N GLY B 1087 20.70 17.26 11.26
CA GLY B 1087 21.92 17.56 10.53
C GLY B 1087 23.11 16.88 11.21
N GLN B 1088 23.13 16.98 12.53
CA GLN B 1088 24.21 16.35 13.30
C GLN B 1088 24.10 14.82 13.24
N ALA B 1089 22.89 14.29 13.40
CA ALA B 1089 22.70 12.83 13.34
C ALA B 1089 23.13 12.28 11.96
N VAL B 1090 22.75 12.98 10.90
CA VAL B 1090 23.13 12.57 9.54
C VAL B 1090 24.66 12.66 9.41
N TYR B 1091 25.21 13.78 9.87
CA TYR B 1091 26.67 14.00 9.83
C TYR B 1091 27.40 12.83 10.49
N GLU B 1092 26.97 12.44 11.68
CA GLU B 1092 27.60 11.37 12.42
C GLU B 1092 27.50 10.01 11.72
N ALA B 1093 26.34 9.72 11.13
CA ALA B 1093 26.18 8.48 10.40
C ALA B 1093 27.16 8.49 9.24
N CYS B 1094 27.31 9.64 8.59
CA CYS B 1094 28.24 9.76 7.48
C CYS B 1094 29.67 9.52 7.92
N GLN B 1095 30.02 10.02 9.11
CA GLN B 1095 31.39 9.81 9.63
C GLN B 1095 31.69 8.33 9.81
N THR B 1096 30.71 7.57 10.30
CA THR B 1096 30.87 6.15 10.50
C THR B 1096 31.10 5.42 9.19
N ILE B 1097 30.36 5.84 8.16
CA ILE B 1097 30.51 5.23 6.84
C ILE B 1097 31.92 5.53 6.33
N LEU B 1098 32.37 6.77 6.48
CA LEU B 1098 33.71 7.15 6.02
C LEU B 1098 34.78 6.32 6.70
N LYS B 1099 34.63 6.08 8.01
CA LYS B 1099 35.61 5.28 8.75
C LYS B 1099 35.67 3.85 8.26
N ARG B 1100 34.50 3.31 7.90
CA ARG B 1100 34.46 1.94 7.40
C ARG B 1100 35.06 1.82 6.01
N LEU B 1101 34.93 2.87 5.21
CA LEU B 1101 35.46 2.88 3.85
C LEU B 1101 36.94 3.25 3.78
N GLU B 1102 37.44 3.88 4.82
CA GLU B 1102 38.83 4.35 4.82
C GLU B 1102 39.91 3.32 4.41
N PRO B 1103 39.83 2.09 4.91
CA PRO B 1103 40.84 1.08 4.54
C PRO B 1103 40.84 0.80 3.05
N PHE B 1104 39.67 0.89 2.43
CA PHE B 1104 39.55 0.63 1.00
C PHE B 1104 40.03 1.79 0.18
N LYS B 1105 39.84 2.99 0.73
CA LYS B 1105 40.29 4.19 0.04
C LYS B 1105 41.82 4.18 0.08
N LYS B 1106 42.38 3.85 1.24
CA LYS B 1106 43.83 3.81 1.41
C LYS B 1106 44.49 2.75 0.51
N LYS B 1107 43.80 1.63 0.31
CA LYS B 1107 44.29 0.56 -0.54
C LYS B 1107 44.24 0.92 -2.01
N ASN B 1108 43.27 1.76 -2.38
CA ASN B 1108 43.07 2.14 -3.78
C ASN B 1108 42.70 3.62 -3.86
N PRO B 1109 43.62 4.51 -3.45
CA PRO B 1109 43.44 5.95 -3.45
C PRO B 1109 42.94 6.60 -4.74
N ASP B 1110 43.22 6.01 -5.88
CA ASP B 1110 42.78 6.58 -7.15
C ASP B 1110 41.42 6.01 -7.61
N GLY B 1111 40.85 5.12 -6.80
CA GLY B 1111 39.57 4.52 -7.14
C GLY B 1111 38.40 5.48 -6.98
N SER B 1112 37.22 5.02 -7.35
CA SER B 1112 35.99 5.83 -7.28
C SER B 1112 35.20 5.44 -6.04
N TRP B 1113 34.23 6.28 -5.69
CA TRP B 1113 33.35 6.01 -4.55
C TRP B 1113 32.75 4.62 -4.77
N GLU B 1114 32.31 4.36 -6.00
CA GLU B 1114 31.72 3.07 -6.33
C GLU B 1114 32.70 1.92 -6.11
N ASP B 1115 33.96 2.11 -6.48
CA ASP B 1115 34.95 1.06 -6.27
C ASP B 1115 35.11 0.77 -4.79
N TRP B 1116 35.22 1.82 -3.97
CA TRP B 1116 35.40 1.61 -2.54
C TRP B 1116 34.21 0.91 -1.89
N VAL B 1117 33.02 1.34 -2.29
CA VAL B 1117 31.78 0.76 -1.75
C VAL B 1117 31.70 -0.73 -2.11
N MET B 1118 31.97 -1.08 -3.35
CA MET B 1118 31.91 -2.49 -3.73
C MET B 1118 33.00 -3.30 -3.02
N ALA B 1119 34.19 -2.72 -2.85
CA ALA B 1119 35.25 -3.42 -2.17
C ALA B 1119 34.86 -3.67 -0.73
N ALA B 1120 34.24 -2.68 -0.09
CA ALA B 1120 33.80 -2.85 1.29
C ALA B 1120 32.77 -3.98 1.38
N TYR B 1121 31.82 -3.99 0.46
CA TYR B 1121 30.79 -5.03 0.47
C TYR B 1121 31.41 -6.43 0.30
N GLN B 1122 32.31 -6.55 -0.67
CA GLN B 1122 32.96 -7.83 -0.94
C GLN B 1122 33.83 -8.29 0.22
N ASP B 1123 34.28 -7.34 1.03
CA ASP B 1123 35.09 -7.69 2.19
C ASP B 1123 34.21 -7.87 3.44
N ARG B 1124 32.90 -7.88 3.23
CA ARG B 1124 31.94 -8.05 4.30
C ARG B 1124 32.03 -7.02 5.42
N VAL B 1125 32.05 -5.77 5.01
CA VAL B 1125 32.04 -4.62 5.92
C VAL B 1125 30.64 -4.02 5.76
N SER B 1126 29.96 -3.78 6.87
CA SER B 1126 28.61 -3.23 6.83
C SER B 1126 28.52 -1.82 6.27
N LEU B 1127 27.57 -1.60 5.37
CA LEU B 1127 27.40 -0.27 4.80
C LEU B 1127 26.11 0.36 5.32
N SER B 1128 25.71 -0.02 6.53
CA SER B 1128 24.50 0.53 7.12
C SER B 1128 24.84 1.02 8.53
N THR B 1129 24.44 2.24 8.87
CA THR B 1129 24.70 2.72 10.21
C THR B 1129 23.69 3.74 10.69
N THR B 1130 23.63 3.88 12.02
CA THR B 1130 22.76 4.89 12.64
C THR B 1130 23.66 6.08 12.97
N GLY B 1131 23.02 7.21 13.27
CA GLY B 1131 23.70 8.43 13.65
C GLY B 1131 22.79 9.01 14.71
N PHE B 1132 23.32 9.73 15.70
CA PHE B 1132 22.45 10.27 16.75
C PHE B 1132 23.08 11.53 17.31
N TYR B 1133 22.23 12.43 17.81
CA TYR B 1133 22.69 13.69 18.39
C TYR B 1133 21.82 14.10 19.57
N ARG B 1134 22.47 14.69 20.58
CA ARG B 1134 21.83 15.15 21.81
C ARG B 1134 22.37 16.58 22.01
N THR B 1135 21.51 17.60 22.05
CA THR B 1135 22.01 18.97 22.23
C THR B 1135 22.59 19.06 23.64
N PRO B 1136 23.83 19.53 23.75
CA PRO B 1136 24.46 19.63 25.05
C PRO B 1136 24.13 20.87 25.86
N ASN B 1137 24.40 20.74 27.16
CA ASN B 1137 24.26 21.81 28.15
C ASN B 1137 22.94 22.55 28.23
N LEU B 1138 21.85 21.79 28.21
CA LEU B 1138 20.53 22.39 28.31
C LEU B 1138 19.86 21.98 29.60
N GLY B 1139 19.08 22.88 30.18
CA GLY B 1139 18.39 22.53 31.39
C GLY B 1139 18.09 23.75 32.23
N TYR B 1140 16.96 24.40 31.96
CA TYR B 1140 16.57 25.58 32.71
C TYR B 1140 15.60 25.17 33.80
N SER B 1141 15.68 25.86 34.94
CA SER B 1141 14.79 25.57 36.05
C SER B 1141 14.01 26.83 36.41
N PHE B 1142 12.68 26.74 36.45
CA PHE B 1142 11.86 27.88 36.81
C PHE B 1142 11.98 28.12 38.32
N GLU B 1143 12.34 27.07 39.07
CA GLU B 1143 12.49 27.21 40.52
C GLU B 1143 13.71 28.06 40.89
N THR B 1144 14.82 27.85 40.20
CA THR B 1144 16.07 28.55 40.46
C THR B 1144 16.38 29.70 39.50
N ASN B 1145 15.60 29.80 38.43
CA ASN B 1145 15.85 30.82 37.40
C ASN B 1145 17.30 30.74 36.92
N SER B 1146 17.75 29.53 36.58
CA SER B 1146 19.11 29.33 36.10
C SER B 1146 19.18 28.10 35.22
N GLY B 1147 20.27 27.98 34.47
CA GLY B 1147 20.44 26.83 33.58
C GLY B 1147 20.01 27.28 32.18
N ASN B 1148 20.69 26.80 31.14
CA ASN B 1148 20.39 27.22 29.77
C ASN B 1148 19.07 26.71 29.23
N ALA B 1149 18.20 27.63 28.82
CA ALA B 1149 16.93 27.23 28.25
C ALA B 1149 17.17 26.97 26.77
N PHE B 1150 18.11 27.70 26.19
CA PHE B 1150 18.38 27.58 24.75
C PHE B 1150 19.83 27.32 24.40
N HIS B 1151 20.07 26.77 23.21
CA HIS B 1151 21.43 26.48 22.77
C HIS B 1151 22.07 27.76 22.27
N TYR B 1152 21.26 28.58 21.60
CA TYR B 1152 21.68 29.89 21.09
C TYR B 1152 20.40 30.60 20.66
N PHE B 1153 20.54 31.81 20.10
CA PHE B 1153 19.39 32.57 19.64
C PHE B 1153 19.56 33.00 18.19
N THR B 1154 18.44 33.12 17.48
CA THR B 1154 18.47 33.60 16.10
C THR B 1154 17.95 35.03 16.22
N TYR B 1155 18.54 35.94 15.46
CA TYR B 1155 18.18 37.35 15.54
C TYR B 1155 17.82 37.94 14.20
N GLY B 1156 17.10 39.05 14.24
CA GLY B 1156 16.74 39.73 13.01
C GLY B 1156 16.11 41.08 13.30
N VAL B 1157 16.09 41.94 12.28
CA VAL B 1157 15.48 43.27 12.39
C VAL B 1157 14.67 43.52 11.12
N ALA B 1158 13.52 44.16 11.27
CA ALA B 1158 12.69 44.48 10.11
C ALA B 1158 12.18 45.91 10.23
N CYS B 1159 12.23 46.62 9.12
CA CYS B 1159 11.71 47.99 9.02
C CYS B 1159 10.56 47.96 8.02
N SER B 1160 9.38 48.44 8.41
CA SER B 1160 8.23 48.45 7.50
C SER B 1160 7.53 49.79 7.43
N GLU B 1161 7.05 50.12 6.23
CA GLU B 1161 6.31 51.35 5.99
C GLU B 1161 4.94 50.96 5.38
N VAL B 1162 3.90 51.65 5.83
CA VAL B 1162 2.56 51.42 5.32
C VAL B 1162 1.89 52.75 5.02
N GLU B 1163 0.78 52.68 4.28
CA GLU B 1163 -0.03 53.85 4.03
C GLU B 1163 -1.45 53.38 4.34
N ILE B 1164 -2.14 54.05 5.26
CA ILE B 1164 -3.52 53.66 5.58
C ILE B 1164 -4.52 54.61 4.93
N ASP B 1165 -5.71 54.09 4.63
CA ASP B 1165 -6.80 54.90 4.09
C ASP B 1165 -7.61 55.20 5.35
N CYS B 1166 -7.56 56.44 5.83
CA CYS B 1166 -8.25 56.80 7.07
C CYS B 1166 -9.76 56.77 6.98
N LEU B 1167 -10.28 56.72 5.76
CA LEU B 1167 -11.73 56.68 5.55
C LEU B 1167 -12.30 55.26 5.44
N THR B 1168 -11.45 54.28 5.15
CA THR B 1168 -11.97 52.92 4.99
C THR B 1168 -11.33 51.83 5.84
N GLY B 1169 -10.12 52.09 6.31
CA GLY B 1169 -9.43 51.07 7.09
C GLY B 1169 -8.52 50.19 6.25
N ASP B 1170 -8.58 50.31 4.94
CA ASP B 1170 -7.69 49.52 4.09
C ASP B 1170 -6.29 50.12 4.24
N HIS B 1171 -5.25 49.36 3.89
CA HIS B 1171 -3.90 49.90 3.94
C HIS B 1171 -3.01 49.18 2.95
N LYS B 1172 -1.92 49.85 2.58
CA LYS B 1172 -0.93 49.29 1.67
C LYS B 1172 0.36 49.03 2.46
N ASN B 1173 0.99 47.89 2.18
CA ASN B 1173 2.30 47.61 2.78
C ASN B 1173 3.24 48.10 1.69
N LEU B 1174 3.81 49.28 1.89
CA LEU B 1174 4.67 49.92 0.90
C LEU B 1174 6.05 49.33 0.75
N ARG B 1175 6.72 49.09 1.86
CA ARG B 1175 8.07 48.57 1.81
C ARG B 1175 8.46 47.94 3.12
N THR B 1176 9.19 46.84 3.03
CA THR B 1176 9.72 46.15 4.19
C THR B 1176 11.16 45.75 3.88
N ASP B 1177 12.05 45.98 4.85
CA ASP B 1177 13.47 45.63 4.72
C ASP B 1177 13.78 44.74 5.93
N ILE B 1178 14.32 43.55 5.68
CA ILE B 1178 14.66 42.63 6.76
C ILE B 1178 16.13 42.26 6.72
N VAL B 1179 16.77 42.21 7.90
CA VAL B 1179 18.16 41.76 7.99
C VAL B 1179 18.09 40.66 9.03
N MET B 1180 18.40 39.45 8.59
CA MET B 1180 18.32 38.28 9.45
C MET B 1180 19.66 37.60 9.65
N ASP B 1181 19.93 37.21 10.90
CA ASP B 1181 21.15 36.51 11.26
C ASP B 1181 20.85 35.03 11.25
N VAL B 1182 21.20 34.32 10.17
CA VAL B 1182 20.96 32.88 10.16
C VAL B 1182 22.30 32.15 10.16
N GLY B 1183 23.33 32.80 10.71
CA GLY B 1183 24.65 32.19 10.74
C GLY B 1183 25.13 32.00 9.33
N SER B 1184 25.91 30.94 9.09
CA SER B 1184 26.37 30.65 7.74
C SER B 1184 25.28 29.73 7.19
N SER B 1185 24.36 30.31 6.42
CA SER B 1185 23.24 29.55 5.85
C SER B 1185 23.65 28.27 5.12
N LEU B 1186 22.93 27.19 5.34
CA LEU B 1186 23.21 25.94 4.62
C LEU B 1186 22.62 26.05 3.23
N ASN B 1187 21.62 26.91 3.09
CA ASN B 1187 20.97 27.12 1.81
C ASN B 1187 20.27 28.47 1.86
N PRO B 1188 20.91 29.52 1.30
CA PRO B 1188 20.29 30.84 1.34
C PRO B 1188 18.94 30.98 0.67
N ALA B 1189 18.65 30.13 -0.32
CA ALA B 1189 17.36 30.21 -1.01
C ALA B 1189 16.28 29.72 -0.06
N ILE B 1190 16.52 28.57 0.59
CA ILE B 1190 15.54 28.02 1.52
C ILE B 1190 15.40 28.94 2.75
N ASP B 1191 16.52 29.48 3.23
CA ASP B 1191 16.47 30.37 4.40
C ASP B 1191 15.79 31.70 4.10
N ILE B 1192 16.05 32.30 2.94
CA ILE B 1192 15.34 33.54 2.63
C ILE B 1192 13.86 33.20 2.45
N GLY B 1193 13.57 32.01 1.95
CA GLY B 1193 12.18 31.60 1.77
C GLY B 1193 11.46 31.46 3.10
N GLN B 1194 12.20 30.99 4.10
CA GLN B 1194 11.65 30.84 5.44
C GLN B 1194 11.45 32.22 6.05
N VAL B 1195 12.40 33.13 5.83
CA VAL B 1195 12.26 34.49 6.36
C VAL B 1195 11.02 35.17 5.76
N GLU B 1196 10.87 35.08 4.44
CA GLU B 1196 9.73 35.72 3.79
C GLU B 1196 8.41 35.05 4.16
N GLY B 1197 8.37 33.72 4.15
CA GLY B 1197 7.15 33.01 4.50
C GLY B 1197 6.72 33.26 5.95
N ALA B 1198 7.69 33.19 6.85
CA ALA B 1198 7.38 33.44 8.27
C ALA B 1198 6.91 34.88 8.45
N PHE B 1199 7.63 35.81 7.82
CA PHE B 1199 7.26 37.23 7.93
C PHE B 1199 5.81 37.47 7.46
N VAL B 1200 5.42 36.87 6.33
CA VAL B 1200 4.05 37.04 5.82
C VAL B 1200 3.00 36.37 6.71
N GLN B 1201 3.33 35.23 7.31
CA GLN B 1201 2.37 34.62 8.24
C GLN B 1201 2.22 35.54 9.47
N GLY B 1202 3.29 36.26 9.83
CA GLY B 1202 3.24 37.18 10.95
C GLY B 1202 2.40 38.38 10.57
N LEU B 1203 2.63 38.88 9.36
CA LEU B 1203 1.86 39.99 8.79
C LEU B 1203 0.38 39.60 8.87
N GLY B 1204 0.06 38.35 8.55
CA GLY B 1204 -1.32 37.89 8.63
C GLY B 1204 -1.84 37.91 10.06
N LEU B 1205 -1.07 37.34 10.99
CA LEU B 1205 -1.47 37.30 12.40
C LEU B 1205 -1.79 38.69 12.96
N PHE B 1206 -0.95 39.66 12.62
CA PHE B 1206 -1.09 41.00 13.18
C PHE B 1206 -1.97 41.99 12.42
N THR B 1207 -2.35 41.68 11.18
CA THR B 1207 -3.13 42.65 10.41
C THR B 1207 -4.31 42.17 9.59
N LEU B 1208 -4.45 40.88 9.34
CA LEU B 1208 -5.56 40.42 8.51
C LEU B 1208 -6.40 39.30 9.03
N GLU B 1209 -5.75 38.35 9.70
CA GLU B 1209 -6.43 37.14 10.16
C GLU B 1209 -7.17 37.27 11.46
N GLU B 1210 -8.46 36.95 11.41
CA GLU B 1210 -9.26 37.03 12.60
C GLU B 1210 -10.33 35.98 12.64
N LEU B 1211 -10.41 35.26 13.76
CA LEU B 1211 -11.43 34.23 13.92
C LEU B 1211 -12.56 34.83 14.77
N HIS B 1212 -13.82 34.64 14.36
CA HIS B 1212 -14.96 35.20 15.12
C HIS B 1212 -15.78 34.05 15.64
N TYR B 1213 -16.21 34.18 16.89
CA TYR B 1213 -17.02 33.15 17.56
C TYR B 1213 -18.30 33.73 18.11
N SER B 1214 -19.35 32.93 18.15
CA SER B 1214 -20.60 33.40 18.72
C SER B 1214 -20.38 33.47 20.24
N PRO B 1215 -21.25 34.20 20.96
CA PRO B 1215 -21.11 34.29 22.41
C PRO B 1215 -21.19 32.88 23.03
N GLU B 1216 -21.86 31.97 22.33
CA GLU B 1216 -22.00 30.60 22.82
C GLU B 1216 -20.82 29.69 22.48
N GLY B 1217 -19.78 30.26 21.85
CA GLY B 1217 -18.59 29.48 21.55
C GLY B 1217 -18.51 28.76 20.21
N SER B 1218 -19.39 29.14 19.26
CA SER B 1218 -19.38 28.50 17.95
C SER B 1218 -18.61 29.35 16.92
N LEU B 1219 -17.57 28.77 16.34
CA LEU B 1219 -16.77 29.48 15.35
C LEU B 1219 -17.62 29.86 14.14
N HIS B 1220 -17.56 31.13 13.72
CA HIS B 1220 -18.30 31.59 12.55
C HIS B 1220 -17.44 31.49 11.30
N THR B 1221 -16.14 31.72 11.47
N THR B 1221 -16.13 31.71 11.46
CA THR B 1221 -15.20 31.78 10.34
CA THR B 1221 -15.18 31.78 10.34
C THR B 1221 -14.57 30.42 10.05
C THR B 1221 -14.56 30.41 10.05
N ARG B 1222 -15.08 29.74 9.01
CA ARG B 1222 -14.66 28.38 8.71
C ARG B 1222 -14.15 28.11 7.30
N GLY B 1223 -13.71 29.17 6.61
CA GLY B 1223 -13.17 28.94 5.28
C GLY B 1223 -12.49 30.20 4.81
N PRO B 1224 -11.83 30.15 3.65
CA PRO B 1224 -11.15 31.33 3.12
C PRO B 1224 -12.07 32.49 2.77
N SER B 1225 -13.39 32.22 2.62
CA SER B 1225 -14.31 33.31 2.31
C SER B 1225 -14.38 34.28 3.48
N THR B 1226 -14.25 33.75 4.70
CA THR B 1226 -14.35 34.58 5.89
C THR B 1226 -13.09 34.74 6.71
N TYR B 1227 -12.08 33.89 6.46
CA TYR B 1227 -10.83 33.96 7.21
C TYR B 1227 -9.83 34.38 6.17
N LYS B 1228 -9.29 35.58 6.30
CA LYS B 1228 -8.44 36.11 5.27
C LYS B 1228 -6.93 36.10 5.53
N ILE B 1229 -6.26 35.10 4.96
CA ILE B 1229 -4.82 35.03 5.10
C ILE B 1229 -4.24 35.97 4.06
N PRO B 1230 -2.94 36.29 4.17
CA PRO B 1230 -2.35 37.20 3.17
C PRO B 1230 -2.50 36.65 1.76
N ALA B 1231 -2.80 37.55 0.82
CA ALA B 1231 -2.96 37.21 -0.58
C ALA B 1231 -1.73 37.70 -1.35
N PHE B 1232 -1.61 37.33 -2.63
CA PHE B 1232 -0.47 37.83 -3.43
C PHE B 1232 -0.37 39.34 -3.29
N GLY B 1233 -1.51 40.00 -3.31
CA GLY B 1233 -1.54 41.45 -3.21
C GLY B 1233 -1.30 42.05 -1.83
N SER B 1234 -1.12 41.20 -0.82
CA SER B 1234 -0.92 41.68 0.54
C SER B 1234 0.51 41.97 0.93
N ILE B 1235 1.47 41.45 0.17
CA ILE B 1235 2.86 41.62 0.55
C ILE B 1235 3.45 43.00 0.29
N PRO B 1236 4.54 43.32 0.98
CA PRO B 1236 5.16 44.64 0.77
C PRO B 1236 5.54 44.79 -0.69
N THR B 1237 5.17 45.92 -1.28
CA THR B 1237 5.47 46.16 -2.70
C THR B 1237 6.97 46.16 -2.96
N GLU B 1238 7.74 46.76 -2.07
CA GLU B 1238 9.21 46.73 -2.17
C GLU B 1238 9.53 45.82 -0.98
N PHE B 1239 10.10 44.65 -1.26
CA PHE B 1239 10.36 43.65 -0.22
C PHE B 1239 11.83 43.25 -0.34
N ARG B 1240 12.61 43.60 0.66
CA ARG B 1240 14.05 43.32 0.69
C ARG B 1240 14.45 42.46 1.87
N VAL B 1241 15.23 41.42 1.61
CA VAL B 1241 15.70 40.54 2.65
C VAL B 1241 17.21 40.35 2.54
N SER B 1242 17.91 40.50 3.65
CA SER B 1242 19.35 40.30 3.63
C SER B 1242 19.74 39.32 4.73
N LEU B 1243 20.66 38.41 4.42
CA LEU B 1243 21.14 37.49 5.45
C LEU B 1243 22.48 38.11 5.87
N LEU B 1244 22.65 38.24 7.17
CA LEU B 1244 23.84 38.84 7.76
C LEU B 1244 25.09 38.10 7.28
N ARG B 1245 26.10 38.86 6.84
CA ARG B 1245 27.34 38.28 6.35
C ARG B 1245 28.37 38.02 7.46
N ASP B 1246 29.23 37.05 7.23
CA ASP B 1246 30.31 36.72 8.17
C ASP B 1246 29.86 36.61 9.61
N CYS B 1247 28.93 35.70 9.88
N CYS B 1247 28.96 35.71 9.93
CA CYS B 1247 28.43 35.53 11.24
CA CYS B 1247 28.49 35.53 11.31
C CYS B 1247 28.26 34.05 11.57
C CYS B 1247 28.29 34.05 11.61
N PRO B 1248 29.31 33.25 11.37
CA PRO B 1248 29.22 31.81 11.68
C PRO B 1248 28.76 31.49 13.10
N ASN B 1249 27.91 30.48 13.21
CA ASN B 1249 27.40 30.05 14.51
C ASN B 1249 28.06 28.73 14.86
N LYS B 1250 29.04 28.76 15.77
CA LYS B 1250 29.78 27.55 16.15
C LYS B 1250 28.93 26.50 16.86
N LYS B 1251 27.75 26.90 17.31
CA LYS B 1251 26.85 26.01 18.04
C LYS B 1251 26.02 25.07 17.17
N ALA B 1252 26.05 25.20 15.85
CA ALA B 1252 25.23 24.30 15.04
C ALA B 1252 25.92 23.80 13.78
N ILE B 1253 25.32 22.78 13.16
CA ILE B 1253 25.82 22.15 11.96
C ILE B 1253 26.32 23.10 10.87
N TYR B 1254 27.60 22.95 10.51
CA TYR B 1254 28.24 23.79 9.51
C TYR B 1254 28.04 25.31 9.71
N ALA B 1255 27.99 25.69 10.98
CA ALA B 1255 27.87 27.09 11.39
C ALA B 1255 26.57 27.80 11.06
N SER B 1256 25.52 27.03 10.75
CA SER B 1256 24.21 27.62 10.42
C SER B 1256 23.38 27.93 11.66
N LYS B 1257 22.19 28.50 11.46
CA LYS B 1257 21.24 28.80 12.54
C LYS B 1257 19.83 28.43 12.12
N ALA B 1258 19.02 28.05 13.11
CA ALA B 1258 17.60 27.74 12.93
C ALA B 1258 16.91 29.00 12.36
N VAL B 1259 16.00 28.80 11.42
CA VAL B 1259 15.32 29.92 10.78
C VAL B 1259 13.81 29.79 10.66
N GLY B 1260 13.27 28.61 10.94
CA GLY B 1260 11.85 28.39 10.76
C GLY B 1260 10.88 29.37 11.38
N GLU B 1261 10.99 29.52 12.70
CA GLU B 1261 10.08 30.40 13.47
C GLU B 1261 10.57 31.81 13.81
N PRO B 1262 11.88 32.00 14.08
CA PRO B 1262 12.39 33.34 14.40
C PRO B 1262 11.93 34.57 13.61
N PRO B 1263 11.76 34.46 12.28
CA PRO B 1263 11.34 35.66 11.56
C PRO B 1263 9.86 36.04 11.63
N LEU B 1264 9.02 35.16 12.13
CA LEU B 1264 7.58 35.46 12.08
C LEU B 1264 7.20 36.73 12.82
N PHE B 1265 7.78 36.95 13.99
CA PHE B 1265 7.45 38.14 14.75
C PHE B 1265 7.80 39.43 14.03
N LEU B 1266 8.77 39.38 13.10
CA LEU B 1266 9.13 40.60 12.39
C LEU B 1266 7.95 41.16 11.60
N GLY B 1267 6.91 40.36 11.40
CA GLY B 1267 5.74 40.87 10.71
C GLY B 1267 5.06 41.95 11.53
N ALA B 1268 5.36 41.97 12.84
CA ALA B 1268 4.76 42.98 13.72
C ALA B 1268 5.26 44.38 13.32
N SER B 1269 6.33 44.46 12.54
CA SER B 1269 6.80 45.79 12.11
C SER B 1269 5.69 46.48 11.31
N VAL B 1270 4.88 45.69 10.61
CA VAL B 1270 3.78 46.28 9.84
C VAL B 1270 2.72 46.78 10.83
N PHE B 1271 2.48 46.01 11.88
CA PHE B 1271 1.49 46.43 12.87
C PHE B 1271 1.87 47.76 13.51
N PHE B 1272 3.13 47.90 13.90
CA PHE B 1272 3.53 49.13 14.55
C PHE B 1272 3.66 50.30 13.60
N ALA B 1273 3.87 50.01 12.31
CA ALA B 1273 3.91 51.09 11.31
C ALA B 1273 2.45 51.57 11.17
N ILE B 1274 1.50 50.63 11.17
CA ILE B 1274 0.08 51.00 11.09
C ILE B 1274 -0.28 51.86 12.30
N LYS B 1275 0.19 51.45 13.47
CA LYS B 1275 -0.11 52.21 14.67
C LYS B 1275 0.45 53.64 14.52
N ASP B 1276 1.65 53.76 13.98
CA ASP B 1276 2.30 55.06 13.74
C ASP B 1276 1.39 55.90 12.85
N ALA B 1277 0.84 55.28 11.81
CA ALA B 1277 -0.04 56.00 10.88
C ALA B 1277 -1.34 56.44 11.55
N ILE B 1278 -1.88 55.57 12.40
CA ILE B 1278 -3.11 55.91 13.09
C ILE B 1278 -2.86 57.11 14.01
N ARG B 1279 -1.69 57.18 14.63
CA ARG B 1279 -1.38 58.30 15.52
C ARG B 1279 -1.39 59.60 14.71
N ALA B 1280 -0.89 59.54 13.49
CA ALA B 1280 -0.88 60.73 12.64
C ALA B 1280 -2.33 61.10 12.27
N ALA B 1281 -3.17 60.10 12.00
CA ALA B 1281 -4.57 60.37 11.67
C ALA B 1281 -5.28 61.00 12.87
N ARG B 1282 -5.01 60.48 14.07
CA ARG B 1282 -5.66 61.03 15.26
C ARG B 1282 -5.17 62.45 15.54
N ALA B 1283 -3.93 62.75 15.19
CA ALA B 1283 -3.39 64.09 15.39
C ALA B 1283 -4.08 65.03 14.40
N GLN B 1284 -4.46 64.49 13.25
CA GLN B 1284 -5.12 65.27 12.22
C GLN B 1284 -6.58 65.62 12.56
N HIS B 1285 -7.34 64.62 13.00
CA HIS B 1285 -8.77 64.82 13.28
C HIS B 1285 -9.33 64.50 14.67
N THR B 1286 -8.56 63.85 15.52
CA THR B 1286 -9.10 63.47 16.83
C THR B 1286 -8.84 64.48 17.94
N ASN B 1287 -7.58 64.63 18.33
CA ASN B 1287 -7.24 65.58 19.38
C ASN B 1287 -5.81 66.08 19.18
N ASN B 1288 -5.35 66.91 20.11
CA ASN B 1288 -4.00 67.45 20.01
C ASN B 1288 -3.05 66.93 21.07
N ASN B 1289 -3.45 65.87 21.78
CA ASN B 1289 -2.60 65.30 22.81
C ASN B 1289 -1.55 64.40 22.16
N THR B 1290 -0.35 64.93 22.01
CA THR B 1290 0.75 64.22 21.37
C THR B 1290 1.33 63.05 22.18
N LYS B 1291 0.87 62.87 23.41
CA LYS B 1291 1.36 61.79 24.25
C LYS B 1291 0.26 60.81 24.65
N GLU B 1292 -0.90 60.93 24.00
CA GLU B 1292 -2.02 60.03 24.27
C GLU B 1292 -1.63 58.61 23.91
N LEU B 1293 -2.06 57.65 24.73
CA LEU B 1293 -1.77 56.24 24.48
C LEU B 1293 -3.05 55.47 24.15
N PHE B 1294 -3.41 55.39 22.87
CA PHE B 1294 -4.63 54.67 22.56
C PHE B 1294 -4.32 53.19 22.37
N ARG B 1295 -5.25 52.36 22.80
CA ARG B 1295 -5.05 50.92 22.71
C ARG B 1295 -5.38 50.39 21.31
N LEU B 1296 -4.51 49.52 20.80
CA LEU B 1296 -4.74 48.90 19.50
C LEU B 1296 -4.43 47.42 19.69
N ASP B 1297 -5.46 46.58 19.71
CA ASP B 1297 -5.26 45.15 19.87
C ASP B 1297 -4.92 44.55 18.51
N SER B 1298 -4.39 43.34 18.53
CA SER B 1298 -4.07 42.62 17.29
C SER B 1298 -5.21 41.62 17.06
N PRO B 1299 -5.60 41.39 15.81
CA PRO B 1299 -5.06 41.99 14.58
C PRO B 1299 -5.59 43.39 14.30
N ALA B 1300 -4.73 44.21 13.70
CA ALA B 1300 -5.12 45.57 13.33
C ALA B 1300 -5.76 45.49 11.97
N THR B 1301 -7.02 45.06 11.97
CA THR B 1301 -7.84 44.87 10.78
C THR B 1301 -8.42 46.18 10.30
N PRO B 1302 -9.08 46.17 9.14
CA PRO B 1302 -9.65 47.46 8.68
C PRO B 1302 -10.63 48.03 9.71
N GLU B 1303 -11.33 47.13 10.42
CA GLU B 1303 -12.28 47.58 11.44
C GLU B 1303 -11.57 48.36 12.53
N LYS B 1304 -10.48 47.81 13.07
CA LYS B 1304 -9.78 48.48 14.13
C LYS B 1304 -9.06 49.73 13.65
N ILE B 1305 -8.54 49.67 12.43
CA ILE B 1305 -7.85 50.83 11.88
C ILE B 1305 -8.84 51.99 11.65
N ARG B 1306 -9.97 51.69 11.01
CA ARG B 1306 -10.97 52.73 10.72
C ARG B 1306 -11.56 53.34 11.99
N ASN B 1307 -11.92 52.47 12.93
CA ASN B 1307 -12.50 52.92 14.20
C ASN B 1307 -11.54 53.77 15.02
N ALA B 1308 -10.23 53.56 14.88
CA ALA B 1308 -9.24 54.34 15.62
C ALA B 1308 -9.00 55.71 14.99
N CYS B 1309 -9.40 55.86 13.73
CA CYS B 1309 -9.23 57.14 13.03
C CYS B 1309 -10.48 57.97 13.32
N VAL B 1310 -10.62 58.33 14.59
CA VAL B 1310 -11.76 59.10 15.07
C VAL B 1310 -11.85 60.43 14.32
N ASP B 1311 -13.04 60.72 13.83
CA ASP B 1311 -13.26 61.93 13.05
C ASP B 1311 -14.72 62.32 13.10
N LYS B 1312 -15.12 63.25 12.24
CA LYS B 1312 -16.52 63.69 12.25
C LYS B 1312 -17.51 62.60 11.88
N PHE B 1313 -17.04 61.59 11.15
CA PHE B 1313 -17.92 60.52 10.72
C PHE B 1313 -18.11 59.45 11.80
N THR B 1314 -17.01 59.03 12.42
CA THR B 1314 -17.10 58.02 13.47
C THR B 1314 -17.95 58.57 14.61
N THR B 1315 -17.82 59.87 14.86
CA THR B 1315 -18.58 60.52 15.92
C THR B 1315 -20.09 60.44 15.72
N LEU B 1316 -20.53 60.53 14.47
CA LEU B 1316 -21.96 60.42 14.16
C LEU B 1316 -22.44 58.96 14.23
N CYS B 1317 -21.51 58.01 14.13
CA CYS B 1317 -21.84 56.58 14.15
C CYS B 1317 -21.61 55.81 15.45
N VAL B 1318 -20.90 56.43 16.40
CA VAL B 1318 -20.62 55.79 17.69
C VAL B 1318 -21.90 55.21 18.30
N THR B 1319 -21.81 53.98 18.81
CA THR B 1319 -22.98 53.34 19.41
C THR B 1319 -23.43 54.05 20.67
N CYS B 1325 -33.72 61.23 19.66
CA CYS B 1325 -34.32 60.51 20.81
C CYS B 1325 -33.44 60.70 22.04
N LYS B 1326 -33.58 61.85 22.70
CA LYS B 1326 -32.76 62.16 23.86
C LYS B 1326 -33.44 61.82 25.18
N PRO B 1327 -32.66 61.53 26.22
CA PRO B 1327 -33.22 61.20 27.54
C PRO B 1327 -33.96 62.41 28.09
N TRP B 1328 -34.99 62.17 28.90
CA TRP B 1328 -35.76 63.26 29.49
C TRP B 1328 -34.87 64.16 30.35
N SER B 1329 -33.93 63.55 31.07
CA SER B 1329 -33.01 64.34 31.90
C SER B 1329 -31.60 63.77 31.88
N LEU B 1330 -30.64 64.64 32.19
CA LEU B 1330 -29.24 64.26 32.25
C LEU B 1330 -28.65 65.01 33.43
N ARG B 1331 -27.93 64.31 34.29
CA ARG B 1331 -27.32 64.98 35.44
C ARG B 1331 -26.32 66.03 35.00
N VAL B 1332 -26.26 67.14 35.73
CA VAL B 1332 -25.34 68.22 35.36
C VAL B 1332 -23.96 68.13 36.04
FE1 FES C . 4.17 -25.21 3.59
FE2 FES C . 2.33 -27.11 4.01
S1 FES C . 3.31 -25.84 5.57
S2 FES C . 3.08 -26.42 2.05
FE1 FES D . -7.65 -26.13 -6.02
FE2 FES D . -4.97 -26.87 -6.02
S1 FES D . -6.82 -28.14 -5.81
S2 FES D . -5.90 -24.77 -6.17
N1 MTE E . 11.41 -24.96 5.05
C2 MTE E . 10.17 -24.49 4.65
N2 MTE E . 9.13 -24.75 5.42
N3 MTE E . 10.11 -23.82 3.49
C4 MTE E . 11.20 -23.58 2.73
O4 MTE E . 11.16 -22.90 1.59
N5 MTE E . 13.71 -23.78 2.39
C6 MTE E . 14.85 -24.67 2.69
C7 MTE E . 15.08 -24.90 4.19
N8 MTE E . 13.83 -25.24 4.83
C9 MTE E . 12.46 -24.02 3.11
C10 MTE E . 12.55 -24.77 4.37
C1' MTE E . 16.11 -24.15 2.13
S1' MTE E . 16.48 -24.43 0.40
C2' MTE E . 17.01 -23.49 2.88
S2' MTE E . 18.58 -22.91 2.17
C3' MTE E . 16.83 -23.13 4.27
O3' MTE E . 15.51 -23.61 4.73
C4' MTE E . 16.90 -21.63 4.39
O4' MTE E . 16.57 -21.11 5.65
P MTE E . 17.58 -21.14 6.93
O1P MTE E . 18.90 -20.62 6.47
O2P MTE E . 17.62 -22.53 7.47
O3P MTE E . 16.98 -20.23 7.98
MO MOS F . 18.34 -23.09 -0.17
S MOS F . 18.74 -24.32 -1.87
O1 MOS F . 20.35 -22.90 -0.12
O2 MOS F . 17.70 -21.60 -0.68
PA FAD G . -18.16 -32.66 -15.58
O1A FAD G . -19.24 -31.92 -14.94
O2A FAD G . -16.79 -32.06 -15.69
O5B FAD G . -18.67 -33.31 -16.92
C5B FAD G . -17.80 -34.19 -17.63
C4B FAD G . -18.31 -34.52 -19.04
O4B FAD G . -19.51 -35.41 -18.76
C3B FAD G . -18.88 -33.34 -19.89
O3B FAD G . -18.52 -33.70 -21.23
C2B FAD G . -20.41 -33.42 -19.65
O2B FAD G . -21.13 -32.82 -20.71
C1B FAD G . -20.66 -34.88 -19.58
N9A FAD G . -21.78 -35.32 -18.74
C8A FAD G . -21.97 -35.19 -17.37
N7A FAD G . -23.09 -35.73 -16.88
C5A FAD G . -23.67 -36.25 -17.99
C6A FAD G . -24.93 -37.02 -18.24
N6A FAD G . -25.75 -37.35 -17.23
N1A FAD G . -25.24 -37.42 -19.56
C2A FAD G . -24.42 -37.12 -20.66
N3A FAD G . -23.24 -36.42 -20.49
C4A FAD G . -22.87 -36.00 -19.19
N1 FAD G . -10.94 -39.86 -13.22
C2 FAD G . -10.65 -41.17 -13.20
O2 FAD G . -11.16 -41.95 -13.96
N3 FAD G . -9.72 -41.60 -12.17
C4 FAD G . -9.08 -40.75 -11.25
O4 FAD G . -8.30 -41.18 -10.41
C4X FAD G . -9.37 -39.33 -11.32
N5 FAD G . -8.82 -38.40 -10.50
C5X FAD G . -9.03 -37.03 -10.71
C6 FAD G . -8.24 -36.12 -9.90
C7 FAD G . -8.44 -34.74 -10.05
C7M FAD G . -7.59 -33.81 -9.20
C8 FAD G . -9.43 -34.17 -11.01
C8M FAD G . -9.74 -32.73 -11.25
C9 FAD G . -10.18 -35.07 -11.79
C9A FAD G . -10.02 -36.51 -11.69
N10 FAD G . -10.70 -37.59 -12.43
C10 FAD G . -10.38 -38.92 -12.36
C1' FAD G . -11.62 -37.14 -13.47
C2' FAD G . -12.98 -36.62 -13.09
O2' FAD G . -12.98 -36.20 -11.72
C3' FAD G . -14.05 -37.67 -13.47
O3' FAD G . -14.01 -37.93 -14.88
C4' FAD G . -15.42 -37.16 -12.97
O4' FAD G . -16.14 -38.33 -12.60
C5' FAD G . -16.22 -36.38 -13.99
O5' FAD G . -17.39 -35.93 -13.28
P FAD G . -17.92 -34.47 -13.21
O1P FAD G . -19.33 -34.59 -12.68
O2P FAD G . -17.00 -33.56 -12.47
O3P FAD G . -17.95 -34.03 -14.76
C1' SAL H . 26.27 -22.39 -1.32
O1' SAL H . 25.44 -23.17 -0.82
O2' SAL H . 27.45 -22.73 -1.18
C1 SAL H . 25.90 -21.22 -2.03
C2 SAL H . 24.57 -20.81 -2.19
C3 SAL H . 24.18 -19.64 -2.91
C4 SAL H . 25.18 -18.85 -3.48
C5 SAL H . 26.56 -19.19 -3.36
C6 SAL H . 26.90 -20.37 -2.63
O2 SAL H . 23.56 -21.54 -1.66
C1 GOL I . 12.66 -17.40 -18.80
O1 GOL I . 12.61 -16.17 -19.54
C2 GOL I . 14.07 -17.99 -18.80
O2 GOL I . 14.61 -18.00 -20.13
C3 GOL I . 14.09 -19.42 -18.29
O3 GOL I . 15.44 -19.81 -17.98
C1 GOL J . 27.09 -15.16 20.17
O1 GOL J . 28.23 -14.51 19.60
C2 GOL J . 27.39 -15.73 21.55
O2 GOL J . 28.61 -16.47 21.49
C3 GOL J . 26.27 -16.66 22.00
O3 GOL J . 26.23 -17.84 21.18
C1 GOL K . -3.44 -12.40 -9.07
O1 GOL K . -4.52 -11.87 -8.27
C2 GOL K . -3.92 -12.99 -10.39
O2 GOL K . -4.90 -14.01 -10.17
C3 GOL K . -2.77 -13.62 -11.19
O3 GOL K . -1.76 -12.68 -11.51
C1 GOL L . 28.01 -14.88 -6.54
O1 GOL L . 27.03 -15.90 -6.68
C2 GOL L . 28.17 -14.06 -7.83
O2 GOL L . 29.21 -13.08 -7.65
C3 GOL L . 26.88 -13.33 -8.21
O3 GOL L . 26.62 -12.18 -7.42
C1 GOL M . 4.63 -13.49 13.45
O1 GOL M . 4.31 -13.46 12.07
C2 GOL M . 5.85 -12.62 13.74
O2 GOL M . 6.99 -13.12 13.02
C3 GOL M . 6.18 -12.56 15.23
O3 GOL M . 7.28 -11.68 15.50
C1 GOL N . -6.70 -35.29 -13.48
O1 GOL N . -5.78 -35.15 -12.43
C2 GOL N . -7.19 -33.95 -14.07
O2 GOL N . -7.64 -34.17 -15.40
C3 GOL N . -6.07 -32.89 -14.13
O3 GOL N . -5.87 -32.26 -12.85
C1 GOL O . -3.17 -30.51 -17.78
O1 GOL O . -4.22 -30.37 -16.81
C2 GOL O . -2.14 -29.36 -17.72
O2 GOL O . -1.00 -29.69 -18.54
C3 GOL O . -1.63 -29.10 -16.29
O3 GOL O . -1.49 -30.29 -15.51
C1 GOL P . 11.64 4.12 -1.67
O1 GOL P . 11.38 3.34 -2.82
C2 GOL P . 13.13 4.44 -1.50
O2 GOL P . 13.57 5.23 -2.61
C3 GOL P . 13.96 3.14 -1.40
O3 GOL P . 13.63 2.41 -0.22
C1 GOL Q . -13.72 -44.96 1.75
O1 GOL Q . -14.37 -45.05 3.02
C2 GOL Q . -12.20 -44.71 1.88
O2 GOL Q . -11.98 -43.46 2.57
C3 GOL Q . -11.51 -44.66 0.52
O3 GOL Q . -11.95 -43.55 -0.27
C1 GOL R . 20.19 -28.54 24.69
O1 GOL R . 20.20 -27.43 25.60
C2 GOL R . 19.17 -28.33 23.54
O2 GOL R . 19.39 -27.06 22.93
C3 GOL R . 17.73 -28.38 24.04
O3 GOL R . 16.78 -28.40 22.95
C1 GOL S . 5.02 -14.30 20.59
O1 GOL S . 4.60 -14.20 21.94
C2 GOL S . 5.23 -12.91 19.95
O2 GOL S . 4.33 -12.76 18.82
C3 GOL S . 6.67 -12.76 19.47
O3 GOL S . 6.76 -11.97 18.27
C CO3 T . 20.46 -27.99 -7.29
O1 CO3 T . 20.42 -28.18 -8.52
O2 CO3 T . 20.29 -26.78 -6.82
O3 CO3 T . 20.63 -28.99 -6.49
CA CA U . 21.43 -22.41 -14.73
FE1 FES V . 2.88 25.62 0.56
FE2 FES V . 2.21 27.37 -1.35
S1 FES V . 4.13 26.29 -1.19
S2 FES V . 0.90 26.66 0.31
FE1 FES W . -11.25 24.92 -5.18
FE2 FES W . -10.04 25.93 -2.87
S1 FES W . -10.86 27.04 -4.65
S2 FES W . -10.39 23.74 -3.50
N1 MTE X . 7.63 26.10 6.18
C2 MTE X . 6.73 25.50 5.34
N2 MTE X . 6.87 25.70 4.05
N3 MTE X . 5.79 24.76 5.88
C4 MTE X . 5.67 24.55 7.23
O4 MTE X . 4.74 23.79 7.75
N5 MTE X . 6.58 24.97 9.58
C6 MTE X . 7.27 25.99 10.35
C7 MTE X . 8.67 26.34 9.80
N8 MTE X . 8.60 26.61 8.37
C9 MTE X . 6.56 25.13 8.12
C10 MTE X . 7.62 25.97 7.53
C1' MTE X . 7.44 25.57 11.76
S1' MTE X . 6.05 25.79 12.90
C2' MTE X . 8.58 25.04 12.20
S2' MTE X . 8.78 24.59 13.94
C3' MTE X . 9.76 24.74 11.38
O3' MTE X . 9.47 25.12 9.96
C4' MTE X . 10.00 23.25 11.45
O4' MTE X . 11.00 22.76 10.59
P MTE X . 12.59 22.96 10.89
O1P MTE X . 12.84 22.53 12.30
O2P MTE X . 12.95 24.38 10.60
O3P MTE X . 13.29 22.06 9.89
MO MOS Y . 6.57 24.59 14.88
S MOS Y . 5.19 25.78 15.92
O1 MOS Y . 7.55 24.62 16.64
O2 MOS Y . 5.97 23.04 14.68
PA FAD Z . -25.23 29.89 -10.08
O1A FAD Z . -25.08 29.08 -11.29
O2A FAD Z . -24.61 29.42 -8.80
O5B FAD Z . -26.76 30.35 -9.93
C5B FAD Z . -27.06 31.27 -8.90
C4B FAD Z . -28.55 31.49 -8.71
O4B FAD Z . -28.95 32.33 -9.91
C3B FAD Z . -29.46 30.23 -8.78
O3B FAD Z . -30.46 30.48 -7.81
C2B FAD Z . -29.99 30.22 -10.23
O2B FAD Z . -31.23 29.54 -10.31
C1B FAD Z . -30.15 31.65 -10.55
N9A FAD Z . -29.96 32.02 -11.94
C8A FAD Z . -28.85 31.95 -12.78
N7A FAD Z . -29.01 32.43 -14.01
C5A FAD Z . -30.31 32.85 -13.99
C6A FAD Z . -31.21 33.51 -14.99
N6A FAD Z . -30.79 33.83 -16.22
N1A FAD Z . -32.53 33.80 -14.62
C2A FAD Z . -33.05 33.50 -13.35
N3A FAD Z . -32.28 32.91 -12.38
C4A FAD Z . -30.94 32.60 -12.70
N1 FAD Z . -20.37 37.83 -5.26
C2 FAD Z . -20.34 39.16 -5.09
O2 FAD Z . -21.33 39.84 -5.21
N3 FAD Z . -19.05 39.76 -4.81
C4 FAD Z . -17.86 39.02 -4.65
O4 FAD Z . -16.81 39.55 -4.41
C4X FAD Z . -17.92 37.58 -4.79
N5 FAD Z . -16.84 36.75 -4.68
C5X FAD Z . -16.99 35.35 -4.70
C6 FAD Z . -15.83 34.58 -4.37
C7 FAD Z . -15.92 33.16 -4.42
C7M FAD Z . -14.68 32.38 -4.06
C8 FAD Z . -17.15 32.47 -4.81
C8M FAD Z . -17.38 30.99 -4.91
C9 FAD Z . -18.28 33.24 -5.11
C9A FAD Z . -18.27 34.68 -5.08
N10 FAD Z . -19.35 35.67 -5.34
C10 FAD Z . -19.27 37.02 -5.14
C1' FAD Z . -20.68 35.09 -5.63
C2' FAD Z . -20.94 34.46 -6.98
O2' FAD Z . -19.70 34.11 -7.64
C3' FAD Z . -21.87 35.38 -7.81
O3' FAD Z . -23.09 35.58 -7.10
C4' FAD Z . -22.03 34.77 -9.20
O4' FAD Z . -22.15 35.89 -10.08
C5' FAD Z . -23.24 33.85 -9.35
O5' FAD Z . -23.14 33.32 -10.69
P FAD Z . -23.21 31.82 -11.10
O1P FAD Z . -23.42 31.81 -12.56
O2P FAD Z . -22.02 31.04 -10.60
O3P FAD Z . -24.53 31.30 -10.37
C1' SAL AA . 9.43 24.61 22.37
O1' SAL AA . 9.42 25.31 21.33
O2' SAL AA . 10.05 25.08 23.31
C1 SAL AA . 8.76 23.36 22.45
C2 SAL AA . 8.06 22.83 21.35
C3 SAL AA . 7.34 21.59 21.39
C4 SAL AA . 7.35 20.87 22.60
C5 SAL AA . 8.04 21.34 23.75
C6 SAL AA . 8.74 22.58 23.65
O2 SAL AA . 8.01 23.50 20.18
C1 GOL BA . -11.96 17.39 19.26
O1 GOL BA . -12.42 16.11 19.66
C2 GOL BA . -11.31 18.10 20.43
O2 GOL BA . -12.22 18.14 21.55
C3 GOL BA . -10.91 19.54 20.10
O3 GOL BA . -10.10 20.07 21.13
C1 GOL CA . 29.20 18.63 13.01
O1 GOL CA . 29.41 18.05 14.30
C2 GOL CA . 30.47 19.29 12.45
O2 GOL CA . 31.16 19.97 13.51
C3 GOL CA . 30.13 20.28 11.35
O3 GOL CA . 29.28 21.32 11.84
C1 GOL DA . -10.60 11.55 0.69
O1 GOL DA . -10.36 10.94 -0.60
C2 GOL DA . -12.03 12.04 0.88
O2 GOL DA . -12.39 12.90 -0.21
C3 GOL DA . -12.20 12.80 2.20
O3 GOL DA . -12.07 11.96 3.34
C1 GOL EA . 6.53 16.89 26.74
O1 GOL EA . 5.88 17.89 25.97
C2 GOL EA . 5.55 16.05 27.55
O2 GOL EA . 6.25 15.33 28.57
C3 GOL EA . 4.78 15.06 26.66
O3 GOL EA . 5.59 13.93 26.26
C1 GOL FA . 12.77 14.56 -3.20
O1 GOL FA . 11.42 14.44 -2.82
C2 GOL FA . 13.67 13.81 -2.24
O2 GOL FA . 13.55 14.36 -0.92
C3 GOL FA . 15.13 13.87 -2.68
O3 GOL FA . 15.98 13.07 -1.85
C1 GOL GA . -17.95 33.76 -1.04
O1 GOL GA . -16.53 33.72 -0.99
C2 GOL GA . -18.60 32.39 -1.28
O2 GOL GA . -20.02 32.51 -1.10
C3 GOL GA . -18.09 31.30 -0.32
O3 GOL GA . -16.83 30.75 -0.75
C1 GOL HA . -18.77 28.24 3.19
O1 GOL HA . -19.82 29.17 2.93
C2 GOL HA . -18.19 28.39 4.60
O2 GOL HA . -16.97 29.13 4.53
C3 GOL HA . -17.91 27.03 5.24
O3 GOL HA . -18.71 26.81 6.42
C1 GOL IA . 4.48 -3.14 11.14
O1 GOL IA . 3.30 -2.47 11.52
C2 GOL IA . 5.43 -3.36 12.32
O2 GOL IA . 4.73 -4.13 13.29
C3 GOL IA . 5.89 -2.02 12.93
O3 GOL IA . 6.61 -1.23 12.00
C1 GOL JA . 28.55 31.69 4.04
O1 GOL JA . 29.54 30.72 3.69
C2 GOL JA . 27.12 31.18 3.76
O2 GOL JA . 26.94 29.87 4.30
C3 GOL JA . 26.82 31.13 2.27
O3 GOL JA . 25.42 30.90 2.01
C1 GOL KA . -9.10 43.51 -15.24
O1 GOL KA . -8.33 43.61 -16.43
C2 GOL KA . -8.23 43.45 -13.97
O2 GOL KA . -7.35 42.30 -14.04
C3 GOL KA . -9.10 43.35 -12.70
O3 GOL KA . -9.79 42.09 -12.60
C1 GOL LA . -4.67 53.88 -0.02
O1 GOL LA . -4.24 55.21 0.18
C2 GOL LA . -4.50 53.07 1.26
O2 GOL LA . -3.12 52.76 1.46
C3 GOL LA . -5.32 51.79 1.19
O3 GOL LA . -4.63 50.74 0.50
C1 GOL MA . 9.00 -0.56 4.79
O1 GOL MA . 10.19 -0.66 5.58
C2 GOL MA . 8.28 0.81 4.89
O2 GOL MA . 8.61 1.64 3.78
C3 GOL MA . 8.63 1.58 6.17
O3 GOL MA . 9.92 2.19 6.09
C1 GOL NA . 9.54 57.21 15.39
O1 GOL NA . 9.11 57.37 16.76
C2 GOL NA . 8.36 57.35 14.42
O2 GOL NA . 7.28 56.51 14.86
C3 GOL NA . 8.75 56.96 12.98
O3 GOL NA . 7.82 57.45 12.01
C CO3 OA . 0.92 29.27 19.89
O1 CO3 OA . 1.34 28.13 19.52
O2 CO3 OA . -0.23 29.36 20.52
O3 CO3 OA . 1.62 30.33 19.64
CA CA PA . -4.58 23.41 24.64
#